data_6ZTY
#
_entry.id   6ZTY
#
_cell.length_a   1.00
_cell.length_b   1.00
_cell.length_c   1.00
_cell.angle_alpha   90.00
_cell.angle_beta   90.00
_cell.angle_gamma   90.00
#
_symmetry.space_group_name_H-M   'P 1'
#
loop_
_entity.id
_entity.type
_entity.pdbx_description
1 polymer 'Outer capsid protein mu-1'
2 polymer 'Outer capsid protein sigma-3'
#
loop_
_entity_poly.entity_id
_entity_poly.type
_entity_poly.pdbx_seq_one_letter_code
_entity_poly.pdbx_strand_id
1 'polypeptide(L)'
;TINVTGDGNVFKPSAETSSTAVPSLSLSPGMLNPGGVPWIAIGDETSVTSPGALRRMTSKDIDEPLVVVTEHAIANFTKA
EMALEFNREFLDKLRVLSVSPKYSDLLTYVDCYVGVSARQALNNFQKQVPVITPTRQTMYVDSIQAALKALEKWEIDLRV
AQTLLPTNVPIGEVSCPMQSVVKLLDDQLPDDSLIRRYPKEAAVALAKRNGGIQWMDVSEGTVMNEAVNAVAASALAPSA
SAPPLEEKSKLTEQAMDLVTAAEPEIIASLVPVPAPVFAIPPKPADYNVRTLKIDEATWLRMIPKTMGTLFQIQVTDNTG
TNWHFNLRGGTRVVNLDQIAPMRFVLDLGGKSYKETSWDPNGKKVGFIVFQSKIPFELWTAASQIGQATVVNYVQLYAED
SSFTAQSIIATTSLAYNYEPEQLNKTDPEMNYYLLATFIDSAAITPTNMTQPDVWDALLTMSPLSAGEVTVKGAVVSEVV
PAELIGSYTPESLNASLPNDAARCMIDRASKIAEAIKIDDDAGPDEYSPNSVPIQGQLAISQLETGYGVRIFNPKGILSK
IASRAMQAFIGDPSTIITQAAPVLSDKNNWIALAQGVKTSLRTKSLSAGVKTAVSKLSSSESIQNWTQGFLDKVSTHFPA
P
;
H,I,J
2 'polypeptide(L)'
;MEVCLPNGHQIVDLINNAFEGRVSIYSAQEGWDKTISAQPDMMVCGGAVVCMHCLGVVGSLQRKLKHLPHHRCNQQIRHQ
DYVDVQFADRVTAHWKRGMLSFVCQMHAMMNDVSPEDLDRVRTEGGSLVELNWLQVDPNSMFRSIHSSWTDPLQVVDDLD
TKLDQYWTALNLMIDSSDLVPNFMMRDPSHAFNGVRLEGDARQTQFSRTFDSRSSLEWGVMVYDYSELEHDPSKGRAYRK
ELVTPARDFGHFGLSHYSRATTPILGKMPAVFSGMLTGNCKMYPFIKGTAKLKTVRKLVDSVNHAWGVEKIRYALGPGGM
TGWYNRTMQQAPIVLTPAALTMFSDTTKFGDLDYPVMIGDPMILG
;
U,V,W
#
# COMPACT_ATOMS: atom_id res chain seq x y z
N THR A 1 48.50 25.51 -38.34
CA THR A 1 48.01 24.25 -37.77
C THR A 1 46.60 23.97 -38.24
N ILE A 2 45.82 23.35 -37.37
CA ILE A 2 44.45 22.98 -37.69
C ILE A 2 43.55 24.14 -37.29
N ASN A 3 42.37 24.23 -37.88
CA ASN A 3 41.52 25.42 -37.77
C ASN A 3 40.23 25.08 -37.04
N VAL A 4 40.22 25.30 -35.72
CA VAL A 4 39.00 25.16 -34.94
C VAL A 4 38.34 26.53 -34.87
N THR A 5 39.04 27.50 -34.28
CA THR A 5 38.67 28.89 -34.48
C THR A 5 38.62 29.20 -35.97
N GLY A 6 39.56 28.66 -36.73
CA GLY A 6 39.51 28.76 -38.17
C GLY A 6 38.28 28.09 -38.73
N ASP A 7 37.85 28.59 -39.87
CA ASP A 7 36.60 28.19 -40.50
C ASP A 7 36.79 26.93 -41.34
N GLY A 8 35.71 26.52 -41.99
CA GLY A 8 35.68 25.28 -42.73
C GLY A 8 35.15 24.11 -41.94
N ASN A 9 34.85 24.31 -40.67
CA ASN A 9 34.37 23.24 -39.82
C ASN A 9 32.91 22.94 -40.16
N VAL A 10 32.61 21.65 -40.36
CA VAL A 10 31.34 21.23 -40.93
C VAL A 10 30.50 20.56 -39.85
N PHE A 11 29.20 20.81 -39.89
CA PHE A 11 28.27 20.41 -38.85
C PHE A 11 27.06 19.74 -39.46
N LYS A 12 27.01 18.40 -39.41
CA LYS A 12 25.86 17.66 -39.90
C LYS A 12 25.55 16.54 -38.92
N PRO A 13 24.99 16.86 -37.77
CA PRO A 13 24.59 15.82 -36.83
C PRO A 13 23.36 15.08 -37.31
N SER A 14 23.28 13.81 -36.93
CA SER A 14 22.22 12.94 -37.38
C SER A 14 22.28 11.66 -36.57
N ALA A 15 21.25 10.83 -36.73
CA ALA A 15 21.22 9.56 -36.03
C ALA A 15 22.46 8.72 -36.32
N GLU A 16 22.82 8.61 -37.60
CA GLU A 16 24.01 7.84 -37.94
C GLU A 16 25.27 8.47 -37.41
N THR A 17 25.25 9.77 -37.12
CA THR A 17 26.40 10.47 -36.56
C THR A 17 26.41 10.39 -35.05
N SER A 18 25.43 9.72 -34.47
CA SER A 18 25.33 9.65 -33.02
C SER A 18 26.49 8.83 -32.46
N SER A 19 27.23 9.43 -31.54
CA SER A 19 28.36 8.77 -30.92
C SER A 19 27.89 7.60 -30.07
N THR A 20 28.69 6.54 -30.05
CA THR A 20 28.42 5.39 -29.20
C THR A 20 29.76 4.78 -28.84
N ALA A 21 29.86 4.23 -27.64
CA ALA A 21 31.07 3.59 -27.15
C ALA A 21 30.93 2.08 -27.37
N VAL A 22 31.80 1.24 -26.84
CA VAL A 22 31.72 -0.20 -26.99
C VAL A 22 31.33 -0.80 -25.64
N PRO A 23 30.05 -0.77 -25.27
CA PRO A 23 29.68 -1.21 -23.93
C PRO A 23 29.14 -2.63 -23.85
N SER A 24 28.98 -3.27 -25.01
CA SER A 24 28.20 -4.51 -25.08
C SER A 24 29.10 -5.66 -25.53
N LEU A 25 28.98 -6.78 -24.84
CA LEU A 25 29.73 -7.99 -25.22
C LEU A 25 29.13 -9.18 -24.47
N SER A 26 29.66 -10.36 -24.73
CA SER A 26 29.18 -11.61 -24.15
C SER A 26 30.27 -12.20 -23.26
N LEU A 27 29.98 -12.29 -21.97
CA LEU A 27 30.89 -12.91 -21.01
C LEU A 27 30.18 -14.05 -20.30
N SER A 28 29.45 -14.87 -21.06
CA SER A 28 28.70 -15.95 -20.44
C SER A 28 29.65 -16.94 -19.78
N PRO A 29 29.49 -17.16 -18.47
CA PRO A 29 30.35 -18.13 -17.78
C PRO A 29 30.50 -19.45 -18.52
N GLY A 30 29.45 -19.89 -19.22
CA GLY A 30 29.62 -21.00 -20.13
C GLY A 30 30.69 -20.74 -21.17
N MET A 31 30.62 -19.60 -21.87
CA MET A 31 31.63 -19.29 -22.86
C MET A 31 32.98 -19.07 -22.22
N LEU A 32 32.99 -18.58 -20.97
CA LEU A 32 34.23 -18.34 -20.27
C LEU A 32 34.96 -19.63 -19.93
N ASN A 33 34.44 -20.76 -20.40
CA ASN A 33 35.16 -22.01 -20.40
C ASN A 33 36.09 -22.00 -21.60
N PRO A 34 37.36 -22.33 -21.44
CA PRO A 34 38.31 -22.23 -22.56
C PRO A 34 38.13 -23.32 -23.60
N GLY A 35 37.63 -24.49 -23.20
CA GLY A 35 37.35 -25.56 -24.15
C GLY A 35 38.13 -26.84 -23.95
N GLY A 36 38.78 -26.97 -22.80
CA GLY A 36 39.53 -28.17 -22.54
C GLY A 36 40.97 -27.89 -22.10
N VAL A 37 41.73 -28.96 -21.98
CA VAL A 37 43.11 -28.85 -21.51
C VAL A 37 44.02 -29.55 -22.51
N PRO A 38 45.19 -29.02 -22.76
CA PRO A 38 46.18 -29.77 -23.56
C PRO A 38 46.47 -31.12 -22.93
N TRP A 39 46.18 -32.18 -23.67
CA TRP A 39 46.40 -33.54 -23.20
C TRP A 39 47.37 -34.22 -24.13
N ILE A 40 48.51 -34.63 -23.60
CA ILE A 40 49.44 -35.44 -24.38
C ILE A 40 49.42 -36.84 -23.79
N ALA A 41 49.45 -37.82 -24.68
CA ALA A 41 49.38 -39.21 -24.26
C ALA A 41 50.41 -39.49 -23.17
N ILE A 42 49.95 -40.12 -22.08
CA ILE A 42 50.87 -40.49 -21.01
C ILE A 42 51.89 -41.51 -21.50
N GLY A 43 51.66 -42.10 -22.67
CA GLY A 43 52.51 -43.14 -23.20
C GLY A 43 51.68 -44.26 -23.76
N ASP A 44 50.41 -44.28 -23.37
CA ASP A 44 49.46 -45.28 -23.82
C ASP A 44 49.16 -45.06 -25.31
N GLU A 45 48.60 -46.10 -25.93
CA GLU A 45 48.17 -46.05 -27.32
C GLU A 45 46.78 -46.65 -27.46
N THR A 46 45.86 -45.86 -28.02
CA THR A 46 44.45 -46.18 -28.24
C THR A 46 43.82 -47.04 -27.13
N SER A 47 44.06 -46.68 -25.88
CA SER A 47 43.39 -47.35 -24.78
C SER A 47 41.88 -47.14 -24.90
N VAL A 48 41.13 -48.11 -24.40
CA VAL A 48 39.68 -48.07 -24.54
C VAL A 48 39.03 -48.34 -23.20
N THR A 49 39.82 -48.70 -22.20
CA THR A 49 39.31 -48.96 -20.86
C THR A 49 40.17 -48.39 -19.74
N SER A 50 41.20 -47.58 -20.04
CA SER A 50 42.03 -47.02 -18.99
C SER A 50 41.91 -45.50 -18.96
N PRO A 51 41.70 -44.90 -17.79
CA PRO A 51 41.61 -43.44 -17.71
C PRO A 51 42.96 -42.73 -17.60
N GLY A 52 43.99 -43.39 -17.06
CA GLY A 52 45.28 -42.74 -16.90
C GLY A 52 46.12 -42.66 -18.16
N ALA A 53 45.54 -43.00 -19.31
CA ALA A 53 46.26 -43.12 -20.57
C ALA A 53 46.82 -41.80 -21.10
N LEU A 54 46.30 -40.66 -20.65
CA LEU A 54 46.78 -39.34 -21.09
C LEU A 54 47.50 -38.68 -19.94
N ARG A 55 47.93 -37.44 -20.15
CA ARG A 55 48.51 -36.67 -19.07
C ARG A 55 48.57 -35.19 -19.44
N ARG A 56 48.71 -34.37 -18.40
CA ARG A 56 48.73 -32.92 -18.47
C ARG A 56 49.97 -32.42 -19.21
N MET A 57 49.76 -31.59 -20.22
CA MET A 57 50.88 -30.93 -20.86
C MET A 57 51.35 -29.76 -20.01
N THR A 58 52.67 -29.51 -20.01
CA THR A 58 53.28 -28.58 -19.07
C THR A 58 53.97 -27.45 -19.79
N SER A 59 54.23 -26.38 -19.04
CA SER A 59 54.98 -25.25 -19.57
C SER A 59 56.43 -25.63 -19.81
N LYS A 60 56.92 -26.65 -19.13
CA LYS A 60 58.30 -27.08 -19.29
C LYS A 60 58.48 -27.78 -20.63
N ASP A 61 57.48 -27.67 -21.50
CA ASP A 61 57.55 -28.19 -22.85
C ASP A 61 57.84 -27.10 -23.88
N ILE A 62 58.12 -25.87 -23.44
CA ILE A 62 58.50 -24.82 -24.37
C ILE A 62 59.74 -25.25 -25.14
N ASP A 63 56.99 -24.26 -13.27
CA ASP A 63 56.29 -24.91 -14.36
C ASP A 63 54.78 -24.68 -14.31
N GLU A 64 54.31 -23.70 -15.07
CA GLU A 64 52.90 -23.38 -15.12
C GLU A 64 52.12 -24.43 -15.91
N PRO A 65 50.81 -24.53 -15.69
CA PRO A 65 49.98 -25.41 -16.50
C PRO A 65 49.58 -24.78 -17.84
N LEU A 66 49.06 -25.64 -18.70
CA LEU A 66 48.68 -25.28 -20.06
C LEU A 66 47.17 -25.43 -20.23
N VAL A 67 46.56 -24.45 -20.89
CA VAL A 67 45.13 -24.48 -21.18
C VAL A 67 44.90 -23.93 -22.57
N VAL A 68 44.04 -24.60 -23.32
CA VAL A 68 43.72 -24.20 -24.69
C VAL A 68 42.91 -22.91 -24.64
N VAL A 69 42.75 -22.27 -25.79
CA VAL A 69 42.13 -20.95 -25.87
C VAL A 69 41.02 -20.94 -26.90
N THR A 70 40.01 -20.10 -26.67
CA THR A 70 38.88 -19.91 -27.58
C THR A 70 39.05 -18.63 -28.39
N GLU A 71 38.75 -18.74 -29.69
CA GLU A 71 38.79 -17.58 -30.58
C GLU A 71 37.82 -16.49 -30.12
N HIS A 72 36.71 -16.90 -29.48
CA HIS A 72 35.73 -15.91 -29.08
C HIS A 72 36.32 -14.94 -28.06
N ALA A 73 37.14 -15.45 -27.15
CA ALA A 73 37.83 -14.58 -26.21
C ALA A 73 38.69 -13.58 -26.95
N ILE A 74 39.40 -14.04 -27.99
CA ILE A 74 40.18 -13.13 -28.81
C ILE A 74 39.29 -12.01 -29.32
N ALA A 75 38.17 -12.39 -29.95
CA ALA A 75 37.24 -11.41 -30.50
C ALA A 75 36.81 -10.41 -29.44
N ASN A 76 36.52 -10.90 -28.24
CA ASN A 76 36.16 -10.01 -27.16
C ASN A 76 37.27 -9.01 -26.88
N PHE A 77 38.50 -9.51 -26.76
CA PHE A 77 39.61 -8.64 -26.41
C PHE A 77 39.83 -7.59 -27.47
N THR A 78 39.54 -7.91 -28.73
CA THR A 78 39.66 -6.90 -29.77
C THR A 78 38.79 -5.71 -29.47
N LYS A 79 37.47 -5.89 -29.54
CA LYS A 79 36.55 -4.79 -29.32
C LYS A 79 36.72 -4.19 -27.93
N ALA A 80 37.32 -4.94 -27.02
CA ALA A 80 37.75 -4.34 -25.77
C ALA A 80 38.84 -3.31 -26.02
N GLU A 81 39.89 -3.71 -26.73
CA GLU A 81 41.06 -2.87 -26.91
C GLU A 81 40.71 -1.57 -27.62
N MET A 82 39.65 -1.58 -28.42
CA MET A 82 39.30 -0.38 -29.18
C MET A 82 38.80 0.71 -28.26
N ALA A 83 38.16 0.34 -27.16
CA ALA A 83 37.76 1.34 -26.18
C ALA A 83 38.98 2.08 -25.63
N LEU A 84 40.05 1.33 -25.34
CA LEU A 84 41.29 1.96 -24.92
C LEU A 84 41.84 2.82 -26.04
N GLU A 85 41.79 2.31 -27.27
CA GLU A 85 42.14 3.11 -28.43
C GLU A 85 41.43 4.45 -28.44
N PHE A 86 40.18 4.49 -27.97
CA PHE A 86 39.39 5.70 -28.00
C PHE A 86 40.15 6.93 -27.53
N ASN A 87 41.03 6.77 -26.56
CA ASN A 87 41.89 7.88 -26.12
C ASN A 87 43.33 7.44 -26.00
N ARG A 88 43.69 6.35 -26.66
CA ARG A 88 45.10 5.98 -26.81
C ARG A 88 45.97 7.20 -27.10
N GLU A 89 45.52 8.06 -28.02
CA GLU A 89 46.29 9.25 -28.35
C GLU A 89 46.52 10.13 -27.12
N PHE A 90 45.49 10.29 -26.30
CA PHE A 90 45.60 11.05 -25.08
C PHE A 90 46.60 10.40 -24.12
N LEU A 91 46.49 9.09 -23.97
CA LEU A 91 47.43 8.35 -23.12
C LEU A 91 48.86 8.57 -23.58
N ASP A 92 49.06 8.60 -24.90
CA ASP A 92 50.37 8.93 -25.44
C ASP A 92 50.78 10.32 -25.01
N LYS A 93 49.87 11.29 -25.15
CA LYS A 93 50.10 12.62 -24.61
C LYS A 93 50.54 12.57 -23.15
N LEU A 94 50.17 11.53 -22.42
CA LEU A 94 50.53 11.44 -21.02
C LEU A 94 51.95 10.93 -20.81
N ARG A 95 52.83 11.09 -21.82
CA ARG A 95 54.22 10.69 -21.72
C ARG A 95 54.38 9.22 -21.35
N VAL A 96 53.39 8.38 -21.65
CA VAL A 96 53.34 7.05 -21.06
C VAL A 96 52.57 6.09 -21.96
N LEU A 97 52.90 4.80 -21.83
CA LEU A 97 52.15 3.69 -22.40
C LEU A 97 52.03 3.78 -23.91
N SER A 98 53.16 3.69 -24.60
CA SER A 98 53.14 3.70 -26.06
C SER A 98 53.14 2.27 -26.58
N VAL A 99 52.84 1.30 -25.72
CA VAL A 99 52.90 -0.11 -26.08
C VAL A 99 51.46 -0.61 -26.18
N SER A 100 51.14 -1.28 -27.28
CA SER A 100 49.83 -1.88 -27.45
C SER A 100 49.96 -3.39 -27.39
N PRO A 101 49.29 -4.06 -26.47
CA PRO A 101 49.41 -5.52 -26.39
C PRO A 101 48.74 -6.19 -27.59
N LYS A 102 49.35 -7.26 -28.07
CA LYS A 102 48.81 -8.03 -29.19
C LYS A 102 48.47 -9.43 -28.71
N TYR A 103 47.21 -9.62 -28.34
CA TYR A 103 46.76 -10.88 -27.79
C TYR A 103 47.15 -12.06 -28.66
N SER A 104 47.00 -11.91 -29.97
CA SER A 104 47.26 -13.00 -30.90
C SER A 104 48.65 -13.61 -30.72
N ASP A 105 49.63 -12.83 -30.29
CA ASP A 105 51.01 -13.26 -30.44
C ASP A 105 51.44 -14.18 -29.32
N LEU A 106 51.09 -13.85 -28.07
CA LEU A 106 51.56 -14.62 -26.93
C LEU A 106 51.15 -16.08 -27.04
N LEU A 107 50.15 -16.37 -27.86
CA LEU A 107 49.54 -17.68 -27.89
C LEU A 107 50.46 -18.67 -28.59
N THR A 108 50.13 -19.95 -28.52
CA THR A 108 50.90 -20.96 -29.23
C THR A 108 49.99 -22.08 -29.73
N TYR A 109 50.03 -22.33 -31.03
CA TYR A 109 49.32 -23.46 -31.60
C TYR A 109 50.02 -24.75 -31.26
N VAL A 110 49.24 -25.76 -30.89
CA VAL A 110 49.75 -27.08 -30.57
C VAL A 110 48.78 -28.12 -31.10
N ASP A 111 49.25 -29.37 -31.18
CA ASP A 111 48.42 -30.49 -31.61
C ASP A 111 48.47 -31.61 -30.57
N CYS A 112 47.35 -31.84 -29.89
CA CYS A 112 47.30 -32.83 -28.81
C CYS A 112 45.87 -33.24 -28.53
N TYR A 113 45.64 -33.85 -27.38
CA TYR A 113 44.29 -34.18 -26.95
C TYR A 113 43.76 -33.09 -26.03
N VAL A 114 42.45 -32.92 -26.03
CA VAL A 114 41.79 -31.87 -25.27
C VAL A 114 40.47 -32.39 -24.75
N GLY A 115 39.89 -31.68 -23.80
CA GLY A 115 38.62 -32.10 -23.27
C GLY A 115 38.78 -32.47 -21.83
N VAL A 116 37.67 -32.37 -21.10
CA VAL A 116 37.73 -32.44 -19.65
C VAL A 116 38.31 -33.77 -19.21
N SER A 117 37.55 -34.85 -19.38
CA SER A 117 38.03 -36.13 -18.91
C SER A 117 39.03 -36.69 -19.91
N ALA A 118 40.21 -37.00 -19.38
CA ALA A 118 41.23 -37.65 -20.20
C ALA A 118 40.68 -38.91 -20.83
N ARG A 119 39.74 -39.57 -20.16
CA ARG A 119 38.97 -40.63 -20.81
C ARG A 119 38.40 -40.13 -22.12
N GLN A 120 37.54 -39.12 -22.05
CA GLN A 120 37.04 -38.46 -23.25
C GLN A 120 38.19 -37.91 -24.08
N ALA A 121 39.04 -37.09 -23.44
CA ALA A 121 40.07 -36.37 -24.16
C ALA A 121 40.87 -37.29 -25.07
N LEU A 122 41.02 -38.55 -24.66
CA LEU A 122 41.63 -39.55 -25.52
C LEU A 122 40.87 -39.69 -26.83
N ASN A 123 39.55 -39.78 -26.75
CA ASN A 123 38.72 -40.08 -27.90
C ASN A 123 38.71 -38.94 -28.91
N ASN A 124 39.40 -37.85 -28.60
CA ASN A 124 39.22 -36.64 -29.38
C ASN A 124 40.54 -35.89 -29.57
N PHE A 125 40.90 -35.63 -30.83
CA PHE A 125 42.15 -34.95 -31.14
C PHE A 125 41.90 -33.78 -32.07
N GLN A 126 42.64 -32.69 -31.84
CA GLN A 126 42.54 -31.50 -32.67
C GLN A 126 43.94 -30.99 -32.99
N LYS A 127 44.01 -29.96 -33.81
CA LYS A 127 45.28 -29.48 -34.36
C LYS A 127 45.38 -27.96 -34.26
N GLN A 128 46.62 -27.47 -34.09
CA GLN A 128 46.96 -26.05 -34.18
C GLN A 128 46.04 -25.22 -33.32
N VAL A 129 46.12 -25.41 -32.02
CA VAL A 129 45.16 -24.82 -31.07
C VAL A 129 45.95 -23.91 -30.12
N PRO A 130 45.43 -22.74 -29.80
CA PRO A 130 46.17 -21.82 -28.93
C PRO A 130 46.17 -22.29 -27.49
N VAL A 131 47.36 -22.27 -26.89
CA VAL A 131 47.56 -22.52 -25.48
C VAL A 131 48.57 -21.49 -25.00
N ILE A 132 48.56 -21.23 -23.69
CA ILE A 132 49.37 -20.18 -23.09
C ILE A 132 49.45 -20.40 -21.58
N THR A 133 50.50 -19.77 -20.92
CA THR A 133 50.87 -19.71 -19.52
C THR A 133 50.06 -18.64 -18.81
N PRO A 134 49.17 -19.09 -17.92
CA PRO A 134 48.19 -18.18 -17.31
C PRO A 134 48.70 -16.79 -16.93
N THR A 135 49.92 -16.71 -16.41
CA THR A 135 50.42 -15.42 -15.96
C THR A 135 50.58 -14.46 -17.13
N ARG A 136 50.74 -14.99 -18.35
CA ARG A 136 50.73 -14.09 -19.49
C ARG A 136 49.40 -13.37 -19.60
N GLN A 137 48.31 -14.12 -19.51
CA GLN A 137 46.99 -13.49 -19.47
C GLN A 137 46.89 -12.53 -18.31
N THR A 138 47.46 -12.93 -17.17
CA THR A 138 47.46 -12.05 -16.01
C THR A 138 48.02 -10.69 -16.38
N MET A 139 49.29 -10.67 -16.76
CA MET A 139 49.94 -9.45 -17.23
C MET A 139 49.08 -8.71 -18.24
N TYR A 140 48.50 -9.42 -19.19
CA TYR A 140 47.73 -8.77 -20.24
C TYR A 140 46.60 -7.96 -19.64
N VAL A 141 45.72 -8.64 -18.89
CA VAL A 141 44.57 -7.97 -18.31
C VAL A 141 45.02 -6.86 -17.39
N ASP A 142 46.15 -7.07 -16.70
CA ASP A 142 46.65 -6.04 -15.81
C ASP A 142 47.02 -4.78 -16.57
N SER A 143 47.66 -4.93 -17.71
CA SER A 143 47.88 -3.79 -18.61
C SER A 143 46.56 -3.12 -18.92
N ILE A 144 45.54 -3.91 -19.21
CA ILE A 144 44.25 -3.33 -19.56
C ILE A 144 43.74 -2.46 -18.41
N GLN A 145 43.77 -2.99 -17.19
CA GLN A 145 43.22 -2.24 -16.08
C GLN A 145 44.05 -0.98 -15.84
N ALA A 146 45.37 -1.11 -15.92
CA ALA A 146 46.23 0.05 -15.72
C ALA A 146 45.87 1.15 -16.70
N ALA A 147 45.59 0.77 -17.95
CA ALA A 147 45.21 1.76 -18.95
C ALA A 147 43.90 2.43 -18.59
N LEU A 148 42.90 1.63 -18.20
CA LEU A 148 41.59 2.21 -17.90
C LEU A 148 41.66 3.18 -16.73
N LYS A 149 42.48 2.88 -15.73
CA LYS A 149 42.57 3.77 -14.57
C LYS A 149 43.11 5.14 -14.98
N ALA A 150 43.95 5.18 -16.02
CA ALA A 150 44.38 6.47 -16.52
C ALA A 150 43.28 7.12 -17.35
N LEU A 151 42.60 6.33 -18.18
CA LEU A 151 41.61 6.85 -19.11
C LEU A 151 40.43 7.52 -18.42
N GLU A 152 39.98 6.97 -17.28
CA GLU A 152 38.72 7.35 -16.64
C GLU A 152 38.40 8.85 -16.67
N LYS A 153 39.36 9.67 -16.27
CA LYS A 153 39.09 11.09 -16.09
C LYS A 153 38.80 11.78 -17.41
N TRP A 154 39.73 11.69 -18.36
CA TRP A 154 39.51 12.24 -19.69
C TRP A 154 38.24 11.68 -20.30
N GLU A 155 37.97 10.40 -20.06
CA GLU A 155 36.79 9.78 -20.63
C GLU A 155 35.52 10.46 -20.14
N ILE A 156 35.38 10.61 -18.82
CA ILE A 156 34.15 11.19 -18.30
C ILE A 156 34.08 12.66 -18.68
N ASP A 157 35.22 13.32 -18.80
CA ASP A 157 35.22 14.68 -19.33
C ASP A 157 34.59 14.69 -20.71
N LEU A 158 35.04 13.80 -21.58
CA LEU A 158 34.42 13.63 -22.88
C LEU A 158 32.92 13.42 -22.74
N ARG A 159 32.52 12.43 -21.95
CA ARG A 159 31.10 12.15 -21.77
C ARG A 159 30.33 13.42 -21.47
N VAL A 160 30.67 14.07 -20.37
CA VAL A 160 29.91 15.22 -19.91
C VAL A 160 29.96 16.33 -20.95
N ALA A 161 30.99 16.33 -21.81
CA ALA A 161 31.09 17.37 -22.81
C ALA A 161 29.89 17.41 -23.74
N GLN A 162 29.69 16.36 -24.53
CA GLN A 162 28.63 16.37 -25.52
C GLN A 162 27.25 16.36 -24.90
N THR A 163 27.14 15.91 -23.65
CA THR A 163 25.88 15.95 -22.93
C THR A 163 25.41 17.38 -22.71
N LEU A 164 26.32 18.35 -22.78
CA LEU A 164 25.91 19.74 -22.69
C LEU A 164 24.88 20.08 -23.77
N LEU A 165 25.08 19.58 -24.97
CA LEU A 165 24.36 20.06 -26.14
C LEU A 165 23.63 18.91 -26.81
N PRO A 166 22.67 19.22 -27.68
CA PRO A 166 22.11 18.18 -28.54
C PRO A 166 23.13 17.74 -29.57
N THR A 167 23.41 16.44 -29.58
CA THR A 167 24.26 15.84 -30.58
C THR A 167 23.57 14.69 -31.29
N ASN A 168 22.38 14.31 -30.84
CA ASN A 168 21.66 13.16 -31.36
C ASN A 168 20.30 13.60 -31.86
N VAL A 169 19.97 13.23 -33.09
CA VAL A 169 18.62 13.36 -33.62
C VAL A 169 18.16 12.00 -34.11
N PRO A 170 16.95 11.54 -33.76
CA PRO A 170 16.54 10.22 -34.20
C PRO A 170 16.18 10.16 -35.68
N ILE A 171 16.19 11.29 -36.37
CA ILE A 171 15.77 11.34 -37.77
C ILE A 171 16.30 12.61 -38.41
N GLY A 172 16.48 12.55 -39.73
CA GLY A 172 16.91 13.70 -40.49
C GLY A 172 18.25 14.25 -40.04
N GLU A 173 18.40 15.56 -40.12
CA GLU A 173 19.67 16.22 -39.85
C GLU A 173 19.43 17.70 -39.65
N VAL A 174 20.16 18.30 -38.71
CA VAL A 174 20.07 19.72 -38.43
C VAL A 174 21.44 20.34 -38.71
N SER A 175 21.45 21.66 -38.82
CA SER A 175 22.67 22.34 -39.22
C SER A 175 22.73 23.71 -38.56
N CYS A 176 23.96 24.19 -38.36
CA CYS A 176 24.25 25.44 -37.69
C CYS A 176 25.75 25.72 -37.78
N PRO A 177 26.15 26.98 -37.95
CA PRO A 177 27.59 27.29 -38.09
C PRO A 177 28.36 26.99 -36.81
N MET A 178 29.46 26.27 -36.97
CA MET A 178 30.24 25.77 -35.83
C MET A 178 30.79 26.88 -34.95
N GLN A 179 30.91 28.10 -35.47
CA GLN A 179 31.69 29.10 -34.76
C GLN A 179 30.95 29.66 -33.55
N SER A 180 29.74 30.19 -33.74
CA SER A 180 28.94 30.58 -32.58
C SER A 180 28.74 29.41 -31.63
N VAL A 181 28.68 28.19 -32.19
CA VAL A 181 28.66 27.01 -31.35
C VAL A 181 29.81 27.04 -30.38
N VAL A 182 31.03 26.91 -30.89
CA VAL A 182 32.20 26.83 -30.01
C VAL A 182 32.23 28.03 -29.06
N LYS A 183 31.78 29.20 -29.54
CA LYS A 183 31.61 30.34 -28.65
C LYS A 183 30.85 29.95 -27.40
N LEU A 184 29.60 29.54 -27.57
CA LEU A 184 28.77 29.28 -26.40
C LEU A 184 29.25 28.05 -25.64
N LEU A 185 29.82 27.09 -26.35
CA LEU A 185 30.37 25.92 -25.68
C LEU A 185 31.40 26.34 -24.66
N ASP A 186 32.51 26.92 -25.11
CA ASP A 186 33.52 27.40 -24.18
C ASP A 186 32.91 28.31 -23.13
N ASP A 187 31.93 29.12 -23.54
CA ASP A 187 31.17 29.91 -22.59
C ASP A 187 30.55 29.04 -21.51
N GLN A 188 30.30 27.78 -21.81
CA GLN A 188 29.57 26.92 -20.90
C GLN A 188 30.39 25.81 -20.29
N LEU A 189 31.49 25.41 -20.92
CA LEU A 189 32.29 24.36 -20.35
C LEU A 189 32.77 24.76 -18.97
N PRO A 190 32.90 23.81 -18.06
CA PRO A 190 33.55 24.10 -16.78
C PRO A 190 35.02 24.44 -17.04
N ASP A 191 35.48 25.50 -16.38
CA ASP A 191 36.84 25.98 -16.61
C ASP A 191 37.82 25.17 -15.77
N ASP A 192 37.71 23.86 -15.93
CA ASP A 192 38.61 22.90 -15.30
C ASP A 192 38.98 21.87 -16.35
N SER A 193 38.37 21.98 -17.52
CA SER A 193 38.51 20.95 -18.54
C SER A 193 39.92 20.96 -19.10
N LEU A 194 40.64 19.87 -18.88
CA LEU A 194 41.98 19.77 -19.45
C LEU A 194 41.94 19.76 -20.97
N ILE A 195 40.76 19.58 -21.56
CA ILE A 195 40.60 19.87 -22.98
C ILE A 195 40.91 21.34 -23.25
N ARG A 196 40.48 22.22 -22.35
CA ARG A 196 40.93 23.61 -22.42
C ARG A 196 42.45 23.69 -22.42
N ARG A 197 43.10 22.59 -22.05
CA ARG A 197 44.52 22.41 -22.28
C ARG A 197 44.80 21.35 -23.33
N TYR A 198 43.78 20.61 -23.76
CA TYR A 198 43.93 19.55 -24.75
C TYR A 198 42.92 19.73 -25.87
N PRO A 199 43.06 20.79 -26.66
CA PRO A 199 42.07 21.08 -27.70
C PRO A 199 42.04 20.06 -28.84
N LYS A 200 43.16 19.93 -29.56
CA LYS A 200 43.19 19.01 -30.69
C LYS A 200 42.90 17.60 -30.22
N GLU A 201 43.49 17.23 -29.09
CA GLU A 201 43.17 15.99 -28.41
C GLU A 201 41.66 15.78 -28.36
N ALA A 202 40.94 16.77 -27.86
CA ALA A 202 39.48 16.68 -27.82
C ALA A 202 38.90 16.47 -29.20
N ALA A 203 39.11 17.42 -30.10
CA ALA A 203 38.50 17.36 -31.43
C ALA A 203 38.67 15.98 -32.06
N VAL A 204 39.86 15.41 -31.94
CA VAL A 204 40.10 14.07 -32.45
C VAL A 204 39.22 13.05 -31.73
N ALA A 205 39.22 13.09 -30.38
CA ALA A 205 38.39 12.15 -29.63
C ALA A 205 36.94 12.20 -30.09
N LEU A 206 36.42 13.42 -30.26
CA LEU A 206 35.05 13.59 -30.74
C LEU A 206 34.88 12.95 -32.11
N ALA A 207 35.69 13.38 -33.08
CA ALA A 207 35.57 12.83 -34.43
C ALA A 207 35.69 11.32 -34.41
N LYS A 208 36.55 10.78 -33.55
CA LYS A 208 36.67 9.34 -33.44
C LYS A 208 35.36 8.69 -33.00
N ARG A 209 34.46 9.47 -32.41
CA ARG A 209 33.14 8.96 -32.06
C ARG A 209 32.00 9.73 -32.70
N ASN A 210 32.26 10.92 -33.22
CA ASN A 210 31.19 11.73 -33.76
C ASN A 210 31.56 12.21 -35.16
N GLY A 211 30.52 12.46 -35.96
CA GLY A 211 30.74 12.82 -37.35
C GLY A 211 29.93 13.98 -37.87
N GLY A 212 29.04 14.53 -37.04
CA GLY A 212 28.46 15.81 -37.38
C GLY A 212 29.58 16.81 -37.32
N ILE A 213 30.43 16.63 -36.32
CA ILE A 213 31.69 17.36 -36.21
C ILE A 213 32.56 16.98 -37.40
N GLN A 214 32.84 17.95 -38.25
CA GLN A 214 33.65 17.72 -39.43
C GLN A 214 34.58 18.89 -39.64
N TRP A 215 35.76 18.81 -39.07
CA TRP A 215 36.80 19.80 -39.31
C TRP A 215 37.37 19.56 -40.69
N MET A 216 37.54 20.64 -41.44
CA MET A 216 38.21 20.56 -42.72
C MET A 216 39.67 20.17 -42.51
N ASP A 217 40.28 19.64 -43.57
CA ASP A 217 41.72 19.48 -43.55
C ASP A 217 42.38 20.86 -43.55
N VAL A 218 43.67 20.88 -43.25
CA VAL A 218 44.47 22.07 -43.43
C VAL A 218 45.02 22.16 -44.85
N SER A 219 45.64 21.08 -45.33
CA SER A 219 46.10 21.04 -46.71
C SER A 219 44.92 20.95 -47.66
N GLU A 220 43.85 20.30 -47.23
CA GLU A 220 42.65 20.12 -48.03
C GLU A 220 41.46 20.76 -47.31
N GLY A 221 40.25 20.46 -47.75
CA GLY A 221 39.09 20.98 -47.08
C GLY A 221 38.00 19.95 -46.81
N THR A 222 38.08 18.80 -47.47
CA THR A 222 37.05 17.80 -47.31
C THR A 222 37.03 17.24 -45.88
N VAL A 223 35.92 16.62 -45.53
CA VAL A 223 35.68 16.16 -44.17
C VAL A 223 35.15 14.73 -44.21
N MET A 224 35.21 14.07 -43.06
CA MET A 224 34.59 12.77 -42.85
C MET A 224 34.59 12.49 -41.36
N ASN A 225 33.91 11.41 -40.98
CA ASN A 225 33.83 10.99 -39.58
C ASN A 225 34.91 9.98 -39.28
N GLU A 226 35.34 9.95 -38.03
CA GLU A 226 36.27 8.93 -37.55
C GLU A 226 35.61 7.95 -36.60
N ALA A 227 34.31 8.09 -36.36
CA ALA A 227 33.54 7.02 -35.77
C ALA A 227 33.25 5.97 -36.84
N VAL A 228 33.22 4.71 -36.41
CA VAL A 228 32.92 3.61 -37.32
C VAL A 228 31.56 3.09 -36.88
N ASN A 229 30.85 3.91 -36.12
CA ASN A 229 29.56 3.54 -35.56
C ASN A 229 28.50 3.27 -36.61
N ALA A 230 28.72 3.72 -37.85
CA ALA A 230 27.72 3.53 -38.90
C ALA A 230 27.35 2.07 -39.04
N VAL A 231 28.30 1.17 -38.82
CA VAL A 231 28.00 -0.26 -38.81
C VAL A 231 26.91 -0.54 -37.81
N ALA A 232 27.08 -0.02 -36.59
CA ALA A 232 26.01 -0.09 -35.61
C ALA A 232 24.92 0.92 -35.93
N ALA A 233 25.31 2.15 -36.27
CA ALA A 233 24.33 3.19 -36.54
C ALA A 233 23.41 2.80 -37.68
N SER A 234 23.82 1.81 -38.48
CA SER A 234 22.88 1.17 -39.39
C SER A 234 21.69 0.60 -38.62
N ALA A 235 21.94 -0.33 -37.70
CA ALA A 235 20.84 -1.02 -37.03
C ALA A 235 20.35 -0.31 -35.78
N LEU A 236 21.19 0.50 -35.14
CA LEU A 236 20.75 1.28 -33.98
C LEU A 236 19.67 2.29 -34.33
N ALA A 237 19.25 2.36 -35.59
CA ALA A 237 18.39 3.41 -36.06
C ALA A 237 17.14 2.79 -36.68
N PRO A 238 16.03 3.51 -36.68
CA PRO A 238 14.88 3.07 -37.48
C PRO A 238 15.22 3.07 -38.95
N SER A 239 14.34 2.46 -39.73
CA SER A 239 14.43 2.52 -41.17
C SER A 239 13.68 3.72 -41.73
N ALA A 240 13.29 4.66 -40.85
CA ALA A 240 12.46 5.82 -41.21
C ALA A 240 11.07 5.36 -41.66
N SER A 241 10.85 4.04 -41.65
CA SER A 241 9.54 3.46 -41.90
C SER A 241 9.31 2.35 -40.91
N ALA A 242 10.37 1.96 -40.20
CA ALA A 242 10.31 0.94 -39.15
C ALA A 242 11.41 1.21 -38.14
N PRO A 243 11.11 1.04 -36.86
CA PRO A 243 12.09 1.36 -35.81
C PRO A 243 13.30 0.43 -35.86
N PRO A 244 14.30 0.64 -34.99
CA PRO A 244 15.39 -0.33 -34.92
C PRO A 244 14.88 -1.70 -34.56
N LEU A 245 15.40 -2.70 -35.26
CA LEU A 245 14.92 -4.07 -35.06
C LEU A 245 15.34 -4.62 -33.71
N GLU A 246 16.59 -4.35 -33.31
CA GLU A 246 17.09 -4.88 -32.04
C GLU A 246 16.22 -4.43 -30.89
N GLU A 247 15.60 -3.25 -31.01
CA GLU A 247 14.64 -2.81 -30.00
C GLU A 247 13.47 -3.79 -29.91
N LYS A 248 12.85 -4.09 -31.04
CA LYS A 248 11.76 -5.06 -31.07
C LYS A 248 12.22 -6.38 -30.50
N SER A 249 13.45 -6.77 -30.81
CA SER A 249 13.98 -8.04 -30.30
C SER A 249 14.06 -8.01 -28.79
N LYS A 250 14.54 -6.90 -28.22
CA LYS A 250 14.59 -6.77 -26.78
C LYS A 250 13.20 -6.91 -26.19
N LEU A 251 12.22 -6.25 -26.81
CA LEU A 251 10.84 -6.39 -26.35
C LEU A 251 10.43 -7.86 -26.28
N THR A 252 10.54 -8.56 -27.40
CA THR A 252 10.03 -9.92 -27.44
C THR A 252 10.87 -10.87 -26.59
N GLU A 253 12.16 -10.60 -26.46
CA GLU A 253 13.01 -11.47 -25.68
C GLU A 253 12.72 -11.30 -24.20
N GLN A 254 12.48 -10.06 -23.76
CA GLN A 254 11.97 -9.87 -22.42
C GLN A 254 10.64 -10.58 -22.23
N ALA A 255 9.73 -10.45 -23.19
CA ALA A 255 8.48 -11.19 -23.12
C ALA A 255 8.75 -12.68 -22.98
N MET A 256 9.77 -13.17 -23.65
CA MET A 256 10.15 -14.56 -23.53
C MET A 256 10.58 -14.89 -22.11
N ASP A 257 11.41 -14.02 -21.52
CA ASP A 257 11.80 -14.22 -20.14
C ASP A 257 10.58 -14.29 -19.24
N LEU A 258 9.62 -13.40 -19.47
CA LEU A 258 8.44 -13.33 -18.62
C LEU A 258 7.60 -14.58 -18.77
N VAL A 259 7.36 -15.00 -20.01
CA VAL A 259 6.52 -16.19 -20.23
C VAL A 259 7.22 -17.43 -19.71
N THR A 260 8.56 -17.42 -19.73
CA THR A 260 9.29 -18.51 -19.10
C THR A 260 9.05 -18.51 -17.59
N ALA A 261 9.15 -17.35 -16.96
CA ALA A 261 8.85 -17.26 -15.55
C ALA A 261 7.35 -17.36 -15.30
N ALA A 262 6.56 -17.61 -16.34
CA ALA A 262 5.12 -17.80 -16.15
C ALA A 262 4.77 -19.26 -15.86
N GLU A 263 5.62 -20.21 -16.28
CA GLU A 263 5.39 -21.65 -16.18
C GLU A 263 3.94 -22.02 -16.44
N PRO A 264 3.47 -21.85 -17.68
CA PRO A 264 2.05 -22.08 -17.97
C PRO A 264 1.56 -23.47 -17.59
N GLU A 265 2.33 -24.50 -17.97
CA GLU A 265 1.95 -25.87 -17.65
C GLU A 265 1.68 -26.05 -16.16
N ILE A 266 2.40 -25.33 -15.31
CA ILE A 266 2.12 -25.37 -13.89
C ILE A 266 0.79 -24.68 -13.61
N ILE A 267 0.67 -23.41 -13.99
CA ILE A 267 -0.52 -22.65 -13.66
C ILE A 267 -1.75 -23.13 -14.42
N ALA A 268 -1.58 -23.94 -15.46
CA ALA A 268 -2.71 -24.49 -16.19
C ALA A 268 -3.05 -25.89 -15.74
N SER A 269 -2.47 -26.36 -14.64
CA SER A 269 -2.73 -27.73 -14.20
C SER A 269 -4.15 -27.87 -13.70
N LEU A 270 -4.66 -29.11 -13.83
CA LEU A 270 -5.95 -29.48 -13.29
C LEU A 270 -5.81 -30.61 -12.29
N VAL A 271 -4.59 -30.91 -11.87
CA VAL A 271 -4.28 -32.09 -11.08
C VAL A 271 -3.70 -31.65 -9.75
N PRO A 272 -3.57 -32.54 -8.76
CA PRO A 272 -2.91 -32.17 -7.51
C PRO A 272 -1.50 -31.65 -7.72
N VAL A 273 -1.21 -30.45 -7.25
CA VAL A 273 0.12 -29.86 -7.35
C VAL A 273 0.64 -29.66 -5.93
N PRO A 274 1.94 -29.83 -5.68
CA PRO A 274 2.46 -29.61 -4.33
C PRO A 274 2.34 -28.14 -3.91
N ALA A 275 2.08 -27.94 -2.62
CA ALA A 275 1.92 -26.58 -2.09
C ALA A 275 3.21 -25.77 -2.08
N PRO A 276 4.35 -26.25 -1.55
CA PRO A 276 5.51 -25.36 -1.43
C PRO A 276 6.15 -24.99 -2.77
N VAL A 277 6.03 -25.85 -3.78
CA VAL A 277 6.67 -25.57 -5.07
C VAL A 277 5.97 -24.41 -5.77
N PHE A 278 4.69 -24.19 -5.46
CA PHE A 278 3.95 -23.12 -6.10
C PHE A 278 3.90 -21.85 -5.26
N ALA A 279 3.93 -22.00 -3.94
CA ALA A 279 3.73 -20.85 -3.06
C ALA A 279 4.87 -19.83 -3.20
N ILE A 280 4.53 -18.58 -2.91
CA ILE A 280 5.50 -17.49 -2.96
C ILE A 280 5.57 -16.88 -1.56
N PRO A 281 6.60 -16.09 -1.27
CA PRO A 281 6.65 -15.37 0.01
C PRO A 281 5.41 -14.52 0.22
N PRO A 282 4.64 -14.79 1.27
CA PRO A 282 3.38 -14.04 1.49
C PRO A 282 3.62 -12.59 1.89
N LYS A 283 2.52 -11.83 2.03
CA LYS A 283 2.57 -10.43 2.39
C LYS A 283 1.91 -10.19 3.75
N PRO A 284 2.36 -9.20 4.51
CA PRO A 284 1.71 -8.90 5.79
C PRO A 284 0.30 -8.38 5.59
N ALA A 285 -0.49 -8.41 6.66
CA ALA A 285 -1.88 -7.99 6.59
C ALA A 285 -2.28 -7.26 7.86
N ASP A 286 -3.35 -6.48 7.76
CA ASP A 286 -3.90 -5.74 8.88
C ASP A 286 -5.38 -6.08 9.03
N TYR A 287 -5.85 -6.17 10.27
CA TYR A 287 -7.22 -6.59 10.53
C TYR A 287 -7.70 -6.04 11.87
N ASN A 288 -8.96 -6.35 12.16
CA ASN A 288 -9.59 -6.12 13.45
C ASN A 288 -10.50 -7.30 13.75
N VAL A 289 -10.47 -7.74 15.00
CA VAL A 289 -11.32 -8.86 15.41
C VAL A 289 -12.79 -8.48 15.30
N ARG A 290 -13.17 -7.36 15.93
CA ARG A 290 -14.57 -7.05 16.15
C ARG A 290 -15.38 -7.11 14.86
N THR A 291 -14.99 -6.30 13.89
CA THR A 291 -15.82 -6.12 12.68
C THR A 291 -16.13 -7.45 12.01
N LEU A 292 -15.25 -8.42 12.16
CA LEU A 292 -15.52 -9.72 11.60
C LEU A 292 -16.30 -10.57 12.59
N LYS A 293 -17.31 -11.28 12.10
CA LYS A 293 -18.06 -12.19 12.94
C LYS A 293 -17.62 -13.63 12.67
N ILE A 294 -18.04 -14.54 13.55
CA ILE A 294 -17.61 -15.93 13.43
C ILE A 294 -18.19 -16.63 12.22
N ASP A 295 -19.45 -16.41 11.91
CA ASP A 295 -20.00 -16.80 10.62
C ASP A 295 -19.18 -16.25 9.47
N GLU A 296 -18.65 -15.04 9.64
CA GLU A 296 -17.72 -14.45 8.69
C GLU A 296 -16.32 -15.01 8.89
N ALA A 297 -16.19 -16.05 9.71
CA ALA A 297 -14.87 -16.55 10.07
C ALA A 297 -14.87 -18.07 9.95
N THR A 298 -13.66 -18.64 10.02
CA THR A 298 -13.51 -20.08 10.01
C THR A 298 -12.53 -20.56 11.07
N TRP A 299 -11.91 -19.66 11.82
CA TRP A 299 -10.82 -20.06 12.69
C TRP A 299 -10.83 -19.31 14.02
N LEU A 300 -11.78 -18.42 14.22
CA LEU A 300 -11.85 -17.62 15.42
C LEU A 300 -13.07 -18.04 16.23
N ARG A 301 -12.93 -18.03 17.56
CA ARG A 301 -13.95 -18.53 18.45
C ARG A 301 -14.45 -17.40 19.32
N MET A 302 -15.63 -17.57 19.89
CA MET A 302 -16.11 -16.61 20.86
C MET A 302 -17.12 -17.27 21.75
N ILE A 303 -17.05 -16.95 23.04
CA ILE A 303 -18.04 -17.40 24.00
C ILE A 303 -19.40 -16.97 23.49
N PRO A 304 -20.43 -17.81 23.62
CA PRO A 304 -21.77 -17.35 23.29
C PRO A 304 -22.10 -16.09 24.09
N LYS A 305 -22.83 -15.19 23.46
CA LYS A 305 -23.26 -13.98 24.12
C LYS A 305 -24.32 -14.29 25.15
N THR A 306 -24.77 -13.25 25.84
CA THR A 306 -25.93 -13.27 26.74
C THR A 306 -25.99 -14.56 27.58
N MET A 307 -24.82 -15.04 27.97
CA MET A 307 -24.72 -16.23 28.83
C MET A 307 -24.87 -15.83 30.29
N GLY A 308 -24.45 -14.63 30.65
CA GLY A 308 -24.48 -14.23 32.05
C GLY A 308 -23.27 -14.79 32.78
N THR A 309 -22.58 -15.71 32.11
CA THR A 309 -21.35 -16.28 32.65
C THR A 309 -20.33 -15.18 32.84
N LEU A 310 -19.60 -15.23 33.96
CA LEU A 310 -18.54 -14.28 34.25
C LEU A 310 -17.74 -14.71 35.48
N PHE A 311 -16.42 -14.70 35.36
CA PHE A 311 -15.55 -15.04 36.48
C PHE A 311 -14.12 -14.64 36.18
N GLN A 312 -13.41 -14.16 37.20
CA GLN A 312 -11.98 -13.95 37.07
C GLN A 312 -11.24 -15.26 37.29
N ILE A 313 -10.06 -15.37 36.67
CA ILE A 313 -9.11 -16.43 36.95
C ILE A 313 -7.71 -15.84 36.93
N GLN A 314 -6.74 -16.70 37.22
CA GLN A 314 -5.37 -16.27 37.51
C GLN A 314 -4.39 -17.06 36.68
N VAL A 315 -3.46 -16.36 36.03
CA VAL A 315 -2.42 -17.03 35.23
C VAL A 315 -1.09 -16.33 35.45
N THR A 316 -0.03 -17.12 35.58
CA THR A 316 1.31 -16.61 35.78
C THR A 316 2.00 -16.41 34.44
N ASP A 317 3.09 -15.64 34.47
CA ASP A 317 3.88 -15.34 33.31
C ASP A 317 5.05 -16.33 33.21
N ASN A 318 6.00 -16.04 32.32
CA ASN A 318 7.26 -16.78 32.23
C ASN A 318 8.09 -16.67 33.51
N THR A 319 7.94 -15.59 34.27
CA THR A 319 8.57 -15.47 35.57
C THR A 319 7.67 -15.92 36.70
N GLY A 320 6.48 -16.41 36.39
CA GLY A 320 5.61 -16.90 37.43
C GLY A 320 4.82 -15.85 38.17
N THR A 321 4.90 -14.60 37.75
CA THR A 321 4.03 -13.60 38.35
C THR A 321 2.65 -13.73 37.74
N ASN A 322 1.66 -13.92 38.59
CA ASN A 322 0.31 -14.18 38.16
C ASN A 322 -0.44 -12.87 37.96
N TRP A 323 -1.56 -12.96 37.27
CA TRP A 323 -2.41 -11.83 36.95
C TRP A 323 -3.84 -12.32 36.83
N HIS A 324 -4.78 -11.43 37.12
CA HIS A 324 -6.20 -11.74 37.23
C HIS A 324 -6.95 -11.16 36.04
N PHE A 325 -8.09 -11.78 35.71
CA PHE A 325 -8.88 -11.31 34.58
C PHE A 325 -10.21 -12.03 34.54
N ASN A 326 -11.24 -11.28 34.13
CA ASN A 326 -12.59 -11.78 33.95
C ASN A 326 -12.74 -12.46 32.60
N LEU A 327 -13.68 -13.39 32.56
CA LEU A 327 -14.11 -14.08 31.36
C LEU A 327 -15.62 -14.16 31.44
N ARG A 328 -16.31 -13.88 30.34
CA ARG A 328 -17.76 -13.75 30.42
C ARG A 328 -18.39 -14.14 29.09
N GLY A 329 -19.71 -14.31 29.13
CA GLY A 329 -20.44 -14.84 28.00
C GLY A 329 -20.40 -13.91 26.81
N GLY A 330 -19.65 -14.29 25.78
CA GLY A 330 -19.53 -13.50 24.57
C GLY A 330 -18.12 -13.07 24.25
N THR A 331 -17.15 -13.53 25.03
CA THR A 331 -15.79 -13.08 24.84
C THR A 331 -15.19 -13.67 23.58
N ARG A 332 -14.61 -12.80 22.76
CA ARG A 332 -13.99 -13.17 21.50
C ARG A 332 -12.53 -13.54 21.71
N VAL A 333 -12.11 -14.65 21.08
CA VAL A 333 -10.75 -15.15 21.15
C VAL A 333 -10.40 -15.74 19.80
N VAL A 334 -9.11 -15.73 19.47
CA VAL A 334 -8.64 -16.37 18.26
C VAL A 334 -8.08 -17.75 18.62
N ASN A 335 -8.36 -18.73 17.77
CA ASN A 335 -7.92 -20.10 18.01
C ASN A 335 -6.64 -20.36 17.25
N LEU A 336 -5.53 -20.55 17.97
CA LEU A 336 -4.24 -20.77 17.36
C LEU A 336 -3.85 -22.23 17.28
N ASP A 337 -4.81 -23.12 17.11
CA ASP A 337 -4.52 -24.54 17.01
C ASP A 337 -4.02 -24.86 15.61
N GLN A 338 -2.70 -24.90 15.45
CA GLN A 338 -2.05 -25.43 14.26
C GLN A 338 -2.49 -24.68 13.00
N ILE A 339 -2.03 -23.44 12.91
CA ILE A 339 -2.19 -22.71 11.66
C ILE A 339 -0.86 -22.40 10.98
N ALA A 340 -0.01 -21.54 11.56
CA ALA A 340 1.26 -21.18 10.95
C ALA A 340 2.06 -20.22 11.84
N PRO A 341 3.39 -20.25 11.77
CA PRO A 341 4.18 -19.24 12.49
C PRO A 341 4.01 -17.87 11.87
N MET A 342 3.62 -16.90 12.69
CA MET A 342 3.37 -15.54 12.22
C MET A 342 3.73 -14.58 13.34
N ARG A 343 4.21 -13.40 12.98
CA ARG A 343 4.48 -12.35 13.96
C ARG A 343 3.31 -11.39 13.99
N PHE A 344 2.78 -11.15 15.18
CA PHE A 344 1.59 -10.35 15.35
C PHE A 344 1.96 -9.12 16.15
N VAL A 345 1.59 -7.95 15.62
CA VAL A 345 1.88 -6.68 16.27
C VAL A 345 0.58 -5.91 16.37
N LEU A 346 0.30 -5.36 17.53
CA LEU A 346 -0.95 -4.68 17.80
C LEU A 346 -0.69 -3.21 18.08
N ASP A 347 -1.51 -2.36 17.47
CA ASP A 347 -1.55 -0.92 17.76
C ASP A 347 -3.00 -0.56 18.05
N LEU A 348 -3.21 0.29 19.05
CA LEU A 348 -4.54 0.61 19.53
C LEU A 348 -4.77 2.11 19.69
N GLY A 349 -3.84 2.94 19.18
CA GLY A 349 -3.95 4.37 19.36
C GLY A 349 -5.31 4.92 18.97
N GLY A 350 -5.75 5.91 19.75
CA GLY A 350 -6.97 6.63 19.45
C GLY A 350 -8.26 5.87 19.66
N LYS A 351 -8.51 5.39 20.87
CA LYS A 351 -9.82 4.86 21.24
C LYS A 351 -10.21 5.44 22.58
N SER A 352 -11.41 5.08 23.03
CA SER A 352 -11.88 5.58 24.32
C SER A 352 -11.57 4.60 25.42
N TYR A 353 -12.20 3.42 25.36
CA TYR A 353 -11.98 2.38 26.36
C TYR A 353 -12.01 2.93 27.78
N LYS A 354 -12.97 3.81 28.05
CA LYS A 354 -13.13 4.40 29.37
C LYS A 354 -14.38 3.82 30.00
N GLU A 355 -14.30 3.48 31.28
CA GLU A 355 -15.32 2.68 31.93
C GLU A 355 -15.96 3.49 33.04
N THR A 356 -16.75 2.79 33.86
CA THR A 356 -17.37 3.43 35.01
C THR A 356 -16.29 3.95 35.97
N SER A 357 -15.58 3.04 36.62
CA SER A 357 -14.46 3.40 37.47
C SER A 357 -13.26 2.60 36.98
N TRP A 358 -12.59 3.16 35.98
CA TRP A 358 -11.43 2.50 35.40
C TRP A 358 -10.68 3.51 34.55
N ASP A 359 -9.42 3.72 34.87
CA ASP A 359 -8.62 4.61 34.06
C ASP A 359 -7.79 3.81 33.07
N PRO A 360 -8.22 3.71 31.80
CA PRO A 360 -7.41 3.00 30.82
C PRO A 360 -6.01 3.54 30.69
N ASN A 361 -5.81 4.83 30.88
CA ASN A 361 -4.49 5.42 30.71
C ASN A 361 -3.52 4.82 31.72
N GLY A 362 -2.24 4.75 31.34
CA GLY A 362 -1.20 4.31 32.23
C GLY A 362 -1.23 2.84 32.60
N LYS A 363 -2.26 2.10 32.22
CA LYS A 363 -2.41 0.72 32.63
C LYS A 363 -1.44 -0.17 31.86
N LYS A 364 -1.71 -1.48 31.89
CA LYS A 364 -0.90 -2.45 31.17
C LYS A 364 -1.79 -3.48 30.50
N VAL A 365 -1.32 -3.98 29.36
CA VAL A 365 -2.03 -4.99 28.59
C VAL A 365 -1.03 -6.01 28.05
N GLY A 366 -1.47 -7.27 27.99
CA GLY A 366 -0.60 -8.36 27.59
C GLY A 366 -1.25 -9.35 26.63
N PHE A 367 -0.39 -10.20 26.08
CA PHE A 367 -0.75 -11.25 25.15
C PHE A 367 -0.60 -12.60 25.83
N ILE A 368 -1.71 -13.30 25.99
CA ILE A 368 -1.77 -14.49 26.82
C ILE A 368 -2.07 -15.69 25.95
N VAL A 369 -1.29 -16.75 26.13
CA VAL A 369 -1.40 -17.96 25.32
C VAL A 369 -2.20 -18.97 26.12
N PHE A 370 -2.91 -19.86 25.43
CA PHE A 370 -3.82 -20.77 26.07
C PHE A 370 -3.73 -22.16 25.42
N GLN A 371 -3.36 -23.16 26.22
CA GLN A 371 -3.13 -24.51 25.71
C GLN A 371 -3.85 -25.50 26.61
N SER A 372 -4.95 -26.06 26.10
CA SER A 372 -5.73 -27.08 26.80
C SER A 372 -6.62 -27.82 25.83
N LYS A 373 -6.61 -29.14 25.95
CA LYS A 373 -7.34 -30.02 25.05
C LYS A 373 -8.84 -29.95 25.24
N ILE A 374 -9.33 -29.02 26.04
CA ILE A 374 -10.77 -28.86 26.23
C ILE A 374 -11.22 -27.72 25.33
N PRO A 375 -12.36 -27.85 24.65
CA PRO A 375 -12.74 -26.84 23.66
C PRO A 375 -13.11 -25.50 24.28
N PHE A 376 -12.73 -24.43 23.59
CA PHE A 376 -12.85 -23.07 24.12
C PHE A 376 -14.25 -22.77 24.58
N GLU A 377 -15.23 -22.83 23.67
CA GLU A 377 -16.61 -22.57 24.06
C GLU A 377 -17.10 -23.61 25.05
N LEU A 378 -16.45 -24.77 25.09
CA LEU A 378 -16.76 -25.74 26.12
C LEU A 378 -16.06 -25.43 27.43
N TRP A 379 -15.59 -24.20 27.61
CA TRP A 379 -15.03 -23.79 28.89
C TRP A 379 -16.05 -23.01 29.70
N THR A 380 -16.16 -23.38 30.97
CA THR A 380 -17.01 -22.65 31.91
C THR A 380 -16.28 -22.48 33.23
N ALA A 381 -15.18 -23.22 33.38
CA ALA A 381 -14.42 -23.27 34.64
C ALA A 381 -12.94 -23.02 34.37
N ALA A 382 -12.16 -23.03 35.45
CA ALA A 382 -10.75 -22.68 35.35
C ALA A 382 -9.89 -23.86 34.90
N SER A 383 -10.20 -25.06 35.37
CA SER A 383 -9.38 -26.21 34.99
C SER A 383 -9.45 -26.51 33.50
N GLN A 384 -10.49 -26.06 32.82
CA GLN A 384 -10.62 -26.22 31.38
C GLN A 384 -9.52 -25.52 30.61
N ILE A 385 -8.89 -24.51 31.21
CA ILE A 385 -7.84 -23.77 30.53
C ILE A 385 -6.55 -24.55 30.42
N GLY A 386 -6.45 -25.68 31.13
CA GLY A 386 -5.21 -26.42 31.15
C GLY A 386 -4.03 -25.50 31.48
N GLN A 387 -3.13 -25.39 30.52
CA GLN A 387 -1.99 -24.50 30.66
C GLN A 387 -2.25 -23.23 29.86
N ALA A 388 -1.87 -22.10 30.45
CA ALA A 388 -1.98 -20.80 29.79
C ALA A 388 -0.86 -19.92 30.31
N THR A 389 -0.44 -18.96 29.49
CA THR A 389 0.67 -18.08 29.85
C THR A 389 0.61 -16.83 29.00
N VAL A 390 1.04 -15.71 29.57
CA VAL A 390 1.21 -14.48 28.82
C VAL A 390 2.58 -14.53 28.15
N VAL A 391 2.67 -14.02 26.92
CA VAL A 391 3.94 -14.08 26.21
C VAL A 391 4.52 -12.69 25.93
N ASN A 392 3.74 -11.63 26.13
CA ASN A 392 4.20 -10.27 25.86
C ASN A 392 3.32 -9.26 26.57
N TYR A 393 3.80 -8.04 26.79
CA TYR A 393 2.97 -7.02 27.42
C TYR A 393 3.66 -5.67 27.34
N VAL A 394 2.86 -4.63 27.56
CA VAL A 394 3.35 -3.26 27.66
C VAL A 394 2.40 -2.46 28.54
N GLN A 395 2.96 -1.52 29.30
CA GLN A 395 2.17 -0.56 30.06
C GLN A 395 1.59 0.48 29.13
N LEU A 396 0.35 0.85 29.37
CA LEU A 396 -0.41 1.68 28.45
C LEU A 396 -0.22 3.16 28.76
N TYR A 397 -0.75 3.99 27.87
CA TYR A 397 -0.86 5.42 28.11
C TYR A 397 -1.96 5.98 27.22
N ALA A 398 -2.66 7.01 27.69
CA ALA A 398 -3.74 7.64 26.94
C ALA A 398 -3.88 9.10 27.33
N GLU A 399 -4.69 9.81 26.56
CA GLU A 399 -5.07 11.19 26.85
C GLU A 399 -6.45 11.43 26.25
N ASP A 400 -6.83 12.70 26.11
CA ASP A 400 -8.03 13.07 25.38
C ASP A 400 -7.66 13.64 24.02
N SER A 401 -8.57 13.47 23.07
CA SER A 401 -8.33 13.92 21.70
C SER A 401 -8.50 15.43 21.58
N SER A 402 -8.33 15.95 20.37
CA SER A 402 -8.72 17.32 20.05
C SER A 402 -10.17 17.39 19.61
N PHE A 403 -10.97 16.40 19.96
CA PHE A 403 -12.41 16.44 19.78
C PHE A 403 -13.07 16.51 21.15
N THR A 404 -14.26 17.10 21.17
CA THR A 404 -14.90 17.51 22.41
C THR A 404 -15.04 16.34 23.36
N ALA A 405 -14.27 16.37 24.45
CA ALA A 405 -14.31 15.33 25.48
C ALA A 405 -14.01 13.96 24.88
N GLN A 406 -13.40 13.93 23.71
CA GLN A 406 -13.03 12.68 23.08
C GLN A 406 -11.57 12.39 23.37
N SER A 407 -11.24 11.11 23.42
CA SER A 407 -9.97 10.65 23.94
C SER A 407 -9.06 10.12 22.83
N ILE A 408 -7.86 9.71 23.24
CA ILE A 408 -6.84 9.20 22.36
C ILE A 408 -6.08 8.11 23.10
N ILE A 409 -5.88 6.98 22.45
CA ILE A 409 -4.95 5.97 22.93
C ILE A 409 -3.59 6.22 22.29
N ALA A 410 -2.53 5.91 23.02
CA ALA A 410 -1.19 6.00 22.46
C ALA A 410 -0.98 4.93 21.41
N THR A 411 -0.07 5.21 20.48
CA THR A 411 0.36 4.22 19.52
C THR A 411 0.91 3.01 20.24
N THR A 412 0.68 1.83 19.68
CA THR A 412 1.03 0.57 20.31
C THR A 412 1.81 -0.33 19.35
N SER A 413 2.68 -1.16 19.92
CA SER A 413 3.54 -2.01 19.11
C SER A 413 3.69 -3.39 19.75
N LEU A 414 2.63 -3.92 20.33
CA LEU A 414 2.83 -5.15 21.10
C LEU A 414 2.88 -6.36 20.17
N ALA A 415 3.97 -7.11 20.20
CA ALA A 415 4.20 -8.17 19.22
C ALA A 415 4.54 -9.50 19.87
N TYR A 416 4.30 -10.57 19.12
CA TYR A 416 4.77 -11.90 19.47
C TYR A 416 4.74 -12.78 18.24
N ASN A 417 5.63 -13.75 18.16
CA ASN A 417 5.72 -14.64 17.02
C ASN A 417 5.24 -16.03 17.42
N TYR A 418 4.09 -16.42 16.89
CA TYR A 418 3.51 -17.73 17.14
C TYR A 418 4.14 -18.75 16.20
N GLU A 419 4.74 -19.78 16.78
CA GLU A 419 5.32 -20.88 16.02
C GLU A 419 4.79 -22.18 16.56
N PRO A 420 4.20 -23.04 15.75
CA PRO A 420 3.73 -24.36 16.25
C PRO A 420 4.79 -25.12 17.03
N GLU A 421 6.06 -24.95 16.67
CA GLU A 421 7.14 -25.64 17.37
C GLU A 421 7.26 -25.19 18.82
N GLN A 422 6.89 -23.94 19.12
CA GLN A 422 6.88 -23.50 20.51
C GLN A 422 5.97 -24.39 21.34
N LEU A 423 4.83 -24.78 20.79
CA LEU A 423 3.86 -25.59 21.53
C LEU A 423 4.25 -27.05 21.52
N ASN A 424 5.05 -27.47 20.53
CA ASN A 424 5.51 -28.84 20.43
C ASN A 424 4.32 -29.78 20.40
N LYS A 425 3.37 -29.49 19.52
CA LYS A 425 2.05 -30.13 19.53
C LYS A 425 2.16 -31.58 19.11
N THR A 426 1.60 -32.47 19.93
CA THR A 426 1.53 -33.88 19.60
C THR A 426 0.16 -34.47 19.91
N ASP A 427 -0.68 -33.77 20.66
CA ASP A 427 -2.03 -34.24 20.99
C ASP A 427 -2.99 -33.80 19.91
N PRO A 428 -3.76 -34.71 19.32
CA PRO A 428 -4.83 -34.31 18.40
C PRO A 428 -5.98 -33.57 19.08
N GLU A 429 -5.87 -33.26 20.37
CA GLU A 429 -6.98 -32.66 21.10
C GLU A 429 -6.64 -31.32 21.74
N MET A 430 -5.37 -31.02 21.94
CA MET A 430 -4.99 -29.77 22.61
C MET A 430 -5.59 -28.56 21.91
N ASN A 431 -5.86 -27.53 22.68
CA ASN A 431 -6.55 -26.32 22.22
C ASN A 431 -5.65 -25.11 22.43
N TYR A 432 -5.59 -24.24 21.42
CA TYR A 432 -4.64 -23.13 21.42
C TYR A 432 -5.35 -21.83 21.10
N TYR A 433 -5.23 -20.86 22.01
CA TYR A 433 -5.94 -19.60 21.94
C TYR A 433 -5.06 -18.48 22.48
N LEU A 434 -5.52 -17.23 22.30
CA LEU A 434 -4.77 -16.05 22.73
C LEU A 434 -5.71 -14.94 23.16
N LEU A 435 -5.28 -14.18 24.16
CA LEU A 435 -6.00 -13.01 24.63
C LEU A 435 -5.07 -11.80 24.62
N ALA A 436 -5.65 -10.62 24.47
CA ALA A 436 -4.93 -9.36 24.51
C ALA A 436 -5.79 -8.33 25.25
N THR A 437 -5.48 -8.07 26.51
CA THR A 437 -6.25 -7.13 27.30
C THR A 437 -5.49 -6.72 28.55
N PHE A 438 -6.18 -5.97 29.41
CA PHE A 438 -5.64 -5.48 30.67
C PHE A 438 -4.98 -6.59 31.44
N ILE A 439 -3.98 -6.22 32.22
CA ILE A 439 -3.23 -7.19 33.02
C ILE A 439 -2.97 -6.60 34.40
N ASP A 440 -3.21 -7.42 35.42
CA ASP A 440 -2.95 -7.01 36.79
C ASP A 440 -2.88 -8.24 37.68
N SER A 441 -1.84 -8.25 38.51
CA SER A 441 -1.64 -9.35 39.43
C SER A 441 -2.65 -9.34 40.57
N ALA A 442 -3.63 -8.46 40.53
CA ALA A 442 -4.69 -8.43 41.53
C ALA A 442 -6.05 -8.55 40.86
N ALA A 443 -7.05 -8.91 41.65
CA ALA A 443 -8.38 -9.16 41.13
C ALA A 443 -9.04 -7.86 40.68
N ILE A 444 -9.80 -7.94 39.60
CA ILE A 444 -10.44 -6.77 39.02
C ILE A 444 -11.95 -6.97 39.05
N THR A 445 -12.66 -6.04 39.67
CA THR A 445 -14.11 -6.11 39.66
C THR A 445 -14.61 -5.97 38.22
N PRO A 446 -15.68 -6.67 37.88
CA PRO A 446 -16.20 -6.59 36.52
C PRO A 446 -16.78 -5.21 36.23
N THR A 447 -16.95 -4.43 37.30
CA THR A 447 -17.32 -3.03 37.15
C THR A 447 -16.20 -2.21 36.52
N ASN A 448 -14.95 -2.59 36.75
CA ASN A 448 -13.83 -1.94 36.08
C ASN A 448 -13.73 -2.37 34.63
N MET A 449 -13.86 -3.67 34.36
CA MET A 449 -13.88 -4.20 33.01
C MET A 449 -15.26 -4.77 32.76
N THR A 450 -16.15 -3.96 32.22
CA THR A 450 -17.52 -4.37 31.96
C THR A 450 -17.67 -5.00 30.58
N GLN A 451 -16.64 -5.04 29.81
CA GLN A 451 -16.78 -5.70 28.53
C GLN A 451 -16.08 -7.05 28.56
N PRO A 452 -16.50 -7.99 27.70
CA PRO A 452 -15.83 -9.29 27.67
C PRO A 452 -14.37 -9.20 27.32
N ASP A 453 -13.98 -8.21 26.52
CA ASP A 453 -12.67 -8.22 25.90
C ASP A 453 -12.43 -6.98 25.06
N VAL A 454 -11.16 -6.70 24.78
CA VAL A 454 -10.79 -5.62 23.88
C VAL A 454 -10.17 -6.25 22.64
N TRP A 455 -10.86 -6.08 21.52
CA TRP A 455 -10.43 -6.69 20.27
C TRP A 455 -10.67 -5.70 19.14
N ASP A 456 -11.01 -4.47 19.50
CA ASP A 456 -11.12 -3.36 18.56
C ASP A 456 -9.76 -2.69 18.50
N ALA A 457 -8.93 -3.11 17.54
CA ALA A 457 -7.60 -2.53 17.38
C ALA A 457 -7.12 -2.81 15.97
N LEU A 458 -5.90 -2.37 15.71
CA LEU A 458 -5.23 -2.63 14.44
C LEU A 458 -4.18 -3.72 14.65
N LEU A 459 -4.45 -4.91 14.11
CA LEU A 459 -3.57 -6.05 14.29
C LEU A 459 -2.90 -6.38 12.96
N THR A 460 -1.57 -6.34 12.94
CA THR A 460 -0.80 -6.59 11.74
C THR A 460 -0.05 -7.90 11.90
N MET A 461 -0.24 -8.80 10.95
CA MET A 461 0.39 -10.10 10.96
C MET A 461 1.39 -10.18 9.83
N SER A 462 2.52 -10.81 10.12
CA SER A 462 3.56 -11.04 9.14
C SER A 462 3.83 -12.53 9.09
N PRO A 463 3.53 -13.20 7.98
CA PRO A 463 3.85 -14.62 7.87
C PRO A 463 5.35 -14.83 7.95
N LEU A 464 5.77 -15.59 8.95
CA LEU A 464 7.18 -15.88 9.15
C LEU A 464 7.65 -17.11 8.40
N SER A 465 6.72 -17.90 7.86
CA SER A 465 7.09 -19.01 7.00
C SER A 465 6.54 -18.80 5.59
N ALA A 466 7.14 -19.50 4.64
CA ALA A 466 6.75 -19.34 3.23
C ALA A 466 6.69 -20.68 2.52
N GLY A 467 6.26 -21.73 3.23
CA GLY A 467 6.20 -23.05 2.63
C GLY A 467 4.87 -23.75 2.84
N GLU A 468 3.91 -23.06 3.46
CA GLU A 468 2.57 -23.60 3.69
C GLU A 468 1.53 -22.68 3.07
N VAL A 469 0.39 -23.26 2.72
CA VAL A 469 -0.70 -22.53 2.09
C VAL A 469 -2.02 -23.01 2.68
N THR A 470 -3.03 -22.15 2.64
CA THR A 470 -4.33 -22.45 3.22
C THR A 470 -5.44 -22.26 2.18
N VAL A 471 -6.54 -22.97 2.43
CA VAL A 471 -7.79 -22.82 1.69
C VAL A 471 -8.87 -22.67 2.74
N LYS A 472 -9.70 -21.64 2.60
CA LYS A 472 -10.89 -21.45 3.42
C LYS A 472 -10.59 -21.59 4.91
N GLY A 473 -9.50 -20.95 5.34
CA GLY A 473 -9.18 -20.89 6.74
C GLY A 473 -8.50 -22.12 7.30
N ALA A 474 -8.09 -23.07 6.46
CA ALA A 474 -7.43 -24.27 6.92
C ALA A 474 -6.27 -24.61 6.00
N VAL A 475 -5.14 -24.99 6.63
CA VAL A 475 -3.95 -25.34 5.85
C VAL A 475 -4.26 -26.53 4.94
N VAL A 476 -3.61 -26.55 3.78
CA VAL A 476 -3.81 -27.60 2.79
C VAL A 476 -2.44 -28.02 2.26
N SER A 477 -2.32 -29.29 1.90
CA SER A 477 -1.04 -29.86 1.51
C SER A 477 -0.80 -29.83 0.00
N GLU A 478 -1.84 -29.68 -0.80
CA GLU A 478 -1.68 -29.68 -2.25
C GLU A 478 -2.80 -28.87 -2.89
N VAL A 479 -2.67 -28.63 -4.20
CA VAL A 479 -3.58 -27.77 -4.93
C VAL A 479 -3.89 -28.37 -6.29
N VAL A 480 -5.15 -28.23 -6.69
CA VAL A 480 -5.51 -28.37 -8.10
C VAL A 480 -5.75 -26.97 -8.63
N PRO A 481 -4.94 -26.50 -9.56
CA PRO A 481 -5.10 -25.13 -10.05
C PRO A 481 -6.44 -24.94 -10.72
N ALA A 482 -6.99 -26.04 -11.26
CA ALA A 482 -8.32 -25.96 -11.86
C ALA A 482 -9.38 -25.56 -10.85
N GLU A 483 -9.12 -25.76 -9.56
CA GLU A 483 -10.12 -25.50 -8.54
C GLU A 483 -10.45 -24.02 -8.40
N LEU A 484 -9.45 -23.16 -8.34
CA LEU A 484 -9.65 -21.80 -7.85
C LEU A 484 -10.37 -20.93 -8.85
N ILE A 485 -10.40 -21.34 -10.12
CA ILE A 485 -11.01 -20.54 -11.17
C ILE A 485 -12.43 -20.20 -10.81
N GLY A 486 -12.81 -18.93 -11.01
CA GLY A 486 -14.17 -18.47 -10.77
C GLY A 486 -14.77 -19.02 -9.50
N SER A 487 -13.96 -19.24 -8.48
CA SER A 487 -14.37 -20.01 -7.33
C SER A 487 -14.49 -19.19 -6.07
N TYR A 488 -14.67 -17.88 -6.17
CA TYR A 488 -14.58 -17.07 -4.97
C TYR A 488 -15.67 -16.02 -4.89
N THR A 489 -16.27 -15.97 -3.73
CA THR A 489 -17.13 -14.88 -3.34
C THR A 489 -16.29 -13.74 -2.81
N PRO A 490 -16.75 -12.51 -2.94
CA PRO A 490 -15.96 -11.37 -2.45
C PRO A 490 -15.51 -11.55 -1.02
N GLU A 491 -16.36 -12.14 -0.17
CA GLU A 491 -15.94 -12.40 1.20
C GLU A 491 -14.86 -13.47 1.24
N SER A 492 -15.04 -14.53 0.45
CA SER A 492 -14.00 -15.54 0.32
C SER A 492 -12.68 -14.91 -0.06
N LEU A 493 -12.73 -13.69 -0.61
CA LEU A 493 -11.52 -13.01 -1.02
C LEU A 493 -11.01 -12.08 0.08
N ASN A 494 -11.86 -11.18 0.55
CA ASN A 494 -11.43 -10.21 1.54
C ASN A 494 -11.08 -10.88 2.85
N ALA A 495 -12.01 -11.64 3.42
CA ALA A 495 -11.80 -12.31 4.69
C ALA A 495 -10.71 -13.36 4.63
N SER A 496 -10.16 -13.61 3.44
CA SER A 496 -9.15 -14.63 3.28
C SER A 496 -7.91 -14.29 4.11
N LEU A 497 -7.15 -15.32 4.44
CA LEU A 497 -5.91 -15.17 5.17
C LEU A 497 -4.78 -14.83 4.21
N PRO A 498 -3.77 -14.09 4.66
CA PRO A 498 -2.71 -13.64 3.76
C PRO A 498 -1.88 -14.75 3.15
N ASN A 499 -2.21 -16.02 3.39
CA ASN A 499 -1.46 -17.14 2.87
C ASN A 499 -2.33 -18.13 2.10
N ASP A 500 -3.37 -17.66 1.45
CA ASP A 500 -4.16 -18.52 0.59
C ASP A 500 -3.57 -18.56 -0.82
N ALA A 501 -3.72 -19.69 -1.49
CA ALA A 501 -3.10 -19.88 -2.80
C ALA A 501 -3.73 -18.97 -3.85
N ALA A 502 -4.94 -18.48 -3.60
CA ALA A 502 -5.63 -17.65 -4.57
C ALA A 502 -4.83 -16.38 -4.86
N ARG A 503 -4.35 -15.71 -3.82
CA ARG A 503 -3.61 -14.47 -4.02
C ARG A 503 -2.33 -14.73 -4.83
N CYS A 504 -1.69 -15.87 -4.59
CA CYS A 504 -0.48 -16.21 -5.33
C CYS A 504 -0.80 -16.48 -6.79
N MET A 505 -1.90 -17.20 -7.04
CA MET A 505 -2.36 -17.38 -8.40
C MET A 505 -2.62 -16.03 -9.06
N ILE A 506 -3.11 -15.06 -8.30
CA ILE A 506 -3.39 -13.75 -8.87
C ILE A 506 -2.09 -13.03 -9.22
N ASP A 507 -1.10 -13.10 -8.33
CA ASP A 507 0.20 -12.51 -8.65
C ASP A 507 0.82 -13.18 -9.86
N ARG A 508 0.59 -14.49 -10.04
CA ARG A 508 1.09 -15.17 -11.22
C ARG A 508 0.37 -14.69 -12.48
N ALA A 509 -0.96 -14.62 -12.42
CA ALA A 509 -1.74 -14.21 -13.58
C ALA A 509 -1.45 -12.77 -13.97
N SER A 510 -1.00 -11.96 -13.01
CA SER A 510 -0.52 -10.62 -13.35
C SER A 510 0.61 -10.67 -14.36
N LYS A 511 1.45 -11.70 -14.29
CA LYS A 511 2.53 -11.83 -15.26
C LYS A 511 1.97 -12.17 -16.65
N ILE A 512 0.97 -13.03 -16.73
CA ILE A 512 0.32 -13.28 -18.00
C ILE A 512 -0.30 -12.01 -18.55
N ALA A 513 -0.92 -11.22 -17.66
CA ALA A 513 -1.57 -9.99 -18.10
C ALA A 513 -0.55 -9.01 -18.68
N GLU A 514 0.55 -8.78 -17.95
CA GLU A 514 1.57 -7.90 -18.49
C GLU A 514 2.17 -8.47 -19.77
N ALA A 515 2.32 -9.79 -19.84
CA ALA A 515 2.87 -10.41 -21.03
C ALA A 515 1.98 -10.14 -22.24
N ILE A 516 0.67 -10.34 -22.09
CA ILE A 516 -0.22 -10.13 -23.22
C ILE A 516 -0.29 -8.66 -23.59
N LYS A 517 -0.25 -7.77 -22.59
CA LYS A 517 -0.35 -6.36 -22.95
C LYS A 517 0.94 -5.87 -23.60
N ILE A 518 2.05 -6.59 -23.41
CA ILE A 518 3.25 -6.27 -24.19
C ILE A 518 2.96 -6.35 -25.68
N ASP A 519 2.39 -7.47 -26.12
CA ASP A 519 2.12 -7.67 -27.53
C ASP A 519 0.75 -7.19 -27.97
N ASP A 520 -0.30 -7.47 -27.18
CA ASP A 520 -1.65 -7.17 -27.63
C ASP A 520 -1.92 -5.67 -27.52
N ASP A 521 -2.21 -5.07 -28.67
CA ASP A 521 -2.42 -3.63 -28.74
C ASP A 521 -3.71 -3.31 -29.47
N ALA A 522 -4.59 -4.30 -29.58
CA ALA A 522 -5.84 -4.17 -30.31
C ALA A 522 -6.76 -3.16 -29.64
N GLY A 523 -7.60 -2.52 -30.44
CA GLY A 523 -8.58 -1.59 -29.94
C GLY A 523 -9.75 -2.33 -29.32
N PRO A 524 -10.75 -1.58 -28.83
CA PRO A 524 -11.93 -2.22 -28.26
C PRO A 524 -12.65 -3.10 -29.27
N ASP A 525 -12.93 -4.34 -28.87
CA ASP A 525 -13.63 -5.32 -29.71
C ASP A 525 -12.88 -5.60 -31.01
N GLU A 526 -11.64 -6.07 -30.89
CA GLU A 526 -10.88 -6.56 -32.04
C GLU A 526 -10.24 -7.88 -31.65
N TYR A 527 -10.45 -8.90 -32.49
CA TYR A 527 -9.95 -10.23 -32.19
C TYR A 527 -8.44 -10.23 -31.98
N SER A 528 -8.00 -10.98 -30.99
CA SER A 528 -6.58 -11.14 -30.74
C SER A 528 -6.25 -12.61 -30.91
N PRO A 529 -5.05 -12.92 -31.41
CA PRO A 529 -4.64 -14.33 -31.49
C PRO A 529 -4.65 -14.93 -30.10
N ASN A 530 -4.59 -14.04 -29.12
CA ASN A 530 -4.65 -14.39 -27.72
C ASN A 530 -6.05 -14.78 -27.30
N SER A 531 -7.03 -14.68 -28.20
CA SER A 531 -8.43 -14.91 -27.89
C SER A 531 -9.07 -15.95 -28.78
N VAL A 532 -8.57 -16.09 -30.00
CA VAL A 532 -9.22 -16.89 -31.04
C VAL A 532 -9.38 -18.38 -30.69
N PRO A 533 -8.41 -19.06 -30.07
CA PRO A 533 -8.67 -20.47 -29.76
C PRO A 533 -9.81 -20.59 -28.78
N ILE A 534 -9.85 -19.68 -27.81
CA ILE A 534 -10.94 -19.64 -26.86
C ILE A 534 -12.25 -19.39 -27.58
N GLN A 535 -12.23 -18.58 -28.63
CA GLN A 535 -13.41 -18.43 -29.46
C GLN A 535 -13.83 -19.77 -30.02
N GLY A 536 -12.86 -20.58 -30.43
CA GLY A 536 -13.19 -21.94 -30.85
C GLY A 536 -13.87 -22.72 -29.75
N GLN A 537 -13.41 -22.54 -28.51
CA GLN A 537 -14.05 -23.22 -27.40
C GLN A 537 -15.49 -22.75 -27.23
N LEU A 538 -15.70 -21.45 -27.35
CA LEU A 538 -17.07 -20.92 -27.31
C LEU A 538 -17.92 -21.62 -28.35
N ALA A 539 -17.40 -21.71 -29.57
CA ALA A 539 -18.13 -22.36 -30.65
C ALA A 539 -18.49 -23.78 -30.27
N ILE A 540 -17.48 -24.57 -29.93
CA ILE A 540 -17.74 -25.99 -29.66
C ILE A 540 -18.70 -26.13 -28.50
N SER A 541 -18.55 -25.28 -27.49
CA SER A 541 -19.43 -25.32 -26.34
C SER A 541 -20.88 -25.10 -26.76
N GLN A 542 -21.13 -24.04 -27.51
CA GLN A 542 -22.52 -23.80 -27.91
C GLN A 542 -23.03 -24.87 -28.86
N LEU A 543 -22.16 -25.77 -29.32
CA LEU A 543 -22.61 -26.89 -30.10
C LEU A 543 -23.03 -28.06 -29.24
N GLU A 544 -22.70 -28.05 -27.96
CA GLU A 544 -22.76 -29.26 -27.18
C GLU A 544 -24.16 -29.54 -26.67
N THR A 545 -24.43 -30.82 -26.42
CA THR A 545 -25.64 -31.20 -25.74
C THR A 545 -25.54 -30.82 -24.27
N GLY A 546 -26.59 -30.19 -23.75
CA GLY A 546 -26.55 -29.71 -22.39
C GLY A 546 -27.86 -29.85 -21.62
N TYR A 547 -28.19 -28.83 -20.85
CA TYR A 547 -29.38 -28.85 -19.98
C TYR A 547 -30.01 -27.46 -20.02
N GLY A 548 -31.03 -27.29 -20.88
CA GLY A 548 -31.67 -26.02 -21.08
C GLY A 548 -32.03 -25.82 -22.54
N VAL A 549 -31.76 -24.63 -23.03
CA VAL A 549 -32.05 -24.29 -24.42
C VAL A 549 -30.74 -24.14 -25.17
N ARG A 550 -30.67 -24.75 -26.35
CA ARG A 550 -29.50 -24.61 -27.21
C ARG A 550 -29.78 -23.49 -28.19
N ILE A 551 -28.77 -22.64 -28.41
CA ILE A 551 -28.88 -21.49 -29.30
C ILE A 551 -27.55 -21.28 -29.99
N PHE A 552 -27.56 -21.33 -31.31
CA PHE A 552 -26.38 -21.01 -32.09
C PHE A 552 -26.15 -19.51 -32.08
N ASN A 553 -24.88 -19.11 -32.18
CA ASN A 553 -24.53 -17.71 -32.18
C ASN A 553 -23.42 -17.45 -33.21
N PRO A 554 -23.49 -16.36 -33.95
CA PRO A 554 -22.47 -16.10 -34.98
C PRO A 554 -21.12 -15.79 -34.38
N LYS A 555 -20.06 -16.13 -35.13
CA LYS A 555 -18.69 -15.95 -34.65
C LYS A 555 -18.33 -14.47 -34.59
N GLY A 556 -19.01 -13.64 -35.37
CA GLY A 556 -18.75 -12.22 -35.30
C GLY A 556 -19.00 -11.65 -33.91
N ILE A 557 -20.15 -11.99 -33.32
CA ILE A 557 -20.42 -11.49 -31.99
C ILE A 557 -19.51 -12.14 -30.97
N LEU A 558 -19.19 -13.43 -31.17
CA LEU A 558 -18.30 -14.10 -30.22
C LEU A 558 -16.92 -13.48 -30.22
N SER A 559 -16.49 -12.95 -31.35
CA SER A 559 -15.21 -12.24 -31.39
C SER A 559 -15.26 -11.02 -30.49
N LYS A 560 -16.34 -10.26 -30.57
CA LYS A 560 -16.52 -9.11 -29.70
C LYS A 560 -16.52 -9.54 -28.24
N ILE A 561 -17.27 -10.59 -27.93
CA ILE A 561 -17.36 -11.06 -26.55
C ILE A 561 -15.99 -11.47 -26.04
N ALA A 562 -15.23 -12.19 -26.87
CA ALA A 562 -13.92 -12.65 -26.45
C ALA A 562 -12.98 -11.48 -26.25
N SER A 563 -13.03 -10.49 -27.13
CA SER A 563 -12.23 -9.29 -26.94
C SER A 563 -12.57 -8.63 -25.60
N ARG A 564 -13.87 -8.49 -25.33
CA ARG A 564 -14.28 -7.89 -24.07
C ARG A 564 -13.75 -8.68 -22.88
N ALA A 565 -13.85 -10.00 -22.95
CA ALA A 565 -13.40 -10.84 -21.84
C ALA A 565 -11.90 -10.71 -21.64
N MET A 566 -11.15 -10.68 -22.73
CA MET A 566 -9.70 -10.52 -22.62
C MET A 566 -9.35 -9.17 -22.02
N GLN A 567 -9.97 -8.11 -22.53
CA GLN A 567 -9.77 -6.78 -21.97
C GLN A 567 -10.10 -6.77 -20.48
N ALA A 568 -11.15 -7.48 -20.10
CA ALA A 568 -11.54 -7.53 -18.70
C ALA A 568 -10.46 -8.21 -17.87
N PHE A 569 -9.98 -9.36 -18.33
CA PHE A 569 -8.86 -10.01 -17.68
C PHE A 569 -7.71 -9.04 -17.48
N ILE A 570 -7.46 -8.19 -18.47
CA ILE A 570 -6.45 -7.16 -18.31
C ILE A 570 -6.83 -6.22 -17.16
N GLY A 571 -8.05 -5.68 -17.20
CA GLY A 571 -8.48 -4.72 -16.21
C GLY A 571 -8.49 -5.26 -14.80
N ASP A 572 -8.91 -6.51 -14.62
CA ASP A 572 -8.74 -7.18 -13.34
C ASP A 572 -8.53 -8.66 -13.55
N PRO A 573 -7.30 -9.14 -13.39
CA PRO A 573 -7.10 -10.60 -13.38
C PRO A 573 -7.87 -11.30 -12.27
N SER A 574 -8.00 -10.71 -11.09
CA SER A 574 -8.58 -11.38 -9.93
C SER A 574 -9.89 -12.08 -10.23
N THR A 575 -10.70 -11.50 -11.13
CA THR A 575 -11.98 -12.07 -11.47
C THR A 575 -11.90 -13.56 -11.77
N ILE A 576 -10.72 -14.02 -12.20
CA ILE A 576 -10.54 -15.41 -12.61
C ILE A 576 -10.93 -16.37 -11.51
N ILE A 577 -10.66 -16.01 -10.25
CA ILE A 577 -11.02 -16.88 -9.14
C ILE A 577 -12.32 -16.47 -8.51
N THR A 578 -12.74 -15.23 -8.72
CA THR A 578 -13.99 -14.74 -8.17
C THR A 578 -15.13 -15.48 -8.82
N GLN A 579 -16.11 -15.87 -8.00
CA GLN A 579 -17.19 -16.72 -8.47
C GLN A 579 -18.07 -16.00 -9.49
N ALA A 580 -18.58 -16.78 -10.45
CA ALA A 580 -19.54 -16.38 -11.48
C ALA A 580 -19.00 -15.47 -12.57
N ALA A 581 -17.77 -15.67 -13.03
CA ALA A 581 -17.27 -14.94 -14.20
C ALA A 581 -18.15 -15.26 -15.40
N PRO A 582 -18.48 -14.28 -16.25
CA PRO A 582 -19.56 -14.50 -17.21
C PRO A 582 -19.22 -15.44 -18.34
N VAL A 583 -18.09 -15.27 -19.00
CA VAL A 583 -17.81 -16.01 -20.22
C VAL A 583 -16.42 -16.61 -20.15
N LEU A 584 -15.58 -16.03 -19.30
CA LEU A 584 -14.22 -16.48 -19.10
C LEU A 584 -14.17 -17.73 -18.26
N SER A 585 -15.29 -18.44 -18.15
CA SER A 585 -15.63 -19.25 -17.00
C SER A 585 -14.97 -20.62 -16.99
N ASP A 586 -14.82 -21.26 -18.14
CA ASP A 586 -14.23 -22.60 -18.18
C ASP A 586 -12.75 -22.51 -17.88
N LYS A 587 -12.23 -23.50 -17.15
CA LYS A 587 -10.79 -23.59 -16.98
C LYS A 587 -10.12 -23.89 -18.31
N ASN A 588 -10.77 -24.68 -19.17
CA ASN A 588 -10.18 -24.99 -20.47
C ASN A 588 -9.82 -23.74 -21.24
N ASN A 589 -10.56 -22.65 -21.00
CA ASN A 589 -10.09 -21.35 -21.45
C ASN A 589 -8.68 -21.09 -20.95
N TRP A 590 -8.47 -21.24 -19.64
CA TRP A 590 -7.17 -20.97 -19.05
C TRP A 590 -6.11 -21.90 -19.65
N ILE A 591 -6.46 -23.18 -19.78
CA ILE A 591 -5.56 -24.12 -20.41
C ILE A 591 -5.18 -23.64 -21.80
N ALA A 592 -6.18 -23.30 -22.60
CA ALA A 592 -5.93 -22.90 -23.98
C ALA A 592 -5.02 -21.69 -24.03
N LEU A 593 -5.32 -20.66 -23.26
CA LEU A 593 -4.50 -19.47 -23.31
C LEU A 593 -3.08 -19.78 -22.84
N ALA A 594 -2.97 -20.61 -21.80
CA ALA A 594 -1.66 -20.93 -21.25
C ALA A 594 -0.81 -21.60 -22.31
N GLN A 595 -1.35 -22.64 -22.95
CA GLN A 595 -0.59 -23.34 -23.96
C GLN A 595 -0.35 -22.46 -25.19
N GLY A 596 -1.25 -21.51 -25.45
CA GLY A 596 -1.12 -20.72 -26.67
C GLY A 596 -0.02 -19.69 -26.56
N VAL A 597 -0.07 -18.85 -25.53
CA VAL A 597 0.84 -17.71 -25.43
C VAL A 597 2.28 -18.15 -25.67
N LYS A 598 2.63 -19.34 -25.19
CA LYS A 598 3.96 -19.90 -25.45
C LYS A 598 4.30 -19.78 -26.92
N THR A 599 3.54 -20.45 -27.76
CA THR A 599 3.86 -20.54 -29.16
C THR A 599 3.60 -19.22 -29.87
N SER A 600 2.49 -18.57 -29.53
CA SER A 600 2.17 -17.27 -30.10
C SER A 600 3.38 -16.36 -30.01
N LEU A 601 4.07 -16.39 -28.88
CA LEU A 601 5.35 -15.73 -28.80
C LEU A 601 6.40 -16.45 -29.64
N ARG A 602 6.49 -17.76 -29.48
CA ARG A 602 7.49 -18.57 -30.16
C ARG A 602 7.57 -18.29 -31.64
N THR A 603 6.43 -18.22 -32.30
CA THR A 603 6.37 -18.10 -33.74
C THR A 603 6.41 -16.66 -34.21
N LYS A 604 7.00 -15.77 -33.42
CA LYS A 604 7.06 -14.38 -33.83
C LYS A 604 8.26 -14.14 -34.74
N SER A 605 8.11 -13.18 -35.64
CA SER A 605 9.08 -12.90 -36.68
C SER A 605 9.33 -11.39 -36.76
N LEU A 606 9.59 -10.79 -35.61
CA LEU A 606 9.85 -9.36 -35.50
C LEU A 606 8.61 -8.55 -35.89
N SER A 607 7.52 -8.84 -35.18
CA SER A 607 6.23 -8.23 -35.43
C SER A 607 6.02 -7.07 -34.47
N ALA A 608 5.50 -5.96 -34.98
CA ALA A 608 5.27 -4.77 -34.16
C ALA A 608 4.20 -3.91 -34.81
N GLY A 609 3.72 -2.91 -34.05
CA GLY A 609 2.72 -1.98 -34.54
C GLY A 609 3.27 -0.84 -35.37
N VAL A 610 2.42 -0.26 -36.22
CA VAL A 610 2.85 0.86 -37.07
C VAL A 610 2.47 2.20 -36.44
N LYS A 611 1.46 2.17 -35.55
CA LYS A 611 1.02 3.40 -34.91
C LYS A 611 2.13 4.00 -34.06
N THR A 612 2.84 3.16 -33.31
CA THR A 612 3.99 3.64 -32.55
C THR A 612 5.03 4.25 -33.47
N ALA A 613 5.18 3.69 -34.68
CA ALA A 613 6.16 4.20 -35.61
C ALA A 613 5.79 5.60 -36.09
N VAL A 614 4.54 5.78 -36.52
CA VAL A 614 4.14 7.09 -37.05
C VAL A 614 4.13 8.13 -35.93
N SER A 615 3.75 7.72 -34.73
CA SER A 615 3.85 8.64 -33.60
C SER A 615 5.30 9.01 -33.32
N LYS A 616 6.21 8.05 -33.50
CA LYS A 616 7.63 8.36 -33.39
C LYS A 616 8.01 9.40 -34.43
N LEU A 617 7.52 9.25 -35.65
CA LEU A 617 7.80 10.23 -36.68
C LEU A 617 7.36 11.62 -36.22
N SER A 618 6.14 11.72 -35.71
CA SER A 618 5.63 13.02 -35.29
C SER A 618 6.46 13.59 -34.15
N SER A 619 6.71 12.79 -33.11
CA SER A 619 7.53 13.27 -32.01
C SER A 619 8.88 13.74 -32.52
N SER A 620 9.50 12.95 -33.40
CA SER A 620 10.84 13.26 -33.86
C SER A 620 10.87 14.55 -34.66
N GLU A 621 9.89 14.75 -35.54
CA GLU A 621 9.89 15.99 -36.31
C GLU A 621 9.64 17.19 -35.39
N SER A 622 8.71 17.04 -34.46
CA SER A 622 8.46 18.12 -33.51
C SER A 622 9.72 18.50 -32.77
N ILE A 623 10.44 17.50 -32.25
CA ILE A 623 11.59 17.80 -31.42
C ILE A 623 12.75 18.28 -32.26
N GLN A 624 12.86 17.80 -33.50
CA GLN A 624 13.90 18.32 -34.37
C GLN A 624 13.66 19.78 -34.67
N ASN A 625 12.40 20.14 -34.89
CA ASN A 625 12.05 21.55 -35.00
C ASN A 625 12.44 22.30 -33.74
N TRP A 626 12.14 21.72 -32.58
CA TRP A 626 12.49 22.39 -31.34
C TRP A 626 13.99 22.65 -31.26
N THR A 627 14.77 21.61 -31.51
CA THR A 627 16.22 21.73 -31.47
C THR A 627 16.70 22.77 -32.45
N GLN A 628 16.13 22.78 -33.65
CA GLN A 628 16.58 23.72 -34.66
C GLN A 628 16.28 25.15 -34.26
N GLY A 629 15.03 25.43 -33.90
CA GLY A 629 14.71 26.75 -33.39
C GLY A 629 15.61 27.14 -32.23
N PHE A 630 15.94 26.19 -31.38
CA PHE A 630 16.88 26.42 -30.30
C PHE A 630 18.23 26.90 -30.83
N LEU A 631 18.81 26.17 -31.77
CA LEU A 631 20.03 26.61 -32.42
C LEU A 631 19.89 28.02 -32.97
N ASP A 632 18.73 28.32 -33.55
CA ASP A 632 18.52 29.63 -34.16
C ASP A 632 18.58 30.72 -33.12
N LYS A 633 17.91 30.50 -31.99
CA LYS A 633 18.00 31.44 -30.88
C LYS A 633 19.45 31.65 -30.48
N VAL A 634 20.20 30.57 -30.34
CA VAL A 634 21.62 30.68 -30.00
C VAL A 634 22.31 31.61 -30.97
N SER A 635 22.29 31.26 -32.25
CA SER A 635 22.95 32.07 -33.27
C SER A 635 22.51 33.51 -33.19
N THR A 636 21.20 33.74 -33.02
CA THR A 636 20.69 35.08 -32.84
C THR A 636 21.43 35.80 -31.74
N HIS A 637 21.65 35.12 -30.63
CA HIS A 637 22.46 35.68 -29.56
C HIS A 637 23.93 35.37 -29.72
N PHE A 638 24.33 34.78 -30.83
CA PHE A 638 25.74 34.51 -30.80
C PHE A 638 26.41 34.80 -32.14
N PRO A 639 27.48 35.58 -32.11
CA PRO A 639 28.17 35.96 -33.35
C PRO A 639 29.16 34.91 -33.81
N ALA A 640 29.25 34.77 -35.12
CA ALA A 640 30.21 33.87 -35.76
C ALA A 640 30.81 34.59 -36.96
N PRO A 641 31.95 35.28 -36.80
CA PRO A 641 32.58 36.03 -37.89
C PRO A 641 33.10 35.13 -39.00
N THR B 1 -1.10 -30.14 -58.88
CA THR B 1 -1.50 -29.48 -57.65
C THR B 1 -1.63 -30.48 -56.52
N ILE B 2 -2.05 -29.98 -55.37
CA ILE B 2 -2.39 -30.81 -54.23
C ILE B 2 -3.85 -30.55 -53.87
N ASN B 3 -4.41 -31.34 -52.96
CA ASN B 3 -5.79 -31.17 -52.53
C ASN B 3 -5.83 -30.90 -51.05
N VAL B 4 -6.49 -29.80 -50.67
CA VAL B 4 -6.80 -29.58 -49.28
C VAL B 4 -7.75 -30.63 -48.74
N THR B 5 -8.66 -31.14 -49.56
CA THR B 5 -9.55 -32.21 -49.16
C THR B 5 -8.94 -33.57 -49.41
N GLY B 6 -7.69 -33.61 -49.84
CA GLY B 6 -7.05 -34.84 -50.23
C GLY B 6 -6.38 -35.53 -49.06
N ASP B 7 -6.05 -36.78 -49.29
CA ASP B 7 -5.44 -37.63 -48.27
C ASP B 7 -3.97 -37.79 -48.61
N GLY B 8 -3.15 -37.94 -47.59
CA GLY B 8 -1.71 -37.83 -47.77
C GLY B 8 -1.31 -36.49 -47.23
N ASN B 9 -2.24 -35.54 -47.31
CA ASN B 9 -2.14 -34.35 -46.49
C ASN B 9 -2.36 -34.78 -45.05
N VAL B 10 -1.27 -34.99 -44.32
CA VAL B 10 -1.32 -35.64 -43.02
C VAL B 10 -1.50 -34.54 -41.98
N PHE B 11 -2.12 -34.89 -40.88
CA PHE B 11 -2.21 -34.02 -39.72
C PHE B 11 -1.71 -34.79 -38.51
N LYS B 12 -0.49 -34.49 -38.08
CA LYS B 12 0.03 -35.17 -36.91
C LYS B 12 0.89 -34.22 -36.10
N PRO B 13 0.27 -33.42 -35.22
CA PRO B 13 1.05 -32.52 -34.37
C PRO B 13 1.71 -33.28 -33.22
N SER B 14 2.96 -32.92 -32.95
CA SER B 14 3.71 -33.49 -31.85
C SER B 14 4.82 -32.52 -31.45
N ALA B 15 5.53 -32.86 -30.38
CA ALA B 15 6.57 -31.98 -29.86
C ALA B 15 7.66 -31.75 -30.90
N GLU B 16 7.98 -32.77 -31.69
CA GLU B 16 9.12 -32.71 -32.59
C GLU B 16 8.86 -31.80 -33.79
N THR B 17 7.59 -31.55 -34.10
CA THR B 17 7.23 -30.64 -35.17
C THR B 17 6.68 -29.32 -34.65
N SER B 18 7.00 -28.98 -33.40
CA SER B 18 6.47 -27.77 -32.81
C SER B 18 7.03 -26.55 -33.52
N SER B 19 6.14 -25.68 -33.97
CA SER B 19 6.54 -24.54 -34.77
C SER B 19 7.16 -23.45 -33.90
N THR B 20 8.10 -22.70 -34.48
CA THR B 20 8.66 -21.54 -33.82
C THR B 20 9.39 -20.73 -34.89
N ALA B 21 9.07 -19.45 -34.98
CA ALA B 21 9.71 -18.59 -35.96
C ALA B 21 11.09 -18.17 -35.46
N VAL B 22 11.64 -17.12 -36.06
CA VAL B 22 12.97 -16.60 -35.72
C VAL B 22 12.80 -15.29 -34.96
N PRO B 23 12.45 -15.36 -33.68
CA PRO B 23 12.10 -14.12 -32.97
C PRO B 23 13.23 -13.51 -32.15
N SER B 24 14.28 -14.27 -31.87
CA SER B 24 15.21 -13.84 -30.84
C SER B 24 16.60 -13.72 -31.43
N LEU B 25 17.08 -12.50 -31.53
CA LEU B 25 18.39 -12.25 -32.11
C LEU B 25 19.18 -11.32 -31.21
N SER B 26 20.46 -11.62 -31.08
CA SER B 26 21.36 -10.89 -30.20
C SER B 26 22.21 -9.94 -31.03
N LEU B 27 21.97 -8.65 -30.86
CA LEU B 27 22.78 -7.63 -31.50
C LEU B 27 23.45 -6.81 -30.40
N SER B 28 24.77 -6.71 -30.48
CA SER B 28 25.52 -6.00 -29.46
C SER B 28 26.29 -4.88 -30.12
N PRO B 29 26.06 -3.62 -29.70
CA PRO B 29 26.89 -2.52 -30.21
C PRO B 29 28.36 -2.85 -30.16
N GLY B 30 28.83 -3.42 -29.05
CA GLY B 30 30.19 -3.93 -29.03
C GLY B 30 30.44 -4.96 -30.10
N MET B 31 29.53 -5.91 -30.27
CA MET B 31 29.77 -6.98 -31.24
C MET B 31 29.52 -6.50 -32.66
N LEU B 32 28.58 -5.57 -32.83
CA LEU B 32 28.29 -5.02 -34.14
C LEU B 32 29.39 -4.06 -34.61
N ASN B 33 30.49 -3.98 -33.88
CA ASN B 33 31.65 -3.21 -34.33
C ASN B 33 32.41 -4.05 -35.34
N PRO B 34 32.86 -3.47 -36.45
CA PRO B 34 33.60 -4.24 -37.46
C PRO B 34 35.04 -4.50 -37.06
N GLY B 35 35.83 -5.04 -38.00
CA GLY B 35 37.20 -5.39 -37.68
C GLY B 35 38.09 -4.22 -37.32
N GLY B 36 37.80 -3.04 -37.85
CA GLY B 36 38.59 -1.87 -37.52
C GLY B 36 38.57 -0.79 -38.58
N VAL B 37 39.73 -0.23 -38.88
CA VAL B 37 39.82 0.86 -39.84
C VAL B 37 40.75 0.47 -40.99
N PRO B 38 40.28 0.56 -42.23
CA PRO B 38 41.19 0.36 -43.38
C PRO B 38 42.31 1.39 -43.32
N TRP B 39 43.54 0.90 -43.25
CA TRP B 39 44.71 1.74 -43.06
C TRP B 39 45.71 1.50 -44.17
N ILE B 40 46.39 2.56 -44.62
CA ILE B 40 47.38 2.43 -45.67
C ILE B 40 48.57 3.33 -45.36
N ALA B 41 49.77 2.80 -45.60
CA ALA B 41 51.00 3.54 -45.34
C ALA B 41 50.98 4.95 -45.92
N ILE B 42 51.70 5.88 -45.29
CA ILE B 42 51.73 7.25 -45.81
C ILE B 42 52.54 7.31 -47.10
N GLY B 43 53.42 6.33 -47.31
CA GLY B 43 54.29 6.34 -48.47
C GLY B 43 55.67 5.83 -48.17
N ASP B 44 56.01 5.76 -46.88
CA ASP B 44 57.29 5.24 -46.43
C ASP B 44 57.23 3.72 -46.33
N GLU B 45 58.41 3.09 -46.22
CA GLU B 45 58.49 1.63 -46.20
C GLU B 45 59.36 1.15 -45.05
N THR B 46 58.91 0.07 -44.43
CA THR B 46 59.73 -0.78 -43.55
C THR B 46 60.44 0.03 -42.46
N SER B 47 59.84 1.16 -42.08
CA SER B 47 60.48 2.05 -41.13
C SER B 47 59.46 2.60 -40.14
N VAL B 48 58.51 1.77 -39.74
CA VAL B 48 57.35 2.25 -39.00
C VAL B 48 57.75 2.70 -37.60
N THR B 49 57.84 4.01 -37.42
CA THR B 49 58.04 4.59 -36.10
C THR B 49 56.91 5.54 -35.73
N SER B 50 56.65 6.49 -36.61
CA SER B 50 55.76 7.59 -36.29
C SER B 50 54.30 7.21 -36.50
N PRO B 51 53.38 7.90 -35.84
CA PRO B 51 51.96 7.68 -36.13
C PRO B 51 51.50 8.38 -37.40
N GLY B 52 52.17 9.47 -37.79
CA GLY B 52 51.86 10.09 -39.07
C GLY B 52 52.27 9.24 -40.25
N ALA B 53 53.11 8.24 -40.03
CA ALA B 53 53.62 7.36 -41.08
C ALA B 53 52.53 6.54 -41.76
N LEU B 54 51.28 6.69 -41.35
CA LEU B 54 50.16 6.00 -41.97
C LEU B 54 49.16 7.04 -42.48
N ARG B 55 48.07 6.55 -43.06
CA ARG B 55 47.07 7.44 -43.62
C ARG B 55 45.83 6.66 -44.02
N ARG B 56 44.82 7.41 -44.45
CA ARG B 56 43.47 6.95 -44.74
C ARG B 56 43.37 6.30 -46.11
N MET B 57 42.82 5.09 -46.16
CA MET B 57 42.47 4.50 -47.45
C MET B 57 41.25 5.21 -48.02
N THR B 58 41.34 5.64 -49.27
CA THR B 58 40.28 6.41 -49.91
C THR B 58 39.46 5.54 -50.84
N SER B 59 38.17 5.86 -50.91
CA SER B 59 37.27 5.13 -51.80
C SER B 59 37.58 5.43 -53.25
N LYS B 60 38.28 6.53 -53.51
CA LYS B 60 38.52 6.99 -54.87
C LYS B 60 39.65 6.17 -55.47
N ASP B 61 39.87 4.98 -54.90
CA ASP B 61 40.87 4.04 -55.35
C ASP B 61 40.26 2.78 -55.94
N ILE B 62 38.94 2.71 -56.03
CA ILE B 62 38.27 1.52 -56.54
C ILE B 62 37.16 1.87 -57.51
N ASP B 63 35.11 12.38 -48.88
CA ASP B 63 34.97 11.01 -49.37
C ASP B 63 34.54 10.09 -48.26
N GLU B 64 33.69 9.11 -48.59
CA GLU B 64 33.51 8.09 -47.57
C GLU B 64 34.82 7.34 -47.39
N PRO B 65 35.34 7.32 -46.19
CA PRO B 65 36.40 6.35 -45.90
C PRO B 65 35.80 4.96 -45.93
N LEU B 66 36.63 3.94 -45.87
CA LEU B 66 36.13 2.59 -46.01
C LEU B 66 35.92 1.99 -44.62
N VAL B 67 35.21 0.86 -44.57
CA VAL B 67 34.95 0.25 -43.28
C VAL B 67 35.21 -1.25 -43.36
N VAL B 68 36.05 -1.72 -42.45
CA VAL B 68 36.35 -3.14 -42.31
C VAL B 68 35.06 -3.88 -41.93
N VAL B 69 35.09 -5.20 -42.03
CA VAL B 69 33.90 -6.00 -41.72
C VAL B 69 34.25 -7.11 -40.73
N THR B 70 33.28 -7.45 -39.88
CA THR B 70 33.34 -8.57 -38.96
C THR B 70 32.39 -9.68 -39.40
N GLU B 71 32.89 -10.92 -39.35
CA GLU B 71 32.11 -12.08 -39.72
C GLU B 71 30.79 -12.15 -38.95
N HIS B 72 30.77 -11.57 -37.76
CA HIS B 72 29.61 -11.67 -36.89
C HIS B 72 28.38 -11.09 -37.55
N ALA B 73 28.41 -9.80 -37.88
CA ALA B 73 27.26 -9.16 -38.50
C ALA B 73 26.92 -9.82 -39.82
N ILE B 74 27.92 -10.30 -40.53
CA ILE B 74 27.68 -11.02 -41.78
C ILE B 74 26.76 -12.20 -41.52
N ALA B 75 27.13 -13.04 -40.54
CA ALA B 75 26.30 -14.19 -40.21
C ALA B 75 24.94 -13.75 -39.72
N ASN B 76 24.90 -12.64 -38.97
CA ASN B 76 23.63 -12.11 -38.52
C ASN B 76 22.71 -11.83 -39.69
N PHE B 77 23.22 -11.14 -40.70
CA PHE B 77 22.44 -10.87 -41.89
C PHE B 77 22.09 -12.16 -42.61
N THR B 78 23.02 -13.10 -42.63
CA THR B 78 22.80 -14.38 -43.29
C THR B 78 21.60 -15.08 -42.70
N LYS B 79 21.48 -15.06 -41.38
CA LYS B 79 20.34 -15.70 -40.74
C LYS B 79 19.10 -14.82 -40.86
N ALA B 80 19.27 -13.50 -40.87
CA ALA B 80 18.12 -12.61 -40.93
C ALA B 80 17.40 -12.73 -42.26
N GLU B 81 18.14 -12.63 -43.36
CA GLU B 81 17.56 -12.71 -44.69
C GLU B 81 16.66 -13.92 -44.82
N MET B 82 16.96 -14.99 -44.10
CA MET B 82 16.10 -16.16 -44.11
C MET B 82 14.71 -15.80 -43.63
N ALA B 83 14.62 -15.03 -42.54
CA ALA B 83 13.32 -14.59 -42.05
C ALA B 83 12.53 -13.92 -43.15
N LEU B 84 13.14 -12.97 -43.84
CA LEU B 84 12.52 -12.33 -44.98
C LEU B 84 12.05 -13.36 -45.99
N GLU B 85 12.91 -14.34 -46.28
CA GLU B 85 12.66 -15.33 -47.30
C GLU B 85 11.42 -16.16 -47.01
N PHE B 86 10.91 -16.11 -45.78
CA PHE B 86 9.76 -16.91 -45.42
C PHE B 86 8.53 -16.58 -46.24
N ASN B 87 8.50 -15.44 -46.91
CA ASN B 87 7.33 -15.05 -47.66
C ASN B 87 7.68 -14.68 -49.09
N ARG B 88 8.93 -14.95 -49.48
CA ARG B 88 9.40 -14.65 -50.83
C ARG B 88 8.35 -14.95 -51.88
N GLU B 89 7.74 -16.11 -51.80
CA GLU B 89 6.69 -16.49 -52.72
C GLU B 89 5.59 -15.43 -52.77
N PHE B 90 5.05 -15.06 -51.61
CA PHE B 90 3.92 -14.15 -51.57
C PHE B 90 4.35 -12.76 -52.02
N LEU B 91 5.58 -12.39 -51.70
CA LEU B 91 6.12 -11.11 -52.15
C LEU B 91 6.16 -11.07 -53.66
N ASP B 92 6.59 -12.16 -54.29
CA ASP B 92 6.47 -12.27 -55.74
C ASP B 92 5.01 -12.14 -56.15
N LYS B 93 4.13 -12.81 -55.40
CA LYS B 93 2.69 -12.63 -55.61
C LYS B 93 2.26 -11.20 -55.37
N LEU B 94 3.06 -10.40 -54.69
CA LEU B 94 2.80 -8.99 -54.59
C LEU B 94 3.30 -8.21 -55.78
N ARG B 95 3.51 -8.87 -56.92
CA ARG B 95 3.98 -8.23 -58.13
C ARG B 95 5.24 -7.43 -57.84
N VAL B 96 6.11 -7.94 -56.96
CA VAL B 96 7.19 -7.08 -56.49
C VAL B 96 8.41 -7.83 -55.97
N LEU B 97 9.59 -7.27 -56.25
CA LEU B 97 10.85 -7.52 -55.56
C LEU B 97 11.27 -8.98 -55.42
N SER B 98 11.57 -9.63 -56.55
CA SER B 98 12.26 -10.91 -56.53
C SER B 98 13.77 -10.77 -56.37
N VAL B 99 14.25 -9.61 -55.93
CA VAL B 99 15.68 -9.33 -55.87
C VAL B 99 16.29 -10.16 -54.75
N SER B 100 17.43 -10.75 -55.02
CA SER B 100 18.14 -11.50 -54.01
C SER B 100 19.03 -10.57 -53.21
N PRO B 101 19.11 -10.77 -51.90
CA PRO B 101 19.94 -9.91 -51.04
C PRO B 101 21.35 -10.40 -50.79
N LYS B 102 21.90 -11.30 -51.60
CA LYS B 102 23.18 -11.92 -51.30
C LYS B 102 24.25 -10.90 -50.89
N TYR B 103 24.85 -11.14 -49.73
CA TYR B 103 25.53 -10.07 -49.01
C TYR B 103 27.01 -10.00 -49.39
N SER B 104 27.72 -11.13 -49.26
CA SER B 104 29.15 -11.20 -49.51
C SER B 104 29.56 -10.43 -50.74
N ASP B 105 28.67 -10.36 -51.72
CA ASP B 105 28.90 -9.58 -52.92
C ASP B 105 29.32 -8.16 -52.57
N LEU B 106 28.57 -7.52 -51.66
CA LEU B 106 28.90 -6.19 -51.20
C LEU B 106 30.29 -6.09 -50.60
N LEU B 107 30.86 -7.21 -50.18
CA LEU B 107 32.08 -7.21 -49.40
C LEU B 107 33.30 -7.28 -50.30
N THR B 108 34.37 -6.62 -49.89
CA THR B 108 35.61 -6.63 -50.65
C THR B 108 36.75 -7.11 -49.75
N TYR B 109 37.29 -8.27 -50.07
CA TYR B 109 38.49 -8.75 -49.37
C TYR B 109 39.68 -7.93 -49.81
N VAL B 110 40.45 -7.47 -48.83
CA VAL B 110 41.56 -6.56 -49.10
C VAL B 110 42.73 -6.91 -48.21
N ASP B 111 43.91 -6.40 -48.59
CA ASP B 111 45.14 -6.59 -47.83
C ASP B 111 45.71 -5.23 -47.45
N CYS B 112 45.80 -4.97 -46.15
CA CYS B 112 46.32 -3.68 -45.69
C CYS B 112 46.56 -3.64 -44.19
N TYR B 113 46.91 -2.45 -43.68
CA TYR B 113 46.92 -2.23 -42.25
C TYR B 113 45.53 -1.89 -41.78
N VAL B 114 45.26 -2.21 -40.53
CA VAL B 114 43.96 -1.96 -39.91
C VAL B 114 44.18 -1.72 -38.44
N GLY B 115 43.39 -0.82 -37.88
CA GLY B 115 43.49 -0.56 -36.47
C GLY B 115 42.79 0.73 -36.16
N VAL B 116 42.32 0.82 -34.92
CA VAL B 116 41.73 2.09 -34.50
C VAL B 116 42.76 3.20 -34.61
N SER B 117 43.94 3.00 -34.03
CA SER B 117 45.01 3.97 -34.20
C SER B 117 45.98 3.49 -35.27
N ALA B 118 46.59 4.45 -35.94
CA ALA B 118 47.77 4.15 -36.73
C ALA B 118 48.81 3.47 -35.87
N ARG B 119 48.94 3.91 -34.62
CA ARG B 119 49.81 3.23 -33.68
C ARG B 119 49.35 1.80 -33.48
N GLN B 120 48.04 1.59 -33.47
CA GLN B 120 47.54 0.22 -33.47
C GLN B 120 47.79 -0.45 -34.81
N ALA B 121 47.35 0.18 -35.89
CA ALA B 121 47.35 -0.46 -37.20
C ALA B 121 48.75 -0.94 -37.58
N LEU B 122 49.77 -0.20 -37.16
CA LEU B 122 51.13 -0.56 -37.54
C LEU B 122 51.52 -1.92 -36.99
N ASN B 123 51.19 -2.18 -35.73
CA ASN B 123 51.36 -3.49 -35.12
C ASN B 123 50.21 -4.41 -35.49
N ASN B 124 49.37 -3.98 -36.43
CA ASN B 124 48.13 -4.66 -36.73
C ASN B 124 47.95 -4.82 -38.23
N PHE B 125 48.99 -5.25 -38.92
CA PHE B 125 48.87 -5.51 -40.34
C PHE B 125 48.23 -6.87 -40.58
N GLN B 126 47.20 -6.88 -41.41
CA GLN B 126 46.46 -8.10 -41.70
C GLN B 126 46.24 -8.20 -43.20
N LYS B 127 45.58 -9.29 -43.62
CA LYS B 127 45.45 -9.65 -45.03
C LYS B 127 44.04 -10.12 -45.32
N GLN B 128 43.48 -9.66 -46.44
CA GLN B 128 42.26 -10.22 -47.02
C GLN B 128 41.12 -10.26 -46.00
N VAL B 129 40.62 -9.08 -45.68
CA VAL B 129 39.44 -8.93 -44.84
C VAL B 129 38.40 -8.17 -45.65
N PRO B 130 37.11 -8.43 -45.48
CA PRO B 130 36.11 -7.67 -46.22
C PRO B 130 35.97 -6.26 -45.69
N VAL B 131 35.70 -5.34 -46.60
CA VAL B 131 35.52 -3.92 -46.34
C VAL B 131 34.48 -3.44 -47.33
N ILE B 132 33.78 -2.36 -46.98
CA ILE B 132 32.75 -1.80 -47.87
C ILE B 132 32.71 -0.29 -47.70
N THR B 133 31.89 0.37 -48.55
CA THR B 133 31.35 1.70 -48.46
C THR B 133 30.07 1.68 -47.63
N PRO B 134 29.95 2.62 -46.70
CA PRO B 134 28.75 2.64 -45.85
C PRO B 134 27.45 2.77 -46.62
N THR B 135 27.47 3.50 -47.73
CA THR B 135 26.24 3.78 -48.44
C THR B 135 25.74 2.56 -49.20
N ARG B 136 26.65 1.74 -49.72
CA ARG B 136 26.19 0.51 -50.34
C ARG B 136 25.51 -0.38 -49.32
N GLN B 137 26.13 -0.52 -48.16
CA GLN B 137 25.47 -1.13 -47.02
C GLN B 137 24.14 -0.46 -46.72
N THR B 138 24.06 0.85 -46.92
CA THR B 138 22.85 1.58 -46.58
C THR B 138 21.70 1.15 -47.47
N MET B 139 21.94 1.13 -48.78
CA MET B 139 20.93 0.64 -49.71
C MET B 139 20.61 -0.83 -49.45
N TYR B 140 21.63 -1.61 -49.12
CA TYR B 140 21.44 -2.97 -48.64
C TYR B 140 20.35 -3.02 -47.59
N VAL B 141 20.55 -2.27 -46.51
CA VAL B 141 19.53 -2.11 -45.50
C VAL B 141 18.20 -1.76 -46.14
N ASP B 142 18.15 -0.62 -46.81
CA ASP B 142 16.90 -0.08 -47.34
C ASP B 142 16.11 -1.12 -48.10
N SER B 143 16.79 -1.94 -48.89
CA SER B 143 16.17 -3.09 -49.50
C SER B 143 15.58 -4.02 -48.47
N ILE B 144 16.39 -4.39 -47.47
CA ILE B 144 15.86 -5.25 -46.41
C ILE B 144 14.63 -4.62 -45.79
N GLN B 145 14.61 -3.29 -45.74
CA GLN B 145 13.54 -2.56 -45.10
C GLN B 145 12.26 -2.67 -45.89
N ALA B 146 12.34 -2.41 -47.20
CA ALA B 146 11.19 -2.63 -48.05
C ALA B 146 10.70 -4.07 -47.90
N ALA B 147 11.63 -5.02 -47.89
CA ALA B 147 11.26 -6.42 -47.78
C ALA B 147 10.44 -6.67 -46.52
N LEU B 148 10.96 -6.26 -45.38
CA LEU B 148 10.27 -6.52 -44.13
C LEU B 148 8.94 -5.80 -44.06
N LYS B 149 8.90 -4.53 -44.47
CA LYS B 149 7.66 -3.77 -44.35
C LYS B 149 6.58 -4.35 -45.25
N ALA B 150 6.97 -5.07 -46.30
CA ALA B 150 5.98 -5.70 -47.18
C ALA B 150 5.12 -6.70 -46.42
N LEU B 151 5.50 -7.05 -45.20
CA LEU B 151 4.91 -8.19 -44.53
C LEU B 151 3.84 -7.81 -43.50
N GLU B 152 3.26 -6.63 -43.60
CA GLU B 152 2.37 -6.10 -42.57
C GLU B 152 1.24 -7.05 -42.18
N LYS B 153 0.38 -7.42 -43.12
CA LYS B 153 -0.82 -8.17 -42.77
C LYS B 153 -0.58 -9.67 -42.80
N TRP B 154 0.40 -10.10 -43.61
CA TRP B 154 0.60 -11.51 -43.88
C TRP B 154 0.84 -12.30 -42.59
N GLU B 155 1.95 -12.03 -41.91
CA GLU B 155 2.27 -12.79 -40.71
C GLU B 155 1.30 -12.47 -39.58
N ILE B 156 0.77 -11.25 -39.56
CA ILE B 156 -0.23 -10.92 -38.55
C ILE B 156 -1.38 -11.92 -38.60
N ASP B 157 -2.04 -12.00 -39.75
CA ASP B 157 -3.11 -12.98 -39.89
C ASP B 157 -2.58 -14.38 -39.65
N LEU B 158 -1.41 -14.69 -40.18
CA LEU B 158 -0.89 -16.05 -40.07
C LEU B 158 -0.79 -16.49 -38.62
N ARG B 159 -0.13 -15.71 -37.79
CA ARG B 159 -0.13 -16.01 -36.37
C ARG B 159 -1.55 -16.07 -35.84
N VAL B 160 -2.35 -15.04 -36.09
CA VAL B 160 -3.77 -15.13 -35.75
C VAL B 160 -4.36 -16.41 -36.27
N ALA B 161 -4.08 -16.75 -37.53
CA ALA B 161 -4.57 -18.01 -38.06
C ALA B 161 -4.07 -19.20 -37.26
N GLN B 162 -2.77 -19.44 -37.28
CA GLN B 162 -2.27 -20.63 -36.61
C GLN B 162 -2.58 -20.65 -35.12
N THR B 163 -2.72 -19.48 -34.50
CA THR B 163 -3.03 -19.40 -33.08
C THR B 163 -4.50 -19.69 -32.79
N LEU B 164 -5.24 -20.21 -33.74
CA LEU B 164 -6.63 -20.58 -33.48
C LEU B 164 -6.77 -21.89 -32.75
N LEU B 165 -5.71 -22.63 -32.53
CA LEU B 165 -5.85 -24.07 -32.32
C LEU B 165 -4.57 -24.62 -31.75
N PRO B 166 -4.64 -25.78 -31.08
CA PRO B 166 -3.41 -26.42 -30.60
C PRO B 166 -2.59 -26.95 -31.75
N THR B 167 -1.30 -26.67 -31.73
CA THR B 167 -0.39 -27.18 -32.74
C THR B 167 0.80 -27.85 -32.07
N ASN B 168 1.18 -27.34 -30.91
CA ASN B 168 2.43 -27.71 -30.25
C ASN B 168 2.14 -28.22 -28.86
N VAL B 169 2.42 -29.50 -28.63
CA VAL B 169 2.29 -30.10 -27.31
C VAL B 169 3.70 -30.33 -26.78
N PRO B 170 3.94 -30.10 -25.48
CA PRO B 170 5.29 -30.39 -24.95
C PRO B 170 5.76 -31.81 -25.21
N ILE B 171 4.87 -32.80 -25.13
CA ILE B 171 5.23 -34.19 -25.34
C ILE B 171 4.04 -34.93 -25.92
N GLY B 172 4.33 -35.84 -26.85
CA GLY B 172 3.29 -36.74 -27.34
C GLY B 172 2.74 -36.32 -28.70
N GLU B 173 1.73 -37.06 -29.13
CA GLU B 173 1.15 -36.83 -30.45
C GLU B 173 -0.36 -37.01 -30.36
N VAL B 174 -1.06 -36.21 -31.14
CA VAL B 174 -2.51 -36.23 -31.20
C VAL B 174 -2.91 -36.05 -32.66
N SER B 175 -4.13 -36.46 -33.00
CA SER B 175 -4.55 -36.32 -34.38
C SER B 175 -6.07 -36.35 -34.49
N CYS B 176 -6.56 -35.83 -35.62
CA CYS B 176 -7.97 -35.72 -36.00
C CYS B 176 -8.10 -35.64 -37.52
N PRO B 177 -9.23 -36.02 -38.09
CA PRO B 177 -9.36 -36.02 -39.56
C PRO B 177 -9.36 -34.61 -40.11
N MET B 178 -8.59 -34.41 -41.18
CA MET B 178 -8.41 -33.10 -41.78
C MET B 178 -9.71 -32.52 -42.31
N GLN B 179 -10.67 -33.38 -42.61
CA GLN B 179 -11.93 -32.88 -43.14
C GLN B 179 -12.61 -31.96 -42.13
N SER B 180 -12.81 -32.45 -40.91
CA SER B 180 -13.36 -31.61 -39.86
C SER B 180 -12.42 -30.45 -39.56
N VAL B 181 -11.12 -30.65 -39.79
CA VAL B 181 -10.17 -29.54 -39.64
C VAL B 181 -10.56 -28.38 -40.52
N VAL B 182 -10.52 -28.57 -41.83
CA VAL B 182 -10.86 -27.47 -42.73
C VAL B 182 -12.27 -27.00 -42.48
N LYS B 183 -13.16 -27.90 -42.07
CA LYS B 183 -14.48 -27.50 -41.59
C LYS B 183 -14.37 -26.34 -40.62
N LEU B 184 -13.76 -26.59 -39.46
CA LEU B 184 -13.71 -25.55 -38.43
C LEU B 184 -12.90 -24.36 -38.90
N LEU B 185 -11.90 -24.61 -39.76
CA LEU B 185 -11.13 -23.50 -40.31
C LEU B 185 -12.06 -22.49 -40.96
N ASP B 186 -12.74 -22.91 -42.02
CA ASP B 186 -13.67 -22.01 -42.68
C ASP B 186 -14.72 -21.50 -41.72
N ASP B 187 -15.13 -22.34 -40.76
CA ASP B 187 -16.08 -21.93 -39.75
C ASP B 187 -15.59 -20.73 -38.97
N GLN B 188 -14.30 -20.60 -38.80
CA GLN B 188 -13.75 -19.67 -37.82
C GLN B 188 -13.03 -18.49 -38.43
N LEU B 189 -12.38 -18.66 -39.57
CA LEU B 189 -11.61 -17.56 -40.13
C LEU B 189 -12.52 -16.38 -40.43
N PRO B 190 -12.04 -15.17 -40.27
CA PRO B 190 -12.82 -14.00 -40.69
C PRO B 190 -12.87 -13.91 -42.20
N ASP B 191 -13.81 -13.11 -42.71
CA ASP B 191 -14.00 -12.96 -44.14
C ASP B 191 -12.74 -12.52 -44.88
N ASP B 192 -11.92 -11.68 -44.25
CA ASP B 192 -10.75 -11.11 -44.91
C ASP B 192 -9.53 -12.01 -44.83
N SER B 193 -9.73 -13.29 -44.54
CA SER B 193 -8.62 -14.23 -44.52
C SER B 193 -8.09 -14.38 -45.94
N LEU B 194 -6.91 -13.81 -46.19
CA LEU B 194 -6.34 -13.83 -47.54
C LEU B 194 -6.23 -15.23 -48.11
N ILE B 195 -6.02 -16.24 -47.25
CA ILE B 195 -6.12 -17.62 -47.70
C ILE B 195 -7.42 -17.86 -48.42
N ARG B 196 -8.52 -17.31 -47.89
CA ARG B 196 -9.80 -17.43 -48.58
C ARG B 196 -9.73 -16.82 -49.97
N ARG B 197 -8.60 -16.21 -50.29
CA ARG B 197 -8.21 -15.90 -51.66
C ARG B 197 -6.91 -16.57 -52.04
N TYR B 198 -6.01 -16.80 -51.09
CA TYR B 198 -4.67 -17.29 -51.37
C TYR B 198 -4.37 -18.54 -50.55
N PRO B 199 -5.01 -19.66 -50.88
CA PRO B 199 -4.92 -20.84 -50.02
C PRO B 199 -3.56 -21.51 -49.95
N LYS B 200 -3.07 -22.01 -51.09
CA LYS B 200 -1.85 -22.83 -51.08
C LYS B 200 -0.68 -22.02 -50.57
N GLU B 201 -0.70 -20.72 -50.85
CA GLU B 201 0.25 -19.80 -50.25
C GLU B 201 0.31 -20.00 -48.75
N ALA B 202 -0.83 -19.89 -48.09
CA ALA B 202 -0.84 -20.03 -46.64
C ALA B 202 -0.48 -21.44 -46.22
N ALA B 203 -0.96 -22.43 -46.96
CA ALA B 203 -0.65 -23.81 -46.61
C ALA B 203 0.85 -24.04 -46.57
N VAL B 204 1.55 -23.66 -47.64
CA VAL B 204 2.99 -23.86 -47.71
C VAL B 204 3.68 -22.99 -46.68
N ALA B 205 3.13 -21.81 -46.40
CA ALA B 205 3.67 -20.97 -45.34
C ALA B 205 3.67 -21.71 -44.02
N LEU B 206 2.56 -22.39 -43.73
CA LEU B 206 2.49 -23.22 -42.53
C LEU B 206 3.53 -24.31 -42.57
N ALA B 207 3.68 -24.95 -43.73
CA ALA B 207 4.64 -26.04 -43.86
C ALA B 207 6.06 -25.58 -43.59
N LYS B 208 6.32 -24.28 -43.68
CA LYS B 208 7.67 -23.77 -43.53
C LYS B 208 8.22 -23.98 -42.13
N ARG B 209 7.42 -23.72 -41.10
CA ARG B 209 7.91 -23.78 -39.74
C ARG B 209 7.21 -24.84 -38.89
N ASN B 210 6.16 -25.47 -39.41
CA ASN B 210 5.50 -26.55 -38.70
C ASN B 210 5.13 -27.65 -39.69
N GLY B 211 4.84 -28.83 -39.14
CA GLY B 211 4.39 -29.95 -39.93
C GLY B 211 3.35 -30.78 -39.20
N GLY B 212 2.77 -30.23 -38.13
CA GLY B 212 1.68 -30.91 -37.44
C GLY B 212 0.60 -31.27 -38.42
N ILE B 213 0.42 -30.40 -39.40
CA ILE B 213 -0.25 -30.77 -40.65
C ILE B 213 0.81 -31.10 -41.68
N GLN B 214 0.54 -32.11 -42.48
CA GLN B 214 1.47 -32.52 -43.52
C GLN B 214 0.69 -32.55 -44.83
N TRP B 215 1.39 -32.79 -45.92
CA TRP B 215 0.79 -32.65 -47.24
C TRP B 215 1.37 -33.65 -48.23
N MET B 216 0.64 -33.84 -49.32
CA MET B 216 1.00 -34.76 -50.38
C MET B 216 0.50 -34.21 -51.70
N ASP B 217 1.34 -34.29 -52.73
CA ASP B 217 0.93 -33.91 -54.08
C ASP B 217 0.20 -35.07 -54.75
N VAL B 218 -0.73 -34.71 -55.64
CA VAL B 218 -1.47 -35.73 -56.38
C VAL B 218 -0.52 -36.59 -57.20
N SER B 219 0.57 -36.00 -57.67
CA SER B 219 1.57 -36.79 -58.39
C SER B 219 2.34 -37.69 -57.43
N GLU B 220 2.63 -37.19 -56.24
CA GLU B 220 3.48 -37.92 -55.32
C GLU B 220 2.65 -38.80 -54.39
N GLY B 221 3.33 -39.53 -53.51
CA GLY B 221 2.70 -40.24 -52.43
C GLY B 221 3.49 -40.00 -51.17
N THR B 222 4.54 -39.18 -51.30
CA THR B 222 5.42 -38.91 -50.18
C THR B 222 4.88 -37.78 -49.32
N VAL B 223 5.19 -37.86 -48.04
CA VAL B 223 4.78 -36.85 -47.06
C VAL B 223 5.95 -36.58 -46.13
N MET B 224 6.23 -35.31 -45.86
CA MET B 224 7.30 -34.94 -44.95
C MET B 224 7.08 -33.51 -44.49
N ASN B 225 7.64 -33.21 -43.32
CA ASN B 225 7.60 -31.86 -42.79
C ASN B 225 8.83 -31.09 -43.23
N GLU B 226 8.74 -29.76 -43.17
CA GLU B 226 9.88 -28.89 -43.39
C GLU B 226 10.04 -28.01 -42.16
N ALA B 227 11.06 -28.32 -41.34
CA ALA B 227 11.41 -27.49 -40.20
C ALA B 227 12.92 -27.32 -40.20
N VAL B 228 13.36 -26.06 -40.13
CA VAL B 228 14.75 -25.71 -40.40
C VAL B 228 15.63 -25.86 -39.18
N ASN B 229 15.08 -25.76 -37.98
CA ASN B 229 15.90 -25.83 -36.78
C ASN B 229 15.29 -26.83 -35.81
N ALA B 230 14.89 -27.98 -36.33
CA ALA B 230 14.43 -29.05 -35.46
C ALA B 230 15.45 -29.34 -34.38
N VAL B 231 16.74 -29.19 -34.71
CA VAL B 231 17.78 -29.29 -33.68
C VAL B 231 17.55 -28.23 -32.61
N ALA B 232 17.34 -26.98 -33.02
CA ALA B 232 16.93 -25.97 -32.06
C ALA B 232 15.58 -26.34 -31.47
N ALA B 233 14.66 -26.81 -32.32
CA ALA B 233 13.40 -27.31 -31.80
C ALA B 233 13.60 -28.52 -30.91
N SER B 234 14.74 -29.21 -31.07
CA SER B 234 15.06 -30.27 -30.13
C SER B 234 15.66 -29.70 -28.86
N ALA B 235 16.54 -28.70 -28.99
CA ALA B 235 17.14 -28.06 -27.82
C ALA B 235 16.10 -27.51 -26.86
N LEU B 236 14.90 -27.22 -27.35
CA LEU B 236 13.80 -26.76 -26.54
C LEU B 236 12.77 -27.86 -26.24
N ALA B 237 13.21 -29.12 -26.14
CA ALA B 237 12.24 -30.19 -25.97
C ALA B 237 12.39 -30.87 -24.62
N PRO B 238 11.28 -31.28 -24.01
CA PRO B 238 11.38 -32.08 -22.79
C PRO B 238 11.63 -33.54 -23.11
N SER B 239 12.51 -34.16 -22.35
CA SER B 239 12.81 -35.57 -22.55
C SER B 239 11.70 -36.41 -21.92
N ALA B 240 11.89 -37.72 -21.89
CA ALA B 240 10.96 -38.59 -21.18
C ALA B 240 11.27 -38.54 -19.69
N SER B 241 12.32 -37.81 -19.34
CA SER B 241 12.73 -37.71 -17.94
C SER B 241 13.21 -36.31 -17.59
N ALA B 242 13.11 -35.37 -18.52
CA ALA B 242 13.71 -34.05 -18.31
C ALA B 242 12.99 -33.05 -19.18
N PRO B 243 13.04 -31.76 -18.82
CA PRO B 243 12.43 -30.73 -19.64
C PRO B 243 13.40 -30.18 -20.66
N PRO B 244 12.99 -29.18 -21.45
CA PRO B 244 13.96 -28.46 -22.27
C PRO B 244 15.03 -27.80 -21.41
N LEU B 245 16.11 -27.38 -22.08
CA LEU B 245 17.30 -26.98 -21.35
C LEU B 245 17.44 -25.46 -21.31
N GLU B 246 17.02 -24.79 -22.39
CA GLU B 246 17.12 -23.34 -22.47
C GLU B 246 16.40 -22.67 -21.31
N GLU B 247 15.34 -23.29 -20.81
CA GLU B 247 14.65 -22.75 -19.64
C GLU B 247 15.58 -22.68 -18.44
N LYS B 248 16.28 -23.78 -18.17
CA LYS B 248 17.25 -23.79 -17.08
C LYS B 248 18.35 -22.78 -17.34
N SER B 249 18.82 -22.71 -18.57
CA SER B 249 19.85 -21.75 -18.92
C SER B 249 19.41 -20.32 -18.56
N LYS B 250 18.22 -19.94 -19.00
CA LYS B 250 17.81 -18.55 -18.86
C LYS B 250 17.45 -18.22 -17.42
N LEU B 251 16.85 -19.18 -16.70
CA LEU B 251 16.61 -18.93 -15.28
C LEU B 251 17.94 -18.78 -14.56
N THR B 252 18.95 -19.54 -14.98
CA THR B 252 20.28 -19.36 -14.44
C THR B 252 20.79 -17.96 -14.71
N GLU B 253 20.65 -17.51 -15.96
CA GLU B 253 21.13 -16.19 -16.34
C GLU B 253 20.46 -15.11 -15.50
N GLN B 254 19.15 -15.17 -15.36
CA GLN B 254 18.47 -14.13 -14.60
C GLN B 254 18.80 -14.22 -13.12
N ALA B 255 19.00 -15.42 -12.59
CA ALA B 255 19.35 -15.55 -11.18
C ALA B 255 20.71 -14.91 -10.92
N MET B 256 21.70 -15.25 -11.73
CA MET B 256 22.99 -14.59 -11.57
C MET B 256 22.86 -13.09 -11.80
N ASP B 257 21.98 -12.67 -12.70
CA ASP B 257 21.73 -11.25 -12.87
C ASP B 257 21.28 -10.60 -11.57
N LEU B 258 20.29 -11.20 -10.90
CA LEU B 258 19.81 -10.62 -9.65
C LEU B 258 20.90 -10.61 -8.59
N VAL B 259 21.69 -11.68 -8.52
CA VAL B 259 22.68 -11.75 -7.44
C VAL B 259 23.82 -10.77 -7.70
N THR B 260 24.11 -10.48 -8.97
CA THR B 260 25.03 -9.40 -9.27
C THR B 260 24.41 -8.04 -8.95
N ALA B 261 23.10 -7.91 -9.15
CA ALA B 261 22.42 -6.69 -8.74
C ALA B 261 22.42 -6.56 -7.21
N ALA B 262 22.71 -7.65 -6.51
CA ALA B 262 22.76 -7.58 -5.05
C ALA B 262 24.01 -6.89 -4.53
N GLU B 263 25.19 -7.23 -5.07
CA GLU B 263 26.47 -6.65 -4.69
C GLU B 263 26.69 -6.86 -3.19
N PRO B 264 26.99 -8.10 -2.78
CA PRO B 264 27.01 -8.42 -1.34
C PRO B 264 28.03 -7.64 -0.53
N GLU B 265 29.07 -7.12 -1.20
CA GLU B 265 30.17 -6.50 -0.47
C GLU B 265 29.70 -5.35 0.40
N ILE B 266 28.73 -4.57 -0.08
CA ILE B 266 28.27 -3.41 0.69
C ILE B 266 27.32 -3.86 1.80
N ILE B 267 26.43 -4.81 1.50
CA ILE B 267 25.44 -5.24 2.48
C ILE B 267 26.05 -6.08 3.60
N ALA B 268 27.23 -6.65 3.37
CA ALA B 268 27.89 -7.47 4.38
C ALA B 268 28.93 -6.69 5.17
N SER B 269 28.88 -5.37 5.13
CA SER B 269 30.01 -4.59 5.61
C SER B 269 30.03 -4.46 7.14
N LEU B 270 31.20 -4.67 7.70
CA LEU B 270 31.60 -4.07 8.96
C LEU B 270 32.35 -2.78 8.75
N VAL B 271 33.05 -2.66 7.62
CA VAL B 271 33.86 -1.48 7.33
C VAL B 271 32.89 -0.31 7.28
N PRO B 272 33.28 0.85 7.78
CA PRO B 272 32.36 1.99 7.75
C PRO B 272 31.99 2.37 6.34
N VAL B 273 30.69 2.56 6.10
CA VAL B 273 30.16 2.78 4.77
C VAL B 273 29.60 4.20 4.67
N PRO B 274 30.14 5.05 3.81
CA PRO B 274 29.51 6.36 3.58
C PRO B 274 28.08 6.23 3.10
N ALA B 275 27.26 7.22 3.45
CA ALA B 275 25.82 7.18 3.18
C ALA B 275 25.45 7.32 1.70
N PRO B 276 25.89 8.35 0.97
CA PRO B 276 25.29 8.62 -0.36
C PRO B 276 25.41 7.47 -1.35
N VAL B 277 26.52 6.73 -1.33
CA VAL B 277 26.70 5.64 -2.28
C VAL B 277 25.83 4.44 -1.91
N PHE B 278 25.44 4.33 -0.64
CA PHE B 278 24.75 3.15 -0.17
C PHE B 278 23.22 3.35 -0.21
N ALA B 279 22.77 4.60 -0.23
CA ALA B 279 21.34 4.88 -0.15
C ALA B 279 20.63 4.59 -1.47
N ILE B 280 19.31 4.46 -1.40
CA ILE B 280 18.46 4.18 -2.56
C ILE B 280 17.31 5.20 -2.59
N PRO B 281 16.62 5.37 -3.72
CA PRO B 281 15.51 6.34 -3.77
C PRO B 281 14.39 5.96 -2.81
N PRO B 282 13.94 6.91 -1.97
CA PRO B 282 12.89 6.59 -0.99
C PRO B 282 11.48 6.91 -1.47
N LYS B 283 10.47 6.52 -0.68
CA LYS B 283 9.05 6.67 -0.98
C LYS B 283 8.33 7.48 0.10
N PRO B 284 7.19 8.09 -0.22
CA PRO B 284 6.46 8.91 0.76
C PRO B 284 5.95 8.07 1.93
N ALA B 285 5.57 8.75 3.01
CA ALA B 285 5.05 8.10 4.20
C ALA B 285 4.10 9.05 4.93
N ASP B 286 3.10 8.47 5.59
CA ASP B 286 2.08 9.25 6.28
C ASP B 286 2.24 9.14 7.80
N TYR B 287 1.85 10.21 8.50
CA TYR B 287 1.95 10.24 9.95
C TYR B 287 0.88 11.16 10.54
N ASN B 288 0.56 10.90 11.80
CA ASN B 288 -0.26 11.77 12.63
C ASN B 288 0.52 12.15 13.88
N VAL B 289 0.53 13.44 14.19
CA VAL B 289 1.36 13.96 15.26
C VAL B 289 0.81 13.70 16.64
N ARG B 290 -0.44 14.04 16.91
CA ARG B 290 -0.96 13.98 18.26
C ARG B 290 -0.82 12.59 18.86
N THR B 291 -1.04 11.55 18.06
CA THR B 291 -0.96 10.18 18.53
C THR B 291 0.39 9.80 19.10
N LEU B 292 1.40 10.64 18.92
CA LEU B 292 2.75 10.24 19.24
C LEU B 292 3.17 10.79 20.59
N LYS B 293 4.39 10.45 20.99
CA LYS B 293 5.02 10.97 22.19
C LYS B 293 6.49 11.25 21.91
N ILE B 294 6.99 12.36 22.46
CA ILE B 294 8.35 12.82 22.16
C ILE B 294 9.41 11.92 22.79
N ASP B 295 9.13 11.31 23.93
CA ASP B 295 10.00 10.29 24.48
C ASP B 295 10.23 9.13 23.53
N GLU B 296 9.43 9.05 22.46
CA GLU B 296 9.60 8.06 21.42
C GLU B 296 10.17 8.68 20.15
N ALA B 297 10.32 9.99 20.12
CA ALA B 297 10.73 10.70 18.91
C ALA B 297 11.98 11.52 19.21
N THR B 298 12.54 12.08 18.15
CA THR B 298 13.83 12.78 18.26
C THR B 298 13.83 14.03 17.39
N TRP B 299 12.65 14.48 16.95
CA TRP B 299 12.62 15.62 16.04
C TRP B 299 11.47 16.56 16.37
N LEU B 300 10.88 16.38 17.53
CA LEU B 300 9.68 17.10 17.90
C LEU B 300 9.94 17.97 19.12
N ARG B 301 9.09 18.95 19.30
CA ARG B 301 9.13 19.84 20.44
C ARG B 301 7.72 20.00 20.98
N MET B 302 7.61 20.03 22.30
CA MET B 302 6.32 20.29 22.91
C MET B 302 6.54 20.88 24.29
N ILE B 303 5.94 22.03 24.53
CA ILE B 303 5.96 22.66 25.84
C ILE B 303 5.38 21.65 26.83
N PRO B 304 5.90 21.56 28.03
CA PRO B 304 5.19 20.78 29.05
C PRO B 304 3.74 21.19 29.12
N LYS B 305 2.85 20.22 29.31
CA LYS B 305 1.44 20.53 29.44
C LYS B 305 1.11 20.88 30.87
N THR B 306 -0.04 21.49 31.08
CA THR B 306 -0.52 21.90 32.40
C THR B 306 0.52 22.78 33.09
N MET B 307 1.04 23.73 32.31
CA MET B 307 1.92 24.74 32.86
C MET B 307 1.23 26.08 33.07
N GLY B 308 -0.08 26.14 32.87
CA GLY B 308 -0.83 27.36 33.03
C GLY B 308 -0.46 28.47 32.07
N THR B 309 0.22 28.16 30.98
CA THR B 309 0.70 29.15 30.03
C THR B 309 -0.33 29.32 28.92
N LEU B 310 -0.51 30.56 28.48
CA LEU B 310 -1.29 30.85 27.28
C LEU B 310 -1.12 32.33 26.93
N PHE B 311 -0.90 32.62 25.65
CA PHE B 311 -0.52 33.95 25.23
C PHE B 311 -0.59 34.02 23.71
N GLN B 312 -1.15 35.11 23.20
CA GLN B 312 -1.34 35.26 21.77
C GLN B 312 -0.22 36.08 21.17
N ILE B 313 0.21 35.67 19.97
CA ILE B 313 1.24 36.36 19.22
C ILE B 313 0.66 36.74 17.86
N GLN B 314 1.43 37.55 17.14
CA GLN B 314 1.02 38.12 15.86
C GLN B 314 2.16 37.91 14.89
N VAL B 315 1.85 37.37 13.71
CA VAL B 315 2.86 37.05 12.70
C VAL B 315 2.33 37.39 11.33
N THR B 316 3.15 38.07 10.55
CA THR B 316 2.77 38.50 9.22
C THR B 316 3.07 37.42 8.19
N ASP B 317 2.51 37.58 7.01
CA ASP B 317 2.73 36.65 5.93
C ASP B 317 3.90 37.12 5.06
N ASN B 318 4.07 36.47 3.92
CA ASN B 318 5.02 36.93 2.91
C ASN B 318 4.75 38.36 2.45
N THR B 319 3.49 38.73 2.26
CA THR B 319 3.15 40.10 1.93
C THR B 319 2.93 40.95 3.18
N GLY B 320 3.32 40.44 4.35
CA GLY B 320 3.20 41.20 5.57
C GLY B 320 1.86 41.14 6.25
N THR B 321 0.96 40.27 5.80
CA THR B 321 -0.36 40.19 6.43
C THR B 321 -0.27 39.45 7.75
N ASN B 322 -0.59 40.15 8.84
CA ASN B 322 -0.43 39.60 10.17
C ASN B 322 -1.63 38.78 10.58
N TRP B 323 -1.41 37.89 11.53
CA TRP B 323 -2.42 36.99 12.07
C TRP B 323 -2.11 36.84 13.55
N HIS B 324 -3.10 36.46 14.32
CA HIS B 324 -3.00 36.52 15.77
C HIS B 324 -3.58 35.26 16.37
N PHE B 325 -2.77 34.59 17.20
CA PHE B 325 -3.10 33.23 17.63
C PHE B 325 -2.46 32.96 18.98
N ASN B 326 -3.17 32.21 19.81
CA ASN B 326 -2.77 31.94 21.18
C ASN B 326 -1.95 30.66 21.27
N LEU B 327 -1.11 30.59 22.29
CA LEU B 327 -0.12 29.52 22.44
C LEU B 327 -0.01 29.17 23.92
N ARG B 328 0.05 27.88 24.22
CA ARG B 328 -0.08 27.41 25.59
C ARG B 328 0.86 26.22 25.82
N GLY B 329 1.07 25.90 27.09
CA GLY B 329 1.92 24.79 27.46
C GLY B 329 1.38 23.43 27.08
N GLY B 330 2.13 22.67 26.29
CA GLY B 330 1.65 21.39 25.81
C GLY B 330 1.53 21.35 24.31
N THR B 331 1.72 22.49 23.67
CA THR B 331 1.60 22.55 22.22
C THR B 331 2.77 21.84 21.55
N ARG B 332 2.49 21.22 20.41
CA ARG B 332 3.45 20.44 19.67
C ARG B 332 3.86 21.14 18.39
N VAL B 333 5.17 21.11 18.11
CA VAL B 333 5.74 21.50 16.82
C VAL B 333 6.80 20.48 16.46
N VAL B 334 7.28 20.56 15.23
CA VAL B 334 8.43 19.78 14.79
C VAL B 334 9.63 20.71 14.75
N ASN B 335 10.77 20.23 15.24
CA ASN B 335 11.99 21.01 15.11
C ASN B 335 12.51 20.81 13.69
N LEU B 336 12.36 21.86 12.87
CA LEU B 336 12.67 21.73 11.45
C LEU B 336 14.15 21.85 11.16
N ASP B 337 14.98 21.91 12.19
CA ASP B 337 16.41 22.09 11.96
C ASP B 337 17.06 20.84 11.39
N GLN B 338 17.56 20.94 10.17
CA GLN B 338 18.36 19.90 9.54
C GLN B 338 17.57 18.59 9.42
N ILE B 339 16.51 18.66 8.60
CA ILE B 339 15.56 17.57 8.46
C ILE B 339 15.44 17.09 7.02
N ALA B 340 16.53 17.12 6.24
CA ALA B 340 16.57 16.42 4.95
C ALA B 340 15.48 16.85 3.98
N PRO B 341 15.68 17.93 3.23
CA PRO B 341 14.58 18.59 2.49
C PRO B 341 13.53 17.64 1.93
N MET B 342 12.27 17.93 2.26
CA MET B 342 11.18 17.00 2.05
C MET B 342 9.93 17.79 1.69
N ARG B 343 8.95 17.10 1.12
CA ARG B 343 7.67 17.72 0.82
C ARG B 343 6.60 17.16 1.74
N PHE B 344 5.64 18.00 2.10
CA PHE B 344 4.69 17.70 3.15
C PHE B 344 3.30 18.07 2.67
N VAL B 345 2.40 17.10 2.63
CA VAL B 345 1.05 17.36 2.16
C VAL B 345 0.08 16.84 3.22
N LEU B 346 -0.83 17.70 3.66
CA LEU B 346 -1.60 17.49 4.87
C LEU B 346 -3.07 17.41 4.54
N ASP B 347 -3.76 16.45 5.17
CA ASP B 347 -5.20 16.27 5.02
C ASP B 347 -5.82 16.12 6.41
N LEU B 348 -7.10 16.48 6.53
CA LEU B 348 -7.82 16.38 7.78
C LEU B 348 -9.28 15.96 7.60
N GLY B 349 -9.66 15.50 6.42
CA GLY B 349 -11.04 15.13 6.14
C GLY B 349 -11.73 14.31 7.21
N GLY B 350 -12.89 14.78 7.65
CA GLY B 350 -13.71 14.02 8.57
C GLY B 350 -13.37 14.16 10.04
N LYS B 351 -13.22 15.39 10.54
CA LYS B 351 -13.00 15.62 11.96
C LYS B 351 -14.01 16.66 12.46
N SER B 352 -13.95 16.97 13.76
CA SER B 352 -14.91 17.90 14.34
C SER B 352 -14.26 19.18 14.84
N TYR B 353 -13.37 19.04 15.83
CA TYR B 353 -12.64 20.15 16.44
C TYR B 353 -13.58 21.34 16.71
N LYS B 354 -14.62 21.02 17.46
CA LYS B 354 -15.69 21.97 17.73
C LYS B 354 -15.51 22.56 19.11
N GLU B 355 -15.90 23.82 19.25
CA GLU B 355 -16.01 24.44 20.56
C GLU B 355 -17.23 25.35 20.55
N THR B 356 -17.48 25.97 21.71
CA THR B 356 -18.82 26.47 22.00
C THR B 356 -19.26 27.56 21.02
N SER B 357 -18.65 28.73 21.11
CA SER B 357 -19.02 29.86 20.25
C SER B 357 -18.12 29.85 19.04
N TRP B 358 -18.44 28.97 18.10
CA TRP B 358 -17.44 28.55 17.14
C TRP B 358 -18.12 27.91 15.94
N ASP B 359 -17.44 27.96 14.82
CA ASP B 359 -17.80 27.16 13.67
C ASP B 359 -16.53 26.73 12.96
N PRO B 360 -16.30 25.42 12.80
CA PRO B 360 -15.20 24.95 11.96
C PRO B 360 -15.41 25.21 10.47
N ASN B 361 -16.61 25.58 10.06
CA ASN B 361 -16.93 25.73 8.65
C ASN B 361 -16.39 27.05 8.12
N GLY B 362 -15.74 27.00 6.96
CA GLY B 362 -15.32 28.19 6.25
C GLY B 362 -14.17 28.95 6.87
N LYS B 363 -13.59 28.47 7.95
CA LYS B 363 -12.51 29.21 8.60
C LYS B 363 -11.22 29.03 7.84
N LYS B 364 -10.13 29.46 8.48
CA LYS B 364 -8.84 29.54 7.82
C LYS B 364 -7.74 28.90 8.67
N VAL B 365 -6.98 28.01 8.04
CA VAL B 365 -5.85 27.38 8.69
C VAL B 365 -4.67 27.43 7.73
N GLY B 366 -3.46 27.43 8.28
CA GLY B 366 -2.27 27.52 7.45
C GLY B 366 -1.04 26.91 8.10
N PHE B 367 0.06 27.01 7.35
CA PHE B 367 1.37 26.55 7.78
C PHE B 367 2.16 27.73 8.32
N ILE B 368 2.84 27.53 9.43
CA ILE B 368 3.51 28.61 10.15
C ILE B 368 4.95 28.19 10.42
N VAL B 369 5.87 29.05 10.05
CA VAL B 369 7.30 28.78 10.15
C VAL B 369 7.81 29.52 11.37
N PHE B 370 8.87 28.99 11.98
CA PHE B 370 9.49 29.63 13.13
C PHE B 370 11.00 29.52 13.07
N GLN B 371 11.66 30.68 13.09
CA GLN B 371 13.12 30.78 13.12
C GLN B 371 13.51 31.57 14.36
N SER B 372 13.92 30.87 15.41
CA SER B 372 14.32 31.53 16.65
C SER B 372 15.42 30.75 17.35
N LYS B 373 16.46 31.47 17.74
CA LYS B 373 17.59 30.89 18.46
C LYS B 373 17.20 30.39 19.86
N ILE B 374 16.20 30.97 20.48
CA ILE B 374 15.84 30.66 21.85
C ILE B 374 15.34 29.21 21.87
N PRO B 375 15.70 28.41 22.86
CA PRO B 375 15.18 27.04 22.93
C PRO B 375 13.67 27.02 23.05
N PHE B 376 13.03 26.31 22.12
CA PHE B 376 11.58 26.20 22.03
C PHE B 376 10.91 26.20 23.39
N GLU B 377 11.32 25.27 24.26
CA GLU B 377 10.62 25.06 25.52
C GLU B 377 10.67 26.28 26.40
N LEU B 378 11.67 27.13 26.18
CA LEU B 378 11.81 28.34 26.97
C LEU B 378 10.87 29.44 26.51
N TRP B 379 10.23 29.27 25.36
CA TRP B 379 9.56 30.40 24.74
C TRP B 379 8.34 30.82 25.54
N THR B 380 8.20 32.12 25.71
CA THR B 380 7.04 32.67 26.41
C THR B 380 6.55 33.90 25.67
N ALA B 381 7.37 34.42 24.76
CA ALA B 381 7.06 35.70 24.14
C ALA B 381 7.55 35.71 22.71
N ALA B 382 7.07 36.71 21.96
CA ALA B 382 7.51 36.90 20.58
C ALA B 382 9.01 37.20 20.53
N SER B 383 9.54 37.80 21.59
CA SER B 383 10.99 37.87 21.73
C SER B 383 11.62 36.50 21.65
N GLN B 384 10.89 35.46 22.04
CA GLN B 384 11.41 34.10 21.99
C GLN B 384 11.00 33.37 20.73
N ILE B 385 10.18 33.97 19.86
CA ILE B 385 9.76 33.31 18.63
C ILE B 385 10.65 33.74 17.48
N GLY B 386 11.45 34.78 17.69
CA GLY B 386 12.39 35.20 16.67
C GLY B 386 11.70 35.51 15.36
N GLN B 387 12.02 34.71 14.35
CA GLN B 387 11.44 34.89 13.02
C GLN B 387 10.31 33.89 12.84
N ALA B 388 9.12 34.38 12.58
CA ALA B 388 7.98 33.55 12.24
C ALA B 388 7.25 34.20 11.07
N THR B 389 6.72 33.36 10.18
CA THR B 389 6.19 33.87 8.94
C THR B 389 5.12 32.93 8.40
N VAL B 390 4.07 33.53 7.84
CA VAL B 390 3.04 32.77 7.13
C VAL B 390 3.56 32.47 5.73
N VAL B 391 3.52 31.21 5.34
CA VAL B 391 4.00 30.82 4.01
C VAL B 391 3.01 29.99 3.23
N ASN B 392 1.92 29.54 3.85
CA ASN B 392 0.92 28.72 3.18
C ASN B 392 -0.36 28.64 3.99
N TYR B 393 -1.49 28.37 3.34
CA TYR B 393 -2.76 28.25 4.04
C TYR B 393 -3.86 27.83 3.08
N VAL B 394 -5.01 27.49 3.66
CA VAL B 394 -6.27 27.33 2.95
C VAL B 394 -7.43 27.72 3.85
N GLN B 395 -8.61 27.73 3.25
CA GLN B 395 -9.86 27.94 3.97
C GLN B 395 -10.41 26.60 4.41
N LEU B 396 -11.45 26.63 5.22
CA LEU B 396 -12.06 25.42 5.74
C LEU B 396 -13.45 25.20 5.14
N TYR B 397 -14.00 24.02 5.43
CA TYR B 397 -15.36 23.68 5.08
C TYR B 397 -15.83 22.51 5.94
N ALA B 398 -16.98 22.65 6.57
CA ALA B 398 -17.53 21.64 7.47
C ALA B 398 -18.94 21.26 7.06
N GLU B 399 -19.29 20.01 7.33
CA GLU B 399 -20.61 19.48 6.95
C GLU B 399 -21.10 18.60 8.08
N ASP B 400 -22.11 17.78 7.79
CA ASP B 400 -22.67 16.87 8.79
C ASP B 400 -22.06 15.49 8.67
N SER B 401 -21.82 14.86 9.81
CA SER B 401 -21.33 13.49 9.80
C SER B 401 -22.49 12.51 9.97
N SER B 402 -22.25 11.27 9.55
CA SER B 402 -23.26 10.22 9.63
C SER B 402 -23.65 9.89 11.06
N PHE B 403 -22.93 10.39 12.05
CA PHE B 403 -23.28 10.16 13.44
C PHE B 403 -24.07 11.36 13.91
N THR B 404 -24.99 11.12 14.84
CA THR B 404 -25.90 12.18 15.25
C THR B 404 -25.14 13.34 15.87
N ALA B 405 -25.49 14.55 15.43
CA ALA B 405 -24.91 15.79 15.94
C ALA B 405 -23.40 15.82 15.77
N GLN B 406 -22.95 15.43 14.58
CA GLN B 406 -21.52 15.33 14.31
C GLN B 406 -21.21 16.05 13.00
N SER B 407 -20.25 16.96 13.05
CA SER B 407 -19.80 17.69 11.87
C SER B 407 -18.52 17.05 11.35
N ILE B 408 -18.30 17.19 10.04
CA ILE B 408 -17.30 16.44 9.31
C ILE B 408 -16.42 17.43 8.56
N ILE B 409 -15.13 17.09 8.45
CA ILE B 409 -14.18 17.87 7.67
C ILE B 409 -14.01 17.23 6.29
N ALA B 410 -13.87 18.06 5.27
CA ALA B 410 -13.62 17.55 3.94
C ALA B 410 -12.13 17.36 3.69
N THR B 411 -11.83 16.81 2.52
CA THR B 411 -10.45 16.47 2.17
C THR B 411 -9.66 17.72 1.79
N THR B 412 -8.42 17.80 2.26
CA THR B 412 -7.50 18.87 1.92
C THR B 412 -6.11 18.30 1.60
N SER B 413 -5.28 19.13 0.97
CA SER B 413 -3.93 18.73 0.60
C SER B 413 -2.94 19.86 0.85
N LEU B 414 -3.08 20.55 1.98
CA LEU B 414 -2.24 21.73 2.21
C LEU B 414 -0.79 21.30 2.31
N ALA B 415 0.07 21.87 1.48
CA ALA B 415 1.38 21.29 1.27
C ALA B 415 2.49 22.34 1.35
N TYR B 416 3.73 21.83 1.39
CA TYR B 416 4.91 22.65 1.61
C TYR B 416 6.16 21.85 1.25
N ASN B 417 7.28 22.54 1.10
CA ASN B 417 8.57 21.93 0.81
C ASN B 417 9.63 22.52 1.72
N TYR B 418 10.14 21.73 2.66
CA TYR B 418 11.24 22.15 3.51
C TYR B 418 12.53 21.92 2.77
N GLU B 419 13.24 23.01 2.51
CA GLU B 419 14.56 22.99 1.88
C GLU B 419 15.49 23.73 2.81
N PRO B 420 16.58 23.13 3.28
CA PRO B 420 17.51 23.90 4.12
C PRO B 420 18.14 25.06 3.38
N GLU B 421 18.15 24.98 2.04
CA GLU B 421 18.73 26.04 1.23
C GLU B 421 17.95 27.33 1.36
N GLN B 422 16.62 27.26 1.38
CA GLN B 422 15.80 28.45 1.51
C GLN B 422 15.96 29.07 2.90
N LEU B 423 16.40 28.27 3.87
CA LEU B 423 16.60 28.81 5.22
C LEU B 423 17.98 29.42 5.39
N ASN B 424 18.98 28.84 4.73
CA ASN B 424 20.36 29.29 4.88
C ASN B 424 20.76 29.31 6.34
N LYS B 425 20.68 28.16 7.00
CA LYS B 425 20.98 28.03 8.42
C LYS B 425 22.47 28.19 8.65
N THR B 426 22.85 29.18 9.46
CA THR B 426 24.27 29.43 9.75
C THR B 426 24.52 29.56 11.24
N ASP B 427 23.48 29.73 12.04
CA ASP B 427 23.64 29.97 13.47
C ASP B 427 23.51 28.67 14.24
N PRO B 428 24.48 28.36 15.11
CA PRO B 428 24.34 27.17 15.96
C PRO B 428 23.18 27.22 16.93
N GLU B 429 22.81 28.40 17.42
CA GLU B 429 21.72 28.48 18.39
C GLU B 429 20.36 28.57 17.73
N MET B 430 20.31 28.96 16.47
CA MET B 430 19.05 29.17 15.78
C MET B 430 18.24 27.88 15.70
N ASN B 431 16.92 28.02 15.77
CA ASN B 431 16.00 26.90 15.86
C ASN B 431 14.89 27.06 14.83
N TYR B 432 14.40 25.93 14.31
CA TYR B 432 13.40 25.92 13.25
C TYR B 432 12.22 25.05 13.65
N TYR B 433 11.02 25.60 13.58
CA TYR B 433 9.82 24.90 13.99
C TYR B 433 8.68 25.17 13.02
N LEU B 434 7.65 24.33 13.11
CA LEU B 434 6.48 24.40 12.23
C LEU B 434 5.21 24.27 13.04
N LEU B 435 4.20 25.05 12.69
CA LEU B 435 2.87 24.85 13.20
C LEU B 435 1.91 24.75 12.02
N ALA B 436 0.79 24.07 12.24
CA ALA B 436 -0.32 24.07 11.30
C ALA B 436 -1.58 24.29 12.10
N THR B 437 -2.18 25.48 11.98
CA THR B 437 -3.35 25.82 12.77
C THR B 437 -4.07 27.00 12.14
N PHE B 438 -5.17 27.39 12.80
CA PHE B 438 -5.98 28.50 12.32
C PHE B 438 -5.20 29.78 12.28
N ILE B 439 -5.75 30.73 11.55
CA ILE B 439 -5.16 32.05 11.41
C ILE B 439 -6.28 33.08 11.52
N ASP B 440 -5.94 34.23 12.08
CA ASP B 440 -6.88 35.34 12.12
C ASP B 440 -6.11 36.63 12.30
N SER B 441 -6.38 37.58 11.42
CA SER B 441 -5.77 38.90 11.51
C SER B 441 -6.41 39.78 12.56
N ALA B 442 -7.22 39.20 13.42
CA ALA B 442 -7.68 39.86 14.63
C ALA B 442 -7.35 38.96 15.80
N ALA B 443 -7.80 39.35 16.98
CA ALA B 443 -7.49 38.57 18.16
C ALA B 443 -8.30 37.28 18.20
N ILE B 444 -7.69 36.24 18.76
CA ILE B 444 -8.37 34.98 19.03
C ILE B 444 -8.36 34.78 20.54
N THR B 445 -9.52 34.90 21.15
CA THR B 445 -9.60 34.71 22.58
C THR B 445 -9.52 33.23 22.92
N PRO B 446 -8.94 32.90 24.07
CA PRO B 446 -8.95 31.51 24.53
C PRO B 446 -10.34 30.96 24.75
N THR B 447 -11.33 31.84 24.84
CA THR B 447 -12.73 31.42 24.91
C THR B 447 -13.16 30.67 23.67
N ASN B 448 -12.51 30.92 22.53
CA ASN B 448 -12.72 30.10 21.34
C ASN B 448 -11.64 29.04 21.18
N MET B 449 -10.38 29.40 21.35
CA MET B 449 -9.29 28.44 21.24
C MET B 449 -9.07 27.83 22.61
N THR B 450 -9.56 26.61 22.79
CA THR B 450 -9.41 25.88 24.04
C THR B 450 -8.43 24.72 23.92
N GLN B 451 -8.16 24.27 22.72
CA GLN B 451 -7.13 23.28 22.45
C GLN B 451 -5.77 23.94 22.45
N PRO B 452 -4.72 23.21 22.76
CA PRO B 452 -3.38 23.76 22.58
C PRO B 452 -3.05 23.98 21.12
N ASP B 453 -3.48 23.05 20.27
CA ASP B 453 -2.99 23.03 18.90
C ASP B 453 -3.89 22.13 18.07
N VAL B 454 -3.51 21.96 16.81
CA VAL B 454 -4.12 20.98 15.95
C VAL B 454 -3.00 20.28 15.19
N TRP B 455 -2.75 19.02 15.56
CA TRP B 455 -1.73 18.22 14.89
C TRP B 455 -2.26 16.83 14.59
N ASP B 456 -3.56 16.63 14.71
CA ASP B 456 -4.17 15.35 14.45
C ASP B 456 -4.14 14.99 12.98
N ALA B 457 -4.05 15.99 12.11
CA ALA B 457 -4.18 15.79 10.67
C ALA B 457 -3.09 14.87 10.16
N LEU B 458 -3.35 14.22 9.03
CA LEU B 458 -2.45 13.21 8.50
C LEU B 458 -1.59 13.84 7.41
N LEU B 459 -0.27 13.81 7.62
CA LEU B 459 0.70 14.47 6.75
C LEU B 459 1.53 13.41 6.05
N THR B 460 1.74 13.60 4.75
CA THR B 460 2.60 12.74 3.97
C THR B 460 3.89 13.49 3.66
N MET B 461 5.00 12.76 3.78
CA MET B 461 6.33 13.25 3.46
C MET B 461 6.81 12.55 2.21
N SER B 462 7.25 13.33 1.25
CA SER B 462 7.73 12.80 -0.01
C SER B 462 9.16 13.28 -0.23
N PRO B 463 10.04 12.39 -0.69
CA PRO B 463 11.47 12.71 -0.74
C PRO B 463 11.75 13.85 -1.70
N LEU B 464 12.39 14.88 -1.18
CA LEU B 464 12.95 15.93 -2.03
C LEU B 464 14.45 15.84 -2.10
N SER B 465 15.03 14.70 -1.75
CA SER B 465 16.44 14.43 -1.88
C SER B 465 16.64 12.99 -2.36
N ALA B 466 17.89 12.64 -2.66
CA ALA B 466 18.21 11.27 -3.04
C ALA B 466 19.54 10.82 -2.47
N GLY B 467 20.06 11.52 -1.46
CA GLY B 467 21.38 11.19 -0.95
C GLY B 467 21.59 11.33 0.55
N GLU B 468 20.52 11.35 1.34
CA GLU B 468 20.63 11.50 2.78
C GLU B 468 19.97 10.33 3.50
N VAL B 469 20.53 9.98 4.66
CA VAL B 469 20.02 8.89 5.48
C VAL B 469 20.10 9.29 6.95
N THR B 470 19.23 8.70 7.76
CA THR B 470 19.16 9.02 9.18
C THR B 470 19.26 7.75 10.02
N VAL B 471 19.83 7.93 11.21
CA VAL B 471 19.84 6.93 12.26
C VAL B 471 19.12 7.56 13.44
N LYS B 472 18.02 6.95 13.88
CA LYS B 472 17.29 7.38 15.06
C LYS B 472 16.84 8.84 14.93
N GLY B 473 16.23 9.16 13.79
CA GLY B 473 15.76 10.51 13.56
C GLY B 473 16.84 11.54 13.39
N ALA B 474 18.11 11.16 13.45
CA ALA B 474 19.22 12.09 13.30
C ALA B 474 20.04 11.71 12.08
N VAL B 475 20.20 12.67 11.16
CA VAL B 475 20.92 12.41 9.92
C VAL B 475 22.32 11.89 10.25
N VAL B 476 22.79 10.96 9.42
CA VAL B 476 24.05 10.28 9.65
C VAL B 476 24.78 10.14 8.33
N SER B 477 26.10 9.89 8.40
CA SER B 477 26.95 9.94 7.23
C SER B 477 27.72 8.65 6.96
N GLU B 478 27.73 7.70 7.90
CA GLU B 478 28.55 6.52 7.68
C GLU B 478 27.86 5.30 8.27
N VAL B 479 28.09 4.14 7.65
CA VAL B 479 27.30 2.95 7.89
C VAL B 479 28.20 1.77 8.21
N VAL B 480 27.74 0.92 9.12
CA VAL B 480 28.32 -0.41 9.32
C VAL B 480 27.19 -1.43 9.26
N PRO B 481 26.95 -2.04 8.10
CA PRO B 481 25.91 -3.06 8.00
C PRO B 481 26.04 -4.11 9.09
N ALA B 482 27.27 -4.41 9.46
CA ALA B 482 27.49 -5.30 10.60
C ALA B 482 26.86 -4.76 11.86
N GLU B 483 26.63 -3.45 11.93
CA GLU B 483 26.12 -2.89 13.17
C GLU B 483 24.60 -2.91 13.25
N LEU B 484 23.90 -2.69 12.14
CA LEU B 484 22.44 -2.68 12.21
C LEU B 484 21.87 -4.05 12.51
N ILE B 485 22.71 -5.08 12.49
CA ILE B 485 22.24 -6.44 12.67
C ILE B 485 21.49 -6.58 13.99
N GLY B 486 20.40 -7.35 13.96
CA GLY B 486 19.64 -7.76 15.11
C GLY B 486 19.46 -6.73 16.20
N SER B 487 19.16 -5.49 15.80
CA SER B 487 19.25 -4.39 16.75
C SER B 487 18.04 -3.49 16.70
N TYR B 488 16.92 -3.99 16.20
CA TYR B 488 15.75 -3.16 16.00
C TYR B 488 14.51 -3.84 16.54
N THR B 489 13.60 -3.01 17.02
CA THR B 489 12.31 -3.45 17.55
C THR B 489 11.22 -2.85 16.69
N PRO B 490 10.01 -3.39 16.76
CA PRO B 490 8.92 -2.78 15.99
C PRO B 490 8.78 -1.30 16.25
N GLU B 491 8.76 -0.90 17.51
CA GLU B 491 8.72 0.51 17.86
C GLU B 491 9.97 1.23 17.37
N SER B 492 11.10 0.52 17.31
CA SER B 492 12.28 1.13 16.72
C SER B 492 12.01 1.50 15.27
N LEU B 493 11.31 0.64 14.54
CA LEU B 493 10.90 0.98 13.20
C LEU B 493 9.90 2.13 13.21
N ASN B 494 9.01 2.14 14.20
CA ASN B 494 7.96 3.14 14.22
C ASN B 494 8.52 4.53 14.47
N ALA B 495 9.51 4.64 15.35
CA ALA B 495 10.11 5.90 15.70
C ALA B 495 11.01 6.46 14.61
N SER B 496 11.02 5.85 13.44
CA SER B 496 11.90 6.27 12.36
C SER B 496 11.18 7.18 11.38
N LEU B 497 11.95 7.80 10.50
CA LEU B 497 11.45 8.61 9.42
C LEU B 497 11.64 7.87 8.10
N PRO B 498 10.94 8.29 7.03
CA PRO B 498 11.09 7.57 5.76
C PRO B 498 12.42 7.89 5.07
N ASN B 499 13.49 7.96 5.86
CA ASN B 499 14.85 8.10 5.37
C ASN B 499 15.75 7.20 6.21
N ASP B 500 15.15 6.31 6.98
CA ASP B 500 15.88 5.52 7.94
C ASP B 500 16.68 4.43 7.23
N ALA B 501 17.75 3.98 7.88
CA ALA B 501 18.61 2.98 7.27
C ALA B 501 17.94 1.61 7.28
N ALA B 502 17.39 1.19 8.42
CA ALA B 502 16.91 -0.18 8.59
C ALA B 502 15.98 -0.59 7.45
N ARG B 503 15.08 0.31 7.05
CA ARG B 503 14.13 -0.01 6.00
C ARG B 503 14.84 -0.32 4.69
N CYS B 504 15.81 0.51 4.29
CA CYS B 504 16.46 0.27 3.00
C CYS B 504 17.40 -0.93 3.07
N MET B 505 17.98 -1.18 4.26
CA MET B 505 18.65 -2.45 4.45
C MET B 505 17.72 -3.61 4.11
N ILE B 506 16.49 -3.58 4.62
CA ILE B 506 15.58 -4.70 4.37
C ILE B 506 15.18 -4.75 2.90
N ASP B 507 14.97 -3.57 2.29
CA ASP B 507 14.60 -3.54 0.88
C ASP B 507 15.69 -4.11 -0.01
N ARG B 508 16.96 -3.81 0.29
CA ARG B 508 18.03 -4.38 -0.53
C ARG B 508 18.29 -5.83 -0.18
N ALA B 509 17.94 -6.27 1.02
CA ALA B 509 18.08 -7.68 1.37
C ALA B 509 17.00 -8.52 0.71
N SER B 510 15.87 -7.89 0.35
CA SER B 510 14.78 -8.62 -0.29
C SER B 510 15.20 -9.27 -1.60
N LYS B 511 16.09 -8.63 -2.38
CA LYS B 511 16.48 -9.23 -3.65
C LYS B 511 17.34 -10.48 -3.43
N ILE B 512 18.20 -10.48 -2.43
CA ILE B 512 18.92 -11.70 -2.08
C ILE B 512 17.93 -12.76 -1.59
N ALA B 513 16.92 -12.36 -0.82
CA ALA B 513 15.93 -13.32 -0.35
C ALA B 513 15.24 -14.01 -1.51
N GLU B 514 14.81 -13.23 -2.51
CA GLU B 514 14.14 -13.86 -3.66
C GLU B 514 15.11 -14.67 -4.49
N ALA B 515 16.37 -14.22 -4.58
CA ALA B 515 17.38 -15.04 -5.25
C ALA B 515 17.50 -16.41 -4.59
N ILE B 516 17.52 -16.44 -3.26
CA ILE B 516 17.60 -17.70 -2.55
C ILE B 516 16.36 -18.54 -2.81
N LYS B 517 15.17 -17.95 -2.71
CA LYS B 517 13.97 -18.76 -2.86
C LYS B 517 13.82 -19.28 -4.29
N ILE B 518 14.44 -18.60 -5.26
CA ILE B 518 14.57 -19.22 -6.58
C ILE B 518 15.59 -20.36 -6.55
N ASP B 519 16.68 -20.18 -5.81
CA ASP B 519 17.65 -21.26 -5.66
C ASP B 519 17.20 -22.32 -4.68
N ASP B 520 16.60 -21.94 -3.56
CA ASP B 520 16.20 -22.87 -2.51
C ASP B 520 14.67 -22.93 -2.47
N ASP B 521 14.11 -24.07 -2.89
CA ASP B 521 12.67 -24.26 -2.94
C ASP B 521 12.20 -25.47 -2.15
N ALA B 522 13.09 -26.07 -1.35
CA ALA B 522 12.76 -27.28 -0.60
C ALA B 522 11.98 -26.96 0.66
N GLY B 523 11.80 -27.98 1.49
CA GLY B 523 11.09 -27.84 2.75
C GLY B 523 12.04 -27.67 3.91
N PRO B 524 11.48 -27.43 5.11
CA PRO B 524 12.33 -27.24 6.29
C PRO B 524 13.03 -28.51 6.71
N ASP B 525 13.92 -28.41 7.70
CA ASP B 525 14.68 -29.55 8.21
C ASP B 525 15.47 -30.21 7.09
N GLU B 526 15.72 -29.46 6.02
CA GLU B 526 16.37 -30.01 4.83
C GLU B 526 17.57 -29.15 4.52
N TYR B 527 18.74 -29.77 4.50
CA TYR B 527 19.98 -29.03 4.30
C TYR B 527 20.05 -28.44 2.89
N SER B 528 20.61 -27.26 2.80
CA SER B 528 20.77 -26.58 1.53
C SER B 528 22.15 -25.94 1.50
N PRO B 529 22.81 -25.90 0.33
CA PRO B 529 24.11 -25.23 0.25
C PRO B 529 24.14 -23.85 0.89
N ASN B 530 22.98 -23.20 1.02
CA ASN B 530 22.88 -21.97 1.76
C ASN B 530 22.55 -22.19 3.24
N SER B 531 21.97 -23.33 3.59
CA SER B 531 21.80 -23.65 5.00
C SER B 531 23.05 -24.23 5.62
N VAL B 532 23.83 -24.97 4.85
CA VAL B 532 25.01 -25.65 5.36
C VAL B 532 26.07 -24.69 5.90
N PRO B 533 26.34 -23.54 5.29
CA PRO B 533 27.46 -22.73 5.82
C PRO B 533 27.14 -22.19 7.20
N ILE B 534 25.93 -21.69 7.38
CA ILE B 534 25.53 -21.19 8.68
C ILE B 534 25.54 -22.31 9.70
N GLN B 535 25.09 -23.50 9.31
CA GLN B 535 25.12 -24.62 10.24
C GLN B 535 26.55 -24.94 10.67
N GLY B 536 27.49 -24.86 9.73
CA GLY B 536 28.89 -25.01 10.09
C GLY B 536 29.33 -23.93 11.05
N GLN B 537 28.87 -22.71 10.82
CA GLN B 537 29.16 -21.63 11.77
C GLN B 537 28.65 -21.99 13.16
N LEU B 538 27.47 -22.59 13.23
CA LEU B 538 26.93 -23.02 14.51
C LEU B 538 27.85 -24.02 15.15
N ALA B 539 28.26 -25.03 14.38
CA ALA B 539 29.22 -26.01 14.87
C ALA B 539 30.46 -25.32 15.40
N ILE B 540 30.90 -24.27 14.72
CA ILE B 540 32.08 -23.55 15.16
C ILE B 540 31.82 -22.88 16.50
N SER B 541 30.87 -21.96 16.52
CA SER B 541 30.71 -21.08 17.68
C SER B 541 30.19 -21.84 18.88
N GLN B 542 29.63 -23.02 18.67
CA GLN B 542 29.17 -23.76 19.83
C GLN B 542 30.33 -24.24 20.69
N LEU B 543 31.54 -24.29 20.14
CA LEU B 543 32.71 -24.62 20.94
C LEU B 543 33.37 -23.37 21.49
N GLU B 544 32.73 -22.21 21.37
CA GLU B 544 33.27 -20.98 21.88
C GLU B 544 33.51 -21.06 23.38
N THR B 545 34.75 -20.81 23.79
CA THR B 545 35.00 -20.59 25.20
C THR B 545 34.38 -19.27 25.61
N GLY B 546 33.24 -19.35 26.30
CA GLY B 546 32.48 -18.15 26.58
C GLY B 546 32.03 -18.01 28.02
N TYR B 547 31.14 -17.05 28.27
CA TYR B 547 30.70 -16.73 29.62
C TYR B 547 29.36 -17.41 29.87
N GLY B 548 29.38 -18.47 30.66
CA GLY B 548 28.17 -19.21 30.93
C GLY B 548 28.35 -20.70 31.02
N VAL B 549 27.66 -21.44 30.17
CA VAL B 549 27.71 -22.90 30.14
C VAL B 549 27.89 -23.36 28.71
N ARG B 550 28.81 -24.30 28.50
CA ARG B 550 28.96 -24.91 27.19
C ARG B 550 28.15 -26.19 27.12
N ILE B 551 27.44 -26.38 26.03
CA ILE B 551 26.60 -27.55 25.81
C ILE B 551 26.76 -27.99 24.37
N PHE B 552 26.77 -29.30 24.16
CA PHE B 552 26.98 -29.90 22.86
C PHE B 552 25.64 -30.28 22.24
N ASN B 553 25.60 -30.38 20.91
CA ASN B 553 24.39 -30.73 20.19
C ASN B 553 24.74 -31.32 18.83
N PRO B 554 24.16 -32.47 18.47
CA PRO B 554 24.47 -33.08 17.16
C PRO B 554 24.06 -32.20 15.99
N LYS B 555 24.71 -32.45 14.84
CA LYS B 555 24.69 -31.49 13.74
C LYS B 555 23.36 -31.48 13.01
N GLY B 556 22.65 -32.61 13.02
CA GLY B 556 21.35 -32.64 12.34
C GLY B 556 20.39 -31.64 12.92
N ILE B 557 20.40 -31.49 14.23
CA ILE B 557 19.55 -30.52 14.90
C ILE B 557 19.82 -29.12 14.40
N LEU B 558 21.10 -28.72 14.36
CA LEU B 558 21.44 -27.38 13.92
C LEU B 558 21.16 -27.20 12.44
N SER B 559 21.27 -28.28 11.67
CA SER B 559 20.91 -28.21 10.26
C SER B 559 19.43 -27.90 10.08
N LYS B 560 18.58 -28.61 10.81
CA LYS B 560 17.16 -28.31 10.74
C LYS B 560 16.89 -26.91 11.27
N ILE B 561 17.62 -26.50 12.31
CA ILE B 561 17.51 -25.15 12.85
C ILE B 561 17.77 -24.13 11.76
N ALA B 562 18.86 -24.31 11.02
CA ALA B 562 19.23 -23.37 9.97
C ALA B 562 18.21 -23.41 8.84
N SER B 563 17.64 -24.58 8.58
CA SER B 563 16.57 -24.66 7.59
C SER B 563 15.40 -23.77 8.00
N ARG B 564 14.95 -23.92 9.25
CA ARG B 564 13.88 -23.06 9.74
C ARG B 564 14.30 -21.60 9.68
N ALA B 565 15.55 -21.30 9.98
CA ALA B 565 16.01 -19.92 10.00
C ALA B 565 15.96 -19.30 8.61
N MET B 566 16.40 -20.05 7.61
CA MET B 566 16.30 -19.57 6.23
C MET B 566 14.86 -19.40 5.83
N GLN B 567 14.00 -20.37 6.16
CA GLN B 567 12.59 -20.24 5.84
C GLN B 567 12.03 -18.97 6.46
N ALA B 568 12.40 -18.68 7.70
CA ALA B 568 11.92 -17.49 8.38
C ALA B 568 12.44 -16.23 7.69
N PHE B 569 13.73 -16.23 7.34
CA PHE B 569 14.30 -15.07 6.68
C PHE B 569 13.58 -14.78 5.37
N ILE B 570 13.23 -15.82 4.63
CA ILE B 570 12.40 -15.63 3.44
C ILE B 570 11.02 -15.11 3.83
N GLY B 571 10.48 -15.55 4.97
CA GLY B 571 9.17 -15.08 5.39
C GLY B 571 9.15 -13.66 5.91
N ASP B 572 10.24 -13.21 6.51
CA ASP B 572 10.31 -11.85 7.05
C ASP B 572 11.74 -11.35 7.06
N PRO B 573 12.15 -10.61 6.04
CA PRO B 573 13.53 -10.11 6.01
C PRO B 573 13.84 -9.15 7.15
N SER B 574 12.82 -8.49 7.70
CA SER B 574 13.07 -7.52 8.74
C SER B 574 13.76 -8.11 9.96
N THR B 575 13.47 -9.37 10.29
CA THR B 575 13.99 -9.95 11.52
C THR B 575 15.52 -10.00 11.52
N ILE B 576 16.15 -9.87 10.35
CA ILE B 576 17.61 -9.89 10.31
C ILE B 576 18.18 -8.77 11.16
N ILE B 577 17.42 -7.70 11.37
CA ILE B 577 17.87 -6.62 12.24
C ILE B 577 17.03 -6.53 13.51
N THR B 578 16.12 -7.48 13.70
CA THR B 578 15.27 -7.50 14.89
C THR B 578 16.13 -7.55 16.14
N GLN B 579 15.99 -6.54 16.98
CA GLN B 579 16.62 -6.53 18.29
C GLN B 579 16.23 -7.82 18.98
N ALA B 580 17.23 -8.61 19.37
CA ALA B 580 17.04 -9.97 19.86
C ALA B 580 16.35 -10.84 18.81
N ALA B 581 17.00 -11.05 17.67
CA ALA B 581 16.55 -12.02 16.69
C ALA B 581 17.12 -13.37 17.12
N PRO B 582 16.30 -14.42 17.14
CA PRO B 582 16.72 -15.63 17.87
C PRO B 582 17.87 -16.38 17.23
N VAL B 583 17.76 -16.75 15.96
CA VAL B 583 18.71 -17.66 15.35
C VAL B 583 19.54 -16.92 14.32
N LEU B 584 18.92 -15.97 13.63
CA LEU B 584 19.67 -15.08 12.74
C LEU B 584 20.48 -14.16 13.64
N SER B 585 21.62 -14.66 14.11
CA SER B 585 22.24 -14.04 15.28
C SER B 585 23.73 -13.76 15.15
N ASP B 586 24.20 -13.43 13.94
CA ASP B 586 25.58 -13.02 13.74
C ASP B 586 25.74 -12.47 12.33
N LYS B 587 26.47 -11.36 12.22
CA LYS B 587 26.76 -10.82 10.91
C LYS B 587 27.69 -11.71 10.12
N ASN B 588 28.68 -12.31 10.80
CA ASN B 588 29.55 -13.25 10.11
C ASN B 588 28.74 -14.27 9.34
N ASN B 589 27.59 -14.67 9.89
CA ASN B 589 26.65 -15.45 9.11
C ASN B 589 26.31 -14.74 7.82
N TRP B 590 26.09 -13.44 7.91
CA TRP B 590 25.61 -12.69 6.76
C TRP B 590 26.67 -12.63 5.68
N ILE B 591 27.91 -12.34 6.06
CA ILE B 591 28.96 -12.32 5.05
C ILE B 591 29.16 -13.72 4.49
N ALA B 592 29.09 -14.73 5.36
CA ALA B 592 29.19 -16.10 4.91
C ALA B 592 28.21 -16.38 3.79
N LEU B 593 26.92 -16.14 4.03
CA LEU B 593 25.93 -16.42 3.01
C LEU B 593 26.13 -15.52 1.80
N ALA B 594 26.54 -14.28 2.04
CA ALA B 594 26.74 -13.33 0.95
C ALA B 594 27.73 -13.87 -0.06
N GLN B 595 28.81 -14.46 0.42
CA GLN B 595 29.74 -15.10 -0.51
C GLN B 595 29.19 -16.40 -1.04
N GLY B 596 28.63 -17.23 -0.15
CA GLY B 596 28.29 -18.60 -0.52
C GLY B 596 27.30 -18.67 -1.65
N VAL B 597 26.32 -17.77 -1.65
CA VAL B 597 25.33 -17.80 -2.72
C VAL B 597 26.00 -17.61 -4.07
N LYS B 598 26.74 -16.50 -4.23
CA LYS B 598 27.46 -16.24 -5.46
C LYS B 598 28.31 -17.42 -5.85
N THR B 599 29.08 -17.94 -4.91
CA THR B 599 29.99 -19.04 -5.22
C THR B 599 29.22 -20.22 -5.76
N SER B 600 28.23 -20.69 -5.01
CA SER B 600 27.34 -21.75 -5.48
C SER B 600 26.92 -21.48 -6.91
N LEU B 601 26.52 -20.25 -7.19
CA LEU B 601 26.03 -19.94 -8.52
C LEU B 601 27.10 -20.13 -9.58
N ARG B 602 28.30 -19.59 -9.32
CA ARG B 602 29.43 -19.88 -10.21
C ARG B 602 29.54 -21.37 -10.46
N THR B 603 29.38 -22.17 -9.42
CA THR B 603 29.57 -23.60 -9.51
C THR B 603 28.32 -24.32 -9.96
N LYS B 604 27.47 -23.64 -10.74
CA LYS B 604 26.29 -24.30 -11.26
C LYS B 604 26.46 -24.67 -12.72
N SER B 605 25.99 -25.86 -13.08
CA SER B 605 26.00 -26.35 -14.46
C SER B 605 24.66 -26.93 -14.88
N LEU B 606 23.58 -26.17 -14.73
CA LEU B 606 22.27 -26.54 -15.25
C LEU B 606 21.68 -27.76 -14.55
N SER B 607 21.67 -27.74 -13.22
CA SER B 607 20.96 -28.76 -12.45
C SER B 607 19.46 -28.46 -12.46
N ALA B 608 18.68 -29.44 -12.02
CA ALA B 608 17.23 -29.31 -12.04
C ALA B 608 16.61 -30.12 -10.91
N GLY B 609 15.37 -29.77 -10.57
CA GLY B 609 14.65 -30.49 -9.53
C GLY B 609 13.77 -31.58 -10.07
N VAL B 610 13.40 -32.52 -9.20
CA VAL B 610 12.56 -33.65 -9.61
C VAL B 610 11.08 -33.30 -9.43
N LYS B 611 10.75 -32.53 -8.39
CA LYS B 611 9.36 -32.19 -8.11
C LYS B 611 8.75 -31.37 -9.24
N THR B 612 9.49 -30.37 -9.73
CA THR B 612 9.02 -29.60 -10.88
C THR B 612 8.78 -30.50 -12.07
N ALA B 613 9.65 -31.50 -12.26
CA ALA B 613 9.52 -32.40 -13.41
C ALA B 613 8.25 -33.24 -13.32
N VAL B 614 8.01 -33.87 -12.17
CA VAL B 614 6.82 -34.69 -12.04
C VAL B 614 5.57 -33.83 -12.18
N SER B 615 5.59 -32.62 -11.62
CA SER B 615 4.44 -31.74 -11.73
C SER B 615 4.16 -31.37 -13.18
N LYS B 616 5.18 -30.93 -13.91
CA LYS B 616 4.95 -30.51 -15.30
C LYS B 616 4.46 -31.69 -16.12
N LEU B 617 5.03 -32.88 -15.92
CA LEU B 617 4.62 -34.01 -16.74
C LEU B 617 3.17 -34.38 -16.46
N SER B 618 2.79 -34.42 -15.18
CA SER B 618 1.40 -34.73 -14.86
C SER B 618 0.46 -33.71 -15.47
N SER B 619 0.77 -32.43 -15.31
CA SER B 619 -0.08 -31.38 -15.87
C SER B 619 -0.19 -31.54 -17.37
N SER B 620 0.93 -31.78 -18.04
CA SER B 620 0.94 -31.89 -19.49
C SER B 620 0.07 -33.06 -19.95
N GLU B 621 0.20 -34.19 -19.27
CA GLU B 621 -0.61 -35.35 -19.68
C GLU B 621 -2.08 -35.05 -19.48
N SER B 622 -2.43 -34.45 -18.34
CA SER B 622 -3.83 -34.12 -18.09
C SER B 622 -4.38 -33.22 -19.19
N ILE B 623 -3.66 -32.15 -19.50
CA ILE B 623 -4.21 -31.15 -20.40
C ILE B 623 -4.24 -31.68 -21.83
N GLN B 624 -3.23 -32.47 -22.21
CA GLN B 624 -3.25 -33.09 -23.52
C GLN B 624 -4.40 -34.08 -23.63
N ASN B 625 -4.62 -34.87 -22.60
CA ASN B 625 -5.77 -35.76 -22.59
C ASN B 625 -7.04 -34.97 -22.83
N TRP B 626 -7.24 -33.90 -22.06
CA TRP B 626 -8.36 -33.01 -22.30
C TRP B 626 -8.40 -32.59 -23.75
N THR B 627 -7.31 -32.04 -24.25
CA THR B 627 -7.30 -31.39 -25.54
C THR B 627 -7.64 -32.38 -26.64
N GLN B 628 -7.04 -33.56 -26.57
CA GLN B 628 -7.24 -34.54 -27.63
C GLN B 628 -8.64 -35.11 -27.58
N GLY B 629 -9.09 -35.58 -26.41
CA GLY B 629 -10.48 -36.02 -26.32
C GLY B 629 -11.43 -34.93 -26.77
N PHE B 630 -11.08 -33.68 -26.50
CA PHE B 630 -11.82 -32.52 -26.91
C PHE B 630 -11.94 -32.43 -28.43
N LEU B 631 -10.81 -32.29 -29.11
CA LEU B 631 -10.79 -32.15 -30.55
C LEU B 631 -11.43 -33.35 -31.24
N ASP B 632 -11.27 -34.54 -30.66
CA ASP B 632 -11.88 -35.72 -31.26
C ASP B 632 -13.39 -35.61 -31.20
N LYS B 633 -13.93 -35.17 -30.07
CA LYS B 633 -15.37 -34.97 -30.02
C LYS B 633 -15.79 -33.90 -31.01
N VAL B 634 -15.00 -32.84 -31.14
CA VAL B 634 -15.29 -31.81 -32.15
C VAL B 634 -15.44 -32.46 -33.51
N SER B 635 -14.46 -33.29 -33.88
CA SER B 635 -14.55 -34.02 -35.15
C SER B 635 -15.85 -34.81 -35.22
N THR B 636 -16.16 -35.55 -34.16
CA THR B 636 -17.41 -36.27 -34.08
C THR B 636 -18.58 -35.34 -34.40
N HIS B 637 -18.49 -34.11 -33.92
CA HIS B 637 -19.48 -33.09 -34.17
C HIS B 637 -19.38 -32.56 -35.57
N PHE B 638 -18.31 -32.85 -36.29
CA PHE B 638 -18.29 -32.26 -37.58
C PHE B 638 -18.52 -33.28 -38.67
N PRO B 639 -19.55 -33.07 -39.48
CA PRO B 639 -19.77 -33.93 -40.64
C PRO B 639 -18.54 -33.99 -41.52
N ALA B 640 -18.28 -35.20 -42.00
CA ALA B 640 -17.19 -35.49 -42.92
C ALA B 640 -17.66 -36.55 -43.89
N PRO B 641 -17.11 -36.57 -45.12
CA PRO B 641 -17.52 -37.55 -46.12
C PRO B 641 -17.30 -38.98 -45.65
N THR C 1 45.70 -46.55 -2.62
CA THR C 1 46.77 -46.08 -3.50
C THR C 1 47.37 -44.80 -2.98
N ILE C 2 47.03 -43.70 -3.63
CA ILE C 2 47.48 -42.38 -3.22
C ILE C 2 46.80 -42.05 -1.89
N ASN C 3 47.25 -40.99 -1.24
CA ASN C 3 46.81 -40.66 0.11
C ASN C 3 45.89 -39.45 0.12
N VAL C 4 44.92 -39.49 1.03
CA VAL C 4 44.09 -38.33 1.36
C VAL C 4 44.49 -37.81 2.73
N THR C 5 44.79 -38.72 3.63
CA THR C 5 45.14 -38.39 5.00
C THR C 5 46.59 -37.96 5.14
N GLY C 6 47.33 -37.87 4.03
CA GLY C 6 48.72 -37.48 4.07
C GLY C 6 48.89 -35.99 4.31
N ASP C 7 50.14 -35.55 4.23
CA ASP C 7 50.50 -34.18 4.50
C ASP C 7 51.26 -33.61 3.32
N GLY C 8 50.75 -32.51 2.75
CA GLY C 8 51.40 -31.89 1.62
C GLY C 8 50.47 -31.52 0.50
N ASN C 9 49.18 -31.80 0.68
CA ASN C 9 48.17 -31.42 -0.30
C ASN C 9 48.02 -29.91 -0.28
N VAL C 10 47.87 -29.32 -1.46
CA VAL C 10 47.99 -27.87 -1.63
C VAL C 10 46.68 -27.21 -1.24
N PHE C 11 46.78 -26.17 -0.41
CA PHE C 11 45.65 -25.37 0.01
C PHE C 11 46.02 -23.90 -0.08
N LYS C 12 45.46 -23.20 -1.06
CA LYS C 12 45.74 -21.78 -1.25
C LYS C 12 44.52 -21.12 -1.86
N PRO C 13 43.42 -21.04 -1.12
CA PRO C 13 42.18 -20.52 -1.69
C PRO C 13 42.30 -19.04 -2.02
N SER C 14 42.03 -18.72 -3.28
CA SER C 14 42.20 -17.35 -3.78
C SER C 14 41.09 -17.06 -4.79
N ALA C 15 41.07 -15.81 -5.25
CA ALA C 15 40.09 -15.42 -6.26
C ALA C 15 40.39 -16.08 -7.60
N GLU C 16 41.67 -16.16 -7.98
CA GLU C 16 42.05 -16.67 -9.29
C GLU C 16 41.56 -18.09 -9.52
N THR C 17 41.42 -18.88 -8.45
CA THR C 17 40.95 -20.25 -8.54
C THR C 17 39.51 -20.40 -8.09
N SER C 18 38.75 -19.31 -8.16
CA SER C 18 37.36 -19.34 -7.70
C SER C 18 36.58 -20.40 -8.46
N SER C 19 36.17 -21.43 -7.74
CA SER C 19 35.53 -22.58 -8.38
C SER C 19 34.23 -22.16 -9.05
N THR C 20 33.88 -22.86 -10.11
CA THR C 20 32.81 -22.45 -11.00
C THR C 20 32.29 -23.69 -11.71
N ALA C 21 31.18 -23.54 -12.42
CA ALA C 21 30.72 -24.60 -13.32
C ALA C 21 30.19 -23.96 -14.58
N VAL C 22 29.47 -24.71 -15.41
CA VAL C 22 29.03 -24.20 -16.71
C VAL C 22 27.55 -23.85 -16.67
N PRO C 23 27.20 -22.61 -16.32
CA PRO C 23 25.78 -22.27 -16.13
C PRO C 23 25.12 -21.58 -17.31
N SER C 24 25.90 -21.17 -18.30
CA SER C 24 25.41 -20.26 -19.33
C SER C 24 25.75 -20.78 -20.71
N LEU C 25 24.92 -20.41 -21.70
CA LEU C 25 25.13 -20.76 -23.09
C LEU C 25 24.12 -20.00 -23.94
N SER C 26 24.45 -19.82 -25.22
CA SER C 26 23.59 -19.08 -26.14
C SER C 26 22.59 -20.03 -26.79
N LEU C 27 21.30 -19.83 -26.49
CA LEU C 27 20.27 -20.67 -27.07
C LEU C 27 19.19 -19.80 -27.71
N SER C 28 19.60 -18.77 -28.42
CA SER C 28 18.62 -17.95 -29.13
C SER C 28 18.06 -18.73 -30.31
N PRO C 29 16.79 -19.12 -30.28
CA PRO C 29 16.22 -19.81 -31.44
C PRO C 29 16.33 -18.99 -32.71
N GLY C 30 16.15 -17.68 -32.60
CA GLY C 30 16.42 -16.83 -33.74
C GLY C 30 17.84 -16.96 -34.24
N MET C 31 18.80 -17.10 -33.32
CA MET C 31 20.19 -17.29 -33.75
C MET C 31 20.40 -18.66 -34.37
N LEU C 32 20.09 -19.71 -33.62
CA LEU C 32 20.57 -21.04 -33.99
C LEU C 32 19.78 -21.51 -35.20
N ASN C 33 20.07 -20.93 -36.35
CA ASN C 33 19.43 -21.25 -37.61
C ASN C 33 20.44 -21.03 -38.73
N PRO C 34 21.24 -22.04 -39.08
CA PRO C 34 22.38 -21.81 -39.99
C PRO C 34 22.02 -21.35 -41.40
N GLY C 35 21.28 -22.15 -42.17
CA GLY C 35 21.02 -21.82 -43.55
C GLY C 35 19.68 -22.30 -44.08
N GLY C 36 18.89 -22.91 -43.21
CA GLY C 36 17.64 -23.50 -43.64
C GLY C 36 17.87 -24.77 -44.41
N VAL C 37 16.93 -25.11 -45.29
CA VAL C 37 17.01 -26.37 -46.02
C VAL C 37 18.18 -26.36 -46.99
N PRO C 38 19.10 -27.31 -46.87
CA PRO C 38 20.02 -27.58 -47.97
C PRO C 38 19.25 -28.16 -49.13
N TRP C 39 19.34 -27.48 -50.27
CA TRP C 39 18.53 -27.78 -51.43
C TRP C 39 19.37 -28.44 -52.50
N ILE C 40 19.03 -29.67 -52.83
CA ILE C 40 19.74 -30.40 -53.85
C ILE C 40 19.13 -30.02 -55.19
N ALA C 41 19.94 -30.07 -56.23
CA ALA C 41 19.41 -29.89 -57.57
C ALA C 41 18.33 -30.93 -57.84
N ILE C 42 17.20 -30.47 -58.38
CA ILE C 42 16.25 -31.42 -58.93
C ILE C 42 16.86 -32.13 -60.15
N GLY C 43 17.90 -31.56 -60.74
CA GLY C 43 18.43 -32.06 -61.98
C GLY C 43 18.28 -31.03 -63.08
N ASP C 44 17.66 -29.90 -62.74
CA ASP C 44 17.40 -28.81 -63.67
C ASP C 44 17.99 -27.53 -63.10
N GLU C 45 18.72 -26.79 -63.95
CA GLU C 45 19.40 -25.59 -63.50
C GLU C 45 18.96 -24.39 -64.32
N THR C 46 19.03 -23.21 -63.72
CA THR C 46 18.66 -21.94 -64.33
C THR C 46 17.21 -22.00 -64.86
N SER C 47 16.30 -22.48 -64.02
CA SER C 47 14.89 -22.57 -64.37
C SER C 47 14.04 -22.08 -63.21
N VAL C 48 14.54 -21.08 -62.50
CA VAL C 48 13.97 -20.70 -61.22
C VAL C 48 12.76 -19.79 -61.44
N THR C 49 11.59 -20.41 -61.60
CA THR C 49 10.32 -19.70 -61.68
C THR C 49 9.22 -20.46 -60.94
N SER C 50 9.58 -21.50 -60.20
CA SER C 50 8.64 -22.45 -59.60
C SER C 50 9.39 -23.36 -58.63
N PRO C 51 8.70 -24.11 -57.76
CA PRO C 51 9.41 -25.07 -56.91
C PRO C 51 10.12 -26.19 -57.66
N GLY C 52 10.19 -26.13 -59.00
CA GLY C 52 10.72 -27.24 -59.75
C GLY C 52 12.23 -27.38 -59.72
N ALA C 53 12.96 -26.27 -59.91
CA ALA C 53 14.39 -26.29 -60.26
C ALA C 53 15.28 -26.98 -59.22
N LEU C 54 14.81 -27.19 -57.99
CA LEU C 54 15.56 -27.92 -56.99
C LEU C 54 14.64 -28.94 -56.33
N ARG C 55 15.11 -29.48 -55.21
CA ARG C 55 14.29 -30.36 -54.40
C ARG C 55 14.96 -30.62 -53.06
N ARG C 56 14.15 -31.06 -52.11
CA ARG C 56 14.65 -31.56 -50.84
C ARG C 56 15.57 -32.72 -51.10
N MET C 57 16.75 -32.70 -50.50
CA MET C 57 17.75 -33.71 -50.75
C MET C 57 17.39 -35.03 -50.07
N THR C 58 17.62 -36.13 -50.79
CA THR C 58 17.28 -37.46 -50.33
C THR C 58 18.32 -37.97 -49.34
N SER C 59 17.82 -38.47 -48.21
CA SER C 59 18.69 -39.10 -47.23
C SER C 59 19.19 -40.45 -47.71
N LYS C 60 18.84 -40.83 -48.93
CA LYS C 60 19.22 -42.13 -49.48
C LYS C 60 20.66 -42.17 -49.92
N ASP C 61 21.44 -41.26 -49.34
CA ASP C 61 22.87 -41.14 -49.59
C ASP C 61 23.71 -41.42 -48.35
N ILE C 62 23.20 -42.21 -47.40
CA ILE C 62 23.97 -42.60 -46.22
C ILE C 62 23.94 -44.10 -45.98
N ASP C 63 13.26 -42.39 -45.37
CA ASP C 63 13.93 -41.19 -45.88
C ASP C 63 13.64 -39.98 -45.01
N GLU C 64 14.60 -39.59 -44.15
CA GLU C 64 14.44 -38.41 -43.33
C GLU C 64 14.98 -37.17 -44.03
N PRO C 65 14.46 -35.99 -43.68
CA PRO C 65 14.96 -34.77 -44.30
C PRO C 65 16.40 -34.48 -43.91
N LEU C 66 17.02 -33.60 -44.68
CA LEU C 66 18.41 -33.23 -44.53
C LEU C 66 18.51 -31.73 -44.30
N VAL C 67 19.24 -31.33 -43.27
CA VAL C 67 19.23 -29.95 -42.80
C VAL C 67 20.64 -29.47 -42.52
N VAL C 68 20.84 -28.17 -42.68
CA VAL C 68 22.12 -27.53 -42.44
C VAL C 68 22.27 -27.24 -40.94
N VAL C 69 23.52 -27.12 -40.47
CA VAL C 69 23.83 -26.99 -39.05
C VAL C 69 24.67 -25.75 -38.81
N THR C 70 24.48 -25.13 -37.63
CA THR C 70 25.30 -24.00 -37.21
C THR C 70 26.52 -24.49 -36.44
N GLU C 71 27.68 -23.95 -36.80
CA GLU C 71 28.92 -24.24 -36.08
C GLU C 71 28.84 -23.78 -34.62
N HIS C 72 28.25 -22.61 -34.40
CA HIS C 72 28.06 -22.12 -33.03
C HIS C 72 27.33 -23.15 -32.19
N ALA C 73 26.35 -23.83 -32.80
CA ALA C 73 25.64 -24.89 -32.09
C ALA C 73 26.59 -25.99 -31.66
N ILE C 74 27.55 -26.34 -32.51
CA ILE C 74 28.50 -27.38 -32.15
C ILE C 74 29.36 -26.92 -30.99
N ALA C 75 29.77 -25.66 -31.00
CA ALA C 75 30.47 -25.11 -29.84
C ALA C 75 29.62 -25.24 -28.59
N ASN C 76 28.31 -24.98 -28.73
CA ASN C 76 27.40 -25.12 -27.60
C ASN C 76 27.38 -26.55 -27.09
N PHE C 77 27.31 -27.52 -27.99
CA PHE C 77 27.33 -28.91 -27.57
C PHE C 77 28.62 -29.25 -26.85
N THR C 78 29.74 -28.73 -27.36
CA THR C 78 31.02 -28.94 -26.70
C THR C 78 30.98 -28.45 -25.27
N LYS C 79 30.57 -27.19 -25.08
CA LYS C 79 30.56 -26.66 -23.72
C LYS C 79 29.53 -27.36 -22.85
N ALA C 80 28.50 -27.93 -23.46
CA ALA C 80 27.54 -28.73 -22.71
C ALA C 80 28.19 -30.00 -22.18
N GLU C 81 28.78 -30.78 -23.08
CA GLU C 81 29.33 -32.06 -22.69
C GLU C 81 30.50 -31.90 -21.73
N MET C 82 31.31 -30.84 -21.91
CA MET C 82 32.44 -30.65 -21.02
C MET C 82 31.96 -30.52 -19.58
N ALA C 83 30.83 -29.83 -19.38
CA ALA C 83 30.23 -29.76 -18.07
C ALA C 83 29.87 -31.15 -17.57
N LEU C 84 29.29 -31.98 -18.43
CA LEU C 84 28.98 -33.36 -18.05
C LEU C 84 30.23 -34.06 -17.55
N GLU C 85 31.36 -33.77 -18.18
CA GLU C 85 32.60 -34.45 -17.81
C GLU C 85 33.09 -34.08 -16.43
N PHE C 86 32.44 -33.12 -15.76
CA PHE C 86 32.87 -32.69 -14.44
C PHE C 86 32.93 -33.84 -13.44
N ASN C 87 32.24 -34.95 -13.72
CA ASN C 87 32.20 -36.07 -12.80
C ASN C 87 32.29 -37.39 -13.54
N ARG C 88 33.06 -37.39 -14.65
CA ARG C 88 33.16 -38.57 -15.49
C ARG C 88 33.57 -39.79 -14.70
N GLU C 89 34.48 -39.62 -13.74
CA GLU C 89 34.88 -40.74 -12.89
C GLU C 89 33.67 -41.37 -12.20
N PHE C 90 32.85 -40.53 -11.58
CA PHE C 90 31.68 -41.02 -10.86
C PHE C 90 30.70 -41.67 -11.82
N LEU C 91 30.56 -41.10 -13.01
CA LEU C 91 29.72 -41.72 -14.04
C LEU C 91 30.20 -43.13 -14.34
N ASP C 92 31.51 -43.29 -14.50
CA ASP C 92 32.07 -44.62 -14.64
C ASP C 92 31.64 -45.51 -13.48
N LYS C 93 31.75 -44.97 -12.26
CA LYS C 93 31.37 -45.74 -11.08
C LYS C 93 29.91 -46.10 -11.06
N LEU C 94 29.15 -45.65 -12.05
CA LEU C 94 27.79 -46.10 -12.26
C LEU C 94 27.71 -47.32 -13.15
N ARG C 95 28.80 -48.10 -13.23
CA ARG C 95 28.88 -49.26 -14.12
C ARG C 95 28.46 -48.88 -15.54
N VAL C 96 28.78 -47.66 -15.96
CA VAL C 96 28.23 -47.15 -17.21
C VAL C 96 29.13 -46.05 -17.74
N LEU C 97 28.97 -45.76 -19.03
CA LEU C 97 29.52 -44.59 -19.71
C LEU C 97 31.04 -44.55 -19.71
N SER C 98 31.66 -45.46 -20.46
CA SER C 98 33.09 -45.34 -20.72
C SER C 98 33.31 -44.78 -22.12
N VAL C 99 32.27 -44.19 -22.70
CA VAL C 99 32.29 -43.72 -24.09
C VAL C 99 32.22 -42.20 -24.11
N SER C 100 32.93 -41.59 -25.06
CA SER C 100 32.71 -40.18 -25.35
C SER C 100 31.64 -40.07 -26.43
N PRO C 101 30.95 -38.94 -26.53
CA PRO C 101 29.93 -38.78 -27.57
C PRO C 101 30.45 -38.34 -28.93
N LYS C 102 31.54 -37.57 -28.98
CA LYS C 102 32.15 -37.16 -30.25
C LYS C 102 31.12 -36.67 -31.25
N TYR C 103 30.51 -35.53 -30.94
CA TYR C 103 29.41 -35.01 -31.74
C TYR C 103 29.73 -34.96 -33.23
N SER C 104 30.84 -34.31 -33.58
CA SER C 104 31.06 -33.92 -34.97
C SER C 104 30.97 -35.08 -35.93
N ASP C 105 31.17 -36.31 -35.46
CA ASP C 105 31.19 -37.43 -36.38
C ASP C 105 29.78 -37.82 -36.81
N LEU C 106 28.78 -37.40 -36.04
CA LEU C 106 27.40 -37.62 -36.48
C LEU C 106 27.13 -36.94 -37.81
N LEU C 107 28.00 -36.03 -38.20
CA LEU C 107 27.68 -35.03 -39.21
C LEU C 107 28.11 -35.50 -40.59
N THR C 108 27.56 -34.86 -41.62
CA THR C 108 27.88 -35.19 -43.00
C THR C 108 28.14 -33.89 -43.76
N TYR C 109 29.36 -33.70 -44.22
CA TYR C 109 29.76 -32.45 -44.84
C TYR C 109 29.66 -32.59 -46.34
N VAL C 110 28.78 -31.82 -46.95
CA VAL C 110 28.53 -31.96 -48.38
C VAL C 110 28.39 -30.59 -49.02
N ASP C 111 28.78 -30.49 -50.29
CA ASP C 111 28.69 -29.25 -51.05
C ASP C 111 27.37 -29.24 -51.82
N CYS C 112 26.57 -28.19 -51.64
CA CYS C 112 25.27 -28.14 -52.30
C CYS C 112 24.70 -26.72 -52.24
N TYR C 113 23.44 -26.59 -52.64
CA TYR C 113 22.70 -25.36 -52.47
C TYR C 113 21.80 -25.47 -51.25
N VAL C 114 21.60 -24.34 -50.56
CA VAL C 114 20.85 -24.27 -49.32
C VAL C 114 20.06 -22.97 -49.33
N GLY C 115 18.89 -22.98 -48.72
CA GLY C 115 18.18 -21.73 -48.55
C GLY C 115 16.73 -21.94 -48.18
N VAL C 116 16.12 -20.88 -47.65
CA VAL C 116 14.67 -20.91 -47.44
C VAL C 116 13.97 -20.97 -48.79
N SER C 117 14.40 -20.16 -49.75
CA SER C 117 13.83 -20.26 -51.08
C SER C 117 14.71 -21.08 -51.98
N ALA C 118 14.07 -21.83 -52.86
CA ALA C 118 14.80 -22.48 -53.94
C ALA C 118 15.45 -21.42 -54.82
N ARG C 119 14.74 -20.34 -55.11
CA ARG C 119 15.39 -19.17 -55.68
C ARG C 119 16.60 -18.81 -54.84
N GLN C 120 16.37 -18.54 -53.55
CA GLN C 120 17.47 -18.33 -52.62
C GLN C 120 18.50 -19.44 -52.76
N ALA C 121 18.09 -20.68 -52.52
CA ALA C 121 19.04 -21.79 -52.49
C ALA C 121 19.99 -21.73 -53.67
N LEU C 122 19.45 -21.55 -54.87
CA LEU C 122 20.25 -21.29 -56.04
C LEU C 122 21.26 -20.19 -55.80
N ASN C 123 20.84 -19.11 -55.15
CA ASN C 123 21.63 -17.89 -55.04
C ASN C 123 22.71 -18.01 -53.97
N ASN C 124 22.96 -19.23 -53.51
CA ASN C 124 24.06 -19.46 -52.58
C ASN C 124 24.56 -20.88 -52.69
N PHE C 125 25.81 -21.04 -53.13
CA PHE C 125 26.43 -22.34 -53.16
C PHE C 125 27.50 -22.44 -52.10
N GLN C 126 27.30 -23.34 -51.15
CA GLN C 126 28.23 -23.55 -50.05
C GLN C 126 28.68 -25.00 -50.07
N LYS C 127 29.68 -25.33 -49.27
CA LYS C 127 30.44 -26.56 -49.43
C LYS C 127 30.64 -27.27 -48.09
N GLN C 128 30.65 -28.60 -48.15
CA GLN C 128 31.01 -29.47 -47.02
C GLN C 128 30.29 -29.05 -45.75
N VAL C 129 29.02 -28.74 -45.92
CA VAL C 129 28.17 -28.26 -44.84
C VAL C 129 27.73 -29.48 -44.04
N PRO C 130 27.63 -29.38 -42.72
CA PRO C 130 27.13 -30.50 -41.92
C PRO C 130 25.63 -30.68 -42.07
N VAL C 131 25.23 -31.92 -42.28
CA VAL C 131 23.84 -32.34 -42.36
C VAL C 131 23.72 -33.67 -41.64
N ILE C 132 22.52 -33.94 -41.11
CA ILE C 132 22.27 -35.16 -40.36
C ILE C 132 20.78 -35.45 -40.43
N THR C 133 20.43 -36.64 -40.08
CA THR C 133 19.04 -37.00 -39.87
C THR C 133 18.60 -36.53 -38.49
N PRO C 134 17.36 -36.04 -38.41
CA PRO C 134 16.82 -35.65 -37.10
C PRO C 134 17.05 -36.67 -36.00
N THR C 135 16.96 -37.95 -36.33
CA THR C 135 16.93 -38.98 -35.31
C THR C 135 18.28 -39.16 -34.64
N ARG C 136 19.37 -39.06 -35.40
CA ARG C 136 20.68 -39.21 -34.76
C ARG C 136 20.94 -38.07 -33.79
N GLN C 137 20.57 -36.85 -34.20
CA GLN C 137 20.55 -35.74 -33.28
C GLN C 137 19.72 -36.07 -32.06
N THR C 138 18.57 -36.70 -32.27
CA THR C 138 17.68 -37.04 -31.17
C THR C 138 18.36 -37.95 -30.19
N MET C 139 19.07 -38.96 -30.71
CA MET C 139 19.84 -39.86 -29.87
C MET C 139 20.86 -39.08 -29.07
N TYR C 140 21.57 -38.16 -29.72
CA TYR C 140 22.50 -37.32 -28.98
C TYR C 140 21.78 -36.64 -27.83
N VAL C 141 20.60 -36.08 -28.11
CA VAL C 141 19.80 -35.44 -27.08
C VAL C 141 19.60 -36.38 -25.91
N ASP C 142 18.85 -37.45 -26.14
CA ASP C 142 18.42 -38.32 -25.05
C ASP C 142 19.61 -38.89 -24.31
N SER C 143 20.70 -39.16 -25.03
CA SER C 143 21.93 -39.54 -24.36
C SER C 143 22.34 -38.49 -23.36
N ILE C 144 22.42 -37.23 -23.78
CA ILE C 144 22.82 -36.19 -22.84
C ILE C 144 21.81 -36.07 -21.71
N GLN C 145 20.55 -36.34 -22.03
CA GLN C 145 19.51 -36.32 -21.02
C GLN C 145 19.85 -37.29 -19.89
N ALA C 146 20.01 -38.57 -20.24
CA ALA C 146 20.39 -39.56 -19.25
C ALA C 146 21.69 -39.16 -18.55
N ALA C 147 22.63 -38.60 -19.32
CA ALA C 147 23.91 -38.17 -18.76
C ALA C 147 23.70 -37.25 -17.57
N LEU C 148 22.93 -36.18 -17.76
CA LEU C 148 22.69 -35.27 -16.64
C LEU C 148 21.88 -35.94 -15.55
N LYS C 149 20.89 -36.75 -15.92
CA LYS C 149 20.06 -37.41 -14.91
C LYS C 149 20.90 -38.27 -13.98
N ALA C 150 22.09 -38.68 -14.44
CA ALA C 150 22.96 -39.49 -13.58
C ALA C 150 23.47 -38.73 -12.37
N LEU C 151 23.34 -37.40 -12.35
CA LEU C 151 24.11 -36.59 -11.40
C LEU C 151 23.32 -36.08 -10.21
N GLU C 152 22.06 -36.47 -10.06
CA GLU C 152 21.12 -35.85 -9.12
C GLU C 152 21.69 -35.58 -7.72
N LYS C 153 22.30 -36.59 -7.09
CA LYS C 153 22.80 -36.42 -5.73
C LYS C 153 24.27 -36.04 -5.74
N TRP C 154 25.00 -36.53 -6.74
CA TRP C 154 26.42 -36.23 -6.85
C TRP C 154 26.68 -34.74 -6.87
N GLU C 155 25.94 -34.03 -7.72
CA GLU C 155 26.17 -32.60 -7.89
C GLU C 155 25.89 -31.84 -6.60
N ILE C 156 24.83 -32.21 -5.89
CA ILE C 156 24.46 -31.44 -4.72
C ILE C 156 25.40 -31.76 -3.57
N ASP C 157 25.86 -33.01 -3.49
CA ASP C 157 26.93 -33.33 -2.58
C ASP C 157 28.15 -32.46 -2.86
N LEU C 158 28.54 -32.38 -4.13
CA LEU C 158 29.63 -31.49 -4.50
C LEU C 158 29.37 -30.08 -4.00
N ARG C 159 28.23 -29.50 -4.39
CA ARG C 159 27.90 -28.15 -3.97
C ARG C 159 28.10 -27.97 -2.48
N VAL C 160 27.33 -28.71 -1.69
CA VAL C 160 27.35 -28.49 -0.25
C VAL C 160 28.76 -28.67 0.30
N ALA C 161 29.53 -29.57 -0.31
CA ALA C 161 30.88 -29.83 0.16
C ALA C 161 31.68 -28.54 0.30
N GLN C 162 31.52 -27.63 -0.65
CA GLN C 162 32.27 -26.40 -0.59
C GLN C 162 31.45 -25.25 -0.03
N THR C 163 30.15 -25.23 -0.27
CA THR C 163 29.31 -24.18 0.25
C THR C 163 29.31 -24.16 1.76
N LEU C 164 29.59 -25.30 2.40
CA LEU C 164 29.54 -25.35 3.86
C LEU C 164 30.65 -24.52 4.49
N LEU C 165 31.62 -24.06 3.71
CA LEU C 165 32.80 -23.44 4.30
C LEU C 165 33.30 -22.35 3.37
N PRO C 166 34.16 -21.47 3.86
CA PRO C 166 34.87 -20.56 2.95
C PRO C 166 35.81 -21.34 2.07
N THR C 167 35.76 -21.07 0.77
CA THR C 167 36.62 -21.77 -0.17
C THR C 167 37.35 -20.85 -1.15
N ASN C 168 36.87 -19.62 -1.34
CA ASN C 168 37.51 -18.69 -2.25
C ASN C 168 37.26 -17.28 -1.74
N VAL C 169 37.92 -16.32 -2.38
CA VAL C 169 38.00 -14.98 -1.82
C VAL C 169 37.77 -13.97 -2.93
N PRO C 170 37.25 -12.77 -2.62
CA PRO C 170 37.25 -11.70 -3.63
C PRO C 170 38.65 -11.30 -4.05
N ILE C 171 39.64 -11.43 -3.15
CA ILE C 171 40.99 -10.97 -3.46
C ILE C 171 41.99 -11.60 -2.49
N GLY C 172 43.21 -11.81 -2.98
CA GLY C 172 44.26 -12.32 -2.13
C GLY C 172 44.15 -13.80 -1.91
N GLU C 173 44.82 -14.28 -0.86
CA GLU C 173 44.83 -15.70 -0.53
C GLU C 173 45.43 -15.87 0.84
N VAL C 174 44.84 -16.76 1.64
CA VAL C 174 45.42 -17.24 2.88
C VAL C 174 45.12 -18.72 2.97
N SER C 175 45.87 -19.43 3.81
CA SER C 175 45.78 -20.88 3.85
C SER C 175 45.72 -21.38 5.29
N CYS C 176 45.68 -22.70 5.42
CA CYS C 176 45.47 -23.39 6.70
C CYS C 176 45.87 -24.85 6.56
N PRO C 177 46.27 -25.50 7.66
CA PRO C 177 46.74 -26.89 7.57
C PRO C 177 45.64 -27.83 7.10
N MET C 178 45.87 -28.41 5.92
CA MET C 178 44.89 -29.32 5.33
C MET C 178 44.52 -30.46 6.27
N GLN C 179 45.39 -30.78 7.22
CA GLN C 179 45.10 -31.87 8.14
C GLN C 179 43.86 -31.57 8.96
N SER C 180 43.91 -30.51 9.76
CA SER C 180 42.74 -30.11 10.53
C SER C 180 41.57 -29.80 9.61
N VAL C 181 41.88 -29.32 8.40
CA VAL C 181 40.83 -29.11 7.40
C VAL C 181 40.01 -30.38 7.23
N VAL C 182 40.64 -31.44 6.75
CA VAL C 182 39.90 -32.68 6.53
C VAL C 182 39.32 -33.20 7.83
N LYS C 183 40.03 -32.97 8.95
CA LYS C 183 39.49 -33.36 10.24
C LYS C 183 38.06 -32.85 10.39
N LEU C 184 37.89 -31.53 10.36
CA LEU C 184 36.55 -31.00 10.55
C LEU C 184 35.66 -31.32 9.36
N LEU C 185 36.25 -31.44 8.18
CA LEU C 185 35.50 -31.85 7.00
C LEU C 185 34.69 -33.10 7.29
N ASP C 186 35.38 -34.19 7.59
CA ASP C 186 34.68 -35.40 7.97
C ASP C 186 33.83 -35.17 9.19
N ASP C 187 34.32 -34.36 10.13
CA ASP C 187 33.65 -34.21 11.41
C ASP C 187 32.23 -33.68 11.26
N GLN C 188 31.98 -32.82 10.30
CA GLN C 188 30.66 -32.23 10.15
C GLN C 188 29.95 -32.61 8.87
N LEU C 189 30.60 -33.36 7.99
CA LEU C 189 29.90 -33.82 6.80
C LEU C 189 28.78 -34.77 7.20
N PRO C 190 27.57 -34.55 6.71
CA PRO C 190 26.53 -35.59 6.81
C PRO C 190 27.04 -36.92 6.28
N ASP C 191 26.73 -37.97 7.04
CA ASP C 191 27.29 -39.30 6.77
C ASP C 191 26.86 -39.87 5.42
N ASP C 192 25.76 -39.39 4.85
CA ASP C 192 25.19 -39.96 3.64
C ASP C 192 25.95 -39.53 2.38
N SER C 193 27.01 -38.77 2.53
CA SER C 193 27.76 -38.31 1.37
C SER C 193 28.48 -39.48 0.71
N LEU C 194 28.76 -39.34 -0.59
CA LEU C 194 29.30 -40.47 -1.34
C LEU C 194 30.81 -40.58 -1.19
N ILE C 195 31.48 -39.52 -0.75
CA ILE C 195 32.88 -39.66 -0.38
C ILE C 195 33.03 -40.74 0.68
N ARG C 196 32.07 -40.84 1.60
CA ARG C 196 32.05 -41.96 2.54
C ARG C 196 32.01 -43.28 1.80
N ARG C 197 31.60 -43.24 0.54
CA ARG C 197 31.62 -44.42 -0.31
C ARG C 197 32.64 -44.29 -1.42
N TYR C 198 32.87 -43.07 -1.91
CA TYR C 198 33.74 -42.83 -3.07
C TYR C 198 34.51 -41.54 -2.82
N PRO C 199 35.58 -41.62 -2.05
CA PRO C 199 36.34 -40.40 -1.73
C PRO C 199 37.28 -39.94 -2.82
N LYS C 200 38.02 -40.87 -3.42
CA LYS C 200 39.05 -40.51 -4.37
C LYS C 200 38.46 -39.70 -5.51
N GLU C 201 37.53 -40.32 -6.23
CA GLU C 201 36.64 -39.67 -7.17
C GLU C 201 36.31 -38.26 -6.73
N ALA C 202 35.96 -38.08 -5.46
CA ALA C 202 35.53 -36.78 -4.99
C ALA C 202 36.68 -35.78 -5.04
N ALA C 203 37.81 -36.13 -4.44
CA ALA C 203 38.98 -35.26 -4.50
C ALA C 203 39.30 -34.89 -5.93
N VAL C 204 39.21 -35.86 -6.82
CA VAL C 204 39.47 -35.61 -8.24
C VAL C 204 38.50 -34.56 -8.78
N ALA C 205 37.21 -34.78 -8.55
CA ALA C 205 36.20 -33.84 -9.02
C ALA C 205 36.49 -32.44 -8.52
N LEU C 206 36.94 -32.32 -7.28
CA LEU C 206 37.39 -31.03 -6.78
C LEU C 206 38.54 -30.49 -7.63
N ALA C 207 39.48 -31.36 -7.98
CA ALA C 207 40.68 -30.90 -8.67
C ALA C 207 40.36 -30.20 -9.99
N LYS C 208 39.36 -30.70 -10.72
CA LYS C 208 39.08 -30.12 -12.03
C LYS C 208 38.37 -28.79 -11.90
N ARG C 209 38.01 -28.38 -10.69
CA ARG C 209 37.20 -27.19 -10.51
C ARG C 209 37.82 -26.18 -9.55
N ASN C 210 38.90 -26.55 -8.85
CA ASN C 210 39.60 -25.58 -8.02
C ASN C 210 41.02 -26.06 -7.77
N GLY C 211 41.93 -25.09 -7.64
CA GLY C 211 43.32 -25.38 -7.36
C GLY C 211 43.83 -24.66 -6.13
N GLY C 212 42.99 -23.81 -5.55
CA GLY C 212 43.30 -23.20 -4.28
C GLY C 212 43.28 -24.25 -3.21
N ILE C 213 42.78 -25.42 -3.59
CA ILE C 213 42.86 -26.62 -2.79
C ILE C 213 43.32 -27.70 -3.75
N GLN C 214 44.45 -28.34 -3.42
CA GLN C 214 45.02 -29.35 -4.29
C GLN C 214 45.62 -30.47 -3.46
N TRP C 215 45.90 -31.58 -4.13
CA TRP C 215 46.56 -32.70 -3.51
C TRP C 215 47.89 -32.94 -4.22
N MET C 216 48.83 -33.53 -3.48
CA MET C 216 50.09 -33.93 -4.06
C MET C 216 50.14 -35.45 -4.05
N ASP C 217 50.72 -36.01 -5.10
CA ASP C 217 50.87 -37.46 -5.21
C ASP C 217 52.24 -37.89 -4.72
N VAL C 218 52.35 -39.18 -4.39
CA VAL C 218 53.63 -39.75 -4.01
C VAL C 218 54.62 -39.59 -5.15
N SER C 219 54.16 -39.69 -6.39
CA SER C 219 55.01 -39.40 -7.53
C SER C 219 55.18 -37.89 -7.70
N GLU C 220 54.18 -37.12 -7.29
CA GLU C 220 54.31 -35.67 -7.32
C GLU C 220 55.31 -35.20 -6.28
N GLY C 221 56.01 -34.13 -6.61
CA GLY C 221 56.76 -33.40 -5.62
C GLY C 221 56.14 -32.03 -5.52
N THR C 222 55.25 -31.74 -6.47
CA THR C 222 54.57 -30.47 -6.57
C THR C 222 53.11 -30.72 -6.89
N VAL C 223 52.34 -29.64 -7.00
CA VAL C 223 51.00 -29.65 -7.53
C VAL C 223 50.80 -28.40 -8.38
N MET C 224 49.90 -28.49 -9.35
CA MET C 224 49.49 -27.33 -10.12
C MET C 224 47.98 -27.33 -10.21
N ASN C 225 47.46 -26.29 -10.83
CA ASN C 225 46.02 -26.11 -10.92
C ASN C 225 45.44 -26.99 -12.02
N GLU C 226 44.23 -27.49 -11.81
CA GLU C 226 43.56 -28.36 -12.78
C GLU C 226 42.16 -27.89 -13.12
N ALA C 227 41.82 -26.65 -12.81
CA ALA C 227 40.56 -26.06 -13.24
C ALA C 227 40.79 -25.14 -14.43
N VAL C 228 39.70 -24.58 -14.94
CA VAL C 228 39.79 -23.66 -16.07
C VAL C 228 38.93 -22.44 -15.78
N ASN C 229 38.48 -22.32 -14.53
CA ASN C 229 37.76 -21.13 -14.10
C ASN C 229 38.66 -19.91 -14.07
N ALA C 230 39.97 -20.11 -14.15
CA ALA C 230 40.90 -18.98 -14.06
C ALA C 230 40.74 -18.04 -15.24
N VAL C 231 40.62 -18.58 -16.46
CA VAL C 231 40.34 -17.72 -17.59
C VAL C 231 39.00 -17.03 -17.41
N ALA C 232 38.04 -17.74 -16.83
CA ALA C 232 36.81 -17.10 -16.39
C ALA C 232 37.10 -16.13 -15.25
N ALA C 233 37.97 -16.53 -14.33
CA ALA C 233 38.31 -15.65 -13.20
C ALA C 233 38.91 -14.34 -13.69
N SER C 234 39.40 -14.32 -14.93
CA SER C 234 40.04 -13.12 -15.45
C SER C 234 39.09 -11.93 -15.48
N ALA C 235 38.06 -11.98 -16.32
CA ALA C 235 37.15 -10.85 -16.45
C ALA C 235 36.36 -10.57 -15.19
N LEU C 236 36.15 -11.57 -14.34
CA LEU C 236 35.47 -11.39 -13.07
C LEU C 236 36.43 -11.04 -11.94
N ALA C 237 37.58 -10.44 -12.26
CA ALA C 237 38.54 -10.08 -11.24
C ALA C 237 38.82 -8.59 -11.26
N PRO C 238 38.92 -7.97 -10.09
CA PRO C 238 39.51 -6.64 -10.03
C PRO C 238 41.02 -6.75 -10.10
N SER C 239 41.73 -5.68 -10.48
CA SER C 239 43.17 -5.83 -10.59
C SER C 239 43.89 -5.41 -9.33
N ALA C 240 43.90 -4.10 -9.04
CA ALA C 240 44.33 -3.65 -7.72
C ALA C 240 43.47 -2.48 -7.27
N SER C 241 42.81 -1.83 -8.22
CA SER C 241 42.02 -0.64 -7.92
C SER C 241 40.77 -0.55 -8.77
N ALA C 242 40.53 -1.56 -9.62
CA ALA C 242 39.46 -1.47 -10.60
C ALA C 242 38.67 -2.77 -10.65
N PRO C 243 37.35 -2.69 -10.59
CA PRO C 243 36.52 -3.88 -10.46
C PRO C 243 36.63 -4.78 -11.68
N PRO C 244 36.08 -5.99 -11.59
CA PRO C 244 35.98 -6.86 -12.76
C PRO C 244 35.24 -6.21 -13.92
N LEU C 245 35.23 -6.90 -15.06
CA LEU C 245 34.60 -6.33 -16.25
C LEU C 245 33.16 -6.79 -16.38
N GLU C 246 32.90 -8.08 -16.10
CA GLU C 246 31.61 -8.67 -16.41
C GLU C 246 30.46 -7.90 -15.78
N GLU C 247 30.57 -7.58 -14.50
CA GLU C 247 29.49 -6.89 -13.81
C GLU C 247 29.26 -5.50 -14.41
N LYS C 248 30.34 -4.85 -14.87
CA LYS C 248 30.18 -3.54 -15.48
C LYS C 248 29.46 -3.66 -16.83
N SER C 249 29.86 -4.63 -17.65
CA SER C 249 29.12 -4.88 -18.88
C SER C 249 27.66 -5.17 -18.58
N LYS C 250 27.40 -5.87 -17.48
CA LYS C 250 26.05 -6.21 -17.09
C LYS C 250 25.24 -4.96 -16.74
N LEU C 251 25.84 -4.06 -15.97
CA LEU C 251 25.09 -2.86 -15.60
C LEU C 251 24.84 -2.00 -16.83
N THR C 252 25.82 -1.92 -17.73
CA THR C 252 25.59 -1.18 -18.98
C THR C 252 24.45 -1.78 -19.79
N GLU C 253 24.45 -3.10 -19.96
CA GLU C 253 23.39 -3.69 -20.77
C GLU C 253 22.04 -3.54 -20.10
N GLN C 254 21.99 -3.64 -18.78
CA GLN C 254 20.72 -3.41 -18.10
C GLN C 254 20.23 -1.99 -18.31
N ALA C 255 21.12 -1.01 -18.18
CA ALA C 255 20.72 0.38 -18.39
C ALA C 255 20.23 0.59 -19.81
N MET C 256 20.87 -0.04 -20.79
CA MET C 256 20.38 0.14 -22.15
C MET C 256 19.03 -0.55 -22.33
N ASP C 257 18.81 -1.67 -21.64
CA ASP C 257 17.48 -2.26 -21.62
C ASP C 257 16.45 -1.27 -21.11
N LEU C 258 16.80 -0.52 -20.07
CA LEU C 258 15.84 0.37 -19.44
C LEU C 258 15.54 1.55 -20.36
N VAL C 259 16.59 2.18 -20.90
CA VAL C 259 16.38 3.30 -21.80
C VAL C 259 15.66 2.84 -23.05
N THR C 260 15.85 1.58 -23.44
CA THR C 260 15.08 1.01 -24.54
C THR C 260 13.61 0.93 -24.18
N ALA C 261 13.31 0.35 -23.02
CA ALA C 261 11.93 0.27 -22.55
C ALA C 261 11.33 1.65 -22.30
N ALA C 262 12.12 2.71 -22.38
CA ALA C 262 11.57 4.05 -22.23
C ALA C 262 10.70 4.47 -23.42
N GLU C 263 11.20 4.32 -24.65
CA GLU C 263 10.62 4.97 -25.82
C GLU C 263 10.50 6.46 -25.53
N PRO C 264 11.63 7.17 -25.41
CA PRO C 264 11.59 8.55 -24.88
C PRO C 264 10.82 9.51 -25.75
N GLU C 265 10.99 9.42 -27.08
CA GLU C 265 10.28 10.27 -28.01
C GLU C 265 8.80 10.34 -27.69
N ILE C 266 8.21 9.22 -27.29
CA ILE C 266 6.81 9.25 -26.87
C ILE C 266 6.68 10.00 -25.55
N ILE C 267 7.57 9.69 -24.60
CA ILE C 267 7.43 10.29 -23.28
C ILE C 267 7.66 11.79 -23.40
N ALA C 268 8.63 12.18 -24.20
CA ALA C 268 8.98 13.58 -24.36
C ALA C 268 8.32 14.20 -25.60
N SER C 269 7.22 13.64 -26.07
CA SER C 269 6.60 14.17 -27.28
C SER C 269 5.87 15.48 -26.98
N LEU C 270 5.81 16.33 -27.99
CA LEU C 270 4.91 17.48 -27.99
C LEU C 270 3.74 17.26 -28.93
N VAL C 271 3.70 16.11 -29.60
CA VAL C 271 2.60 15.76 -30.49
C VAL C 271 1.52 15.10 -29.63
N PRO C 272 0.24 15.33 -29.91
CA PRO C 272 -0.80 14.63 -29.16
C PRO C 272 -0.74 13.14 -29.41
N VAL C 273 -0.87 12.37 -28.33
CA VAL C 273 -0.63 10.92 -28.40
C VAL C 273 -1.93 10.14 -28.18
N PRO C 274 -2.08 8.98 -28.81
CA PRO C 274 -3.29 8.19 -28.60
C PRO C 274 -3.39 7.65 -27.18
N ALA C 275 -4.63 7.53 -26.70
CA ALA C 275 -4.90 6.98 -25.36
C ALA C 275 -4.58 5.49 -25.21
N PRO C 276 -5.01 4.59 -26.10
CA PRO C 276 -4.81 3.15 -25.81
C PRO C 276 -3.36 2.72 -25.74
N VAL C 277 -2.51 3.26 -26.63
CA VAL C 277 -1.09 2.89 -26.58
C VAL C 277 -0.44 3.44 -25.32
N PHE C 278 -0.91 4.59 -24.84
CA PHE C 278 -0.36 5.17 -23.62
C PHE C 278 -0.94 4.51 -22.37
N ALA C 279 -2.13 3.93 -22.49
CA ALA C 279 -2.85 3.43 -21.31
C ALA C 279 -2.06 2.35 -20.60
N ILE C 280 -2.18 2.33 -19.28
CA ILE C 280 -1.53 1.33 -18.43
C ILE C 280 -2.55 0.84 -17.40
N PRO C 281 -2.63 -0.49 -17.22
CA PRO C 281 -3.62 -1.04 -16.28
C PRO C 281 -3.40 -0.51 -14.87
N PRO C 282 -4.39 0.19 -14.32
CA PRO C 282 -4.28 0.70 -12.94
C PRO C 282 -4.80 -0.32 -11.93
N LYS C 283 -4.78 0.10 -10.67
CA LYS C 283 -5.18 -0.76 -9.57
C LYS C 283 -6.33 -0.11 -8.79
N PRO C 284 -7.15 -0.92 -8.09
CA PRO C 284 -8.30 -0.37 -7.36
C PRO C 284 -7.93 0.67 -6.32
N ALA C 285 -8.91 1.47 -5.88
CA ALA C 285 -8.67 2.50 -4.88
C ALA C 285 -9.92 2.71 -4.04
N ASP C 286 -9.73 3.14 -2.80
CA ASP C 286 -10.82 3.32 -1.85
C ASP C 286 -11.15 4.79 -1.72
N TYR C 287 -12.42 5.07 -1.41
CA TYR C 287 -12.92 6.43 -1.32
C TYR C 287 -14.05 6.49 -0.31
N ASN C 288 -14.30 7.70 0.19
CA ASN C 288 -15.40 7.98 1.11
C ASN C 288 -16.21 9.15 0.58
N VAL C 289 -17.49 8.90 0.35
CA VAL C 289 -18.31 9.81 -0.45
C VAL C 289 -18.39 11.19 0.20
N ARG C 290 -18.94 11.25 1.42
CA ARG C 290 -19.27 12.56 1.99
C ARG C 290 -18.01 13.41 2.15
N THR C 291 -16.89 12.79 2.50
CA THR C 291 -15.64 13.53 2.63
C THR C 291 -15.32 14.30 1.36
N LEU C 292 -15.82 13.83 0.23
CA LEU C 292 -15.54 14.47 -1.04
C LEU C 292 -16.38 15.72 -1.20
N LYS C 293 -16.10 16.48 -2.26
CA LYS C 293 -16.85 17.68 -2.60
C LYS C 293 -17.10 17.71 -4.11
N ILE C 294 -18.37 17.89 -4.48
CA ILE C 294 -18.78 17.85 -5.88
C ILE C 294 -18.40 19.12 -6.61
N ASP C 295 -17.77 20.06 -5.92
CA ASP C 295 -17.18 21.23 -6.57
C ASP C 295 -15.70 21.03 -6.86
N GLU C 296 -15.01 20.26 -6.03
CA GLU C 296 -13.67 19.78 -6.36
C GLU C 296 -13.70 18.58 -7.28
N ALA C 297 -14.71 17.72 -7.16
CA ALA C 297 -14.87 16.56 -8.00
C ALA C 297 -15.98 16.83 -9.01
N THR C 298 -15.78 16.31 -10.22
CA THR C 298 -16.69 16.61 -11.32
C THR C 298 -17.74 15.53 -11.55
N TRP C 299 -17.35 14.27 -11.37
CA TRP C 299 -18.14 13.11 -11.76
C TRP C 299 -19.28 12.82 -10.80
N LEU C 300 -19.51 13.70 -9.84
CA LEU C 300 -20.54 13.49 -8.84
C LEU C 300 -21.49 14.68 -8.83
N ARG C 301 -22.72 14.41 -8.40
CA ARG C 301 -23.71 15.46 -8.19
C ARG C 301 -24.23 15.36 -6.77
N MET C 302 -25.03 16.34 -6.40
CA MET C 302 -25.73 16.35 -5.14
C MET C 302 -26.75 17.47 -5.19
N ILE C 303 -27.93 17.22 -4.64
CA ILE C 303 -28.94 18.27 -4.49
C ILE C 303 -28.37 19.29 -3.51
N PRO C 304 -28.69 20.58 -3.65
CA PRO C 304 -28.23 21.53 -2.64
C PRO C 304 -28.66 21.08 -1.26
N LYS C 305 -27.73 21.16 -0.31
CA LYS C 305 -28.00 20.67 1.04
C LYS C 305 -29.28 21.26 1.57
N THR C 306 -30.14 20.40 2.12
CA THR C 306 -31.44 20.79 2.63
C THR C 306 -32.17 21.67 1.63
N MET C 307 -32.43 21.13 0.43
CA MET C 307 -33.15 21.90 -0.56
C MET C 307 -34.59 22.13 -0.12
N GLY C 308 -35.10 21.27 0.75
CA GLY C 308 -36.41 21.46 1.31
C GLY C 308 -37.41 20.43 0.82
N THR C 309 -36.93 19.43 0.09
CA THR C 309 -37.80 18.37 -0.42
C THR C 309 -37.48 17.06 0.30
N LEU C 310 -38.48 16.17 0.32
CA LEU C 310 -38.34 14.82 0.81
C LEU C 310 -39.56 14.01 0.37
N PHE C 311 -39.31 12.88 -0.30
CA PHE C 311 -40.37 12.15 -0.97
C PHE C 311 -39.99 10.69 -1.06
N GLN C 312 -40.94 9.81 -0.79
CA GLN C 312 -40.71 8.38 -0.81
C GLN C 312 -41.22 7.77 -2.10
N ILE C 313 -40.37 6.98 -2.75
CA ILE C 313 -40.71 6.26 -3.95
C ILE C 313 -40.44 4.76 -3.71
N GLN C 314 -40.86 3.95 -4.66
CA GLN C 314 -40.74 2.50 -4.57
C GLN C 314 -40.47 1.94 -5.96
N VAL C 315 -39.64 0.92 -6.02
CA VAL C 315 -39.17 0.35 -7.28
C VAL C 315 -39.03 -1.15 -7.14
N THR C 316 -39.48 -1.87 -8.16
CA THR C 316 -39.31 -3.30 -8.24
C THR C 316 -37.90 -3.64 -8.69
N ASP C 317 -37.35 -4.69 -8.11
CA ASP C 317 -36.00 -5.11 -8.43
C ASP C 317 -36.00 -5.84 -9.76
N ASN C 318 -34.90 -6.53 -10.05
CA ASN C 318 -34.85 -7.38 -11.25
C ASN C 318 -35.98 -8.39 -11.25
N THR C 319 -36.19 -9.10 -10.14
CA THR C 319 -37.28 -10.05 -10.04
C THR C 319 -38.64 -9.39 -10.02
N GLY C 320 -38.68 -8.06 -9.91
CA GLY C 320 -39.93 -7.36 -9.75
C GLY C 320 -40.32 -7.11 -8.32
N THR C 321 -39.45 -7.40 -7.36
CA THR C 321 -39.72 -7.16 -5.95
C THR C 321 -39.52 -5.69 -5.68
N ASN C 322 -40.57 -5.04 -5.19
CA ASN C 322 -40.52 -3.61 -4.99
C ASN C 322 -40.12 -3.25 -3.56
N TRP C 323 -39.43 -2.12 -3.45
CA TRP C 323 -38.91 -1.62 -2.19
C TRP C 323 -39.06 -0.11 -2.17
N HIS C 324 -39.02 0.46 -0.96
CA HIS C 324 -39.41 1.84 -0.74
C HIS C 324 -38.29 2.62 -0.09
N PHE C 325 -38.29 3.93 -0.28
CA PHE C 325 -37.10 4.72 0.01
C PHE C 325 -37.45 6.19 -0.05
N ASN C 326 -36.85 6.97 0.84
CA ASN C 326 -37.07 8.40 0.90
C ASN C 326 -35.91 9.14 0.24
N LEU C 327 -36.20 10.30 -0.31
CA LEU C 327 -35.25 11.08 -1.08
C LEU C 327 -35.42 12.54 -0.71
N ARG C 328 -34.33 13.20 -0.33
CA ARG C 328 -34.49 14.54 0.22
C ARG C 328 -33.43 15.47 -0.35
N GLY C 329 -33.73 16.77 -0.34
CA GLY C 329 -32.89 17.78 -0.94
C GLY C 329 -31.54 17.93 -0.28
N GLY C 330 -30.50 17.53 -1.00
CA GLY C 330 -29.15 17.59 -0.48
C GLY C 330 -28.44 16.26 -0.69
N THR C 331 -29.12 15.32 -1.35
CA THR C 331 -28.58 13.98 -1.45
C THR C 331 -27.46 13.91 -2.48
N ARG C 332 -26.33 13.36 -2.06
CA ARG C 332 -25.21 13.10 -2.94
C ARG C 332 -25.58 11.96 -3.90
N VAL C 333 -24.96 11.98 -5.08
CA VAL C 333 -25.19 10.94 -6.08
C VAL C 333 -23.96 10.84 -6.97
N VAL C 334 -23.72 9.64 -7.47
CA VAL C 334 -22.69 9.38 -8.47
C VAL C 334 -23.34 9.37 -9.84
N ASN C 335 -23.00 10.37 -10.66
CA ASN C 335 -23.47 10.42 -12.04
C ASN C 335 -22.78 9.30 -12.81
N LEU C 336 -23.52 8.24 -13.07
CA LEU C 336 -22.98 7.08 -13.76
C LEU C 336 -22.97 7.24 -15.27
N ASP C 337 -23.08 8.46 -15.78
CA ASP C 337 -23.15 8.65 -17.22
C ASP C 337 -21.74 8.56 -17.80
N GLN C 338 -21.45 7.44 -18.46
CA GLN C 338 -20.19 7.22 -19.18
C GLN C 338 -18.98 7.31 -18.24
N ILE C 339 -18.91 6.33 -17.35
CA ILE C 339 -17.92 6.34 -16.28
C ILE C 339 -17.00 5.12 -16.32
N ALA C 340 -16.62 4.65 -17.52
CA ALA C 340 -15.47 3.76 -17.64
C ALA C 340 -15.64 2.43 -16.90
N PRO C 341 -16.30 1.44 -17.51
CA PRO C 341 -16.76 0.23 -16.80
C PRO C 341 -15.84 -0.22 -15.68
N MET C 342 -16.44 -0.42 -14.50
CA MET C 342 -15.65 -0.52 -13.29
C MET C 342 -16.44 -1.28 -12.24
N ARG C 343 -15.76 -2.03 -11.39
CA ARG C 343 -16.42 -2.74 -10.31
C ARG C 343 -16.31 -1.93 -9.02
N PHE C 344 -17.32 -2.06 -8.17
CA PHE C 344 -17.43 -1.32 -6.94
C PHE C 344 -17.75 -2.26 -5.81
N VAL C 345 -16.92 -2.23 -4.75
CA VAL C 345 -17.12 -3.10 -3.60
C VAL C 345 -17.06 -2.21 -2.36
N LEU C 346 -18.05 -2.34 -1.50
CA LEU C 346 -18.24 -1.35 -0.44
C LEU C 346 -18.24 -2.02 0.92
N ASP C 347 -17.78 -1.27 1.93
CA ASP C 347 -17.92 -1.67 3.32
C ASP C 347 -18.05 -0.41 4.16
N LEU C 348 -18.53 -0.57 5.39
CA LEU C 348 -18.72 0.55 6.30
C LEU C 348 -18.44 0.22 7.76
N GLY C 349 -17.66 -0.83 8.03
CA GLY C 349 -17.37 -1.19 9.40
C GLY C 349 -16.97 0.00 10.24
N GLY C 350 -17.77 0.29 11.25
CA GLY C 350 -17.48 1.40 12.13
C GLY C 350 -18.27 2.66 11.87
N LYS C 351 -19.59 2.55 11.77
CA LYS C 351 -20.46 3.72 11.68
C LYS C 351 -21.56 3.58 12.72
N SER C 352 -22.34 4.66 12.89
CA SER C 352 -23.48 4.61 13.80
C SER C 352 -24.76 4.41 13.00
N TYR C 353 -25.08 5.38 12.14
CA TYR C 353 -26.27 5.32 11.31
C TYR C 353 -27.50 4.90 12.11
N LYS C 354 -27.46 5.18 13.40
CA LYS C 354 -28.48 4.78 14.35
C LYS C 354 -29.33 5.98 14.72
N GLU C 355 -30.62 5.85 14.51
CA GLU C 355 -31.51 6.93 14.89
C GLU C 355 -32.18 6.61 16.20
N THR C 356 -32.83 7.59 16.81
CA THR C 356 -33.46 7.40 18.10
C THR C 356 -34.66 6.48 18.04
N SER C 357 -35.43 6.56 16.96
CA SER C 357 -36.63 5.74 16.85
C SER C 357 -36.40 4.67 15.79
N TRP C 358 -35.16 4.55 15.33
CA TRP C 358 -34.84 3.67 14.22
C TRP C 358 -33.66 2.80 14.58
N ASP C 359 -33.79 1.52 14.27
CA ASP C 359 -32.68 0.64 14.47
C ASP C 359 -32.15 0.24 13.10
N PRO C 360 -30.91 0.55 12.80
CA PRO C 360 -30.32 0.08 11.55
C PRO C 360 -29.92 -1.39 11.59
N ASN C 361 -29.92 -2.00 12.77
CA ASN C 361 -29.45 -3.37 12.87
C ASN C 361 -30.45 -4.34 12.25
N GLY C 362 -29.94 -5.49 11.79
CA GLY C 362 -30.79 -6.51 11.20
C GLY C 362 -31.37 -6.18 9.86
N LYS C 363 -31.16 -4.97 9.35
CA LYS C 363 -31.83 -4.49 8.16
C LYS C 363 -31.11 -4.92 6.90
N LYS C 364 -31.45 -4.23 5.80
CA LYS C 364 -30.82 -4.44 4.50
C LYS C 364 -30.56 -3.11 3.80
N VAL C 365 -29.46 -3.04 3.08
CA VAL C 365 -29.23 -1.98 2.11
C VAL C 365 -28.96 -2.63 0.76
N GLY C 366 -28.73 -1.79 -0.23
CA GLY C 366 -28.52 -2.28 -1.58
C GLY C 366 -28.11 -1.20 -2.55
N PHE C 367 -27.90 -1.66 -3.79
CA PHE C 367 -27.49 -0.86 -4.93
C PHE C 367 -28.73 -0.46 -5.73
N ILE C 368 -28.73 0.76 -6.26
CA ILE C 368 -29.87 1.32 -6.98
C ILE C 368 -29.35 2.08 -8.18
N VAL C 369 -29.90 1.79 -9.36
CA VAL C 369 -29.44 2.35 -10.61
C VAL C 369 -30.43 3.44 -11.00
N PHE C 370 -29.95 4.42 -11.76
CA PHE C 370 -30.77 5.56 -12.17
C PHE C 370 -30.54 5.89 -13.63
N GLN C 371 -31.60 5.72 -14.42
CA GLN C 371 -31.54 5.91 -15.87
C GLN C 371 -32.73 6.76 -16.30
N SER C 372 -32.47 8.03 -16.60
CA SER C 372 -33.45 8.94 -17.15
C SER C 372 -32.74 10.14 -17.76
N LYS C 373 -33.31 10.67 -18.84
CA LYS C 373 -32.74 11.79 -19.55
C LYS C 373 -33.00 13.10 -18.85
N ILE C 374 -33.32 13.07 -17.57
CA ILE C 374 -33.68 14.26 -16.80
C ILE C 374 -32.59 14.48 -15.76
N PRO C 375 -32.13 15.71 -15.56
CA PRO C 375 -31.02 15.94 -14.64
C PRO C 375 -31.38 15.58 -13.21
N PHE C 376 -30.53 14.77 -12.60
CA PHE C 376 -30.62 14.45 -11.17
C PHE C 376 -31.07 15.65 -10.36
N GLU C 377 -30.34 16.75 -10.42
CA GLU C 377 -30.69 17.92 -9.63
C GLU C 377 -32.06 18.44 -10.02
N LEU C 378 -32.46 18.21 -11.27
CA LEU C 378 -33.81 18.55 -11.68
C LEU C 378 -34.84 17.54 -11.21
N TRP C 379 -34.44 16.56 -10.41
CA TRP C 379 -35.39 15.54 -9.98
C TRP C 379 -36.11 15.95 -8.72
N THR C 380 -37.40 16.21 -8.85
CA THR C 380 -38.27 16.48 -7.72
C THR C 380 -39.47 15.55 -7.67
N ALA C 381 -39.66 14.72 -8.69
CA ALA C 381 -40.79 13.81 -8.76
C ALA C 381 -40.34 12.46 -9.26
N ALA C 382 -41.14 11.44 -8.95
CA ALA C 382 -40.78 10.06 -9.29
C ALA C 382 -40.63 9.85 -10.78
N SER C 383 -41.53 10.40 -11.59
CA SER C 383 -41.42 10.27 -13.04
C SER C 383 -40.14 10.89 -13.55
N GLN C 384 -39.59 11.87 -12.84
CA GLN C 384 -38.35 12.49 -13.23
C GLN C 384 -37.16 11.55 -13.08
N ILE C 385 -37.39 10.34 -12.56
CA ILE C 385 -36.38 9.28 -12.60
C ILE C 385 -36.78 8.16 -13.52
N GLY C 386 -38.08 7.88 -13.65
CA GLY C 386 -38.52 6.88 -14.59
C GLY C 386 -37.92 5.52 -14.29
N GLN C 387 -36.98 5.10 -15.13
CA GLN C 387 -36.42 3.77 -15.08
C GLN C 387 -35.35 3.69 -14.01
N ALA C 388 -35.41 2.63 -13.19
CA ALA C 388 -34.48 2.38 -12.11
C ALA C 388 -34.67 0.95 -11.63
N THR C 389 -33.63 0.37 -11.05
CA THR C 389 -33.69 -1.05 -10.70
C THR C 389 -32.66 -1.37 -9.62
N VAL C 390 -32.98 -2.40 -8.83
CA VAL C 390 -32.05 -2.96 -7.86
C VAL C 390 -31.10 -3.88 -8.64
N VAL C 391 -29.80 -3.81 -8.33
CA VAL C 391 -28.87 -4.77 -8.88
C VAL C 391 -28.16 -5.60 -7.81
N ASN C 392 -28.18 -5.17 -6.56
CA ASN C 392 -27.43 -5.86 -5.51
C ASN C 392 -27.89 -5.40 -4.13
N TYR C 393 -27.51 -6.13 -3.08
CA TYR C 393 -27.98 -5.79 -1.75
C TYR C 393 -27.26 -6.66 -0.72
N VAL C 394 -27.34 -6.21 0.55
CA VAL C 394 -26.76 -6.91 1.68
C VAL C 394 -27.71 -6.78 2.87
N GLN C 395 -27.78 -7.85 3.65
CA GLN C 395 -28.45 -7.82 4.94
C GLN C 395 -27.50 -7.28 5.99
N LEU C 396 -28.04 -6.54 6.94
CA LEU C 396 -27.21 -5.77 7.85
C LEU C 396 -27.26 -6.32 9.26
N TYR C 397 -26.18 -6.05 10.00
CA TYR C 397 -26.14 -6.33 11.42
C TYR C 397 -25.01 -5.54 12.03
N ALA C 398 -25.20 -5.07 13.25
CA ALA C 398 -24.24 -4.24 13.95
C ALA C 398 -24.10 -4.71 15.39
N GLU C 399 -23.23 -4.03 16.13
CA GLU C 399 -23.05 -4.34 17.53
C GLU C 399 -22.71 -3.03 18.24
N ASP C 400 -22.21 -3.10 19.47
CA ASP C 400 -21.78 -1.91 20.19
C ASP C 400 -20.27 -1.76 20.09
N SER C 401 -19.81 -0.53 20.28
CA SER C 401 -18.43 -0.18 20.00
C SER C 401 -17.55 -0.34 21.23
N SER C 402 -16.25 -0.44 20.95
CA SER C 402 -15.25 -0.31 22.00
C SER C 402 -15.45 0.97 22.78
N PHE C 403 -15.84 2.03 22.08
CA PHE C 403 -16.25 3.26 22.73
C PHE C 403 -17.59 3.03 23.41
N THR C 404 -17.62 3.27 24.72
CA THR C 404 -18.82 2.99 25.49
C THR C 404 -20.02 3.74 24.94
N ALA C 405 -21.17 3.08 24.98
CA ALA C 405 -22.44 3.66 24.52
C ALA C 405 -22.43 3.97 23.03
N GLN C 406 -21.49 3.40 22.29
CA GLN C 406 -21.44 3.58 20.85
C GLN C 406 -21.50 2.22 20.18
N SER C 407 -21.91 2.23 18.92
CA SER C 407 -22.13 1.02 18.15
C SER C 407 -21.01 0.84 17.12
N ILE C 408 -21.07 -0.28 16.41
CA ILE C 408 -20.10 -0.65 15.40
C ILE C 408 -20.83 -1.28 14.22
N ILE C 409 -20.45 -0.88 13.02
CA ILE C 409 -20.96 -1.49 11.80
C ILE C 409 -20.09 -2.68 11.43
N ALA C 410 -20.72 -3.73 10.92
CA ALA C 410 -20.01 -4.91 10.51
C ALA C 410 -19.36 -4.72 9.14
N THR C 411 -18.70 -5.77 8.68
CA THR C 411 -18.07 -5.75 7.36
C THR C 411 -19.08 -6.13 6.28
N THR C 412 -18.95 -5.45 5.14
CA THR C 412 -19.74 -5.75 3.96
C THR C 412 -18.82 -5.76 2.74
N SER C 413 -19.30 -6.34 1.65
CA SER C 413 -18.56 -6.38 0.41
C SER C 413 -19.48 -6.19 -0.77
N LEU C 414 -20.55 -5.43 -0.59
CA LEU C 414 -21.54 -5.25 -1.65
C LEU C 414 -20.85 -4.71 -2.89
N ALA C 415 -20.97 -5.42 -4.00
CA ALA C 415 -20.16 -5.15 -5.19
C ALA C 415 -21.01 -5.27 -6.45
N TYR C 416 -20.61 -4.51 -7.46
CA TYR C 416 -21.30 -4.53 -8.74
C TYR C 416 -20.39 -4.02 -9.84
N ASN C 417 -20.58 -4.55 -11.04
CA ASN C 417 -19.80 -4.20 -12.21
C ASN C 417 -20.60 -3.27 -13.10
N TYR C 418 -20.33 -1.97 -13.01
CA TYR C 418 -20.89 -1.03 -13.97
C TYR C 418 -20.27 -1.31 -15.33
N GLU C 419 -21.11 -1.69 -16.27
CA GLU C 419 -20.71 -1.89 -17.65
C GLU C 419 -21.59 -1.02 -18.52
N PRO C 420 -21.07 0.00 -19.19
CA PRO C 420 -21.93 0.83 -20.06
C PRO C 420 -22.70 0.01 -21.07
N GLU C 421 -22.15 -1.13 -21.48
CA GLU C 421 -22.89 -2.06 -22.32
C GLU C 421 -24.16 -2.54 -21.64
N GLN C 422 -24.22 -2.49 -20.30
CA GLN C 422 -25.48 -2.75 -19.62
C GLN C 422 -26.53 -1.73 -20.04
N LEU C 423 -26.11 -0.47 -20.20
CA LEU C 423 -27.07 0.62 -20.28
C LEU C 423 -27.57 0.83 -21.69
N ASN C 424 -26.81 0.37 -22.69
CA ASN C 424 -27.30 0.29 -24.06
C ASN C 424 -27.72 1.65 -24.61
N LYS C 425 -26.78 2.58 -24.71
CA LYS C 425 -27.09 3.96 -25.06
C LYS C 425 -27.17 4.11 -26.58
N THR C 426 -28.29 4.67 -27.05
CA THR C 426 -28.40 5.14 -28.42
C THR C 426 -28.81 6.60 -28.51
N ASP C 427 -28.76 7.35 -27.40
CA ASP C 427 -29.23 8.73 -27.36
C ASP C 427 -28.34 9.55 -26.43
N PRO C 428 -27.87 10.71 -26.86
CA PRO C 428 -26.96 11.50 -26.02
C PRO C 428 -27.63 12.23 -24.86
N GLU C 429 -28.86 11.88 -24.49
CA GLU C 429 -29.53 12.62 -23.43
C GLU C 429 -29.79 11.78 -22.19
N MET C 430 -29.60 10.46 -22.29
CA MET C 430 -29.83 9.59 -21.14
C MET C 430 -28.92 9.96 -19.98
N ASN C 431 -29.47 9.92 -18.78
CA ASN C 431 -28.76 10.31 -17.57
C ASN C 431 -28.66 9.12 -16.63
N TYR C 432 -27.55 9.01 -15.92
CA TYR C 432 -27.17 7.80 -15.21
C TYR C 432 -26.59 8.14 -13.85
N TYR C 433 -27.15 7.54 -12.81
CA TYR C 433 -26.82 7.88 -11.44
C TYR C 433 -26.91 6.67 -10.53
N LEU C 434 -26.36 6.81 -9.32
CA LEU C 434 -26.13 5.69 -8.42
C LEU C 434 -26.73 5.97 -7.06
N LEU C 435 -27.13 4.90 -6.36
CA LEU C 435 -27.43 4.96 -4.94
C LEU C 435 -27.06 3.64 -4.30
N ALA C 436 -26.77 3.67 -2.99
CA ALA C 436 -26.51 2.46 -2.24
C ALA C 436 -26.89 2.73 -0.80
N THR C 437 -28.10 2.33 -0.42
CA THR C 437 -28.67 2.67 0.88
C THR C 437 -29.73 1.66 1.28
N PHE C 438 -30.47 2.02 2.32
CA PHE C 438 -31.45 1.13 2.94
C PHE C 438 -32.51 0.67 1.96
N ILE C 439 -33.09 -0.50 2.25
CA ILE C 439 -34.14 -1.08 1.43
C ILE C 439 -35.14 -1.79 2.33
N ASP C 440 -36.40 -1.80 1.91
CA ASP C 440 -37.43 -2.50 2.66
C ASP C 440 -38.60 -2.81 1.75
N SER C 441 -39.20 -3.98 1.96
CA SER C 441 -40.35 -4.39 1.17
C SER C 441 -41.57 -3.55 1.51
N ALA C 442 -41.58 -2.92 2.69
CA ALA C 442 -42.68 -2.07 3.09
C ALA C 442 -42.35 -0.60 2.84
N ALA C 443 -43.24 0.27 3.30
CA ALA C 443 -43.02 1.71 3.18
C ALA C 443 -42.20 2.24 4.34
N ILE C 444 -41.61 3.41 4.15
CA ILE C 444 -40.78 4.05 5.16
C ILE C 444 -41.49 5.30 5.67
N THR C 445 -41.55 5.46 6.97
CA THR C 445 -41.94 6.76 7.49
C THR C 445 -40.70 7.63 7.64
N PRO C 446 -40.62 8.76 6.94
CA PRO C 446 -39.38 9.55 6.93
C PRO C 446 -38.97 10.05 8.30
N THR C 447 -39.91 10.21 9.23
CA THR C 447 -39.55 10.48 10.61
C THR C 447 -38.65 9.42 11.18
N ASN C 448 -38.76 8.18 10.70
CA ASN C 448 -37.97 7.07 11.18
C ASN C 448 -36.77 6.81 10.30
N MET C 449 -36.67 7.49 9.15
CA MET C 449 -35.45 7.43 8.36
C MET C 449 -35.25 8.83 7.78
N THR C 450 -34.34 9.56 8.39
CA THR C 450 -34.18 10.98 8.08
C THR C 450 -32.90 11.28 7.32
N GLN C 451 -31.98 10.33 7.23
CA GLN C 451 -30.75 10.59 6.51
C GLN C 451 -31.03 10.73 5.02
N PRO C 452 -30.38 11.69 4.36
CA PRO C 452 -30.50 11.76 2.89
C PRO C 452 -29.95 10.51 2.22
N ASP C 453 -28.88 9.94 2.78
CA ASP C 453 -28.36 8.67 2.31
C ASP C 453 -27.39 8.15 3.37
N VAL C 454 -26.92 6.92 3.16
CA VAL C 454 -25.78 6.38 3.88
C VAL C 454 -24.51 6.57 3.08
N TRP C 455 -24.52 7.47 2.11
CA TRP C 455 -23.44 7.60 1.14
C TRP C 455 -22.21 8.18 1.82
N ASP C 456 -21.61 7.40 2.72
CA ASP C 456 -20.37 7.78 3.37
C ASP C 456 -19.47 6.56 3.45
N ALA C 457 -19.54 5.70 2.45
CA ALA C 457 -19.01 4.36 2.55
C ALA C 457 -17.52 4.33 2.23
N LEU C 458 -16.89 3.21 2.57
CA LEU C 458 -15.54 2.90 2.10
C LEU C 458 -15.67 2.03 0.86
N LEU C 459 -15.47 2.64 -0.30
CA LEU C 459 -15.70 1.98 -1.58
C LEU C 459 -14.37 1.77 -2.29
N THR C 460 -14.11 0.52 -2.66
CA THR C 460 -13.02 0.18 -3.55
C THR C 460 -13.57 0.13 -4.97
N MET C 461 -13.07 1.02 -5.81
CA MET C 461 -13.36 1.07 -7.23
C MET C 461 -12.24 0.39 -7.99
N SER C 462 -12.61 -0.31 -9.06
CA SER C 462 -11.65 -1.10 -9.81
C SER C 462 -11.90 -1.02 -11.30
N PRO C 463 -11.05 -0.32 -12.05
CA PRO C 463 -11.20 -0.30 -13.51
C PRO C 463 -11.09 -1.69 -14.09
N LEU C 464 -12.10 -2.07 -14.86
CA LEU C 464 -12.19 -3.42 -15.43
C LEU C 464 -11.61 -3.48 -16.84
N SER C 465 -11.29 -2.35 -17.45
CA SER C 465 -10.64 -2.31 -18.74
C SER C 465 -9.33 -1.53 -18.62
N ALA C 466 -8.49 -1.66 -19.64
CA ALA C 466 -7.18 -1.01 -19.62
C ALA C 466 -6.86 -0.31 -20.94
N GLY C 467 -7.81 0.46 -21.46
CA GLY C 467 -7.59 1.15 -22.71
C GLY C 467 -8.17 2.55 -22.79
N GLU C 468 -8.50 3.13 -21.63
CA GLU C 468 -9.08 4.47 -21.60
C GLU C 468 -8.38 5.30 -20.52
N VAL C 469 -8.21 6.59 -20.81
CA VAL C 469 -7.56 7.52 -19.89
C VAL C 469 -8.46 8.75 -19.72
N THR C 470 -8.60 9.18 -18.47
CA THR C 470 -9.38 10.37 -18.14
C THR C 470 -8.47 11.49 -17.68
N VAL C 471 -8.98 12.72 -17.77
CA VAL C 471 -8.26 13.91 -17.34
C VAL C 471 -9.27 14.85 -16.72
N LYS C 472 -8.99 15.31 -15.50
CA LYS C 472 -9.77 16.33 -14.81
C LYS C 472 -11.26 16.01 -14.76
N GLY C 473 -11.62 14.74 -14.90
CA GLY C 473 -13.01 14.34 -14.82
C GLY C 473 -13.55 13.77 -16.11
N ALA C 474 -12.90 14.08 -17.23
CA ALA C 474 -13.39 13.64 -18.53
C ALA C 474 -12.37 12.76 -19.22
N VAL C 475 -12.86 11.68 -19.81
CA VAL C 475 -12.02 10.79 -20.60
C VAL C 475 -11.53 11.55 -21.83
N VAL C 476 -10.29 11.28 -22.22
CA VAL C 476 -9.63 12.02 -23.30
C VAL C 476 -9.20 11.04 -24.39
N SER C 477 -9.13 11.54 -25.62
CA SER C 477 -8.76 10.70 -26.74
C SER C 477 -7.30 10.87 -27.16
N GLU C 478 -6.77 12.09 -27.12
CA GLU C 478 -5.42 12.32 -27.62
C GLU C 478 -4.81 13.49 -26.87
N VAL C 479 -3.57 13.30 -26.40
CA VAL C 479 -2.93 14.24 -25.48
C VAL C 479 -1.46 14.40 -25.83
N VAL C 480 -0.95 15.59 -25.59
CA VAL C 480 0.48 15.87 -25.74
C VAL C 480 1.19 15.54 -24.42
N PRO C 481 2.27 14.79 -24.46
CA PRO C 481 3.01 14.49 -23.23
C PRO C 481 3.52 15.74 -22.54
N ALA C 482 3.95 16.72 -23.32
CA ALA C 482 4.51 17.94 -22.75
C ALA C 482 3.48 18.71 -21.94
N GLU C 483 2.20 18.31 -22.02
CA GLU C 483 1.16 19.07 -21.35
C GLU C 483 1.12 18.87 -19.85
N LEU C 484 0.99 17.62 -19.39
CA LEU C 484 0.65 17.40 -18.00
C LEU C 484 1.80 17.79 -17.08
N ILE C 485 2.96 18.08 -17.67
CA ILE C 485 4.11 18.56 -16.92
C ILE C 485 3.68 19.79 -16.12
N GLY C 486 4.05 19.83 -14.85
CA GLY C 486 3.82 21.00 -14.01
C GLY C 486 2.39 21.49 -14.08
N SER C 487 1.44 20.57 -14.19
CA SER C 487 0.06 20.92 -14.49
C SER C 487 -0.89 20.56 -13.35
N TYR C 488 -0.42 20.59 -12.10
CA TYR C 488 -1.26 20.15 -11.00
C TYR C 488 -1.01 20.98 -9.76
N THR C 489 -1.86 20.75 -8.77
CA THR C 489 -1.73 21.26 -7.42
C THR C 489 -1.96 20.08 -6.50
N PRO C 490 -1.43 20.11 -5.27
CA PRO C 490 -1.61 18.96 -4.37
C PRO C 490 -3.04 18.49 -4.28
N GLU C 491 -3.97 19.42 -4.11
CA GLU C 491 -5.38 19.06 -4.07
C GLU C 491 -5.84 18.55 -5.42
N SER C 492 -5.31 19.11 -6.50
CA SER C 492 -5.72 18.68 -7.82
C SER C 492 -5.40 17.21 -8.05
N LEU C 493 -4.11 16.90 -8.13
CA LEU C 493 -3.69 15.51 -8.27
C LEU C 493 -4.24 14.66 -7.13
N ASN C 494 -4.52 15.28 -5.99
CA ASN C 494 -5.15 14.57 -4.90
C ASN C 494 -6.51 14.05 -5.30
N ALA C 495 -7.35 14.92 -5.85
CA ALA C 495 -8.70 14.57 -6.24
C ALA C 495 -8.76 13.78 -7.53
N SER C 496 -7.63 13.62 -8.22
CA SER C 496 -7.62 12.88 -9.46
C SER C 496 -7.84 11.39 -9.19
N LEU C 497 -8.22 10.68 -10.25
CA LEU C 497 -8.49 9.25 -10.16
C LEU C 497 -7.24 8.46 -10.53
N PRO C 498 -7.13 7.21 -10.06
CA PRO C 498 -5.94 6.40 -10.35
C PRO C 498 -5.79 6.04 -11.81
N ASN C 499 -6.79 6.28 -12.65
CA ASN C 499 -6.69 6.03 -14.08
C ASN C 499 -6.47 7.30 -14.87
N ASP C 500 -5.94 8.34 -14.22
CA ASP C 500 -5.63 9.59 -14.92
C ASP C 500 -4.25 9.50 -15.55
N ALA C 501 -4.03 10.33 -16.58
CA ALA C 501 -2.75 10.34 -17.28
C ALA C 501 -1.62 10.76 -16.36
N ALA C 502 -1.93 11.47 -15.28
CA ALA C 502 -0.90 11.90 -14.34
C ALA C 502 -0.22 10.70 -13.70
N ARG C 503 -1.01 9.76 -13.16
CA ARG C 503 -0.44 8.59 -12.52
C ARG C 503 0.36 7.76 -13.52
N CYS C 504 -0.18 7.59 -14.73
CA CYS C 504 0.53 6.83 -15.75
C CYS C 504 1.86 7.48 -16.09
N MET C 505 1.88 8.81 -16.16
CA MET C 505 3.12 9.52 -16.45
C MET C 505 4.09 9.40 -15.29
N ILE C 506 3.58 9.38 -14.06
CA ILE C 506 4.44 9.19 -12.91
C ILE C 506 5.14 7.84 -12.98
N ASP C 507 4.37 6.78 -13.16
CA ASP C 507 4.98 5.45 -13.23
C ASP C 507 5.86 5.31 -14.46
N ARG C 508 5.57 6.03 -15.54
CA ARG C 508 6.43 5.97 -16.72
C ARG C 508 7.77 6.66 -16.46
N ALA C 509 7.74 7.84 -15.82
CA ALA C 509 8.98 8.56 -15.56
C ALA C 509 9.78 7.89 -14.44
N SER C 510 9.12 7.02 -13.66
CA SER C 510 9.83 6.28 -12.63
C SER C 510 10.98 5.46 -13.21
N LYS C 511 10.81 4.85 -14.39
CA LYS C 511 11.88 4.05 -14.97
C LYS C 511 13.05 4.92 -15.38
N ILE C 512 12.79 6.14 -15.87
CA ILE C 512 13.86 7.06 -16.19
C ILE C 512 14.59 7.49 -14.91
N ALA C 513 13.84 7.75 -13.85
CA ALA C 513 14.48 8.07 -12.57
C ALA C 513 15.38 6.93 -12.12
N GLU C 514 14.92 5.69 -12.28
CA GLU C 514 15.77 4.55 -11.97
C GLU C 514 17.02 4.55 -12.84
N ALA C 515 16.88 4.86 -14.13
CA ALA C 515 18.04 4.97 -15.00
C ALA C 515 19.04 5.96 -14.42
N ILE C 516 18.56 7.14 -14.03
CA ILE C 516 19.44 8.15 -13.45
C ILE C 516 20.15 7.61 -12.23
N LYS C 517 19.41 7.02 -11.29
CA LYS C 517 20.05 6.54 -10.07
C LYS C 517 20.96 5.36 -10.35
N ILE C 518 20.83 4.72 -11.51
CA ILE C 518 21.85 3.77 -11.94
C ILE C 518 23.11 4.50 -12.39
N ASP C 519 22.94 5.56 -13.19
CA ASP C 519 24.12 6.21 -13.74
C ASP C 519 24.67 7.32 -12.85
N ASP C 520 23.82 8.13 -12.24
CA ASP C 520 24.28 9.33 -11.55
C ASP C 520 24.07 9.14 -10.06
N ASP C 521 25.16 9.01 -9.31
CA ASP C 521 25.13 8.86 -7.85
C ASP C 521 25.99 9.89 -7.13
N ALA C 522 26.46 10.92 -7.83
CA ALA C 522 27.34 11.89 -7.22
C ALA C 522 26.60 12.76 -6.21
N GLY C 523 27.35 13.39 -5.31
CA GLY C 523 26.77 14.23 -4.30
C GLY C 523 26.28 15.55 -4.87
N PRO C 524 25.58 16.33 -4.06
CA PRO C 524 25.07 17.62 -4.53
C PRO C 524 26.21 18.56 -4.86
N ASP C 525 25.87 19.65 -5.56
CA ASP C 525 26.81 20.67 -5.98
C ASP C 525 27.91 20.13 -6.89
N GLU C 526 27.70 18.94 -7.45
CA GLU C 526 28.65 18.31 -8.35
C GLU C 526 28.06 18.30 -9.75
N TYR C 527 28.80 18.81 -10.73
CA TYR C 527 28.27 18.82 -12.08
C TYR C 527 28.28 17.40 -12.64
N SER C 528 27.17 17.04 -13.26
CA SER C 528 27.00 15.71 -13.84
C SER C 528 26.40 15.89 -15.22
N PRO C 529 26.77 15.03 -16.18
CA PRO C 529 26.20 15.12 -17.53
C PRO C 529 24.69 15.03 -17.55
N ASN C 530 24.10 14.62 -16.42
CA ASN C 530 22.68 14.41 -16.27
C ASN C 530 21.94 15.72 -16.05
N SER C 531 22.64 16.76 -15.63
CA SER C 531 22.05 18.06 -15.40
C SER C 531 22.47 19.11 -16.41
N VAL C 532 23.53 18.85 -17.16
CA VAL C 532 24.14 19.87 -18.01
C VAL C 532 23.22 20.34 -19.15
N PRO C 533 22.45 19.47 -19.82
CA PRO C 533 21.66 20.00 -20.93
C PRO C 533 20.61 20.98 -20.46
N ILE C 534 20.00 20.67 -19.32
CA ILE C 534 18.97 21.52 -18.77
C ILE C 534 19.57 22.85 -18.35
N GLN C 535 20.74 22.80 -17.72
CA GLN C 535 21.42 24.04 -17.35
C GLN C 535 21.68 24.90 -18.58
N GLY C 536 22.06 24.26 -19.70
CA GLY C 536 22.16 24.99 -20.94
C GLY C 536 20.85 25.64 -21.31
N GLN C 537 19.75 24.89 -21.21
CA GLN C 537 18.42 25.44 -21.45
C GLN C 537 18.20 26.69 -20.62
N LEU C 538 18.63 26.65 -19.36
CA LEU C 538 18.43 27.79 -18.48
C LEU C 538 19.23 28.99 -18.99
N ALA C 539 20.47 28.74 -19.38
CA ALA C 539 21.26 29.78 -20.02
C ALA C 539 20.48 30.39 -21.16
N ILE C 540 19.92 29.55 -22.02
CA ILE C 540 19.10 30.04 -23.13
C ILE C 540 18.02 30.95 -22.60
N SER C 541 17.24 30.45 -21.65
CA SER C 541 16.06 31.17 -21.17
C SER C 541 16.43 32.54 -20.67
N GLN C 542 17.54 32.63 -19.94
CA GLN C 542 17.89 33.94 -19.39
C GLN C 542 18.40 34.89 -20.46
N LEU C 543 18.26 34.54 -21.72
CA LEU C 543 18.63 35.42 -22.83
C LEU C 543 17.45 35.75 -23.72
N GLU C 544 16.25 35.27 -23.39
CA GLU C 544 15.11 35.40 -24.28
C GLU C 544 14.66 36.86 -24.37
N THR C 545 13.67 37.07 -25.22
CA THR C 545 12.86 38.28 -25.12
C THR C 545 11.78 38.04 -24.07
N GLY C 546 11.92 38.70 -22.92
CA GLY C 546 11.05 38.47 -21.78
C GLY C 546 10.24 39.71 -21.46
N TYR C 547 9.58 39.67 -20.30
CA TYR C 547 8.67 40.76 -19.95
C TYR C 547 8.97 41.34 -18.58
N GLY C 548 9.61 40.55 -17.72
CA GLY C 548 10.06 41.06 -16.44
C GLY C 548 11.34 41.84 -16.62
N VAL C 549 12.32 41.50 -15.80
CA VAL C 549 13.63 42.11 -15.87
C VAL C 549 14.64 41.05 -16.27
N ARG C 550 15.38 41.30 -17.34
CA ARG C 550 16.40 40.35 -17.76
C ARG C 550 17.66 40.53 -16.91
N ILE C 551 18.05 39.46 -16.23
CA ILE C 551 19.34 39.37 -15.55
C ILE C 551 19.90 37.99 -15.84
N PHE C 552 20.94 37.62 -15.10
CA PHE C 552 21.68 36.41 -15.40
C PHE C 552 22.26 35.85 -14.11
N ASN C 553 22.97 34.73 -14.23
CA ASN C 553 23.66 34.12 -13.12
C ASN C 553 24.87 33.32 -13.60
N PRO C 554 25.93 33.25 -12.81
CA PRO C 554 27.05 32.36 -13.15
C PRO C 554 26.61 30.91 -13.23
N LYS C 555 27.15 30.19 -14.22
CA LYS C 555 26.67 28.85 -14.53
C LYS C 555 26.84 27.90 -13.35
N GLY C 556 27.77 28.20 -12.45
CA GLY C 556 27.96 27.36 -11.29
C GLY C 556 26.70 27.15 -10.49
N ILE C 557 26.04 28.25 -10.13
CA ILE C 557 24.83 28.14 -9.34
C ILE C 557 23.71 27.44 -10.12
N LEU C 558 23.67 27.61 -11.43
CA LEU C 558 22.77 26.81 -12.24
C LEU C 558 23.08 25.33 -12.11
N SER C 559 24.36 24.97 -12.06
CA SER C 559 24.71 23.58 -11.84
C SER C 559 24.21 23.10 -10.48
N LYS C 560 24.31 23.96 -9.47
CA LYS C 560 23.84 23.59 -8.14
C LYS C 560 22.35 23.34 -8.14
N ILE C 561 21.57 24.28 -8.66
CA ILE C 561 20.13 24.15 -8.64
C ILE C 561 19.70 22.99 -9.51
N ALA C 562 20.45 22.70 -10.57
CA ALA C 562 20.14 21.57 -11.43
C ALA C 562 20.40 20.25 -10.70
N SER C 563 21.49 20.20 -9.95
CA SER C 563 21.76 19.04 -9.11
C SER C 563 20.62 18.81 -8.15
N ARG C 564 20.16 19.88 -7.49
CA ARG C 564 19.01 19.75 -6.60
C ARG C 564 17.79 19.27 -7.35
N ALA C 565 17.54 19.82 -8.53
CA ALA C 565 16.41 19.41 -9.35
C ALA C 565 16.44 17.92 -9.59
N MET C 566 17.56 17.42 -10.11
CA MET C 566 17.67 16.01 -10.43
C MET C 566 17.54 15.14 -9.18
N GLN C 567 18.25 15.51 -8.12
CA GLN C 567 18.22 14.72 -6.90
C GLN C 567 16.81 14.61 -6.35
N ALA C 568 16.11 15.73 -6.27
CA ALA C 568 14.75 15.71 -5.76
C ALA C 568 13.83 14.94 -6.69
N PHE C 569 14.01 15.11 -8.00
CA PHE C 569 13.23 14.34 -8.95
C PHE C 569 13.37 12.84 -8.70
N ILE C 570 14.60 12.41 -8.39
CA ILE C 570 14.79 11.04 -7.96
C ILE C 570 14.06 10.78 -6.64
N GLY C 571 14.07 11.77 -5.74
CA GLY C 571 13.28 11.63 -4.53
C GLY C 571 11.78 11.57 -4.79
N ASP C 572 11.28 12.39 -5.71
CA ASP C 572 9.88 12.34 -6.12
C ASP C 572 9.72 12.82 -7.54
N PRO C 573 9.53 11.93 -8.48
CA PRO C 573 9.20 12.36 -9.84
C PRO C 573 7.82 12.99 -9.90
N SER C 574 6.83 12.30 -9.34
CA SER C 574 5.42 12.64 -9.51
C SER C 574 5.14 14.14 -9.44
N THR C 575 5.71 14.84 -8.47
CA THR C 575 5.39 16.24 -8.27
C THR C 575 5.70 17.09 -9.50
N ILE C 576 6.44 16.54 -10.46
CA ILE C 576 6.73 17.28 -11.68
C ILE C 576 5.44 17.68 -12.39
N ILE C 577 4.35 16.98 -12.11
CA ILE C 577 3.05 17.35 -12.66
C ILE C 577 2.52 18.63 -12.07
N THR C 578 3.21 19.22 -11.10
CA THR C 578 2.77 20.42 -10.41
C THR C 578 3.63 21.60 -10.81
N GLN C 579 2.99 22.74 -11.04
CA GLN C 579 3.68 23.96 -11.46
C GLN C 579 4.39 24.56 -10.26
N ALA C 580 5.28 23.78 -9.65
CA ALA C 580 5.97 24.24 -8.45
C ALA C 580 7.47 24.33 -8.66
N ALA C 581 8.06 23.23 -9.08
CA ALA C 581 9.50 23.18 -9.22
C ALA C 581 9.94 24.07 -10.38
N PRO C 582 10.70 25.12 -10.10
CA PRO C 582 10.92 26.15 -11.13
C PRO C 582 11.72 25.66 -12.32
N VAL C 583 12.94 25.18 -12.12
CA VAL C 583 13.69 24.66 -13.25
C VAL C 583 13.05 23.41 -13.81
N LEU C 584 12.33 22.66 -12.98
CA LEU C 584 11.55 21.53 -13.45
C LEU C 584 10.15 22.01 -13.82
N SER C 585 10.12 23.02 -14.68
CA SER C 585 8.84 23.56 -15.13
C SER C 585 8.90 23.84 -16.62
N ASP C 586 9.94 23.38 -17.28
CA ASP C 586 10.00 23.40 -18.74
C ASP C 586 9.95 21.96 -19.25
N LYS C 587 8.97 21.71 -20.11
CA LYS C 587 8.97 20.50 -20.93
C LYS C 587 10.29 20.30 -21.65
N ASN C 588 10.95 21.40 -22.02
CA ASN C 588 12.17 21.27 -22.81
C ASN C 588 13.27 20.60 -22.01
N ASN C 589 13.28 20.80 -20.69
CA ASN C 589 14.15 20.00 -19.83
C ASN C 589 13.90 18.52 -20.07
N TRP C 590 12.62 18.15 -20.07
CA TRP C 590 12.22 16.77 -20.29
C TRP C 590 12.74 16.26 -21.62
N ILE C 591 12.45 17.01 -22.68
CA ILE C 591 12.93 16.68 -24.01
C ILE C 591 14.43 16.49 -23.99
N ALA C 592 15.13 17.40 -23.34
CA ALA C 592 16.58 17.40 -23.35
C ALA C 592 17.12 16.12 -22.77
N LEU C 593 16.74 15.79 -21.54
CA LEU C 593 17.26 14.58 -20.92
C LEU C 593 16.79 13.35 -21.67
N ALA C 594 15.57 13.40 -22.21
CA ALA C 594 15.08 12.31 -23.04
C ALA C 594 16.06 11.99 -24.15
N GLN C 595 16.45 13.01 -24.91
CA GLN C 595 17.36 12.77 -26.02
C GLN C 595 18.76 12.43 -25.53
N GLY C 596 19.17 12.99 -24.40
CA GLY C 596 20.54 12.82 -23.97
C GLY C 596 20.83 11.42 -23.48
N VAL C 597 19.92 10.86 -22.68
CA VAL C 597 20.20 9.63 -21.96
C VAL C 597 20.66 8.51 -22.89
N LYS C 598 19.99 8.35 -24.04
CA LYS C 598 20.33 7.26 -24.93
C LYS C 598 21.81 7.29 -25.27
N THR C 599 22.32 8.46 -25.64
CA THR C 599 23.72 8.61 -25.96
C THR C 599 24.58 8.45 -24.72
N SER C 600 24.25 9.19 -23.67
CA SER C 600 24.96 9.10 -22.41
C SER C 600 25.30 7.66 -22.09
N LEU C 601 24.36 6.76 -22.35
CA LEU C 601 24.62 5.34 -22.17
C LEU C 601 25.42 4.78 -23.34
N ARG C 602 25.06 5.16 -24.56
CA ARG C 602 25.84 4.77 -25.73
C ARG C 602 27.29 5.13 -25.58
N THR C 603 27.59 6.19 -24.85
CA THR C 603 28.94 6.71 -24.70
C THR C 603 29.67 6.13 -23.50
N LYS C 604 29.28 4.93 -23.06
CA LYS C 604 29.92 4.36 -21.89
C LYS C 604 30.99 3.36 -22.29
N SER C 605 32.17 3.50 -21.69
CA SER C 605 33.36 2.76 -22.09
C SER C 605 33.98 2.03 -20.90
N LEU C 606 33.17 1.27 -20.16
CA LEU C 606 33.63 0.44 -19.06
C LEU C 606 34.18 1.31 -17.93
N SER C 607 33.47 2.41 -17.69
CA SER C 607 33.89 3.38 -16.70
C SER C 607 33.36 3.02 -15.32
N ALA C 608 34.11 3.43 -14.30
CA ALA C 608 33.76 3.18 -12.91
C ALA C 608 34.24 4.32 -12.02
N GLY C 609 33.86 4.26 -10.75
CA GLY C 609 34.25 5.24 -9.76
C GLY C 609 35.24 4.68 -8.76
N VAL C 610 36.06 5.58 -8.20
CA VAL C 610 37.10 5.15 -7.25
C VAL C 610 36.50 4.93 -5.86
N LYS C 611 35.39 5.61 -5.57
CA LYS C 611 34.73 5.42 -4.28
C LYS C 611 34.20 3.99 -4.15
N THR C 612 33.57 3.49 -5.21
CA THR C 612 33.19 2.08 -5.23
C THR C 612 34.39 1.18 -4.98
N ALA C 613 35.55 1.55 -5.53
CA ALA C 613 36.75 0.74 -5.38
C ALA C 613 37.21 0.68 -3.93
N VAL C 614 37.32 1.84 -3.28
CA VAL C 614 37.78 1.85 -1.89
C VAL C 614 36.78 1.12 -1.01
N SER C 615 35.48 1.29 -1.28
CA SER C 615 34.48 0.59 -0.49
C SER C 615 34.60 -0.92 -0.65
N LYS C 616 34.70 -1.41 -1.89
CA LYS C 616 34.74 -2.84 -2.11
C LYS C 616 36.01 -3.43 -1.51
N LEU C 617 37.13 -2.70 -1.58
CA LEU C 617 38.35 -3.24 -1.01
C LEU C 617 38.26 -3.32 0.50
N SER C 618 37.70 -2.28 1.14
CA SER C 618 37.50 -2.33 2.58
C SER C 618 36.63 -3.53 2.94
N SER C 619 35.51 -3.70 2.23
CA SER C 619 34.67 -4.86 2.45
C SER C 619 35.45 -6.14 2.34
N SER C 620 36.12 -6.35 1.21
CA SER C 620 36.75 -7.65 0.95
C SER C 620 37.86 -7.94 1.94
N GLU C 621 38.62 -6.92 2.33
CA GLU C 621 39.68 -7.16 3.30
C GLU C 621 39.09 -7.50 4.66
N SER C 622 38.01 -6.82 5.04
CA SER C 622 37.34 -7.17 6.28
C SER C 622 36.88 -8.61 6.23
N ILE C 623 36.28 -9.01 5.11
CA ILE C 623 35.81 -10.37 4.94
C ILE C 623 36.95 -11.36 5.11
N GLN C 624 38.01 -11.17 4.36
CA GLN C 624 39.09 -12.15 4.38
C GLN C 624 39.72 -12.22 5.76
N ASN C 625 39.79 -11.09 6.45
CA ASN C 625 40.40 -11.11 7.77
C ASN C 625 39.50 -11.85 8.75
N TRP C 626 38.20 -11.58 8.71
CA TRP C 626 37.28 -12.29 9.57
C TRP C 626 37.33 -13.78 9.30
N THR C 627 37.19 -14.17 8.04
CA THR C 627 37.31 -15.57 7.66
C THR C 627 38.63 -16.14 8.14
N GLN C 628 39.71 -15.37 8.01
CA GLN C 628 41.01 -15.84 8.41
C GLN C 628 41.02 -16.21 9.89
N GLY C 629 40.77 -15.21 10.74
CA GLY C 629 40.72 -15.46 12.16
C GLY C 629 39.79 -16.60 12.52
N PHE C 630 38.68 -16.72 11.78
CA PHE C 630 37.80 -17.87 11.95
C PHE C 630 38.56 -19.18 11.77
N LEU C 631 39.09 -19.39 10.57
CA LEU C 631 39.78 -20.63 10.25
C LEU C 631 40.89 -20.92 11.23
N ASP C 632 41.54 -19.89 11.71
CA ASP C 632 42.72 -20.08 12.54
C ASP C 632 42.36 -20.72 13.87
N LYS C 633 41.38 -20.15 14.56
CA LYS C 633 40.94 -20.79 15.79
C LYS C 633 40.28 -22.12 15.50
N VAL C 634 39.59 -22.23 14.36
CA VAL C 634 39.06 -23.54 13.97
C VAL C 634 40.16 -24.58 13.99
N SER C 635 41.29 -24.25 13.39
CA SER C 635 42.46 -25.13 13.44
C SER C 635 42.91 -25.35 14.87
N THR C 636 42.90 -24.30 15.68
CA THR C 636 43.25 -24.45 17.08
C THR C 636 42.42 -25.54 17.73
N HIS C 637 41.15 -25.62 17.37
CA HIS C 637 40.27 -26.67 17.86
C HIS C 637 40.70 -28.05 17.41
N PHE C 638 41.29 -28.14 16.23
CA PHE C 638 41.75 -29.42 15.68
C PHE C 638 43.25 -29.31 15.52
N PRO C 639 44.00 -29.47 16.61
CA PRO C 639 45.45 -29.48 16.49
C PRO C 639 45.89 -30.54 15.48
N ALA C 640 46.40 -30.07 14.36
CA ALA C 640 46.87 -30.96 13.30
C ALA C 640 47.96 -31.88 13.84
N PRO C 641 48.09 -33.09 13.29
CA PRO C 641 49.03 -34.09 13.79
C PRO C 641 50.47 -33.59 13.90
N MET D 1 -19.83 -25.73 -20.35
CA MET D 1 -20.31 -25.31 -19.03
C MET D 1 -19.43 -25.90 -17.94
N GLU D 2 -19.12 -25.09 -16.94
CA GLU D 2 -18.33 -25.53 -15.80
C GLU D 2 -19.04 -25.11 -14.53
N VAL D 3 -19.90 -25.97 -14.01
CA VAL D 3 -20.72 -25.60 -12.87
C VAL D 3 -19.91 -25.77 -11.60
N CYS D 4 -20.29 -25.07 -10.53
CA CYS D 4 -19.58 -25.15 -9.28
C CYS D 4 -20.59 -25.14 -8.14
N LEU D 5 -20.07 -25.25 -6.96
CA LEU D 5 -20.93 -25.39 -5.81
C LEU D 5 -20.67 -24.27 -4.81
N PRO D 6 -21.72 -23.78 -4.16
CA PRO D 6 -21.61 -22.51 -3.43
C PRO D 6 -21.00 -22.67 -2.04
N ASN D 7 -21.08 -21.57 -1.28
CA ASN D 7 -20.47 -21.50 0.04
C ASN D 7 -21.52 -21.33 1.14
N GLY D 8 -21.09 -21.63 2.35
CA GLY D 8 -21.98 -21.78 3.50
C GLY D 8 -22.91 -20.62 3.80
N HIS D 9 -22.33 -19.43 3.86
CA HIS D 9 -23.09 -18.23 4.19
C HIS D 9 -24.37 -18.12 3.38
N GLN D 10 -24.26 -18.19 2.06
CA GLN D 10 -25.44 -18.06 1.22
C GLN D 10 -26.43 -19.17 1.48
N ILE D 11 -25.94 -20.35 1.85
CA ILE D 11 -26.84 -21.42 2.21
C ILE D 11 -27.66 -21.02 3.43
N VAL D 12 -26.99 -20.51 4.46
CA VAL D 12 -27.73 -20.02 5.62
C VAL D 12 -28.71 -18.95 5.20
N ASP D 13 -28.32 -18.12 4.25
CA ASP D 13 -29.18 -17.05 3.77
C ASP D 13 -30.47 -17.63 3.22
N LEU D 14 -30.34 -18.62 2.35
CA LEU D 14 -31.51 -19.29 1.77
C LEU D 14 -32.35 -19.92 2.86
N ILE D 15 -31.69 -20.53 3.84
CA ILE D 15 -32.40 -21.08 4.99
C ILE D 15 -33.28 -20.03 5.64
N ASN D 16 -32.71 -18.85 5.86
CA ASN D 16 -33.45 -17.79 6.55
C ASN D 16 -34.64 -17.34 5.72
N ASN D 17 -34.42 -17.03 4.45
CA ASN D 17 -35.55 -16.59 3.62
C ASN D 17 -36.61 -17.67 3.48
N ALA D 18 -36.21 -18.94 3.59
CA ALA D 18 -37.19 -20.01 3.65
C ALA D 18 -38.18 -19.76 4.77
N PHE D 19 -37.68 -19.28 5.90
CA PHE D 19 -38.53 -18.80 6.98
C PHE D 19 -38.77 -17.32 6.87
N GLU D 20 -38.68 -16.78 5.67
CA GLU D 20 -38.96 -15.37 5.49
C GLU D 20 -39.89 -15.20 4.30
N GLY D 21 -40.04 -16.24 3.49
CA GLY D 21 -40.98 -16.21 2.40
C GLY D 21 -40.68 -15.11 1.41
N ARG D 22 -39.41 -14.97 1.07
CA ARG D 22 -38.98 -13.83 0.28
C ARG D 22 -38.06 -14.24 -0.86
N VAL D 23 -37.95 -15.54 -1.10
CA VAL D 23 -37.07 -16.05 -2.14
C VAL D 23 -37.71 -15.80 -3.50
N SER D 24 -36.89 -15.43 -4.48
CA SER D 24 -37.33 -15.35 -5.86
C SER D 24 -37.01 -16.68 -6.54
N ILE D 25 -38.05 -17.38 -6.97
CA ILE D 25 -37.91 -18.67 -7.65
C ILE D 25 -38.47 -18.52 -9.05
N TYR D 26 -37.96 -19.32 -9.98
CA TYR D 26 -38.42 -19.30 -11.36
C TYR D 26 -39.05 -20.63 -11.70
N SER D 27 -40.13 -20.60 -12.47
CA SER D 27 -40.80 -21.81 -12.92
C SER D 27 -41.65 -21.50 -14.14
N ALA D 28 -41.20 -21.99 -15.30
CA ALA D 28 -41.78 -21.63 -16.59
C ALA D 28 -43.29 -21.63 -16.59
N GLN D 29 -43.92 -22.54 -15.85
CA GLN D 29 -45.37 -22.48 -15.73
C GLN D 29 -45.78 -21.18 -15.04
N GLU D 30 -45.14 -20.86 -13.93
CA GLU D 30 -45.42 -19.64 -13.19
C GLU D 30 -44.40 -18.55 -13.43
N GLY D 31 -43.32 -18.84 -14.16
CA GLY D 31 -42.25 -17.87 -14.30
C GLY D 31 -41.77 -17.43 -12.95
N TRP D 32 -42.13 -16.22 -12.56
CA TRP D 32 -41.84 -15.74 -11.22
C TRP D 32 -42.83 -16.23 -10.18
N ASP D 33 -44.10 -16.43 -10.56
CA ASP D 33 -45.16 -16.63 -9.57
C ASP D 33 -44.89 -17.85 -8.70
N LYS D 34 -45.46 -17.81 -7.49
CA LYS D 34 -45.39 -18.94 -6.59
C LYS D 34 -46.76 -19.21 -5.95
N THR D 35 -47.79 -18.48 -6.36
CA THR D 35 -49.10 -18.63 -5.76
C THR D 35 -49.59 -20.06 -5.84
N ILE D 36 -49.33 -20.72 -6.96
CA ILE D 36 -49.71 -22.09 -7.17
C ILE D 36 -48.45 -22.94 -7.10
N SER D 37 -48.61 -24.26 -7.16
CA SER D 37 -47.48 -25.16 -7.00
C SER D 37 -47.05 -25.78 -8.34
N ALA D 38 -45.74 -25.95 -8.49
CA ALA D 38 -45.12 -26.64 -9.61
C ALA D 38 -43.64 -26.77 -9.28
N GLN D 39 -42.99 -27.77 -9.88
CA GLN D 39 -41.61 -28.07 -9.48
C GLN D 39 -40.71 -26.88 -9.81
N PRO D 40 -39.61 -26.68 -9.08
CA PRO D 40 -38.69 -25.61 -9.42
C PRO D 40 -37.54 -26.10 -10.29
N ASP D 41 -36.86 -25.13 -10.91
CA ASP D 41 -35.71 -25.41 -11.75
C ASP D 41 -34.49 -24.59 -11.38
N MET D 42 -34.69 -23.35 -10.93
CA MET D 42 -33.60 -22.49 -10.53
C MET D 42 -34.07 -21.63 -9.37
N MET D 43 -33.15 -21.37 -8.46
CA MET D 43 -33.47 -20.58 -7.27
C MET D 43 -32.27 -19.76 -6.86
N VAL D 44 -32.53 -18.75 -6.04
CA VAL D 44 -31.49 -17.87 -5.52
C VAL D 44 -31.06 -18.39 -4.16
N CYS D 45 -29.79 -18.18 -3.83
CA CYS D 45 -29.21 -18.60 -2.55
C CYS D 45 -28.17 -17.57 -2.14
N GLY D 46 -28.51 -16.76 -1.15
CA GLY D 46 -27.60 -15.75 -0.61
C GLY D 46 -26.97 -14.84 -1.64
N GLY D 47 -27.66 -14.62 -2.75
CA GLY D 47 -27.17 -13.78 -3.81
C GLY D 47 -26.69 -14.53 -5.04
N ALA D 48 -26.92 -15.84 -5.10
CA ALA D 48 -26.48 -16.63 -6.22
C ALA D 48 -27.66 -17.26 -6.95
N VAL D 49 -27.46 -17.57 -8.23
CA VAL D 49 -28.48 -18.17 -9.07
C VAL D 49 -28.03 -19.60 -9.34
N VAL D 50 -28.87 -20.57 -8.95
CA VAL D 50 -28.51 -21.98 -8.94
C VAL D 50 -29.55 -22.76 -9.72
N CYS D 51 -29.08 -23.79 -10.42
CA CYS D 51 -29.98 -24.81 -10.96
C CYS D 51 -30.57 -25.60 -9.82
N MET D 52 -31.82 -26.03 -9.98
CA MET D 52 -32.43 -26.91 -8.99
C MET D 52 -32.35 -28.37 -9.40
N HIS D 53 -31.55 -28.69 -10.41
CA HIS D 53 -31.46 -30.07 -10.84
C HIS D 53 -30.04 -30.51 -11.14
N CYS D 54 -29.06 -29.62 -11.05
CA CYS D 54 -27.66 -30.01 -10.90
C CYS D 54 -27.09 -29.23 -9.74
N LEU D 55 -27.85 -28.25 -9.27
CA LEU D 55 -27.47 -27.45 -8.10
C LEU D 55 -26.10 -26.81 -8.28
N GLY D 56 -25.80 -26.43 -9.51
CA GLY D 56 -24.56 -25.76 -9.82
C GLY D 56 -24.78 -24.25 -9.84
N VAL D 57 -23.69 -23.52 -9.67
CA VAL D 57 -23.75 -22.06 -9.68
C VAL D 57 -23.94 -21.59 -11.12
N VAL D 58 -25.13 -21.05 -11.42
CA VAL D 58 -25.47 -20.69 -12.78
C VAL D 58 -25.52 -19.19 -12.99
N GLY D 59 -25.38 -18.40 -11.92
CA GLY D 59 -25.33 -16.97 -12.10
C GLY D 59 -25.35 -16.25 -10.77
N SER D 60 -25.64 -14.95 -10.82
CA SER D 60 -25.71 -14.14 -9.62
C SER D 60 -26.59 -12.92 -9.85
N LEU D 61 -26.42 -11.92 -8.99
CA LEU D 61 -27.38 -10.83 -8.89
C LEU D 61 -27.24 -9.80 -10.00
N GLN D 62 -26.01 -9.34 -10.28
CA GLN D 62 -25.85 -8.16 -11.12
C GLN D 62 -26.38 -8.40 -12.53
N ARG D 63 -26.64 -9.65 -12.88
CA ARG D 63 -27.29 -9.97 -14.15
C ARG D 63 -28.49 -10.88 -13.87
N LYS D 64 -29.66 -10.45 -14.33
CA LYS D 64 -30.84 -11.29 -14.23
C LYS D 64 -30.83 -12.34 -15.33
N LEU D 65 -31.56 -13.42 -15.12
CA LEU D 65 -31.78 -14.44 -16.13
C LEU D 65 -33.25 -14.48 -16.49
N LYS D 66 -33.54 -14.96 -17.69
CA LYS D 66 -34.92 -15.16 -18.11
C LYS D 66 -35.25 -16.59 -18.44
N HIS D 67 -34.31 -17.39 -18.96
CA HIS D 67 -34.57 -18.77 -19.30
C HIS D 67 -33.28 -19.56 -19.15
N LEU D 68 -33.43 -20.88 -19.07
CA LEU D 68 -32.26 -21.74 -18.87
C LEU D 68 -31.66 -22.14 -20.20
N PRO D 69 -30.42 -21.77 -20.48
CA PRO D 69 -29.74 -22.30 -21.66
C PRO D 69 -29.23 -23.71 -21.36
N HIS D 70 -28.96 -24.44 -22.43
CA HIS D 70 -28.41 -25.78 -22.25
C HIS D 70 -27.09 -25.71 -21.51
N HIS D 71 -27.06 -26.36 -20.35
CA HIS D 71 -25.90 -26.29 -19.47
C HIS D 71 -25.49 -27.70 -19.07
N ARG D 72 -24.41 -27.78 -18.31
CA ARG D 72 -23.86 -29.05 -17.85
C ARG D 72 -24.55 -29.45 -16.55
N CYS D 73 -25.44 -30.44 -16.60
CA CYS D 73 -26.21 -30.83 -15.44
C CYS D 73 -25.98 -32.28 -15.09
N ASN D 74 -26.58 -32.70 -13.96
CA ASN D 74 -26.54 -34.09 -13.56
C ASN D 74 -27.91 -34.71 -13.42
N GLN D 75 -28.95 -33.93 -13.09
CA GLN D 75 -30.33 -34.40 -13.06
C GLN D 75 -30.51 -35.52 -12.03
N GLN D 76 -29.75 -35.41 -10.94
CA GLN D 76 -29.78 -36.41 -9.88
C GLN D 76 -30.55 -35.95 -8.67
N ILE D 77 -31.17 -34.77 -8.73
CA ILE D 77 -31.80 -34.14 -7.58
C ILE D 77 -33.29 -34.49 -7.63
N ARG D 78 -33.85 -34.91 -6.50
CA ARG D 78 -35.25 -35.29 -6.47
C ARG D 78 -36.09 -34.31 -5.66
N HIS D 79 -37.41 -34.41 -5.84
CA HIS D 79 -38.32 -33.46 -5.23
C HIS D 79 -38.28 -33.57 -3.71
N GLN D 80 -38.45 -34.78 -3.18
CA GLN D 80 -38.37 -35.00 -1.75
C GLN D 80 -37.07 -34.48 -1.16
N ASP D 81 -36.02 -34.41 -1.96
CA ASP D 81 -34.80 -33.78 -1.50
C ASP D 81 -35.01 -32.32 -1.15
N TYR D 82 -35.89 -31.63 -1.85
CA TYR D 82 -36.08 -30.22 -1.62
C TYR D 82 -37.52 -29.84 -1.32
N VAL D 83 -38.47 -30.78 -1.45
CA VAL D 83 -39.87 -30.46 -1.19
C VAL D 83 -40.01 -29.83 0.19
N ASP D 84 -39.07 -30.11 1.08
CA ASP D 84 -39.13 -29.57 2.44
C ASP D 84 -39.12 -28.04 2.45
N VAL D 85 -38.32 -27.41 1.60
CA VAL D 85 -38.14 -25.98 1.76
C VAL D 85 -39.35 -25.21 1.22
N GLN D 86 -39.77 -25.51 -0.01
CA GLN D 86 -40.97 -24.88 -0.53
C GLN D 86 -42.18 -25.29 0.28
N PHE D 87 -42.15 -26.50 0.82
CA PHE D 87 -43.12 -26.93 1.82
C PHE D 87 -43.21 -25.91 2.95
N ALA D 88 -42.09 -25.64 3.63
CA ALA D 88 -42.09 -24.76 4.79
C ALA D 88 -42.52 -23.35 4.39
N ASP D 89 -42.16 -22.91 3.20
CA ASP D 89 -42.50 -21.54 2.84
C ASP D 89 -43.96 -21.43 2.40
N ARG D 90 -44.51 -22.49 1.81
CA ARG D 90 -45.95 -22.51 1.58
C ARG D 90 -46.70 -22.43 2.91
N VAL D 91 -46.21 -23.17 3.91
CA VAL D 91 -46.71 -23.01 5.27
C VAL D 91 -46.61 -21.55 5.71
N THR D 92 -45.47 -20.94 5.43
CA THR D 92 -45.26 -19.55 5.79
C THR D 92 -46.33 -18.67 5.18
N ALA D 93 -46.59 -18.84 3.88
CA ALA D 93 -47.60 -18.04 3.21
C ALA D 93 -48.96 -18.22 3.85
N HIS D 94 -49.32 -19.48 4.09
CA HIS D 94 -50.58 -19.75 4.77
C HIS D 94 -50.66 -18.98 6.08
N TRP D 95 -49.70 -19.21 6.96
CA TRP D 95 -49.78 -18.71 8.31
C TRP D 95 -49.73 -17.18 8.33
N LYS D 96 -48.94 -16.61 7.43
CA LYS D 96 -48.84 -15.16 7.38
C LYS D 96 -50.15 -14.55 6.95
N ARG D 97 -50.78 -15.09 5.91
CA ARG D 97 -52.10 -14.61 5.53
C ARG D 97 -53.09 -14.77 6.66
N GLY D 98 -53.00 -15.89 7.38
CA GLY D 98 -53.96 -16.14 8.45
C GLY D 98 -53.87 -15.10 9.55
N MET D 99 -52.67 -14.93 10.09
CA MET D 99 -52.47 -13.90 11.10
C MET D 99 -52.85 -12.52 10.57
N LEU D 100 -52.56 -12.27 9.29
CA LEU D 100 -52.93 -11.01 8.67
C LEU D 100 -54.43 -10.78 8.75
N SER D 101 -55.20 -11.66 8.13
CA SER D 101 -56.65 -11.53 8.13
C SER D 101 -57.19 -11.43 9.54
N PHE D 102 -56.59 -12.17 10.47
CA PHE D 102 -56.92 -12.02 11.88
C PHE D 102 -56.81 -10.56 12.32
N VAL D 103 -55.66 -9.95 12.05
CA VAL D 103 -55.45 -8.58 12.46
C VAL D 103 -56.46 -7.66 11.79
N CYS D 104 -56.75 -7.93 10.53
CA CYS D 104 -57.74 -7.13 9.82
C CYS D 104 -59.07 -7.18 10.53
N GLN D 105 -59.53 -8.40 10.84
CA GLN D 105 -60.79 -8.56 11.55
C GLN D 105 -60.76 -7.82 12.87
N MET D 106 -59.64 -7.91 13.58
CA MET D 106 -59.59 -7.34 14.92
C MET D 106 -59.65 -5.83 14.86
N HIS D 107 -58.84 -5.22 14.01
CA HIS D 107 -58.89 -3.77 13.89
C HIS D 107 -60.25 -3.31 13.37
N ALA D 108 -60.86 -4.11 12.51
CA ALA D 108 -62.17 -3.76 12.00
C ALA D 108 -63.17 -3.70 13.14
N MET D 109 -63.16 -4.71 14.00
CA MET D 109 -64.02 -4.70 15.17
C MET D 109 -63.74 -3.47 16.03
N MET D 110 -62.45 -3.20 16.26
CA MET D 110 -62.05 -2.02 17.01
C MET D 110 -62.54 -0.74 16.34
N ASN D 111 -62.72 -0.80 15.03
CA ASN D 111 -63.07 0.35 14.22
C ASN D 111 -64.53 0.72 14.38
N ASP D 112 -65.18 0.20 15.42
CA ASP D 112 -66.60 0.40 15.64
C ASP D 112 -66.94 1.00 17.00
N VAL D 113 -65.95 1.37 17.81
CA VAL D 113 -66.19 1.72 19.20
C VAL D 113 -66.84 3.09 19.30
N SER D 114 -67.81 3.20 20.22
CA SER D 114 -68.51 4.44 20.53
C SER D 114 -68.14 4.92 21.93
N PRO D 115 -68.18 6.22 22.18
CA PRO D 115 -67.62 6.76 23.43
C PRO D 115 -68.39 6.39 24.69
N GLU D 116 -69.68 6.08 24.57
CA GLU D 116 -70.52 5.94 25.74
C GLU D 116 -70.20 4.67 26.50
N ASP D 117 -70.43 3.53 25.86
CA ASP D 117 -69.97 2.25 26.37
C ASP D 117 -68.49 2.30 26.71
N LEU D 118 -67.72 3.03 25.90
CA LEU D 118 -66.30 3.21 26.16
C LEU D 118 -66.07 3.72 27.58
N ASP D 119 -66.65 4.87 27.90
CA ASP D 119 -66.50 5.44 29.24
C ASP D 119 -67.10 4.53 30.29
N ARG D 120 -68.22 3.87 29.97
CA ARG D 120 -68.83 2.97 30.93
C ARG D 120 -67.84 1.89 31.36
N VAL D 121 -67.18 1.26 30.40
CA VAL D 121 -66.17 0.26 30.72
C VAL D 121 -65.00 0.90 31.44
N ARG D 122 -64.55 2.07 30.96
CA ARG D 122 -63.45 2.76 31.63
C ARG D 122 -63.72 2.92 33.12
N THR D 123 -64.97 3.25 33.45
CA THR D 123 -65.42 3.39 34.83
C THR D 123 -65.66 2.03 35.46
N GLU D 124 -65.99 1.02 34.65
CA GLU D 124 -66.36 -0.29 35.16
C GLU D 124 -65.37 -1.39 34.80
N GLY D 125 -65.02 -1.52 33.53
CA GLY D 125 -64.23 -2.65 33.10
C GLY D 125 -65.08 -3.67 32.37
N GLY D 126 -64.70 -4.93 32.47
CA GLY D 126 -65.44 -5.98 31.79
C GLY D 126 -65.11 -6.05 30.31
N SER D 127 -65.82 -6.94 29.63
CA SER D 127 -65.61 -7.15 28.21
C SER D 127 -65.93 -5.88 27.43
N LEU D 128 -65.18 -5.68 26.37
CA LEU D 128 -65.55 -4.61 25.46
C LEU D 128 -65.92 -5.15 24.09
N VAL D 129 -65.06 -5.97 23.50
CA VAL D 129 -65.31 -6.50 22.16
C VAL D 129 -65.00 -7.99 22.19
N GLU D 130 -65.90 -8.76 21.61
CA GLU D 130 -65.77 -10.21 21.59
C GLU D 130 -65.96 -10.69 20.16
N LEU D 131 -65.27 -11.77 19.81
CA LEU D 131 -65.24 -12.27 18.45
C LEU D 131 -65.45 -13.78 18.45
N ASN D 132 -66.08 -14.29 17.40
CA ASN D 132 -66.25 -15.73 17.22
C ASN D 132 -65.08 -16.28 16.42
N TRP D 133 -64.42 -17.30 16.97
CA TRP D 133 -63.30 -17.90 16.26
C TRP D 133 -63.75 -18.84 15.17
N LEU D 134 -64.91 -19.49 15.33
CA LEU D 134 -65.40 -20.38 14.30
C LEU D 134 -65.53 -19.68 12.96
N GLN D 135 -65.99 -18.43 12.94
CA GLN D 135 -66.19 -17.71 11.71
C GLN D 135 -64.90 -17.14 11.13
N VAL D 136 -63.75 -17.50 11.70
CA VAL D 136 -62.50 -16.93 11.22
C VAL D 136 -61.88 -17.86 10.20
N ASP D 137 -62.08 -17.53 8.92
CA ASP D 137 -61.47 -18.18 7.76
C ASP D 137 -61.35 -19.69 7.90
N PRO D 138 -62.47 -20.42 7.84
CA PRO D 138 -62.38 -21.88 7.72
C PRO D 138 -61.51 -22.34 6.56
N ASN D 139 -61.47 -21.58 5.46
CA ASN D 139 -60.68 -21.96 4.31
C ASN D 139 -59.22 -22.21 4.63
N SER D 140 -58.71 -21.58 5.69
CA SER D 140 -57.33 -21.80 6.06
C SER D 140 -57.12 -23.24 6.47
N MET D 141 -55.92 -23.73 6.21
CA MET D 141 -55.50 -25.05 6.64
C MET D 141 -55.42 -25.14 8.16
N PHE D 142 -55.38 -24.01 8.86
CA PHE D 142 -55.57 -23.98 10.30
C PHE D 142 -57.04 -24.14 10.65
N ARG D 143 -57.92 -24.03 9.65
CA ARG D 143 -59.35 -24.06 9.89
C ARG D 143 -60.11 -24.98 8.96
N SER D 144 -59.46 -25.62 7.98
CA SER D 144 -60.15 -26.56 7.12
C SER D 144 -59.40 -27.89 7.12
N ILE D 145 -60.13 -28.95 6.78
CA ILE D 145 -59.54 -30.28 6.71
C ILE D 145 -59.30 -30.76 5.29
N HIS D 146 -60.16 -30.40 4.35
CA HIS D 146 -60.02 -30.79 2.96
C HIS D 146 -58.92 -30.02 2.27
N SER D 147 -58.38 -29.01 2.91
CA SER D 147 -57.36 -28.13 2.36
C SER D 147 -55.99 -28.80 2.49
N SER D 148 -55.01 -28.21 1.81
CA SER D 148 -53.67 -28.74 1.81
C SER D 148 -52.67 -27.61 1.67
N TRP D 149 -51.40 -27.96 1.73
CA TRP D 149 -50.32 -27.03 1.44
C TRP D 149 -50.35 -26.57 0.00
N THR D 150 -50.39 -27.51 -0.93
CA THR D 150 -50.35 -27.24 -2.36
C THR D 150 -51.45 -26.32 -2.84
N ASP D 151 -52.44 -26.05 -2.01
CA ASP D 151 -53.57 -25.24 -2.45
C ASP D 151 -53.07 -23.86 -2.87
N PRO D 152 -53.46 -23.38 -4.05
CA PRO D 152 -52.99 -22.09 -4.54
C PRO D 152 -53.32 -20.97 -3.56
N LEU D 153 -52.45 -19.98 -3.49
CA LEU D 153 -52.53 -18.99 -2.43
C LEU D 153 -53.44 -17.83 -2.81
N GLN D 154 -53.57 -16.89 -1.90
CA GLN D 154 -54.36 -15.69 -2.11
C GLN D 154 -53.44 -14.49 -2.28
N VAL D 155 -53.79 -13.60 -3.19
CA VAL D 155 -52.90 -12.50 -3.56
C VAL D 155 -53.19 -11.29 -2.68
N VAL D 156 -52.14 -10.75 -2.06
CA VAL D 156 -52.18 -9.51 -1.29
C VAL D 156 -50.88 -8.76 -1.57
N ASP D 157 -50.82 -7.48 -1.20
CA ASP D 157 -49.65 -6.65 -1.46
C ASP D 157 -49.31 -5.81 -0.23
N ASP D 158 -48.02 -5.52 -0.05
CA ASP D 158 -47.52 -4.74 1.09
C ASP D 158 -48.16 -5.21 2.38
N LEU D 159 -48.19 -6.53 2.56
CA LEU D 159 -48.78 -7.11 3.75
C LEU D 159 -48.07 -6.59 4.99
N ASP D 160 -46.75 -6.48 4.90
CA ASP D 160 -45.97 -5.88 5.97
C ASP D 160 -46.47 -4.49 6.31
N THR D 161 -46.69 -3.67 5.29
CA THR D 161 -47.09 -2.29 5.49
C THR D 161 -48.41 -2.24 6.27
N LYS D 162 -49.43 -2.89 5.73
CA LYS D 162 -50.75 -2.88 6.35
C LYS D 162 -50.70 -3.50 7.74
N LEU D 163 -50.00 -4.63 7.86
CA LEU D 163 -49.73 -5.24 9.15
C LEU D 163 -49.29 -4.20 10.17
N ASP D 164 -48.24 -3.47 9.85
CA ASP D 164 -47.70 -2.53 10.82
C ASP D 164 -48.72 -1.44 11.12
N GLN D 165 -49.39 -0.94 10.08
CA GLN D 165 -50.43 0.05 10.29
C GLN D 165 -51.41 -0.42 11.37
N TYR D 166 -51.85 -1.67 11.25
CA TYR D 166 -52.99 -2.11 12.03
C TYR D 166 -52.56 -2.53 13.43
N TRP D 167 -51.46 -3.26 13.53
CA TRP D 167 -50.88 -3.52 14.84
C TRP D 167 -50.66 -2.21 15.58
N THR D 168 -50.06 -1.24 14.89
CA THR D 168 -49.89 0.10 15.43
C THR D 168 -51.19 0.66 15.95
N ALA D 169 -52.16 0.85 15.05
CA ALA D 169 -53.41 1.52 15.39
C ALA D 169 -54.11 0.80 16.53
N LEU D 170 -54.24 -0.51 16.42
CA LEU D 170 -54.98 -1.28 17.40
C LEU D 170 -54.34 -1.20 18.77
N ASN D 171 -53.04 -1.52 18.87
CA ASN D 171 -52.43 -1.49 20.18
C ASN D 171 -52.34 -0.08 20.72
N LEU D 172 -52.33 0.94 19.84
CA LEU D 172 -52.36 2.30 20.34
C LEU D 172 -53.72 2.65 20.91
N MET D 173 -54.79 2.21 20.24
CA MET D 173 -56.13 2.41 20.77
C MET D 173 -56.26 1.72 22.11
N ILE D 174 -55.67 0.54 22.25
CA ILE D 174 -55.64 -0.13 23.54
C ILE D 174 -54.84 0.69 24.53
N ASP D 175 -53.69 1.21 24.11
CA ASP D 175 -52.82 2.00 24.96
C ASP D 175 -53.56 3.18 25.56
N SER D 176 -54.20 3.97 24.70
CA SER D 176 -55.05 5.05 25.18
C SER D 176 -56.07 4.53 26.18
N SER D 177 -56.54 3.30 25.99
CA SER D 177 -57.60 2.74 26.80
C SER D 177 -57.08 1.81 27.89
N ASP D 178 -55.91 1.23 27.69
CA ASP D 178 -55.25 0.40 28.70
C ASP D 178 -56.13 -0.78 29.07
N LEU D 179 -56.36 -1.64 28.09
CA LEU D 179 -57.15 -2.85 28.25
C LEU D 179 -56.24 -4.05 28.36
N VAL D 180 -56.86 -5.22 28.54
CA VAL D 180 -56.14 -6.48 28.70
C VAL D 180 -56.91 -7.59 28.01
N PRO D 181 -56.42 -8.13 26.91
CA PRO D 181 -57.07 -9.30 26.31
C PRO D 181 -56.49 -10.61 26.80
N ASN D 182 -57.28 -11.67 26.70
CA ASN D 182 -56.89 -12.98 27.19
C ASN D 182 -56.11 -13.79 26.17
N PHE D 183 -55.69 -13.18 25.07
CA PHE D 183 -55.00 -13.91 24.01
C PHE D 183 -53.58 -13.44 23.80
N MET D 184 -53.01 -12.70 24.73
CA MET D 184 -51.68 -12.14 24.56
C MET D 184 -50.72 -12.85 25.50
N MET D 185 -49.43 -12.74 25.22
CA MET D 185 -48.41 -13.41 26.02
C MET D 185 -47.23 -12.51 26.29
N ARG D 186 -46.64 -12.66 27.48
CA ARG D 186 -45.47 -11.91 27.90
C ARG D 186 -44.20 -12.74 27.84
N ASP D 187 -44.32 -14.07 27.92
CA ASP D 187 -43.18 -14.96 27.77
C ASP D 187 -43.61 -16.22 27.04
N PRO D 188 -43.69 -16.17 25.70
CA PRO D 188 -44.21 -17.31 24.93
C PRO D 188 -43.37 -18.57 25.04
N SER D 189 -42.20 -18.48 25.68
CA SER D 189 -41.47 -19.69 26.03
C SER D 189 -42.35 -20.65 26.80
N HIS D 190 -43.25 -20.09 27.61
CA HIS D 190 -44.18 -20.90 28.39
C HIS D 190 -45.17 -21.64 27.52
N ALA D 191 -45.47 -21.09 26.34
CA ALA D 191 -46.58 -21.60 25.53
C ALA D 191 -46.45 -23.10 25.30
N PHE D 192 -45.42 -23.52 24.57
CA PHE D 192 -45.19 -24.94 24.39
C PHE D 192 -44.64 -25.58 25.65
N ASN D 193 -44.09 -24.79 26.58
CA ASN D 193 -43.67 -25.35 27.84
C ASN D 193 -43.52 -24.26 28.90
N GLY D 194 -44.41 -24.28 29.89
CA GLY D 194 -44.40 -23.28 30.94
C GLY D 194 -45.77 -22.70 31.21
N VAL D 195 -46.81 -23.36 30.69
CA VAL D 195 -48.18 -22.91 30.87
C VAL D 195 -48.97 -23.99 31.60
N ARG D 196 -50.11 -23.59 32.15
CA ARG D 196 -51.06 -24.51 32.74
C ARG D 196 -52.18 -24.75 31.72
N LEU D 197 -52.61 -26.00 31.63
CA LEU D 197 -53.63 -26.40 30.68
C LEU D 197 -54.84 -26.93 31.42
N GLU D 198 -56.02 -26.69 30.86
CA GLU D 198 -57.25 -27.13 31.50
C GLU D 198 -58.33 -27.29 30.45
N GLY D 199 -59.30 -28.15 30.76
CA GLY D 199 -60.33 -28.47 29.79
C GLY D 199 -59.75 -29.30 28.66
N ASP D 200 -60.35 -29.16 27.49
CA ASP D 200 -59.89 -29.92 26.33
C ASP D 200 -58.44 -29.60 25.97
N ALA D 201 -57.86 -28.57 26.61
CA ALA D 201 -56.44 -28.30 26.45
C ALA D 201 -55.59 -29.48 26.88
N ARG D 202 -56.11 -30.35 27.73
CA ARG D 202 -55.39 -31.56 28.11
C ARG D 202 -55.08 -32.42 26.89
N GLN D 203 -55.70 -32.12 25.75
CA GLN D 203 -55.64 -32.99 24.60
C GLN D 203 -54.71 -32.48 23.51
N THR D 204 -54.19 -31.26 23.66
CA THR D 204 -53.29 -30.73 22.64
C THR D 204 -51.87 -31.21 22.91
N GLN D 205 -51.16 -31.53 21.83
CA GLN D 205 -49.77 -31.94 21.91
C GLN D 205 -48.92 -30.93 21.16
N PHE D 206 -47.61 -31.20 21.13
CA PHE D 206 -46.65 -30.27 20.57
C PHE D 206 -45.66 -30.98 19.67
N SER D 207 -45.48 -30.46 18.47
CA SER D 207 -44.39 -30.87 17.59
C SER D 207 -43.27 -29.84 17.52
N ARG D 208 -43.55 -28.58 17.85
CA ARG D 208 -42.60 -27.48 17.83
C ARG D 208 -42.04 -27.20 16.45
N THR D 209 -42.55 -27.86 15.41
CA THR D 209 -41.91 -27.83 14.10
C THR D 209 -42.96 -27.73 13.02
N PHE D 210 -42.55 -27.23 11.85
CA PHE D 210 -43.24 -27.50 10.61
C PHE D 210 -43.15 -29.01 10.35
N ASP D 211 -44.28 -29.68 10.37
CA ASP D 211 -44.26 -31.10 10.04
C ASP D 211 -45.62 -31.50 9.51
N SER D 212 -45.62 -32.03 8.29
CA SER D 212 -46.78 -32.70 7.74
C SER D 212 -47.19 -33.89 8.59
N ARG D 213 -46.39 -34.23 9.59
CA ARG D 213 -46.68 -35.29 10.53
C ARG D 213 -47.53 -34.82 11.69
N SER D 214 -47.97 -33.58 11.67
CA SER D 214 -48.87 -33.05 12.68
C SER D 214 -49.96 -32.23 12.02
N SER D 215 -51.17 -32.33 12.56
CA SER D 215 -52.25 -31.48 12.12
C SER D 215 -52.12 -30.10 12.73
N LEU D 216 -52.19 -29.09 11.88
CA LEU D 216 -52.13 -27.72 12.32
C LEU D 216 -53.50 -27.05 12.30
N GLU D 217 -54.46 -27.62 11.59
CA GLU D 217 -55.84 -27.22 11.73
C GLU D 217 -56.21 -27.39 13.20
N TRP D 218 -56.76 -26.33 13.81
CA TRP D 218 -57.01 -26.38 15.23
C TRP D 218 -57.80 -25.15 15.66
N GLY D 219 -58.37 -25.23 16.85
CA GLY D 219 -58.96 -24.07 17.50
C GLY D 219 -57.91 -23.09 17.98
N VAL D 220 -58.38 -22.08 18.70
CA VAL D 220 -57.52 -21.00 19.16
C VAL D 220 -57.57 -20.97 20.68
N MET D 221 -56.40 -20.92 21.30
CA MET D 221 -56.27 -21.05 22.75
C MET D 221 -56.02 -19.69 23.40
N VAL D 222 -56.78 -19.40 24.45
CA VAL D 222 -56.74 -18.10 25.12
C VAL D 222 -56.76 -18.30 26.63
N TYR D 223 -56.61 -17.21 27.36
CA TYR D 223 -56.62 -17.25 28.81
C TYR D 223 -58.01 -17.51 29.33
N ASP D 224 -58.12 -17.55 30.66
CA ASP D 224 -59.42 -17.45 31.32
C ASP D 224 -59.44 -16.14 32.08
N TYR D 225 -59.92 -15.09 31.42
CA TYR D 225 -60.09 -13.80 32.07
C TYR D 225 -61.51 -13.55 32.52
N SER D 226 -62.38 -14.56 32.46
CA SER D 226 -63.75 -14.39 32.93
C SER D 226 -63.75 -14.06 34.42
N GLU D 227 -63.31 -15.00 35.25
CA GLU D 227 -63.16 -14.74 36.66
C GLU D 227 -62.26 -13.53 36.92
N LEU D 228 -61.29 -13.28 36.04
CA LEU D 228 -60.52 -12.05 36.13
C LEU D 228 -61.42 -10.83 36.18
N GLU D 229 -62.31 -10.70 35.20
CA GLU D 229 -63.32 -9.66 35.27
C GLU D 229 -64.15 -9.78 36.55
N HIS D 230 -64.43 -11.02 36.95
CA HIS D 230 -65.28 -11.23 38.12
C HIS D 230 -64.61 -10.74 39.39
N ASP D 231 -63.30 -10.90 39.47
CA ASP D 231 -62.54 -10.59 40.68
C ASP D 231 -62.72 -9.15 41.11
N PRO D 232 -63.48 -8.90 42.18
CA PRO D 232 -63.69 -7.52 42.61
C PRO D 232 -62.54 -7.00 43.44
N SER D 233 -61.93 -7.88 44.23
CA SER D 233 -60.77 -7.54 45.03
C SER D 233 -59.59 -7.10 44.17
N LYS D 234 -59.61 -7.43 42.89
CA LYS D 234 -58.64 -6.97 41.91
C LYS D 234 -59.34 -6.11 40.88
N GLY D 235 -60.19 -5.21 41.36
CA GLY D 235 -61.17 -4.56 40.53
C GLY D 235 -60.57 -3.60 39.52
N ARG D 236 -61.47 -2.83 38.91
CA ARG D 236 -61.16 -1.86 37.87
C ARG D 236 -59.86 -1.13 38.15
N ALA D 237 -59.75 -0.56 39.34
CA ALA D 237 -58.53 0.12 39.75
C ALA D 237 -57.34 -0.79 39.62
N TYR D 238 -57.32 -1.89 40.38
CA TYR D 238 -56.21 -2.83 40.28
C TYR D 238 -56.03 -3.30 38.85
N ARG D 239 -57.15 -3.62 38.20
CA ARG D 239 -57.10 -4.11 36.83
C ARG D 239 -56.22 -3.22 35.97
N LYS D 240 -56.44 -1.91 36.06
CA LYS D 240 -55.54 -0.98 35.38
C LYS D 240 -54.13 -1.08 35.95
N GLU D 241 -54.02 -1.05 37.28
CA GLU D 241 -52.74 -0.87 37.94
C GLU D 241 -51.73 -1.96 37.64
N LEU D 242 -52.16 -3.17 37.50
CA LEU D 242 -51.14 -4.21 37.42
C LEU D 242 -51.16 -5.00 36.13
N VAL D 243 -52.32 -5.06 35.46
CA VAL D 243 -52.47 -6.04 34.41
C VAL D 243 -52.22 -5.43 33.04
N THR D 244 -52.37 -4.12 32.94
CA THR D 244 -52.13 -3.41 31.68
C THR D 244 -50.70 -3.59 31.21
N PRO D 245 -50.48 -4.03 29.98
CA PRO D 245 -49.10 -4.30 29.50
C PRO D 245 -48.21 -3.08 29.48
N ALA D 246 -48.75 -1.90 29.77
CA ALA D 246 -47.88 -0.78 30.11
C ALA D 246 -47.00 -1.13 31.30
N ARG D 247 -47.57 -1.86 32.25
CA ARG D 247 -46.75 -2.44 33.31
C ARG D 247 -45.65 -3.31 32.71
N ASP D 248 -45.98 -4.08 31.69
CA ASP D 248 -45.07 -5.04 31.11
C ASP D 248 -44.25 -4.49 29.95
N PHE D 249 -44.70 -3.40 29.32
CA PHE D 249 -44.01 -2.88 28.15
C PHE D 249 -43.94 -1.36 28.13
N GLY D 250 -44.64 -0.70 29.03
CA GLY D 250 -44.73 0.75 28.95
C GLY D 250 -45.63 1.17 27.82
N HIS D 251 -45.37 2.38 27.34
CA HIS D 251 -46.14 2.89 26.21
C HIS D 251 -45.91 2.01 24.99
N PHE D 252 -46.98 1.75 24.25
CA PHE D 252 -46.83 1.19 22.92
C PHE D 252 -45.95 2.07 22.05
N GLY D 253 -45.94 3.39 22.29
CA GLY D 253 -44.97 4.26 21.69
C GLY D 253 -43.62 4.26 22.37
N LEU D 254 -43.42 3.36 23.33
CA LEU D 254 -42.16 3.22 24.05
C LEU D 254 -41.71 1.77 23.97
N SER D 255 -41.67 1.25 22.76
CA SER D 255 -41.38 -0.15 22.50
C SER D 255 -39.91 -0.44 22.76
N HIS D 256 -39.65 -1.28 23.78
CA HIS D 256 -38.32 -1.81 24.05
C HIS D 256 -38.39 -3.27 24.49
N TYR D 257 -39.56 -3.88 24.43
CA TYR D 257 -39.74 -5.32 24.58
C TYR D 257 -40.63 -5.82 23.46
N SER D 258 -40.44 -7.07 23.07
CA SER D 258 -41.25 -7.61 21.99
C SER D 258 -42.59 -8.11 22.54
N ARG D 259 -43.62 -7.95 21.72
CA ARG D 259 -44.99 -8.18 22.15
C ARG D 259 -45.55 -9.43 21.47
N ALA D 260 -45.95 -10.40 22.30
CA ALA D 260 -46.40 -11.71 21.84
C ALA D 260 -47.84 -11.97 22.27
N THR D 261 -48.50 -12.85 21.52
CA THR D 261 -49.85 -13.28 21.83
C THR D 261 -49.85 -14.75 22.17
N THR D 262 -51.04 -15.28 22.39
CA THR D 262 -51.23 -16.70 22.66
C THR D 262 -51.04 -17.50 21.37
N PRO D 263 -51.04 -18.85 21.46
CA PRO D 263 -50.83 -19.64 20.25
C PRO D 263 -51.97 -19.56 19.27
N ILE D 264 -52.02 -18.46 18.52
CA ILE D 264 -53.21 -18.17 17.74
C ILE D 264 -53.39 -19.19 16.63
N LEU D 265 -52.53 -19.16 15.61
CA LEU D 265 -52.68 -20.05 14.47
C LEU D 265 -51.96 -21.33 14.77
N GLY D 266 -52.62 -22.45 14.42
CA GLY D 266 -52.04 -23.75 14.59
C GLY D 266 -51.26 -23.94 15.87
N LYS D 267 -51.78 -23.44 16.99
CA LYS D 267 -51.08 -23.48 18.26
C LYS D 267 -49.79 -22.68 18.23
N MET D 268 -49.67 -21.71 17.33
CA MET D 268 -48.44 -20.92 17.21
C MET D 268 -48.68 -19.54 17.77
N PRO D 269 -47.97 -19.15 18.82
CA PRO D 269 -47.99 -17.75 19.25
C PRO D 269 -46.87 -16.97 18.59
N ALA D 270 -47.23 -15.87 17.97
CA ALA D 270 -46.27 -14.98 17.33
C ALA D 270 -46.00 -13.78 18.22
N VAL D 271 -44.92 -13.07 17.92
CA VAL D 271 -44.46 -11.95 18.72
C VAL D 271 -44.30 -10.75 17.80
N PHE D 272 -44.31 -9.56 18.37
CA PHE D 272 -44.13 -8.35 17.59
C PHE D 272 -42.91 -7.60 18.07
N SER D 273 -42.12 -7.11 17.12
CA SER D 273 -40.96 -6.29 17.43
C SER D 273 -41.40 -4.93 17.98
N GLY D 274 -40.42 -4.05 18.20
CA GLY D 274 -40.72 -2.72 18.70
C GLY D 274 -40.59 -1.65 17.63
N MET D 275 -41.61 -0.80 17.55
CA MET D 275 -41.60 0.25 16.53
C MET D 275 -40.50 1.26 16.79
N LEU D 276 -40.12 1.44 18.05
CA LEU D 276 -39.04 2.37 18.37
C LEU D 276 -37.74 1.99 17.71
N THR D 277 -37.73 0.87 17.00
CA THR D 277 -36.71 0.54 16.03
C THR D 277 -37.01 1.07 14.65
N GLY D 278 -38.11 1.82 14.51
CA GLY D 278 -38.62 2.26 13.22
C GLY D 278 -39.96 1.63 12.89
N ASN D 279 -40.21 0.41 13.39
CA ASN D 279 -41.34 -0.35 12.90
C ASN D 279 -41.51 -1.59 13.76
N CYS D 280 -42.68 -2.22 13.64
CA CYS D 280 -43.00 -3.44 14.37
C CYS D 280 -43.23 -4.57 13.36
N LYS D 281 -42.95 -5.80 13.79
CA LYS D 281 -43.09 -6.95 12.90
C LYS D 281 -43.49 -8.19 13.68
N MET D 282 -44.35 -8.97 13.05
CA MET D 282 -44.80 -10.25 13.57
C MET D 282 -43.79 -11.32 13.23
N TYR D 283 -43.60 -12.27 14.13
CA TYR D 283 -42.74 -13.40 13.90
C TYR D 283 -43.22 -14.61 14.69
N PRO D 284 -43.31 -15.77 14.05
CA PRO D 284 -43.52 -17.01 14.80
C PRO D 284 -42.19 -17.56 15.27
N PHE D 285 -42.14 -17.97 16.53
CA PHE D 285 -40.89 -18.49 17.09
C PHE D 285 -40.56 -19.80 16.39
N ILE D 286 -39.40 -19.85 15.76
CA ILE D 286 -38.92 -21.04 15.08
C ILE D 286 -37.49 -21.29 15.54
N LYS D 287 -37.20 -22.52 15.97
CA LYS D 287 -35.86 -22.86 16.42
C LYS D 287 -34.95 -23.04 15.21
N GLY D 288 -33.81 -22.35 15.23
CA GLY D 288 -32.86 -22.47 14.14
C GLY D 288 -32.31 -23.87 14.00
N THR D 289 -32.11 -24.54 15.14
CA THR D 289 -31.59 -25.90 15.11
C THR D 289 -32.47 -26.82 14.29
N ALA D 290 -33.78 -26.66 14.38
CA ALA D 290 -34.66 -27.42 13.52
C ALA D 290 -34.34 -27.18 12.06
N LYS D 291 -34.22 -25.92 11.66
CA LYS D 291 -33.86 -25.57 10.30
C LYS D 291 -32.55 -26.23 9.91
N LEU D 292 -31.65 -26.37 10.88
CA LEU D 292 -30.42 -27.13 10.64
C LEU D 292 -30.74 -28.58 10.33
N LYS D 293 -31.60 -29.19 11.13
CA LYS D 293 -31.95 -30.60 10.92
C LYS D 293 -32.37 -30.85 9.48
N THR D 294 -32.93 -29.84 8.83
CA THR D 294 -33.41 -30.00 7.46
C THR D 294 -32.29 -30.40 6.50
N VAL D 295 -31.12 -29.79 6.62
CA VAL D 295 -30.10 -29.88 5.61
C VAL D 295 -29.33 -31.20 5.69
N ARG D 296 -29.66 -32.05 6.66
CA ARG D 296 -28.87 -33.24 6.89
C ARG D 296 -28.92 -34.18 5.70
N LYS D 297 -30.12 -34.57 5.27
CA LYS D 297 -30.24 -35.44 4.10
C LYS D 297 -29.49 -34.86 2.91
N LEU D 298 -29.47 -33.53 2.80
CA LEU D 298 -28.76 -32.89 1.71
C LEU D 298 -27.27 -33.12 1.84
N VAL D 299 -26.74 -32.98 3.06
CA VAL D 299 -25.35 -33.32 3.31
C VAL D 299 -25.04 -34.70 2.74
N ASP D 300 -25.88 -35.68 3.09
CA ASP D 300 -25.68 -37.04 2.64
C ASP D 300 -25.66 -37.09 1.12
N SER D 301 -26.71 -36.57 0.49
CA SER D 301 -26.83 -36.64 -0.96
C SER D 301 -25.60 -36.08 -1.64
N VAL D 302 -25.11 -34.93 -1.15
CA VAL D 302 -23.99 -34.29 -1.82
C VAL D 302 -22.70 -35.05 -1.57
N ASN D 303 -22.54 -35.58 -0.36
CA ASN D 303 -21.48 -36.57 -0.12
C ASN D 303 -21.51 -37.62 -1.22
N HIS D 304 -22.70 -38.06 -1.57
CA HIS D 304 -22.85 -39.14 -2.53
C HIS D 304 -22.62 -38.68 -3.96
N ALA D 305 -22.85 -37.40 -4.23
CA ALA D 305 -22.84 -36.93 -5.60
C ALA D 305 -21.49 -36.40 -6.03
N TRP D 306 -20.67 -35.88 -5.11
CA TRP D 306 -19.56 -35.04 -5.50
C TRP D 306 -18.28 -35.40 -4.78
N GLY D 307 -17.17 -34.89 -5.33
CA GLY D 307 -15.86 -35.31 -4.90
C GLY D 307 -15.29 -34.48 -3.77
N VAL D 308 -14.30 -35.08 -3.10
CA VAL D 308 -13.75 -34.50 -1.87
C VAL D 308 -13.05 -33.19 -2.16
N GLU D 309 -12.41 -33.09 -3.33
CA GLU D 309 -11.80 -31.83 -3.70
C GLU D 309 -12.81 -30.70 -3.62
N LYS D 310 -13.90 -30.80 -4.37
CA LYS D 310 -14.88 -29.72 -4.43
C LYS D 310 -15.34 -29.34 -3.03
N ILE D 311 -15.74 -30.32 -2.23
CA ILE D 311 -16.30 -30.01 -0.91
C ILE D 311 -15.25 -29.31 -0.05
N ARG D 312 -13.99 -29.71 -0.18
CA ARG D 312 -12.94 -28.96 0.48
C ARG D 312 -12.83 -27.57 -0.11
N TYR D 313 -13.25 -27.43 -1.36
CA TYR D 313 -13.15 -26.14 -2.01
C TYR D 313 -14.49 -25.42 -2.08
N ALA D 314 -15.60 -26.15 -1.91
CA ALA D 314 -16.92 -25.52 -1.88
C ALA D 314 -17.42 -25.31 -0.45
N LEU D 315 -17.57 -26.39 0.30
CA LEU D 315 -17.88 -26.28 1.72
C LEU D 315 -16.68 -26.61 2.60
N GLY D 316 -15.49 -26.62 2.03
CA GLY D 316 -14.30 -26.36 2.78
C GLY D 316 -13.85 -27.46 3.72
N PRO D 317 -13.13 -27.05 4.76
CA PRO D 317 -12.60 -28.00 5.73
C PRO D 317 -13.72 -28.72 6.47
N GLY D 318 -13.40 -29.90 7.00
CA GLY D 318 -14.42 -30.77 7.54
C GLY D 318 -15.57 -31.01 6.59
N GLY D 319 -15.39 -30.66 5.33
CA GLY D 319 -16.43 -30.61 4.35
C GLY D 319 -17.62 -29.81 4.84
N MET D 320 -18.72 -30.00 4.14
CA MET D 320 -19.98 -29.46 4.61
C MET D 320 -20.36 -30.07 5.95
N THR D 321 -19.79 -31.20 6.32
CA THR D 321 -20.07 -31.76 7.64
C THR D 321 -19.44 -30.90 8.73
N GLY D 322 -18.15 -30.58 8.58
CA GLY D 322 -17.54 -29.65 9.50
C GLY D 322 -18.25 -28.32 9.48
N TRP D 323 -18.67 -27.88 8.28
CA TRP D 323 -19.50 -26.68 8.20
C TRP D 323 -20.77 -26.85 9.01
N TYR D 324 -21.45 -27.97 8.85
CA TYR D 324 -22.64 -28.32 9.60
C TYR D 324 -22.41 -28.09 11.08
N ASN D 325 -21.37 -28.69 11.61
CA ASN D 325 -21.20 -28.70 13.06
C ASN D 325 -20.76 -27.35 13.59
N ARG D 326 -19.85 -26.68 12.88
CA ARG D 326 -19.44 -25.35 13.33
C ARG D 326 -20.61 -24.38 13.29
N THR D 327 -21.37 -24.40 12.21
CA THR D 327 -22.59 -23.62 12.16
C THR D 327 -23.55 -24.05 13.25
N MET D 328 -23.54 -25.33 13.57
CA MET D 328 -24.38 -25.85 14.63
C MET D 328 -23.99 -25.21 15.96
N GLN D 329 -22.70 -24.99 16.17
CA GLN D 329 -22.27 -24.15 17.26
C GLN D 329 -22.81 -22.73 17.14
N GLN D 330 -22.67 -22.13 15.96
CA GLN D 330 -23.00 -20.72 15.77
C GLN D 330 -24.48 -20.41 15.95
N ALA D 331 -25.33 -21.41 15.72
CA ALA D 331 -26.77 -21.28 15.57
C ALA D 331 -27.45 -20.27 16.49
N PRO D 332 -27.37 -20.42 17.81
CA PRO D 332 -28.30 -19.68 18.68
C PRO D 332 -28.26 -18.18 18.50
N ILE D 333 -27.29 -17.66 17.75
CA ILE D 333 -27.12 -16.23 17.60
C ILE D 333 -27.15 -15.83 16.14
N VAL D 334 -26.37 -16.53 15.30
CA VAL D 334 -26.37 -16.24 13.87
C VAL D 334 -27.72 -16.43 13.23
N LEU D 335 -28.67 -17.00 13.95
CA LEU D 335 -30.03 -17.23 13.47
C LEU D 335 -31.04 -16.41 14.27
N THR D 336 -30.76 -15.14 14.47
CA THR D 336 -31.56 -14.44 15.48
C THR D 336 -32.05 -13.08 15.01
N PRO D 337 -33.32 -12.97 14.60
CA PRO D 337 -33.95 -11.64 14.61
C PRO D 337 -33.95 -11.10 16.02
N ALA D 338 -33.71 -9.80 16.13
CA ALA D 338 -33.41 -9.20 17.44
C ALA D 338 -34.52 -9.45 18.43
N ALA D 339 -35.78 -9.48 17.96
CA ALA D 339 -36.90 -9.71 18.85
C ALA D 339 -36.74 -11.01 19.63
N LEU D 340 -35.92 -11.93 19.11
CA LEU D 340 -35.66 -13.19 19.80
C LEU D 340 -34.96 -12.99 21.13
N THR D 341 -34.75 -11.75 21.54
CA THR D 341 -34.14 -11.42 22.83
C THR D 341 -34.84 -10.22 23.46
N MET D 342 -35.97 -9.81 22.89
CA MET D 342 -36.72 -8.66 23.39
C MET D 342 -37.80 -9.08 24.37
N PHE D 343 -37.51 -10.04 25.24
CA PHE D 343 -38.54 -10.66 26.06
C PHE D 343 -38.71 -9.89 27.35
N SER D 344 -39.92 -9.96 27.90
CA SER D 344 -40.17 -9.45 29.24
C SER D 344 -40.16 -10.60 30.25
N ASP D 345 -39.85 -10.25 31.50
CA ASP D 345 -39.64 -11.25 32.54
C ASP D 345 -40.24 -10.84 33.89
N THR D 346 -41.41 -10.20 33.88
CA THR D 346 -42.18 -9.98 35.10
C THR D 346 -43.64 -9.77 34.73
N THR D 347 -44.50 -10.70 35.17
CA THR D 347 -45.93 -10.58 34.99
C THR D 347 -46.51 -10.13 36.31
N LYS D 348 -47.27 -9.05 36.29
CA LYS D 348 -47.79 -8.43 37.50
C LYS D 348 -49.25 -8.75 37.75
N PHE D 349 -49.74 -9.86 37.20
CA PHE D 349 -51.09 -10.33 37.48
C PHE D 349 -51.07 -11.84 37.57
N GLY D 350 -49.90 -12.44 37.39
CA GLY D 350 -49.79 -13.89 37.39
C GLY D 350 -50.41 -14.51 36.16
N ASP D 351 -49.89 -15.69 35.79
CA ASP D 351 -50.44 -16.35 34.62
C ASP D 351 -50.89 -17.77 34.90
N LEU D 352 -50.20 -18.52 35.76
CA LEU D 352 -50.64 -19.86 36.14
C LEU D 352 -51.82 -19.82 37.09
N ASP D 353 -52.43 -18.64 37.25
CA ASP D 353 -53.75 -18.52 37.82
C ASP D 353 -54.83 -18.75 36.78
N TYR D 354 -54.49 -18.62 35.50
CA TYR D 354 -55.47 -18.72 34.42
C TYR D 354 -55.00 -19.77 33.43
N PRO D 355 -55.87 -20.69 33.06
CA PRO D 355 -55.52 -21.69 32.06
C PRO D 355 -55.71 -21.12 30.65
N VAL D 356 -55.47 -22.00 29.68
CA VAL D 356 -55.63 -21.67 28.28
C VAL D 356 -56.55 -22.70 27.66
N MET D 357 -57.52 -22.23 26.89
CA MET D 357 -58.57 -23.08 26.35
C MET D 357 -59.10 -22.46 25.07
N ILE D 358 -59.76 -23.27 24.26
CA ILE D 358 -60.23 -22.78 22.97
C ILE D 358 -61.58 -22.11 23.16
N GLY D 359 -61.60 -20.78 23.10
CA GLY D 359 -62.83 -20.04 23.19
C GLY D 359 -62.91 -18.91 22.20
N ASP D 360 -63.93 -18.06 22.35
CA ASP D 360 -64.17 -16.96 21.43
C ASP D 360 -63.22 -15.81 21.75
N PRO D 361 -62.50 -15.30 20.76
CA PRO D 361 -61.58 -14.19 21.02
C PRO D 361 -62.31 -12.94 21.49
N MET D 362 -61.60 -12.13 22.28
CA MET D 362 -62.18 -10.91 22.84
C MET D 362 -61.08 -10.14 23.54
N ILE D 363 -61.33 -8.85 23.74
CA ILE D 363 -60.52 -8.01 24.60
C ILE D 363 -61.43 -7.40 25.67
N LEU D 364 -60.99 -7.47 26.91
CA LEU D 364 -61.60 -6.72 27.99
C LEU D 364 -60.56 -5.76 28.53
N GLY D 365 -60.97 -4.97 29.52
CA GLY D 365 -60.08 -4.01 30.14
C GLY D 365 -58.86 -4.65 30.76
N MET E 1 9.86 30.20 -20.55
CA MET E 1 8.85 31.15 -20.09
C MET E 1 7.47 30.80 -20.65
N GLU E 2 7.08 29.55 -20.48
CA GLU E 2 5.75 29.10 -20.85
C GLU E 2 4.95 28.97 -19.57
N VAL E 3 3.74 29.52 -19.57
CA VAL E 3 3.00 29.74 -18.33
C VAL E 3 1.80 28.82 -18.27
N CYS E 4 1.14 28.82 -17.11
CA CYS E 4 0.03 27.93 -16.87
C CYS E 4 -1.13 28.71 -16.28
N LEU E 5 -2.31 28.11 -16.38
CA LEU E 5 -3.52 28.75 -15.89
C LEU E 5 -4.21 27.83 -14.87
N PRO E 6 -4.89 28.38 -13.89
CA PRO E 6 -5.36 27.56 -12.76
C PRO E 6 -6.70 26.89 -13.02
N ASN E 7 -7.15 26.16 -12.00
CA ASN E 7 -8.49 25.58 -12.01
C ASN E 7 -9.46 26.46 -11.24
N GLY E 8 -10.70 26.46 -11.68
CA GLY E 8 -11.70 27.44 -11.31
C GLY E 8 -11.80 27.80 -9.85
N HIS E 9 -11.84 26.77 -8.99
CA HIS E 9 -12.01 26.99 -7.56
C HIS E 9 -11.11 28.08 -7.01
N GLN E 10 -9.83 28.07 -7.39
CA GLN E 10 -8.92 29.11 -6.94
C GLN E 10 -9.39 30.49 -7.36
N ILE E 11 -9.89 30.60 -8.58
CA ILE E 11 -10.41 31.89 -9.03
C ILE E 11 -11.64 32.26 -8.26
N VAL E 12 -12.49 31.29 -7.92
CA VAL E 12 -13.63 31.56 -7.07
C VAL E 12 -13.17 32.15 -5.76
N ASP E 13 -12.11 31.58 -5.19
CA ASP E 13 -11.59 32.12 -3.94
C ASP E 13 -11.12 33.54 -4.11
N LEU E 14 -10.44 33.80 -5.23
CA LEU E 14 -10.05 35.17 -5.54
C LEU E 14 -11.26 36.09 -5.57
N ILE E 15 -12.33 35.62 -6.23
CA ILE E 15 -13.57 36.36 -6.28
C ILE E 15 -14.04 36.70 -4.87
N ASN E 16 -14.04 35.70 -4.01
CA ASN E 16 -14.50 35.91 -2.64
C ASN E 16 -13.67 36.97 -1.95
N ASN E 17 -12.35 36.86 -2.00
CA ASN E 17 -11.50 37.86 -1.37
C ASN E 17 -11.78 39.25 -1.92
N ALA E 18 -12.05 39.33 -3.22
CA ALA E 18 -12.48 40.61 -3.78
C ALA E 18 -13.74 41.08 -3.09
N PHE E 19 -14.65 40.15 -2.83
CA PHE E 19 -15.82 40.41 -2.00
C PHE E 19 -15.48 40.38 -0.53
N GLU E 20 -14.19 40.40 -0.20
CA GLU E 20 -13.77 40.56 1.18
C GLU E 20 -12.69 41.61 1.35
N GLY E 21 -12.29 42.31 0.29
CA GLY E 21 -11.35 43.39 0.41
C GLY E 21 -10.01 42.97 0.97
N ARG E 22 -9.54 41.81 0.57
CA ARG E 22 -8.29 41.30 1.12
C ARG E 22 -7.44 40.52 0.14
N VAL E 23 -7.57 40.75 -1.16
CA VAL E 23 -6.67 40.13 -2.13
C VAL E 23 -5.29 40.74 -1.98
N SER E 24 -4.26 39.94 -2.20
CA SER E 24 -2.92 40.46 -2.35
C SER E 24 -2.79 41.01 -3.76
N ILE E 25 -2.89 42.32 -3.90
CA ILE E 25 -2.77 43.00 -5.18
C ILE E 25 -1.46 43.76 -5.19
N TYR E 26 -0.57 43.38 -6.09
CA TYR E 26 0.77 43.94 -6.08
C TYR E 26 0.83 45.15 -6.99
N SER E 27 1.67 46.10 -6.62
CA SER E 27 1.91 47.31 -7.40
C SER E 27 3.40 47.42 -7.73
N ALA E 28 3.69 47.49 -9.02
CA ALA E 28 5.07 47.55 -9.50
C ALA E 28 5.66 48.95 -9.34
N GLN E 29 4.95 49.85 -8.67
CA GLN E 29 5.44 51.20 -8.44
C GLN E 29 5.35 51.54 -6.97
N GLU E 30 4.50 50.79 -6.26
CA GLU E 30 4.34 50.97 -4.82
C GLU E 30 4.55 49.69 -4.04
N GLY E 31 5.20 48.70 -4.62
CA GLY E 31 5.26 47.42 -3.95
C GLY E 31 3.85 46.89 -3.76
N TRP E 32 3.51 46.72 -2.49
CA TRP E 32 2.12 46.46 -2.15
C TRP E 32 1.50 47.77 -1.66
N ASP E 33 0.43 48.19 -2.32
CA ASP E 33 -0.33 49.35 -1.87
C ASP E 33 -1.80 49.09 -2.15
N LYS E 34 -2.62 49.55 -1.24
CA LYS E 34 -4.05 49.58 -1.49
C LYS E 34 -4.65 50.95 -1.19
N THR E 35 -3.90 51.86 -0.57
CA THR E 35 -4.43 53.19 -0.33
C THR E 35 -4.71 53.90 -1.63
N ILE E 36 -3.69 54.07 -2.45
CA ILE E 36 -3.81 54.83 -3.68
C ILE E 36 -4.01 53.85 -4.82
N SER E 37 -4.93 54.17 -5.72
CA SER E 37 -5.20 53.34 -6.87
C SER E 37 -4.02 53.38 -7.83
N ALA E 38 -3.88 52.30 -8.61
CA ALA E 38 -2.80 52.18 -9.58
C ALA E 38 -3.21 51.23 -10.70
N GLN E 39 -2.23 50.72 -11.45
CA GLN E 39 -2.45 49.60 -12.34
C GLN E 39 -1.83 48.37 -11.68
N PRO E 40 -2.64 47.41 -11.25
CA PRO E 40 -2.09 46.18 -10.69
C PRO E 40 -1.40 45.33 -11.73
N ASP E 41 -0.15 44.98 -11.47
CA ASP E 41 0.60 44.14 -12.39
C ASP E 41 0.36 42.67 -12.14
N MET E 42 0.29 42.26 -10.88
CA MET E 42 0.19 40.86 -10.53
C MET E 42 -0.67 40.73 -9.29
N MET E 43 -1.16 39.52 -9.04
CA MET E 43 -1.98 39.27 -7.87
C MET E 43 -1.83 37.82 -7.40
N VAL E 44 -2.56 37.49 -6.35
CA VAL E 44 -2.65 36.12 -5.84
C VAL E 44 -3.94 35.53 -6.38
N CYS E 45 -3.97 34.20 -6.51
CA CYS E 45 -5.19 33.46 -6.83
C CYS E 45 -5.03 32.05 -6.29
N GLY E 46 -5.88 31.69 -5.33
CA GLY E 46 -5.87 30.35 -4.78
C GLY E 46 -4.51 29.86 -4.34
N GLY E 47 -3.79 30.67 -3.55
CA GLY E 47 -2.45 30.33 -3.14
C GLY E 47 -1.40 30.44 -4.22
N ALA E 48 -1.78 30.30 -5.48
CA ALA E 48 -0.89 30.56 -6.58
C ALA E 48 -0.77 32.05 -6.79
N VAL E 49 0.15 32.44 -7.67
CA VAL E 49 0.50 33.83 -7.89
C VAL E 49 0.56 34.06 -9.40
N VAL E 50 -0.22 35.02 -9.87
CA VAL E 50 -0.56 35.14 -11.28
C VAL E 50 -0.21 36.53 -11.80
N CYS E 51 0.15 36.58 -13.08
CA CYS E 51 0.30 37.84 -13.79
C CYS E 51 -1.07 38.35 -14.23
N MET E 52 -1.22 39.67 -14.29
CA MET E 52 -2.49 40.28 -14.64
C MET E 52 -2.54 40.61 -16.13
N HIS E 53 -1.56 40.11 -16.86
CA HIS E 53 -1.40 40.54 -18.24
C HIS E 53 -1.16 39.37 -19.17
N CYS E 54 -0.90 38.20 -18.62
CA CYS E 54 -0.96 36.97 -19.40
C CYS E 54 -1.59 35.86 -18.57
N LEU E 55 -2.07 36.20 -17.38
CA LEU E 55 -2.66 35.24 -16.46
C LEU E 55 -1.65 34.15 -16.12
N GLY E 56 -0.38 34.46 -16.34
CA GLY E 56 0.69 33.52 -16.10
C GLY E 56 0.82 33.28 -14.61
N VAL E 57 0.74 32.01 -14.22
CA VAL E 57 0.97 31.65 -12.83
C VAL E 57 2.46 31.84 -12.57
N VAL E 58 2.80 32.94 -11.90
CA VAL E 58 4.19 33.33 -11.73
C VAL E 58 4.74 32.90 -10.38
N GLY E 59 3.96 32.18 -9.59
CA GLY E 59 4.48 31.66 -8.34
C GLY E 59 3.38 31.06 -7.48
N SER E 60 3.67 30.99 -6.18
CA SER E 60 2.66 30.57 -5.21
C SER E 60 3.09 30.99 -3.81
N LEU E 61 2.50 30.32 -2.82
CA LEU E 61 2.57 30.75 -1.43
C LEU E 61 3.95 30.64 -0.80
N GLN E 62 4.66 29.53 -1.02
CA GLN E 62 5.90 29.31 -0.28
C GLN E 62 6.91 30.43 -0.55
N ARG E 63 7.40 30.52 -1.77
CA ARG E 63 8.41 31.51 -2.10
C ARG E 63 7.83 32.91 -2.01
N LYS E 64 8.71 33.89 -1.82
CA LYS E 64 8.31 35.28 -1.85
C LYS E 64 9.10 36.00 -2.92
N LEU E 65 8.41 36.83 -3.69
CA LEU E 65 9.00 37.58 -4.79
C LEU E 65 9.02 39.05 -4.39
N LYS E 66 9.89 39.83 -5.03
CA LYS E 66 10.06 41.24 -4.68
C LYS E 66 9.98 42.17 -5.88
N HIS E 67 9.97 41.63 -7.10
CA HIS E 67 9.96 42.46 -8.30
C HIS E 67 9.27 41.71 -9.43
N LEU E 68 9.50 42.19 -10.64
CA LEU E 68 8.82 41.62 -11.80
C LEU E 68 9.56 40.39 -12.31
N PRO E 69 8.93 39.21 -12.29
CA PRO E 69 9.56 38.03 -12.87
C PRO E 69 9.75 38.22 -14.37
N HIS E 70 10.92 37.84 -14.85
CA HIS E 70 11.21 37.92 -16.27
C HIS E 70 10.58 36.70 -16.94
N HIS E 71 9.79 36.95 -17.96
CA HIS E 71 8.96 35.90 -18.54
C HIS E 71 8.45 36.39 -19.88
N ARG E 72 7.79 35.49 -20.60
CA ARG E 72 7.17 35.84 -21.87
C ARG E 72 5.67 36.01 -21.66
N CYS E 73 5.18 37.23 -21.84
CA CYS E 73 3.77 37.54 -21.66
C CYS E 73 3.11 37.63 -23.02
N ASN E 74 1.88 37.11 -23.12
CA ASN E 74 1.10 37.29 -24.33
C ASN E 74 0.83 38.76 -24.60
N GLN E 75 0.67 39.55 -23.55
CA GLN E 75 0.47 41.00 -23.65
C GLN E 75 -0.74 41.33 -24.51
N GLN E 76 -1.91 40.93 -24.03
CA GLN E 76 -3.15 41.17 -24.74
C GLN E 76 -4.32 41.54 -23.83
N ILE E 77 -4.06 41.78 -22.54
CA ILE E 77 -5.10 42.02 -21.55
C ILE E 77 -5.29 43.53 -21.43
N ARG E 78 -6.49 43.95 -21.05
CA ARG E 78 -6.80 45.35 -20.84
C ARG E 78 -7.33 45.59 -19.43
N HIS E 79 -7.07 46.78 -18.91
CA HIS E 79 -7.48 47.12 -17.55
C HIS E 79 -8.99 47.07 -17.42
N GLN E 80 -9.68 47.61 -18.42
CA GLN E 80 -11.13 47.56 -18.45
C GLN E 80 -11.66 46.16 -18.19
N ASP E 81 -10.92 45.13 -18.60
CA ASP E 81 -11.38 43.77 -18.40
C ASP E 81 -11.49 43.40 -16.94
N TYR E 82 -10.80 44.11 -16.06
CA TYR E 82 -10.82 43.73 -14.65
C TYR E 82 -10.96 44.94 -13.74
N VAL E 83 -11.02 46.14 -14.30
CA VAL E 83 -11.14 47.33 -13.47
C VAL E 83 -12.35 47.24 -12.56
N ASP E 84 -13.43 46.64 -13.06
CA ASP E 84 -14.61 46.42 -12.23
C ASP E 84 -14.26 45.72 -10.94
N VAL E 85 -13.32 44.79 -10.99
CA VAL E 85 -13.00 43.95 -9.85
C VAL E 85 -12.40 44.79 -8.73
N GLN E 86 -11.26 45.42 -9.02
CA GLN E 86 -10.57 46.23 -8.03
C GLN E 86 -11.45 47.38 -7.58
N PHE E 87 -12.23 47.92 -8.51
CA PHE E 87 -13.24 48.91 -8.18
C PHE E 87 -14.13 48.42 -7.04
N ALA E 88 -14.79 47.28 -7.25
CA ALA E 88 -15.72 46.78 -6.24
C ALA E 88 -15.01 46.44 -4.95
N ASP E 89 -13.73 46.10 -5.04
CA ASP E 89 -13.00 45.82 -3.81
C ASP E 89 -12.73 47.11 -3.03
N ARG E 90 -12.38 48.18 -3.73
CA ARG E 90 -12.32 49.47 -3.07
C ARG E 90 -13.65 49.78 -2.43
N VAL E 91 -14.74 49.56 -3.16
CA VAL E 91 -16.08 49.70 -2.60
C VAL E 91 -16.20 48.93 -1.31
N THR E 92 -15.68 47.72 -1.29
CA THR E 92 -15.70 46.92 -0.08
C THR E 92 -15.02 47.66 1.05
N ALA E 93 -13.78 48.09 0.82
CA ALA E 93 -13.03 48.82 1.83
C ALA E 93 -13.84 50.00 2.36
N HIS E 94 -14.50 50.70 1.46
CA HIS E 94 -15.13 51.95 1.85
C HIS E 94 -16.42 51.68 2.62
N TRP E 95 -17.16 50.66 2.19
CA TRP E 95 -18.35 50.28 2.94
C TRP E 95 -17.96 49.85 4.35
N LYS E 96 -16.83 49.16 4.46
CA LYS E 96 -16.32 48.81 5.78
C LYS E 96 -16.03 50.05 6.59
N ARG E 97 -15.30 51.00 6.01
CA ARG E 97 -14.98 52.23 6.74
C ARG E 97 -16.23 52.94 7.20
N GLY E 98 -17.24 53.01 6.34
CA GLY E 98 -18.46 53.71 6.70
C GLY E 98 -19.17 53.03 7.86
N MET E 99 -19.38 51.72 7.74
CA MET E 99 -19.99 50.99 8.84
C MET E 99 -19.20 51.16 10.13
N LEU E 100 -17.87 51.22 10.02
CA LEU E 100 -17.04 51.31 11.22
C LEU E 100 -17.19 52.66 11.90
N SER E 101 -16.99 53.74 11.13
CA SER E 101 -17.18 55.06 11.73
C SER E 101 -18.58 55.19 12.31
N PHE E 102 -19.57 54.62 11.62
CA PHE E 102 -20.93 54.62 12.13
C PHE E 102 -21.03 53.95 13.50
N VAL E 103 -20.55 52.71 13.61
CA VAL E 103 -20.65 52.01 14.89
C VAL E 103 -19.82 52.71 15.95
N CYS E 104 -18.78 53.43 15.53
CA CYS E 104 -18.04 54.23 16.49
C CYS E 104 -18.92 55.32 17.06
N GLN E 105 -19.65 56.01 16.18
CA GLN E 105 -20.61 57.00 16.64
C GLN E 105 -21.61 56.38 17.60
N MET E 106 -22.09 55.19 17.26
CA MET E 106 -23.05 54.51 18.13
C MET E 106 -22.47 54.20 19.49
N HIS E 107 -21.30 53.57 19.50
CA HIS E 107 -20.62 53.23 20.74
C HIS E 107 -20.41 54.46 21.59
N ALA E 108 -20.01 55.56 20.96
CA ALA E 108 -19.77 56.79 21.71
C ALA E 108 -21.06 57.30 22.32
N MET E 109 -22.12 57.39 21.53
CA MET E 109 -23.42 57.84 22.06
C MET E 109 -23.80 57.04 23.30
N MET E 110 -23.71 55.71 23.20
CA MET E 110 -23.99 54.90 24.39
C MET E 110 -22.99 55.19 25.49
N ASN E 111 -21.73 55.41 25.12
CA ASN E 111 -20.66 55.75 26.04
C ASN E 111 -20.91 57.06 26.75
N ASP E 112 -21.93 57.80 26.32
CA ASP E 112 -22.29 59.05 26.95
C ASP E 112 -23.53 58.94 27.82
N VAL E 113 -23.94 57.73 28.19
CA VAL E 113 -25.24 57.56 28.85
C VAL E 113 -25.08 57.67 30.36
N SER E 114 -26.04 58.37 31.00
CA SER E 114 -26.14 58.53 32.44
C SER E 114 -27.43 57.89 32.96
N PRO E 115 -27.44 57.44 34.22
CA PRO E 115 -28.48 56.47 34.64
C PRO E 115 -29.88 57.04 34.77
N GLU E 116 -30.04 58.35 34.70
CA GLU E 116 -31.33 58.96 35.07
C GLU E 116 -32.39 58.66 34.02
N ASP E 117 -32.18 59.17 32.80
CA ASP E 117 -33.09 58.83 31.71
C ASP E 117 -33.13 57.34 31.48
N LEU E 118 -32.05 56.65 31.85
CA LEU E 118 -32.02 55.20 31.79
C LEU E 118 -33.15 54.60 32.62
N ASP E 119 -33.16 54.87 33.92
CA ASP E 119 -34.22 54.33 34.76
C ASP E 119 -35.57 54.90 34.35
N ARG E 120 -35.59 56.10 33.79
CA ARG E 120 -36.84 56.63 33.27
C ARG E 120 -37.41 55.71 32.19
N VAL E 121 -36.58 55.35 31.23
CA VAL E 121 -36.99 54.38 30.21
C VAL E 121 -37.40 53.08 30.87
N ARG E 122 -36.55 52.54 31.75
CA ARG E 122 -36.86 51.28 32.42
C ARG E 122 -38.21 51.36 33.13
N THR E 123 -38.64 52.57 33.47
CA THR E 123 -39.94 52.79 34.07
C THR E 123 -41.04 52.76 33.03
N GLU E 124 -40.85 53.43 31.90
CA GLU E 124 -41.89 53.52 30.88
C GLU E 124 -41.40 53.25 29.47
N GLY E 125 -40.12 53.43 29.18
CA GLY E 125 -39.61 53.22 27.85
C GLY E 125 -39.74 54.46 26.98
N GLY E 126 -39.33 54.30 25.73
CA GLY E 126 -39.44 55.36 24.75
C GLY E 126 -38.09 55.76 24.16
N SER E 127 -38.15 56.76 23.28
CA SER E 127 -36.97 57.26 22.60
C SER E 127 -35.89 57.62 23.61
N LEU E 128 -34.68 57.11 23.36
CA LEU E 128 -33.60 57.23 24.31
C LEU E 128 -32.33 57.78 23.66
N VAL E 129 -32.10 57.43 22.41
CA VAL E 129 -30.93 57.91 21.68
C VAL E 129 -31.42 58.50 20.36
N GLU E 130 -30.99 59.73 20.07
CA GLU E 130 -31.45 60.45 18.90
C GLU E 130 -30.31 61.26 18.32
N LEU E 131 -30.15 61.19 17.01
CA LEU E 131 -29.07 61.88 16.34
C LEU E 131 -29.34 61.88 14.84
N ASN E 132 -28.99 62.97 14.18
CA ASN E 132 -29.16 63.07 12.74
C ASN E 132 -27.96 62.47 12.04
N TRP E 133 -28.22 61.67 11.01
CA TRP E 133 -27.15 61.05 10.24
C TRP E 133 -26.53 62.02 9.25
N LEU E 134 -27.25 63.07 8.86
CA LEU E 134 -26.62 64.11 8.07
C LEU E 134 -25.37 64.64 8.75
N GLN E 135 -25.38 64.64 10.09
CA GLN E 135 -24.22 64.95 10.89
C GLN E 135 -23.10 63.92 10.72
N VAL E 136 -23.35 62.86 9.95
CA VAL E 136 -22.40 61.76 9.79
C VAL E 136 -22.11 61.66 8.30
N ASP E 137 -21.00 61.01 7.97
CA ASP E 137 -20.46 60.94 6.62
C ASP E 137 -20.25 62.33 6.04
N PRO E 138 -19.37 63.13 6.64
CA PRO E 138 -18.92 64.33 5.94
C PRO E 138 -18.01 63.93 4.80
N ASN E 139 -17.58 62.68 4.87
CA ASN E 139 -16.75 62.08 3.83
C ASN E 139 -17.22 60.66 3.62
N SER E 140 -17.63 60.37 2.40
CA SER E 140 -18.26 59.12 2.03
C SER E 140 -18.57 59.20 0.55
N MET E 141 -19.04 58.08 0.00
CA MET E 141 -19.50 58.09 -1.38
C MET E 141 -20.84 57.41 -1.50
N PHE E 142 -21.51 57.20 -0.37
CA PHE E 142 -22.76 56.46 -0.34
C PHE E 142 -23.86 57.38 0.19
N ARG E 143 -23.47 58.34 1.01
CA ARG E 143 -24.39 59.34 1.54
C ARG E 143 -24.33 60.64 0.75
N SER E 144 -23.14 61.08 0.37
CA SER E 144 -22.99 62.26 -0.47
C SER E 144 -21.67 62.16 -1.20
N ILE E 145 -21.55 62.94 -2.26
CA ILE E 145 -20.33 62.95 -3.07
C ILE E 145 -19.22 63.59 -2.27
N HIS E 146 -18.30 62.75 -1.78
CA HIS E 146 -17.12 63.25 -1.09
C HIS E 146 -15.87 62.67 -1.75
N SER E 147 -16.05 61.64 -2.58
CA SER E 147 -14.91 60.98 -3.19
C SER E 147 -15.36 60.16 -4.39
N SER E 148 -14.37 59.73 -5.17
CA SER E 148 -14.55 58.70 -6.17
C SER E 148 -14.01 57.38 -5.63
N TRP E 149 -14.44 56.29 -6.26
CA TRP E 149 -13.92 54.98 -5.92
C TRP E 149 -12.43 54.90 -6.16
N THR E 150 -11.95 55.61 -7.18
CA THR E 150 -10.53 55.71 -7.45
C THR E 150 -9.75 56.34 -6.30
N ASP E 151 -10.42 57.03 -5.40
CA ASP E 151 -9.68 57.87 -4.48
C ASP E 151 -9.12 57.06 -3.31
N PRO E 152 -8.00 57.53 -2.74
CA PRO E 152 -7.42 56.82 -1.60
C PRO E 152 -8.33 56.82 -0.39
N LEU E 153 -7.89 56.12 0.65
CA LEU E 153 -8.74 55.72 1.76
C LEU E 153 -8.36 56.40 3.06
N GLN E 154 -9.19 56.17 4.07
CA GLN E 154 -8.82 56.47 5.44
C GLN E 154 -8.01 55.31 6.00
N VAL E 155 -6.86 55.62 6.58
CA VAL E 155 -5.98 54.58 7.11
C VAL E 155 -6.52 54.12 8.46
N VAL E 156 -6.79 52.82 8.59
CA VAL E 156 -7.40 52.22 9.77
C VAL E 156 -6.80 50.84 9.96
N ASP E 157 -6.75 50.35 11.20
CA ASP E 157 -6.25 49.04 11.52
C ASP E 157 -7.18 48.32 12.49
N ASP E 158 -7.30 47.01 12.33
CA ASP E 158 -8.19 46.17 13.14
C ASP E 158 -9.57 46.79 13.29
N LEU E 159 -10.05 47.35 12.19
CA LEU E 159 -11.46 47.74 12.10
C LEU E 159 -12.35 46.59 12.53
N ASP E 160 -11.96 45.37 12.17
CA ASP E 160 -12.71 44.20 12.60
C ASP E 160 -12.78 44.13 14.12
N THR E 161 -11.65 44.38 14.78
CA THR E 161 -11.61 44.25 16.23
C THR E 161 -12.49 45.27 16.91
N LYS E 162 -12.32 46.54 16.56
CA LYS E 162 -13.15 47.60 17.12
C LYS E 162 -14.62 47.33 16.82
N LEU E 163 -14.90 46.86 15.61
CA LEU E 163 -16.25 46.48 15.23
C LEU E 163 -16.81 45.44 16.19
N ASP E 164 -16.03 44.38 16.44
CA ASP E 164 -16.48 43.36 17.36
C ASP E 164 -16.75 43.95 18.73
N GLN E 165 -15.81 44.75 19.22
CA GLN E 165 -15.97 45.38 20.53
C GLN E 165 -17.30 46.10 20.60
N TYR E 166 -17.52 47.00 19.63
CA TYR E 166 -18.68 47.87 19.69
C TYR E 166 -19.97 47.09 19.49
N TRP E 167 -20.03 46.25 18.47
CA TRP E 167 -21.22 45.44 18.25
C TRP E 167 -21.56 44.61 19.46
N THR E 168 -20.58 43.85 19.98
CA THR E 168 -20.81 43.01 21.13
C THR E 168 -21.33 43.82 22.31
N ALA E 169 -20.58 44.84 22.71
CA ALA E 169 -20.93 45.61 23.91
C ALA E 169 -22.29 46.26 23.74
N LEU E 170 -22.53 46.87 22.58
CA LEU E 170 -23.81 47.53 22.32
C LEU E 170 -24.95 46.56 22.48
N ASN E 171 -24.89 45.43 21.77
CA ASN E 171 -25.99 44.49 21.81
C ASN E 171 -26.17 43.92 23.21
N LEU E 172 -25.08 43.75 23.95
CA LEU E 172 -25.20 43.25 25.31
C LEU E 172 -25.86 44.27 26.22
N MET E 173 -25.49 45.53 26.08
CA MET E 173 -26.08 46.57 26.93
C MET E 173 -27.55 46.77 26.59
N ILE E 174 -27.90 46.61 25.31
CA ILE E 174 -29.31 46.64 24.94
C ILE E 174 -30.04 45.45 25.54
N ASP E 175 -29.45 44.26 25.43
CA ASP E 175 -30.00 43.07 26.07
C ASP E 175 -30.27 43.33 27.55
N SER E 176 -29.36 44.03 28.21
CA SER E 176 -29.58 44.42 29.59
C SER E 176 -30.75 45.40 29.71
N SER E 177 -31.17 45.98 28.59
CA SER E 177 -32.16 47.03 28.61
C SER E 177 -33.34 46.77 27.67
N ASP E 178 -33.16 45.89 26.69
CA ASP E 178 -34.20 45.51 25.74
C ASP E 178 -34.87 46.74 25.13
N LEU E 179 -34.04 47.55 24.49
CA LEU E 179 -34.53 48.77 23.85
C LEU E 179 -34.86 48.50 22.40
N VAL E 180 -35.46 49.49 21.76
CA VAL E 180 -35.94 49.31 20.39
C VAL E 180 -35.28 50.33 19.47
N PRO E 181 -34.41 49.89 18.58
CA PRO E 181 -33.88 50.78 17.54
C PRO E 181 -34.76 50.75 16.32
N ASN E 182 -34.87 51.88 15.62
CA ASN E 182 -35.68 51.95 14.41
C ASN E 182 -34.89 51.55 13.16
N PHE E 183 -33.73 50.92 13.35
CA PHE E 183 -32.81 50.67 12.25
C PHE E 183 -32.32 49.24 12.26
N MET E 184 -33.19 48.30 12.63
CA MET E 184 -32.82 46.90 12.67
C MET E 184 -33.92 46.07 12.05
N MET E 185 -33.52 45.01 11.36
CA MET E 185 -34.40 44.30 10.45
C MET E 185 -34.51 42.83 10.81
N ARG E 186 -35.46 42.15 10.17
CA ARG E 186 -35.57 40.71 10.32
C ARG E 186 -34.92 39.98 9.16
N ASP E 187 -35.44 40.16 7.95
CA ASP E 187 -34.87 39.47 6.80
C ASP E 187 -34.70 40.41 5.62
N PRO E 188 -33.53 40.43 5.01
CA PRO E 188 -33.19 41.49 4.05
C PRO E 188 -34.03 41.48 2.78
N SER E 189 -34.55 40.32 2.39
CA SER E 189 -35.41 40.25 1.21
C SER E 189 -36.54 41.25 1.28
N HIS E 190 -37.07 41.51 2.48
CA HIS E 190 -38.11 42.50 2.65
C HIS E 190 -37.72 43.83 2.04
N ALA E 191 -36.49 44.28 2.32
CA ALA E 191 -36.00 45.50 1.68
C ALA E 191 -36.13 45.41 0.17
N PHE E 192 -35.52 44.40 -0.43
CA PHE E 192 -35.67 44.19 -1.86
C PHE E 192 -37.09 43.84 -2.24
N ASN E 193 -37.83 43.18 -1.36
CA ASN E 193 -39.25 42.95 -1.61
C ASN E 193 -39.95 42.57 -0.32
N GLY E 194 -40.86 43.43 0.13
CA GLY E 194 -41.52 43.20 1.40
C GLY E 194 -41.49 44.39 2.32
N VAL E 195 -41.32 45.59 1.75
CA VAL E 195 -41.29 46.82 2.52
C VAL E 195 -42.37 47.78 2.04
N ARG E 196 -43.13 48.30 3.00
CA ARG E 196 -44.08 49.37 2.72
C ARG E 196 -43.39 50.70 2.99
N LEU E 197 -43.42 51.58 1.98
CA LEU E 197 -42.56 52.73 1.94
C LEU E 197 -43.33 53.99 1.54
N GLU E 198 -42.69 55.14 1.74
CA GLU E 198 -43.33 56.44 1.58
C GLU E 198 -42.36 57.42 0.94
N GLY E 199 -42.92 58.37 0.19
CA GLY E 199 -42.17 59.48 -0.35
C GLY E 199 -41.17 59.08 -1.41
N ASP E 200 -39.96 59.64 -1.29
CA ASP E 200 -38.92 59.38 -2.27
C ASP E 200 -38.52 57.91 -2.33
N ALA E 201 -38.90 57.14 -1.31
CA ALA E 201 -38.70 55.71 -1.39
C ALA E 201 -39.37 55.11 -2.61
N ARG E 202 -40.55 55.61 -2.97
CA ARG E 202 -41.21 55.17 -4.19
C ARG E 202 -40.30 55.39 -5.39
N GLN E 203 -39.52 56.46 -5.36
CA GLN E 203 -38.49 56.71 -6.35
C GLN E 203 -37.27 55.83 -6.15
N THR E 204 -37.02 55.38 -4.92
CA THR E 204 -35.83 54.60 -4.64
C THR E 204 -35.98 53.18 -5.15
N GLN E 205 -34.88 52.62 -5.61
CA GLN E 205 -34.85 51.29 -6.23
C GLN E 205 -33.51 50.64 -5.95
N PHE E 206 -33.51 49.33 -5.69
CA PHE E 206 -32.28 48.57 -5.45
C PHE E 206 -31.84 47.90 -6.73
N SER E 207 -30.53 48.00 -7.03
CA SER E 207 -29.96 47.05 -7.98
C SER E 207 -29.62 45.75 -7.27
N ARG E 208 -29.47 45.80 -5.95
CA ARG E 208 -28.98 44.72 -5.10
C ARG E 208 -27.57 44.34 -5.52
N THR E 209 -26.93 45.16 -6.35
CA THR E 209 -25.64 44.83 -6.93
C THR E 209 -24.72 46.04 -6.77
N PHE E 210 -23.50 45.77 -6.32
CA PHE E 210 -22.49 46.81 -6.22
C PHE E 210 -21.82 46.97 -7.57
N ASP E 211 -22.43 47.78 -8.43
CA ASP E 211 -22.02 47.84 -9.82
C ASP E 211 -21.75 49.29 -10.18
N SER E 212 -20.78 49.48 -11.07
CA SER E 212 -20.47 50.81 -11.59
C SER E 212 -21.65 51.42 -12.33
N ARG E 213 -22.64 50.61 -12.71
CA ARG E 213 -23.74 51.12 -13.53
C ARG E 213 -24.69 51.99 -12.70
N SER E 214 -24.74 51.75 -11.38
CA SER E 214 -25.59 52.53 -10.49
C SER E 214 -24.74 53.39 -9.58
N SER E 215 -25.16 54.64 -9.37
CA SER E 215 -24.51 55.48 -8.38
C SER E 215 -24.93 55.06 -6.99
N LEU E 216 -24.00 54.46 -6.25
CA LEU E 216 -24.29 53.93 -4.93
C LEU E 216 -24.48 55.13 -4.02
N GLU E 217 -25.71 55.63 -3.95
CA GLU E 217 -25.97 56.78 -3.11
C GLU E 217 -27.46 56.89 -2.81
N TRP E 218 -27.78 57.04 -1.52
CA TRP E 218 -29.13 57.37 -1.08
C TRP E 218 -29.06 57.74 0.39
N GLY E 219 -30.23 57.89 1.01
CA GLY E 219 -30.33 58.21 2.41
C GLY E 219 -30.36 56.98 3.30
N VAL E 220 -30.64 57.22 4.57
CA VAL E 220 -30.73 56.15 5.55
C VAL E 220 -32.17 56.05 6.04
N MET E 221 -32.74 54.86 5.98
CA MET E 221 -34.15 54.65 6.19
C MET E 221 -34.39 53.90 7.50
N VAL E 222 -35.55 54.12 8.09
CA VAL E 222 -35.90 53.61 9.41
C VAL E 222 -37.39 53.32 9.41
N TYR E 223 -37.87 52.77 10.52
CA TYR E 223 -39.29 52.49 10.67
C TYR E 223 -40.02 53.74 11.11
N ASP E 224 -41.35 53.68 11.12
CA ASP E 224 -42.16 54.77 11.65
C ASP E 224 -42.53 54.45 13.10
N TYR E 225 -41.50 54.17 13.90
CA TYR E 225 -41.71 53.84 15.30
C TYR E 225 -42.33 54.99 16.10
N SER E 226 -42.32 56.21 15.56
CA SER E 226 -43.01 57.31 16.22
C SER E 226 -44.47 56.97 16.44
N GLU E 227 -45.08 56.28 15.47
CA GLU E 227 -46.42 55.74 15.64
C GLU E 227 -46.60 55.11 17.01
N LEU E 228 -45.67 54.25 17.41
CA LEU E 228 -45.79 53.59 18.70
C LEU E 228 -45.77 54.60 19.84
N GLU E 229 -44.89 55.59 19.77
CA GLU E 229 -44.89 56.66 20.78
C GLU E 229 -46.23 57.36 20.80
N HIS E 230 -46.90 57.44 19.64
CA HIS E 230 -48.26 57.98 19.62
C HIS E 230 -49.22 56.96 20.21
N ASP E 231 -48.86 55.68 20.15
CA ASP E 231 -49.74 54.63 20.64
C ASP E 231 -49.68 54.56 22.17
N PRO E 232 -50.81 54.81 22.85
CA PRO E 232 -50.86 54.63 24.31
C PRO E 232 -51.31 53.24 24.75
N SER E 233 -51.78 52.41 23.83
CA SER E 233 -52.23 51.06 24.16
C SER E 233 -51.17 50.01 23.85
N LYS E 234 -49.94 50.44 23.54
CA LYS E 234 -48.87 49.52 23.18
C LYS E 234 -47.61 49.87 23.97
N GLY E 235 -47.80 50.14 25.26
CA GLY E 235 -46.76 50.70 26.08
C GLY E 235 -45.61 49.78 26.44
N ARG E 236 -44.89 50.18 27.48
CA ARG E 236 -43.65 49.54 27.92
C ARG E 236 -43.73 48.03 27.90
N ALA E 237 -44.65 47.48 28.71
CA ALA E 237 -44.83 46.04 28.75
C ALA E 237 -45.05 45.48 27.35
N TYR E 238 -46.01 46.05 26.62
CA TYR E 238 -46.32 45.60 25.28
C TYR E 238 -45.06 45.49 24.43
N ARG E 239 -44.36 46.61 24.26
CA ARG E 239 -43.24 46.62 23.34
C ARG E 239 -42.15 45.66 23.76
N LYS E 240 -41.80 45.67 25.05
CA LYS E 240 -40.77 44.75 25.52
C LYS E 240 -41.16 43.32 25.23
N GLU E 241 -42.39 42.95 25.55
CA GLU E 241 -42.90 41.61 25.26
C GLU E 241 -42.90 41.29 23.78
N LEU E 242 -42.95 42.30 22.94
CA LEU E 242 -43.14 41.98 21.52
C LEU E 242 -42.01 42.44 20.64
N VAL E 243 -41.48 43.63 20.87
CA VAL E 243 -40.64 44.28 19.86
C VAL E 243 -39.17 43.97 20.08
N THR E 244 -38.76 43.67 21.31
CA THR E 244 -37.34 43.52 21.55
C THR E 244 -36.81 42.31 20.79
N PRO E 245 -35.57 42.36 20.30
CA PRO E 245 -35.09 41.26 19.44
C PRO E 245 -35.18 39.90 20.09
N ALA E 246 -35.05 39.83 21.41
CA ALA E 246 -35.21 38.57 22.11
C ALA E 246 -36.56 37.94 21.78
N ARG E 247 -37.57 38.76 21.54
CA ARG E 247 -38.85 38.24 21.08
C ARG E 247 -38.70 37.51 19.76
N ASP E 248 -37.64 37.80 19.02
CA ASP E 248 -37.39 37.16 17.74
C ASP E 248 -36.00 36.57 17.60
N PHE E 249 -34.98 37.27 18.10
CA PHE E 249 -33.61 36.80 17.98
C PHE E 249 -33.14 35.98 19.16
N GLY E 250 -33.81 36.11 20.29
CA GLY E 250 -33.31 35.52 21.51
C GLY E 250 -32.21 36.37 22.12
N HIS E 251 -31.45 35.73 23.00
CA HIS E 251 -30.43 36.45 23.74
C HIS E 251 -29.17 36.61 22.91
N PHE E 252 -28.58 37.81 22.99
CA PHE E 252 -27.34 38.05 22.27
C PHE E 252 -26.25 37.09 22.71
N GLY E 253 -26.13 36.87 24.02
CA GLY E 253 -25.25 35.85 24.54
C GLY E 253 -25.54 34.46 24.02
N LEU E 254 -26.70 34.28 23.39
CA LEU E 254 -27.07 33.03 22.75
C LEU E 254 -27.39 33.23 21.27
N SER E 255 -26.61 34.06 20.59
CA SER E 255 -26.91 34.45 19.21
C SER E 255 -26.48 33.33 18.27
N HIS E 256 -27.41 32.44 17.94
CA HIS E 256 -27.21 31.54 16.81
C HIS E 256 -27.42 32.27 15.49
N TYR E 257 -28.62 32.82 15.29
CA TYR E 257 -28.95 33.48 14.04
C TYR E 257 -28.20 34.79 13.90
N SER E 258 -27.97 35.17 12.66
CA SER E 258 -27.51 36.53 12.39
C SER E 258 -28.67 37.49 12.62
N ARG E 259 -28.33 38.76 12.86
CA ARG E 259 -29.32 39.77 13.16
C ARG E 259 -29.23 40.90 12.13
N ALA E 260 -30.39 41.35 11.65
CA ALA E 260 -30.47 42.19 10.47
C ALA E 260 -30.82 43.63 10.84
N THR E 261 -30.31 44.55 10.01
CA THR E 261 -30.63 45.96 10.12
C THR E 261 -31.16 46.48 8.79
N THR E 262 -31.39 47.78 8.75
CA THR E 262 -31.96 48.42 7.58
C THR E 262 -30.87 48.75 6.57
N PRO E 263 -31.25 49.12 5.33
CA PRO E 263 -30.24 49.50 4.34
C PRO E 263 -29.54 50.79 4.71
N ILE E 264 -28.63 50.67 5.68
CA ILE E 264 -27.93 51.84 6.20
C ILE E 264 -27.16 52.53 5.09
N LEU E 265 -26.15 51.87 4.55
CA LEU E 265 -25.22 52.50 3.63
C LEU E 265 -25.60 52.14 2.21
N GLY E 266 -25.71 53.18 1.37
CA GLY E 266 -26.02 53.03 -0.04
C GLY E 266 -27.14 52.06 -0.29
N LYS E 267 -28.19 52.13 0.51
CA LYS E 267 -29.33 51.23 0.39
C LYS E 267 -28.92 49.79 0.67
N MET E 268 -28.06 49.58 1.66
CA MET E 268 -27.60 48.22 1.93
C MET E 268 -27.46 47.99 3.43
N PRO E 269 -28.12 46.97 3.96
CA PRO E 269 -27.92 46.62 5.37
C PRO E 269 -26.64 45.82 5.57
N ALA E 270 -26.46 45.35 6.80
CA ALA E 270 -25.28 44.60 7.20
C ALA E 270 -25.66 43.24 7.75
N VAL E 271 -24.71 42.32 7.74
CA VAL E 271 -24.93 40.95 8.21
C VAL E 271 -23.86 40.63 9.24
N PHE E 272 -24.28 40.28 10.44
CA PHE E 272 -23.36 39.98 11.53
C PHE E 272 -23.52 38.54 11.96
N SER E 273 -22.42 37.80 11.94
CA SER E 273 -22.48 36.40 12.33
C SER E 273 -22.87 36.25 13.80
N GLY E 274 -23.42 35.10 14.13
CA GLY E 274 -23.93 34.88 15.48
C GLY E 274 -22.83 34.92 16.52
N MET E 275 -23.19 35.43 17.70
CA MET E 275 -22.24 35.46 18.79
C MET E 275 -21.78 34.06 19.15
N LEU E 276 -22.67 33.07 19.01
CA LEU E 276 -22.32 31.68 19.22
C LEU E 276 -21.43 31.14 18.12
N THR E 277 -20.94 32.00 17.25
CA THR E 277 -19.85 31.69 16.34
C THR E 277 -18.53 32.26 16.81
N GLY E 278 -18.54 33.01 17.89
CA GLY E 278 -17.35 33.70 18.35
C GLY E 278 -17.04 34.97 17.61
N ASN E 279 -17.92 35.41 16.72
CA ASN E 279 -17.68 36.62 15.94
C ASN E 279 -19.00 37.09 15.37
N CYS E 280 -18.99 38.33 14.88
CA CYS E 280 -20.17 38.96 14.29
C CYS E 280 -19.83 39.43 12.88
N LYS E 281 -19.10 38.59 12.15
CA LYS E 281 -18.60 38.97 10.83
C LYS E 281 -19.71 39.53 9.97
N MET E 282 -19.42 40.65 9.31
CA MET E 282 -20.42 41.43 8.61
C MET E 282 -20.29 41.23 7.12
N TYR E 283 -21.43 41.33 6.43
CA TYR E 283 -21.53 41.09 5.01
C TYR E 283 -22.61 41.99 4.43
N PRO E 284 -22.50 42.31 3.15
CA PRO E 284 -23.66 42.83 2.44
C PRO E 284 -24.43 41.68 1.82
N PHE E 285 -25.74 41.68 2.00
CA PHE E 285 -26.58 40.61 1.49
C PHE E 285 -26.48 40.64 -0.03
N ILE E 286 -25.77 39.66 -0.59
CA ILE E 286 -25.50 39.62 -2.02
C ILE E 286 -25.48 38.16 -2.46
N LYS E 287 -26.28 37.85 -3.47
CA LYS E 287 -26.28 36.51 -4.04
C LYS E 287 -25.05 36.31 -4.93
N GLY E 288 -24.55 35.08 -4.95
CA GLY E 288 -23.38 34.78 -5.74
C GLY E 288 -23.62 34.90 -7.24
N THR E 289 -24.89 34.90 -7.65
CA THR E 289 -25.21 34.80 -9.07
C THR E 289 -24.58 35.91 -9.89
N ALA E 290 -24.81 37.17 -9.52
CA ALA E 290 -24.22 38.27 -10.28
C ALA E 290 -22.70 38.24 -10.18
N LYS E 291 -22.19 37.92 -9.00
CA LYS E 291 -20.75 37.80 -8.79
C LYS E 291 -20.15 36.81 -9.78
N LEU E 292 -20.92 35.79 -10.16
CA LEU E 292 -20.52 34.91 -11.26
C LEU E 292 -20.32 35.71 -12.54
N LYS E 293 -21.32 36.50 -12.91
CA LYS E 293 -21.29 37.22 -14.17
C LYS E 293 -20.11 38.18 -14.25
N THR E 294 -19.44 38.44 -13.13
CA THR E 294 -18.37 39.43 -13.10
C THR E 294 -17.29 39.12 -14.12
N VAL E 295 -17.22 37.89 -14.61
CA VAL E 295 -16.14 37.44 -15.46
C VAL E 295 -16.61 37.21 -16.89
N ARG E 296 -17.92 37.33 -17.13
CA ARG E 296 -18.51 36.94 -18.41
C ARG E 296 -17.68 37.41 -19.59
N LYS E 297 -17.17 38.64 -19.53
CA LYS E 297 -16.26 39.12 -20.56
C LYS E 297 -15.03 38.25 -20.66
N LEU E 298 -14.32 38.08 -19.54
CA LEU E 298 -13.05 37.38 -19.54
C LEU E 298 -13.24 35.96 -20.04
N VAL E 299 -14.45 35.44 -19.88
CA VAL E 299 -14.74 34.09 -20.35
C VAL E 299 -14.44 33.97 -21.84
N ASP E 300 -15.15 34.73 -22.66
CA ASP E 300 -14.91 34.64 -24.09
C ASP E 300 -13.57 35.24 -24.44
N SER E 301 -13.08 36.17 -23.61
CA SER E 301 -11.73 36.69 -23.81
C SER E 301 -10.74 35.54 -23.92
N VAL E 302 -10.69 34.69 -22.91
CA VAL E 302 -9.71 33.61 -22.91
C VAL E 302 -10.12 32.54 -23.92
N ASN E 303 -11.43 32.32 -24.09
CA ASN E 303 -11.88 31.41 -25.13
C ASN E 303 -11.24 31.76 -26.46
N HIS E 304 -11.13 33.06 -26.74
CA HIS E 304 -10.37 33.49 -27.91
C HIS E 304 -8.87 33.37 -27.68
N ALA E 305 -8.43 33.59 -26.46
CA ALA E 305 -7.00 33.76 -26.21
C ALA E 305 -6.23 32.46 -26.21
N TRP E 306 -6.62 31.51 -25.37
CA TRP E 306 -5.85 30.30 -25.14
C TRP E 306 -6.37 29.15 -25.99
N GLY E 307 -5.52 28.12 -26.11
CA GLY E 307 -5.86 26.97 -26.92
C GLY E 307 -6.75 25.99 -26.15
N VAL E 308 -7.73 25.45 -26.87
CA VAL E 308 -8.72 24.56 -26.26
C VAL E 308 -8.04 23.38 -25.58
N GLU E 309 -6.95 22.90 -26.16
CA GLU E 309 -6.14 21.89 -25.50
C GLU E 309 -5.73 22.35 -24.13
N LYS E 310 -5.05 23.50 -24.06
CA LYS E 310 -4.54 24.01 -22.80
C LYS E 310 -5.67 24.22 -21.81
N ILE E 311 -6.84 24.62 -22.30
CA ILE E 311 -7.98 24.74 -21.40
C ILE E 311 -8.37 23.38 -20.84
N ARG E 312 -8.47 22.40 -21.73
CA ARG E 312 -8.79 21.05 -21.31
C ARG E 312 -7.74 20.54 -20.34
N TYR E 313 -6.56 21.15 -20.36
CA TYR E 313 -5.49 20.69 -19.47
C TYR E 313 -5.48 21.45 -18.15
N ALA E 314 -5.86 22.73 -18.17
CA ALA E 314 -5.71 23.62 -17.04
C ALA E 314 -7.02 23.79 -16.27
N LEU E 315 -8.08 24.22 -16.95
CA LEU E 315 -9.39 24.13 -16.33
C LEU E 315 -10.11 22.86 -16.72
N GLY E 316 -9.88 22.34 -17.91
CA GLY E 316 -10.28 20.99 -18.23
C GLY E 316 -11.56 20.87 -19.02
N PRO E 317 -12.35 19.87 -18.65
CA PRO E 317 -13.56 19.52 -19.41
C PRO E 317 -14.53 20.67 -19.56
N GLY E 318 -15.24 20.73 -20.67
CA GLY E 318 -16.21 21.77 -20.92
C GLY E 318 -15.63 23.16 -21.00
N GLY E 319 -14.32 23.29 -20.86
CA GLY E 319 -13.68 24.58 -20.86
C GLY E 319 -14.23 25.48 -19.79
N MET E 320 -13.80 26.73 -19.85
CA MET E 320 -14.25 27.70 -18.87
C MET E 320 -15.72 28.00 -19.02
N THR E 321 -16.27 27.86 -20.22
CA THR E 321 -17.71 28.07 -20.39
C THR E 321 -18.52 27.07 -19.58
N GLY E 322 -18.37 25.78 -19.88
CA GLY E 322 -19.07 24.77 -19.12
C GLY E 322 -18.74 24.86 -17.65
N TRP E 323 -17.51 25.25 -17.33
CA TRP E 323 -17.13 25.39 -15.94
C TRP E 323 -17.92 26.50 -15.28
N TYR E 324 -17.92 27.68 -15.90
CA TYR E 324 -18.83 28.75 -15.54
C TYR E 324 -20.21 28.20 -15.25
N ASN E 325 -20.71 27.34 -16.12
CA ASN E 325 -22.09 26.92 -16.04
C ASN E 325 -22.31 26.04 -14.82
N ARG E 326 -21.48 25.01 -14.69
CA ARG E 326 -21.60 24.10 -13.57
C ARG E 326 -21.43 24.83 -12.26
N THR E 327 -20.54 25.80 -12.24
CA THR E 327 -20.38 26.62 -11.06
C THR E 327 -21.61 27.47 -10.82
N MET E 328 -22.20 27.99 -11.89
CA MET E 328 -23.46 28.73 -11.77
C MET E 328 -24.52 27.86 -11.12
N GLN E 329 -24.49 26.57 -11.43
CA GLN E 329 -25.41 25.64 -10.81
C GLN E 329 -25.07 25.44 -9.34
N GLN E 330 -23.79 25.34 -9.02
CA GLN E 330 -23.35 25.18 -7.64
C GLN E 330 -23.56 26.43 -6.80
N ALA E 331 -23.78 27.56 -7.44
CA ALA E 331 -23.84 28.87 -6.78
C ALA E 331 -24.62 28.92 -5.49
N PRO E 332 -25.86 28.41 -5.40
CA PRO E 332 -26.61 28.53 -4.13
C PRO E 332 -25.90 27.91 -2.95
N ILE E 333 -24.75 27.29 -3.16
CA ILE E 333 -24.04 26.56 -2.12
C ILE E 333 -22.59 27.01 -2.03
N VAL E 334 -21.87 26.97 -3.15
CA VAL E 334 -20.43 27.15 -3.09
C VAL E 334 -20.03 28.55 -2.68
N LEU E 335 -20.57 29.58 -3.32
CA LEU E 335 -20.26 30.95 -2.94
C LEU E 335 -21.20 31.39 -1.83
N THR E 336 -21.02 30.82 -0.65
CA THR E 336 -21.95 31.03 0.45
C THR E 336 -21.22 30.89 1.77
N PRO E 337 -20.98 31.97 2.51
CA PRO E 337 -20.66 31.82 3.93
C PRO E 337 -21.89 31.29 4.65
N ALA E 338 -21.65 30.39 5.62
CA ALA E 338 -22.76 29.77 6.33
C ALA E 338 -23.66 30.82 6.97
N ALA E 339 -23.11 32.00 7.24
CA ALA E 339 -23.90 33.10 7.78
C ALA E 339 -25.14 33.36 6.94
N LEU E 340 -25.05 33.12 5.63
CA LEU E 340 -26.17 33.42 4.76
C LEU E 340 -27.39 32.55 5.08
N THR E 341 -27.18 31.42 5.74
CA THR E 341 -28.25 30.48 6.03
C THR E 341 -28.83 30.73 7.41
N MET E 342 -28.25 31.66 8.16
CA MET E 342 -28.60 31.86 9.55
C MET E 342 -29.68 32.91 9.73
N PHE E 343 -30.52 33.07 8.72
CA PHE E 343 -31.74 33.83 8.91
C PHE E 343 -32.55 33.23 10.05
N SER E 344 -33.01 34.10 10.94
CA SER E 344 -33.95 33.67 11.96
C SER E 344 -35.21 33.13 11.28
N ASP E 345 -35.77 32.06 11.83
CA ASP E 345 -36.89 31.38 11.21
C ASP E 345 -38.24 31.96 11.62
N THR E 346 -38.33 32.60 12.79
CA THR E 346 -39.59 33.08 13.31
C THR E 346 -39.61 34.59 13.32
N THR E 347 -40.81 35.16 13.27
CA THR E 347 -41.01 36.58 13.48
C THR E 347 -42.20 36.76 14.41
N LYS E 348 -41.96 37.38 15.57
CA LYS E 348 -43.04 37.73 16.47
C LYS E 348 -43.27 39.23 16.49
N PHE E 349 -42.48 39.99 15.74
CA PHE E 349 -42.80 41.37 15.42
C PHE E 349 -42.73 41.53 13.91
N GLY E 350 -42.00 40.64 13.25
CA GLY E 350 -41.85 40.72 11.81
C GLY E 350 -41.29 42.08 11.41
N ASP E 351 -41.66 42.48 10.19
CA ASP E 351 -41.30 43.79 9.68
C ASP E 351 -42.50 44.53 9.10
N LEU E 352 -43.58 43.82 8.76
CA LEU E 352 -44.69 44.41 8.05
C LEU E 352 -45.36 45.54 8.80
N ASP E 353 -45.47 45.44 10.12
CA ASP E 353 -46.19 46.39 10.93
C ASP E 353 -45.65 47.81 10.80
N TYR E 354 -44.50 47.99 10.15
CA TYR E 354 -43.93 49.32 10.15
C TYR E 354 -43.49 49.72 8.76
N PRO E 355 -43.81 50.95 8.35
CA PRO E 355 -43.27 51.48 7.11
C PRO E 355 -41.86 51.99 7.33
N VAL E 356 -41.12 52.07 6.23
CA VAL E 356 -39.72 52.49 6.27
C VAL E 356 -39.57 53.72 5.39
N MET E 357 -38.76 54.66 5.87
CA MET E 357 -38.60 55.94 5.21
C MET E 357 -37.28 56.55 5.63
N ILE E 358 -36.75 57.44 4.79
CA ILE E 358 -35.45 58.04 5.08
C ILE E 358 -35.62 58.92 6.31
N GLY E 359 -35.05 58.49 7.43
CA GLY E 359 -35.12 59.27 8.64
C GLY E 359 -33.81 59.26 9.40
N ASP E 360 -33.79 59.90 10.57
CA ASP E 360 -32.61 59.91 11.40
C ASP E 360 -32.60 58.70 12.32
N PRO E 361 -31.44 58.14 12.63
CA PRO E 361 -31.39 56.94 13.45
C PRO E 361 -31.76 57.23 14.89
N MET E 362 -32.37 56.22 15.52
CA MET E 362 -32.72 56.35 16.92
C MET E 362 -33.01 54.98 17.50
N ILE E 363 -32.86 54.89 18.82
CA ILE E 363 -33.32 53.75 19.59
C ILE E 363 -34.35 54.26 20.58
N LEU E 364 -35.40 53.47 20.79
CA LEU E 364 -36.34 53.76 21.85
C LEU E 364 -36.33 52.60 22.82
N GLY E 365 -37.00 52.79 23.95
CA GLY E 365 -37.02 51.82 25.02
C GLY E 365 -37.50 50.45 24.58
N MET F 1 29.23 -14.37 22.17
CA MET F 1 29.26 -14.08 20.75
C MET F 1 28.80 -12.66 20.48
N GLU F 2 27.64 -12.53 19.83
CA GLU F 2 27.08 -11.24 19.48
C GLU F 2 26.27 -10.73 20.66
N VAL F 3 26.55 -9.51 21.10
CA VAL F 3 25.81 -8.87 22.18
C VAL F 3 25.54 -7.42 21.80
N CYS F 4 24.39 -6.92 22.21
CA CYS F 4 23.98 -5.58 21.80
C CYS F 4 23.33 -4.87 22.96
N LEU F 5 22.90 -3.64 22.69
CA LEU F 5 22.31 -2.80 23.73
C LEU F 5 20.89 -2.37 23.36
N PRO F 6 20.03 -2.17 24.35
CA PRO F 6 18.66 -1.72 24.10
C PRO F 6 18.56 -0.21 23.95
N ASN F 7 17.31 0.26 23.92
CA ASN F 7 17.05 1.68 23.75
C ASN F 7 16.47 2.27 25.03
N GLY F 8 16.54 3.60 25.13
CA GLY F 8 16.27 4.32 26.37
C GLY F 8 15.02 3.96 27.14
N HIS F 9 13.86 4.03 26.48
CA HIS F 9 12.58 3.77 27.12
C HIS F 9 12.61 2.52 27.99
N GLN F 10 13.32 1.49 27.57
CA GLN F 10 13.48 0.30 28.37
C GLN F 10 14.21 0.61 29.66
N ILE F 11 15.31 1.34 29.58
CA ILE F 11 15.97 1.80 30.79
C ILE F 11 15.00 2.57 31.66
N VAL F 12 14.15 3.39 31.05
CA VAL F 12 13.24 4.22 31.83
C VAL F 12 12.28 3.36 32.63
N ASP F 13 11.60 2.43 31.96
CA ASP F 13 10.66 1.58 32.67
C ASP F 13 11.37 0.73 33.70
N LEU F 14 12.62 0.36 33.41
CA LEU F 14 13.46 -0.26 34.42
C LEU F 14 13.55 0.61 35.66
N ILE F 15 13.87 1.89 35.46
CA ILE F 15 13.98 2.83 36.58
C ILE F 15 12.65 2.89 37.33
N ASN F 16 11.55 2.82 36.58
CA ASN F 16 10.24 2.83 37.21
C ASN F 16 10.10 1.66 38.16
N ASN F 17 10.19 0.44 37.65
CA ASN F 17 10.05 -0.74 38.53
C ASN F 17 11.02 -0.68 39.70
N ALA F 18 12.20 -0.12 39.48
CA ALA F 18 13.14 0.07 40.59
C ALA F 18 12.51 0.94 41.66
N PHE F 19 12.02 2.10 41.26
CA PHE F 19 11.28 2.99 42.15
C PHE F 19 9.83 2.58 42.26
N GLU F 20 9.49 1.42 41.71
CA GLU F 20 8.18 0.84 41.94
C GLU F 20 8.37 -0.55 42.53
N GLY F 21 9.60 -0.84 42.95
CA GLY F 21 9.88 -2.02 43.75
C GLY F 21 9.43 -3.32 43.11
N ARG F 22 9.51 -3.41 41.79
CA ARG F 22 8.91 -4.56 41.13
C ARG F 22 9.73 -5.01 39.93
N VAL F 23 11.05 -4.85 39.98
CA VAL F 23 11.90 -5.22 38.86
C VAL F 23 11.95 -6.74 38.75
N SER F 24 11.91 -7.23 37.52
CA SER F 24 12.16 -8.64 37.25
C SER F 24 13.67 -8.87 37.28
N ILE F 25 14.15 -9.52 38.33
CA ILE F 25 15.57 -9.67 38.57
C ILE F 25 15.91 -11.15 38.60
N TYR F 26 16.87 -11.55 37.78
CA TYR F 26 17.27 -12.93 37.72
C TYR F 26 18.68 -13.06 38.26
N SER F 27 18.86 -14.00 39.17
CA SER F 27 20.18 -14.36 39.65
C SER F 27 20.30 -15.87 39.66
N ALA F 28 21.41 -16.36 39.12
CA ALA F 28 21.63 -17.80 39.03
C ALA F 28 21.66 -18.48 40.38
N GLN F 29 21.96 -17.74 41.45
CA GLN F 29 21.90 -18.32 42.79
C GLN F 29 20.51 -18.83 43.12
N GLU F 30 19.48 -18.18 42.61
CA GLU F 30 18.13 -18.67 42.83
C GLU F 30 17.23 -18.54 41.61
N GLY F 31 17.74 -18.11 40.46
CA GLY F 31 16.83 -17.91 39.36
C GLY F 31 15.97 -16.71 39.62
N TRP F 32 14.72 -16.97 39.99
CA TRP F 32 13.80 -15.91 40.35
C TRP F 32 13.63 -15.85 41.87
N ASP F 33 13.99 -14.71 42.44
CA ASP F 33 13.72 -14.38 43.83
C ASP F 33 14.16 -12.94 44.06
N LYS F 34 13.52 -12.29 45.03
CA LYS F 34 14.01 -11.00 45.48
C LYS F 34 13.92 -10.91 46.99
N THR F 35 13.41 -11.97 47.62
CA THR F 35 13.30 -11.97 49.08
C THR F 35 14.66 -11.93 49.74
N ILE F 36 15.56 -12.82 49.34
CA ILE F 36 16.84 -13.02 50.00
C ILE F 36 17.86 -12.07 49.38
N SER F 37 18.98 -11.90 50.07
CA SER F 37 20.06 -11.05 49.58
C SER F 37 21.13 -11.90 48.92
N ALA F 38 21.55 -11.48 47.72
CA ALA F 38 22.63 -12.12 47.00
C ALA F 38 23.00 -11.22 45.84
N GLN F 39 24.03 -11.60 45.10
CA GLN F 39 24.40 -10.82 43.94
C GLN F 39 23.53 -11.21 42.75
N PRO F 40 22.75 -10.29 42.21
CA PRO F 40 21.89 -10.63 41.07
C PRO F 40 22.70 -10.78 39.80
N ASP F 41 22.11 -11.46 38.82
CA ASP F 41 22.86 -11.89 37.65
C ASP F 41 22.25 -11.46 36.32
N MET F 42 20.93 -11.51 36.18
CA MET F 42 20.30 -11.16 34.91
C MET F 42 19.05 -10.35 35.19
N MET F 43 18.69 -9.48 34.25
CA MET F 43 17.54 -8.63 34.49
C MET F 43 16.91 -8.17 33.18
N VAL F 44 15.69 -7.69 33.26
CA VAL F 44 14.88 -7.32 32.10
C VAL F 44 14.54 -5.84 32.18
N CYS F 45 14.71 -5.13 31.07
CA CYS F 45 14.26 -3.74 30.92
C CYS F 45 13.58 -3.63 29.56
N GLY F 46 12.43 -2.97 29.54
CA GLY F 46 11.63 -2.90 28.32
C GLY F 46 11.35 -4.23 27.69
N GLY F 47 11.21 -5.29 28.50
CA GLY F 47 10.97 -6.62 27.99
C GLY F 47 12.21 -7.35 27.53
N ALA F 48 13.29 -6.63 27.27
CA ALA F 48 14.54 -7.24 26.84
C ALA F 48 15.33 -7.72 28.04
N VAL F 49 15.93 -8.89 27.90
CA VAL F 49 16.59 -9.58 29.00
C VAL F 49 18.08 -9.54 28.74
N VAL F 50 18.85 -9.15 29.76
CA VAL F 50 20.24 -8.78 29.61
C VAL F 50 21.04 -9.36 30.78
N CYS F 51 22.33 -9.60 30.54
CA CYS F 51 23.26 -10.03 31.57
C CYS F 51 23.85 -8.82 32.27
N MET F 52 24.52 -9.04 33.40
CA MET F 52 25.00 -7.94 34.23
C MET F 52 26.53 -7.87 34.22
N HIS F 53 27.14 -8.39 33.16
CA HIS F 53 28.60 -8.45 33.15
C HIS F 53 29.19 -7.84 31.90
N CYS F 54 28.58 -8.10 30.76
CA CYS F 54 28.82 -7.29 29.58
C CYS F 54 27.59 -6.53 29.12
N LEU F 55 26.42 -6.79 29.72
CA LEU F 55 25.19 -6.06 29.46
C LEU F 55 24.74 -6.14 28.01
N GLY F 56 25.06 -7.25 27.34
CA GLY F 56 24.46 -7.57 26.07
C GLY F 56 23.15 -8.29 26.34
N VAL F 57 22.17 -8.04 25.47
CA VAL F 57 20.85 -8.64 25.62
C VAL F 57 21.03 -10.16 25.66
N VAL F 58 20.31 -10.82 26.55
CA VAL F 58 20.37 -12.26 26.64
C VAL F 58 19.05 -12.92 26.26
N GLY F 59 18.05 -12.12 25.90
CA GLY F 59 16.79 -12.69 25.47
C GLY F 59 15.67 -11.67 25.54
N SER F 60 14.44 -12.19 25.63
CA SER F 60 13.25 -11.35 25.66
C SER F 60 12.20 -12.02 26.54
N LEU F 61 10.98 -11.50 26.46
CA LEU F 61 9.85 -12.01 27.24
C LEU F 61 9.27 -13.28 26.66
N GLN F 62 9.18 -13.39 25.34
CA GLN F 62 8.48 -14.50 24.71
C GLN F 62 9.12 -15.85 24.95
N ARG F 63 10.24 -15.88 25.66
CA ARG F 63 10.92 -17.13 25.99
C ARG F 63 11.02 -17.29 27.50
N LYS F 64 11.66 -18.38 27.90
CA LYS F 64 12.01 -18.61 29.29
C LYS F 64 13.35 -19.31 29.37
N LEU F 65 14.35 -18.62 29.89
CA LEU F 65 15.69 -19.17 30.11
C LEU F 65 15.90 -19.36 31.60
N LYS F 66 16.80 -20.26 31.94
CA LYS F 66 17.02 -20.58 33.35
C LYS F 66 18.49 -20.55 33.70
N HIS F 67 19.36 -20.45 32.71
CA HIS F 67 20.78 -20.54 33.01
C HIS F 67 21.54 -19.62 32.06
N LEU F 68 22.80 -19.41 32.37
CA LEU F 68 23.66 -18.66 31.47
C LEU F 68 24.46 -19.63 30.62
N PRO F 69 24.22 -19.69 29.32
CA PRO F 69 25.13 -20.39 28.41
C PRO F 69 26.34 -19.50 28.15
N HIS F 70 27.40 -20.14 27.68
CA HIS F 70 28.60 -19.38 27.37
C HIS F 70 28.30 -18.34 26.31
N HIS F 71 29.06 -17.24 26.35
CA HIS F 71 28.80 -16.10 25.48
C HIS F 71 29.96 -15.13 25.64
N ARG F 72 30.00 -14.15 24.75
CA ARG F 72 31.01 -13.11 24.86
C ARG F 72 30.67 -12.19 26.01
N CYS F 73 31.61 -12.08 26.95
CA CYS F 73 31.45 -11.10 28.01
C CYS F 73 32.81 -10.55 28.38
N ASN F 74 32.81 -9.60 29.30
CA ASN F 74 34.03 -9.01 29.84
C ASN F 74 33.91 -8.95 31.35
N GLN F 75 32.68 -9.09 31.84
CA GLN F 75 32.35 -8.94 33.25
C GLN F 75 32.88 -7.61 33.78
N GLN F 76 32.88 -6.60 32.92
CA GLN F 76 33.42 -5.31 33.26
C GLN F 76 32.40 -4.42 33.96
N ILE F 77 31.47 -5.03 34.69
CA ILE F 77 30.44 -4.31 35.44
C ILE F 77 30.76 -4.52 36.92
N ARG F 78 31.19 -3.47 37.60
CA ARG F 78 31.46 -3.58 39.03
C ARG F 78 30.16 -3.47 39.82
N HIS F 79 30.10 -4.19 40.94
CA HIS F 79 28.84 -4.28 41.66
C HIS F 79 28.48 -2.95 42.28
N GLN F 80 29.44 -2.27 42.91
CA GLN F 80 29.17 -0.99 43.55
C GLN F 80 28.61 0.01 42.57
N ASP F 81 28.76 -0.24 41.28
CA ASP F 81 28.19 0.66 40.28
C ASP F 81 26.68 0.72 40.36
N TYR F 82 26.03 -0.39 40.70
CA TYR F 82 24.58 -0.45 40.72
C TYR F 82 24.06 -1.07 42.00
N VAL F 83 24.88 -1.16 43.04
CA VAL F 83 24.36 -1.60 44.32
C VAL F 83 23.17 -0.74 44.74
N ASP F 84 23.13 0.49 44.24
CA ASP F 84 22.12 1.42 44.72
C ASP F 84 20.76 1.15 44.13
N VAL F 85 20.68 0.70 42.89
CA VAL F 85 19.37 0.47 42.30
C VAL F 85 18.66 -0.67 43.02
N GLN F 86 19.27 -1.86 43.01
CA GLN F 86 18.79 -2.98 43.80
C GLN F 86 18.63 -2.61 45.26
N PHE F 87 19.56 -1.82 45.78
CA PHE F 87 19.52 -1.34 47.15
C PHE F 87 18.20 -0.64 47.45
N ALA F 88 17.91 0.42 46.70
CA ALA F 88 16.74 1.23 46.97
C ALA F 88 15.45 0.48 46.66
N ASP F 89 15.48 -0.45 45.70
CA ASP F 89 14.28 -1.24 45.44
C ASP F 89 14.00 -2.17 46.60
N ARG F 90 15.04 -2.77 47.16
CA ARG F 90 14.90 -3.54 48.39
C ARG F 90 14.29 -2.67 49.49
N VAL F 91 14.82 -1.46 49.64
CA VAL F 91 14.24 -0.50 50.57
C VAL F 91 12.77 -0.27 50.27
N THR F 92 12.42 -0.19 48.98
CA THR F 92 11.06 0.05 48.58
C THR F 92 10.14 -1.06 49.09
N ALA F 93 10.55 -2.30 48.83
CA ALA F 93 9.81 -3.44 49.35
C ALA F 93 9.61 -3.31 50.85
N HIS F 94 10.68 -2.96 51.56
CA HIS F 94 10.59 -2.80 53.01
C HIS F 94 9.53 -1.77 53.38
N TRP F 95 9.64 -0.58 52.81
CA TRP F 95 8.78 0.53 53.23
C TRP F 95 7.33 0.23 52.93
N LYS F 96 7.07 -0.40 51.79
CA LYS F 96 5.69 -0.75 51.47
C LYS F 96 5.19 -1.84 52.40
N ARG F 97 6.06 -2.77 52.79
CA ARG F 97 5.69 -3.73 53.81
C ARG F 97 5.26 -3.05 55.10
N GLY F 98 6.05 -2.07 55.54
CA GLY F 98 5.75 -1.42 56.79
C GLY F 98 4.46 -0.64 56.73
N MET F 99 4.25 0.10 55.64
CA MET F 99 2.98 0.78 55.45
C MET F 99 1.83 -0.21 55.48
N LEU F 100 2.03 -1.38 54.85
CA LEU F 100 1.03 -2.42 54.89
C LEU F 100 0.67 -2.83 56.31
N SER F 101 1.67 -3.28 57.07
CA SER F 101 1.39 -3.78 58.41
C SER F 101 0.77 -2.71 59.26
N PHE F 102 1.21 -1.46 59.07
CA PHE F 102 0.53 -0.32 59.68
C PHE F 102 -0.96 -0.33 59.35
N VAL F 103 -1.27 -0.46 58.06
CA VAL F 103 -2.66 -0.47 57.63
C VAL F 103 -3.41 -1.61 58.30
N CYS F 104 -2.75 -2.77 58.42
CA CYS F 104 -3.39 -3.92 59.04
C CYS F 104 -3.78 -3.60 60.48
N GLN F 105 -2.83 -3.07 61.25
CA GLN F 105 -3.11 -2.70 62.63
C GLN F 105 -4.27 -1.71 62.70
N MET F 106 -4.20 -0.68 61.86
CA MET F 106 -5.23 0.35 61.88
C MET F 106 -6.60 -0.24 61.60
N HIS F 107 -6.71 -1.02 60.53
CA HIS F 107 -8.00 -1.59 60.17
C HIS F 107 -8.52 -2.52 61.25
N ALA F 108 -7.65 -3.39 61.75
CA ALA F 108 -8.04 -4.29 62.81
C ALA F 108 -8.66 -3.51 63.96
N MET F 109 -7.90 -2.56 64.50
CA MET F 109 -8.39 -1.72 65.57
C MET F 109 -9.73 -1.11 65.21
N MET F 110 -9.83 -0.59 63.98
CA MET F 110 -11.05 0.04 63.53
C MET F 110 -12.21 -0.93 63.53
N ASN F 111 -11.91 -2.20 63.33
CA ASN F 111 -12.92 -3.20 63.01
C ASN F 111 -13.61 -3.74 64.24
N ASP F 112 -13.60 -2.99 65.35
CA ASP F 112 -13.87 -3.57 66.66
C ASP F 112 -14.86 -2.77 67.49
N VAL F 113 -15.67 -1.91 66.86
CA VAL F 113 -16.38 -0.86 67.58
C VAL F 113 -17.54 -1.48 68.35
N SER F 114 -17.76 -0.98 69.57
CA SER F 114 -19.07 -1.04 70.16
C SER F 114 -19.85 0.21 69.76
N PRO F 115 -20.99 0.03 69.11
CA PRO F 115 -21.68 1.17 68.49
C PRO F 115 -22.14 2.22 69.48
N GLU F 116 -22.25 1.89 70.76
CA GLU F 116 -22.54 2.90 71.76
C GLU F 116 -21.50 4.01 71.70
N ASP F 117 -20.22 3.63 71.68
CA ASP F 117 -19.16 4.61 71.51
C ASP F 117 -19.38 5.43 70.26
N LEU F 118 -19.80 4.78 69.18
CA LEU F 118 -20.06 5.46 67.93
C LEU F 118 -21.06 6.58 68.13
N ASP F 119 -22.23 6.26 68.69
CA ASP F 119 -23.25 7.27 68.93
C ASP F 119 -22.74 8.35 69.87
N ARG F 120 -22.04 7.95 70.93
CA ARG F 120 -21.50 8.91 71.88
C ARG F 120 -20.67 9.97 71.17
N VAL F 121 -19.70 9.53 70.38
CA VAL F 121 -18.83 10.48 69.70
C VAL F 121 -19.61 11.27 68.66
N ARG F 122 -20.45 10.61 67.86
CA ARG F 122 -21.23 11.32 66.87
C ARG F 122 -22.02 12.44 67.51
N THR F 123 -22.50 12.22 68.72
CA THR F 123 -23.23 13.24 69.46
C THR F 123 -22.30 14.29 70.03
N GLU F 124 -21.07 13.91 70.35
CA GLU F 124 -20.16 14.83 71.03
C GLU F 124 -18.84 15.04 70.32
N GLY F 125 -18.26 14.00 69.74
CA GLY F 125 -16.98 14.16 69.08
C GLY F 125 -15.83 13.72 69.96
N GLY F 126 -14.63 14.14 69.55
CA GLY F 126 -13.43 13.86 70.31
C GLY F 126 -12.68 12.64 69.80
N SER F 127 -11.59 12.32 70.51
CA SER F 127 -10.80 11.15 70.18
C SER F 127 -11.67 9.89 70.19
N LEU F 128 -11.37 8.99 69.28
CA LEU F 128 -12.13 7.75 69.23
C LEU F 128 -11.23 6.57 69.58
N VAL F 129 -10.16 6.39 68.82
CA VAL F 129 -9.27 5.25 69.00
C VAL F 129 -7.86 5.75 68.82
N GLU F 130 -6.91 5.19 69.58
CA GLU F 130 -5.53 5.61 69.54
C GLU F 130 -4.62 4.40 69.66
N LEU F 131 -3.34 4.58 69.34
CA LEU F 131 -2.32 3.59 69.60
C LEU F 131 -1.00 4.29 69.85
N ASN F 132 -0.01 3.52 70.30
CA ASN F 132 1.34 4.03 70.53
C ASN F 132 2.22 3.71 69.33
N TRP F 133 2.84 4.76 68.77
CA TRP F 133 3.79 4.57 67.69
C TRP F 133 5.00 3.78 68.12
N LEU F 134 5.24 3.66 69.42
CA LEU F 134 6.31 2.78 69.86
C LEU F 134 5.89 1.33 69.83
N GLN F 135 4.59 1.05 69.70
CA GLN F 135 4.10 -0.31 69.67
C GLN F 135 4.07 -0.91 68.28
N VAL F 136 4.49 -0.18 67.25
CA VAL F 136 4.30 -0.62 65.88
C VAL F 136 5.66 -0.93 65.25
N ASP F 137 5.90 -2.22 64.99
CA ASP F 137 7.05 -2.73 64.26
C ASP F 137 8.34 -1.99 64.58
N PRO F 138 8.88 -2.15 65.77
CA PRO F 138 10.23 -1.65 66.02
C PRO F 138 11.26 -2.50 65.30
N ASN F 139 10.78 -3.62 64.75
CA ASN F 139 11.61 -4.53 64.01
C ASN F 139 11.96 -4.00 62.64
N SER F 140 11.14 -3.10 62.11
CA SER F 140 11.45 -2.43 60.86
C SER F 140 12.81 -1.76 60.96
N MET F 141 13.57 -1.85 59.87
CA MET F 141 14.83 -1.12 59.77
C MET F 141 14.60 0.39 59.79
N PHE F 142 13.34 0.80 59.71
CA PHE F 142 12.96 2.17 60.01
C PHE F 142 12.58 2.33 61.47
N ARG F 143 12.73 1.27 62.27
CA ARG F 143 12.63 1.40 63.72
C ARG F 143 13.70 0.53 64.35
N SER F 144 14.70 0.16 63.56
CA SER F 144 15.79 -0.68 64.03
C SER F 144 17.09 -0.22 63.40
N ILE F 145 18.07 0.14 64.23
CA ILE F 145 19.39 0.54 63.76
C ILE F 145 20.31 -0.64 63.57
N HIS F 146 19.77 -1.85 63.58
CA HIS F 146 20.54 -3.07 63.32
C HIS F 146 19.85 -3.98 62.32
N SER F 147 18.66 -3.61 61.87
CA SER F 147 17.97 -4.29 60.78
C SER F 147 18.49 -3.73 59.47
N SER F 148 19.10 -4.58 58.66
CA SER F 148 19.70 -4.12 57.43
C SER F 148 18.67 -4.11 56.31
N TRP F 149 19.02 -3.44 55.22
CA TRP F 149 18.35 -3.64 53.96
C TRP F 149 18.62 -5.02 53.39
N THR F 150 19.81 -5.57 53.65
CA THR F 150 20.14 -6.90 53.19
C THR F 150 19.28 -7.98 53.81
N ASP F 151 18.47 -7.63 54.80
CA ASP F 151 17.73 -8.64 55.52
C ASP F 151 16.72 -9.29 54.60
N PRO F 152 16.79 -10.61 54.38
CA PRO F 152 15.80 -11.28 53.55
C PRO F 152 14.39 -11.10 54.11
N LEU F 153 13.44 -11.02 53.20
CA LEU F 153 12.12 -10.48 53.53
C LEU F 153 11.16 -11.54 54.04
N GLN F 154 9.95 -11.10 54.38
CA GLN F 154 8.92 -11.98 54.88
C GLN F 154 8.05 -12.48 53.75
N VAL F 155 6.91 -13.04 54.12
CA VAL F 155 6.00 -13.69 53.17
C VAL F 155 4.65 -13.00 53.23
N VAL F 156 4.06 -12.74 52.06
CA VAL F 156 2.75 -12.09 51.97
C VAL F 156 2.12 -12.46 50.63
N ASP F 157 0.79 -12.35 50.56
CA ASP F 157 0.02 -12.77 49.40
C ASP F 157 -1.00 -11.71 49.03
N ASP F 158 -0.99 -11.29 47.76
CA ASP F 158 -1.85 -10.21 47.24
C ASP F 158 -1.91 -9.04 48.21
N LEU F 159 -0.76 -8.82 48.85
CA LEU F 159 -0.55 -7.67 49.72
C LEU F 159 -1.24 -6.43 49.19
N ASP F 160 -1.02 -6.12 47.91
CA ASP F 160 -1.67 -4.99 47.28
C ASP F 160 -3.18 -5.06 47.42
N THR F 161 -3.76 -6.21 47.11
CA THR F 161 -5.20 -6.36 47.20
C THR F 161 -5.65 -6.09 48.62
N LYS F 162 -4.89 -6.59 49.59
CA LYS F 162 -5.24 -6.39 50.99
C LYS F 162 -5.21 -4.92 51.35
N LEU F 163 -4.21 -4.21 50.85
CA LEU F 163 -4.14 -2.78 51.06
C LEU F 163 -5.37 -2.10 50.52
N ASP F 164 -5.76 -2.44 49.28
CA ASP F 164 -6.96 -1.82 48.73
C ASP F 164 -8.15 -2.13 49.62
N GLN F 165 -8.33 -3.40 49.98
CA GLN F 165 -9.46 -3.79 50.82
C GLN F 165 -9.51 -2.92 52.07
N TYR F 166 -8.45 -2.97 52.86
CA TYR F 166 -8.51 -2.41 54.21
C TYR F 166 -8.42 -0.90 54.19
N TRP F 167 -7.60 -0.33 53.30
CA TRP F 167 -7.59 1.11 53.11
C TRP F 167 -8.97 1.62 52.70
N THR F 168 -9.58 0.96 51.72
CA THR F 168 -10.92 1.32 51.27
C THR F 168 -11.90 1.23 52.42
N ALA F 169 -11.88 0.14 53.18
CA ALA F 169 -12.83 -0.06 54.26
C ALA F 169 -12.59 0.95 55.37
N LEU F 170 -11.33 1.25 55.63
CA LEU F 170 -10.97 2.32 56.54
C LEU F 170 -11.67 3.60 56.15
N ASN F 171 -11.53 3.97 54.90
CA ASN F 171 -12.12 5.22 54.46
C ASN F 171 -13.64 5.14 54.43
N LEU F 172 -14.17 3.94 54.21
CA LEU F 172 -15.60 3.71 54.29
C LEU F 172 -16.12 4.03 55.68
N MET F 173 -15.51 3.42 56.69
CA MET F 173 -15.93 3.65 58.06
C MET F 173 -15.61 5.09 58.47
N ILE F 174 -14.62 5.70 57.82
CA ILE F 174 -14.31 7.10 58.10
C ILE F 174 -15.45 7.99 57.62
N ASP F 175 -15.76 7.93 56.33
CA ASP F 175 -16.69 8.88 55.73
C ASP F 175 -18.12 8.56 56.13
N SER F 176 -18.49 7.28 56.11
CA SER F 176 -19.83 6.88 56.57
C SER F 176 -20.07 7.31 58.00
N SER F 177 -19.15 6.96 58.90
CA SER F 177 -19.21 7.44 60.28
C SER F 177 -18.63 8.85 60.42
N ASP F 178 -18.31 9.48 59.29
CA ASP F 178 -17.97 10.90 59.23
C ASP F 178 -16.66 11.23 59.93
N LEU F 179 -15.74 10.26 60.01
CA LEU F 179 -14.57 10.38 60.87
C LEU F 179 -13.48 11.26 60.27
N VAL F 180 -12.50 11.64 61.10
CA VAL F 180 -11.33 12.38 60.67
C VAL F 180 -10.12 11.85 61.44
N PRO F 181 -9.12 11.30 60.77
CA PRO F 181 -7.90 10.89 61.47
C PRO F 181 -6.92 12.04 61.59
N ASN F 182 -5.86 11.86 62.37
CA ASN F 182 -4.95 12.94 62.69
C ASN F 182 -3.67 12.91 61.88
N PHE F 183 -3.63 12.21 60.75
CA PHE F 183 -2.38 11.94 60.06
C PHE F 183 -2.49 12.01 58.55
N MET F 184 -3.41 12.81 58.02
CA MET F 184 -3.65 12.80 56.59
C MET F 184 -3.53 14.20 56.03
N MET F 185 -3.01 14.27 54.79
CA MET F 185 -2.61 15.54 54.20
C MET F 185 -3.42 15.85 52.96
N ARG F 186 -3.39 17.12 52.56
CA ARG F 186 -4.08 17.55 51.34
C ARG F 186 -3.12 17.64 50.15
N ASP F 187 -2.09 18.48 50.24
CA ASP F 187 -1.15 18.63 49.14
C ASP F 187 0.25 18.38 49.69
N PRO F 188 1.04 17.58 49.00
CA PRO F 188 2.32 17.13 49.57
C PRO F 188 3.36 18.23 49.68
N SER F 189 3.24 19.25 48.82
CA SER F 189 4.28 20.26 48.65
C SER F 189 4.80 20.82 49.97
N HIS F 190 4.05 20.68 51.06
CA HIS F 190 4.42 21.35 52.29
C HIS F 190 5.20 20.47 53.24
N ALA F 191 4.99 19.16 53.19
CA ALA F 191 5.62 18.27 54.17
C ALA F 191 7.13 18.48 54.20
N PHE F 192 7.78 18.36 53.05
CA PHE F 192 9.17 18.75 52.97
C PHE F 192 9.37 20.21 53.31
N ASN F 193 8.45 21.08 52.90
CA ASN F 193 8.63 22.50 53.03
C ASN F 193 7.31 23.24 52.86
N GLY F 194 6.84 23.87 53.94
CA GLY F 194 5.51 24.44 53.95
C GLY F 194 4.76 23.99 55.18
N VAL F 195 5.50 23.47 56.15
CA VAL F 195 4.93 22.94 57.38
C VAL F 195 5.68 23.55 58.57
N ARG F 196 4.98 23.66 59.70
CA ARG F 196 5.57 24.17 60.92
C ARG F 196 5.83 23.01 61.89
N LEU F 197 6.99 23.05 62.51
CA LEU F 197 7.50 21.93 63.28
C LEU F 197 7.82 22.41 64.69
N GLU F 198 7.61 21.55 65.67
CA GLU F 198 7.80 21.94 67.06
C GLU F 198 8.50 20.82 67.82
N GLY F 199 9.28 21.22 68.81
CA GLY F 199 10.06 20.25 69.54
C GLY F 199 11.18 19.71 68.68
N ASP F 200 11.50 18.44 68.89
CA ASP F 200 12.55 17.82 68.08
C ASP F 200 12.21 17.86 66.60
N ALA F 201 10.94 18.09 66.27
CA ALA F 201 10.55 18.23 64.87
C ALA F 201 11.28 19.38 64.18
N ARG F 202 11.75 20.36 64.95
CA ARG F 202 12.47 21.47 64.35
C ARG F 202 13.86 21.05 63.91
N GLN F 203 14.30 19.85 64.29
CA GLN F 203 15.67 19.43 64.06
C GLN F 203 15.79 18.36 62.98
N THR F 204 14.68 17.88 62.44
CA THR F 204 14.73 16.83 61.44
C THR F 204 15.07 17.41 60.08
N GLN F 205 15.68 16.59 59.24
CA GLN F 205 16.14 17.00 57.92
C GLN F 205 15.40 16.21 56.84
N PHE F 206 15.57 16.64 55.60
CA PHE F 206 15.00 15.92 54.46
C PHE F 206 16.05 15.86 53.36
N SER F 207 16.00 14.78 52.57
CA SER F 207 16.75 14.71 51.33
C SER F 207 15.75 14.52 50.21
N ARG F 208 14.49 14.33 50.58
CA ARG F 208 13.38 14.04 49.70
C ARG F 208 13.52 12.70 49.00
N THR F 209 14.57 11.94 49.30
CA THR F 209 14.92 10.77 48.52
C THR F 209 15.26 9.62 49.45
N PHE F 210 15.47 8.45 48.86
CA PHE F 210 16.07 7.33 49.56
C PHE F 210 17.58 7.55 49.64
N ASP F 211 18.09 7.74 50.84
CA ASP F 211 19.53 7.81 51.02
C ASP F 211 19.88 7.21 52.37
N SER F 212 20.54 6.06 52.34
CA SER F 212 21.11 5.44 53.53
C SER F 212 21.98 6.42 54.31
N ARG F 213 22.41 7.50 53.65
CA ARG F 213 23.16 8.56 54.27
C ARG F 213 22.27 9.45 55.13
N SER F 214 21.07 8.98 55.43
CA SER F 214 20.13 9.70 56.26
C SER F 214 19.53 8.71 57.25
N SER F 215 18.92 9.24 58.29
CA SER F 215 18.28 8.39 59.28
C SER F 215 17.11 7.66 58.66
N LEU F 216 17.16 6.34 58.73
CA LEU F 216 16.07 5.51 58.26
C LEU F 216 15.15 5.11 59.39
N GLU F 217 15.70 4.85 60.56
CA GLU F 217 14.91 4.68 61.78
C GLU F 217 14.51 6.07 62.28
N TRP F 218 13.22 6.29 62.43
CA TRP F 218 12.73 7.60 62.84
C TRP F 218 11.30 7.49 63.33
N GLY F 219 10.84 8.54 64.03
CA GLY F 219 9.48 8.61 64.49
C GLY F 219 8.50 9.10 63.44
N VAL F 220 7.22 8.82 63.70
CA VAL F 220 6.16 9.20 62.76
C VAL F 220 5.86 10.68 62.94
N MET F 221 5.47 11.34 61.85
CA MET F 221 5.16 12.77 61.87
C MET F 221 3.66 12.97 61.67
N VAL F 222 3.03 13.68 62.61
CA VAL F 222 1.58 13.86 62.61
C VAL F 222 1.25 15.27 63.08
N TYR F 223 0.00 15.67 62.90
CA TYR F 223 -0.43 17.01 63.27
C TYR F 223 -0.58 17.14 64.78
N ASP F 224 -0.96 18.34 65.20
CA ASP F 224 -1.40 18.62 66.57
C ASP F 224 -2.90 18.86 66.54
N TYR F 225 -3.69 17.79 66.56
CA TYR F 225 -5.13 17.91 66.52
C TYR F 225 -5.72 18.42 67.82
N SER F 226 -4.95 18.42 68.91
CA SER F 226 -5.47 18.80 70.22
C SER F 226 -6.12 20.18 70.18
N GLU F 227 -5.53 21.08 69.40
CA GLU F 227 -6.05 22.44 69.28
C GLU F 227 -7.54 22.46 69.00
N LEU F 228 -8.08 21.42 68.38
CA LEU F 228 -9.51 21.37 68.11
C LEU F 228 -10.31 21.30 69.40
N GLU F 229 -9.99 20.35 70.27
CA GLU F 229 -10.84 20.08 71.42
C GLU F 229 -10.79 21.21 72.44
N HIS F 230 -9.93 22.20 72.23
CA HIS F 230 -9.70 23.19 73.27
C HIS F 230 -10.74 24.31 73.23
N ASP F 231 -11.01 24.87 72.05
CA ASP F 231 -11.93 25.99 72.04
C ASP F 231 -13.39 25.53 71.99
N PRO F 232 -14.27 26.17 72.76
CA PRO F 232 -15.69 25.82 72.72
C PRO F 232 -16.41 26.19 71.44
N SER F 233 -15.78 26.98 70.56
CA SER F 233 -16.42 27.39 69.32
C SER F 233 -16.22 26.40 68.19
N LYS F 234 -15.55 25.28 68.45
CA LYS F 234 -15.23 24.31 67.41
C LYS F 234 -15.80 22.94 67.72
N GLY F 235 -17.06 22.88 68.13
CA GLY F 235 -17.65 21.66 68.61
C GLY F 235 -18.04 20.65 67.55
N ARG F 236 -19.08 19.88 67.87
CA ARG F 236 -19.48 18.74 67.05
C ARG F 236 -19.84 19.18 65.63
N ALA F 237 -20.91 19.96 65.50
CA ALA F 237 -21.34 20.42 64.19
C ALA F 237 -20.24 21.20 63.49
N TYR F 238 -19.41 21.89 64.27
CA TYR F 238 -18.30 22.64 63.69
C TYR F 238 -17.36 21.72 62.93
N ARG F 239 -16.92 20.64 63.56
CA ARG F 239 -16.01 19.72 62.88
C ARG F 239 -16.74 18.95 61.79
N LYS F 240 -18.03 18.71 61.97
CA LYS F 240 -18.84 18.12 60.91
C LYS F 240 -18.88 19.00 59.69
N GLU F 241 -18.81 20.31 59.88
CA GLU F 241 -18.81 21.25 58.78
C GLU F 241 -17.44 21.52 58.22
N LEU F 242 -16.38 21.35 59.01
CA LEU F 242 -15.09 21.86 58.60
C LEU F 242 -14.00 20.80 58.55
N VAL F 243 -13.94 19.96 59.58
CA VAL F 243 -12.80 19.05 59.71
C VAL F 243 -12.93 17.88 58.77
N THR F 244 -14.16 17.49 58.44
CA THR F 244 -14.38 16.35 57.56
C THR F 244 -13.77 16.55 56.19
N PRO F 245 -13.20 15.49 55.61
CA PRO F 245 -12.63 15.61 54.26
C PRO F 245 -13.69 15.71 53.18
N ALA F 246 -14.91 15.27 53.48
CA ALA F 246 -16.02 15.50 52.58
C ALA F 246 -16.07 16.96 52.15
N ARG F 247 -15.56 17.84 52.99
CA ARG F 247 -15.36 19.23 52.58
C ARG F 247 -14.39 19.33 51.42
N ASP F 248 -13.12 19.03 51.64
CA ASP F 248 -12.13 19.13 50.59
C ASP F 248 -11.94 17.86 49.81
N PHE F 249 -11.61 16.75 50.48
CA PHE F 249 -11.50 15.48 49.78
C PHE F 249 -12.83 14.94 49.33
N GLY F 250 -13.93 15.54 49.76
CA GLY F 250 -15.24 15.18 49.26
C GLY F 250 -15.65 13.78 49.70
N HIS F 251 -16.60 13.24 48.95
CA HIS F 251 -17.12 11.93 49.26
C HIS F 251 -16.12 10.84 48.90
N PHE F 252 -15.75 10.05 49.92
CA PHE F 252 -14.79 8.97 49.69
C PHE F 252 -15.27 8.05 48.57
N GLY F 253 -16.55 7.68 48.59
CA GLY F 253 -17.08 6.85 47.53
C GLY F 253 -16.97 7.48 46.15
N LEU F 254 -16.54 8.73 46.08
CA LEU F 254 -16.55 9.50 44.85
C LEU F 254 -15.18 10.10 44.55
N SER F 255 -14.14 9.27 44.58
CA SER F 255 -12.77 9.79 44.54
C SER F 255 -12.28 10.06 43.11
N HIS F 256 -11.93 11.32 42.86
CA HIS F 256 -11.12 11.69 41.71
C HIS F 256 -9.85 12.41 42.11
N TYR F 257 -9.62 12.57 43.42
CA TYR F 257 -8.41 13.15 43.94
C TYR F 257 -7.85 12.21 45.00
N SER F 258 -6.56 11.92 44.91
CA SER F 258 -5.95 11.06 45.91
C SER F 258 -6.05 11.70 47.28
N ARG F 259 -6.15 10.85 48.29
CA ARG F 259 -6.19 11.31 49.66
C ARG F 259 -4.92 10.85 50.36
N ALA F 260 -4.14 11.82 50.83
CA ALA F 260 -2.76 11.58 51.23
C ALA F 260 -2.61 11.74 52.74
N THR F 261 -1.52 11.18 53.25
CA THR F 261 -1.23 11.18 54.67
C THR F 261 0.00 12.02 54.97
N THR F 262 0.41 11.97 56.22
CA THR F 262 1.62 12.64 56.67
C THR F 262 2.83 11.74 56.44
N PRO F 263 4.04 12.28 56.63
CA PRO F 263 5.26 11.46 56.43
C PRO F 263 5.45 10.41 57.51
N ILE F 264 4.77 9.27 57.33
CA ILE F 264 4.74 8.26 58.38
C ILE F 264 6.07 7.53 58.48
N LEU F 265 6.41 6.76 57.46
CA LEU F 265 7.48 5.78 57.58
C LEU F 265 8.69 6.26 56.80
N GLY F 266 9.84 6.23 57.46
CA GLY F 266 11.02 6.88 56.95
C GLY F 266 10.69 8.34 56.72
N LYS F 267 9.68 8.83 57.45
CA LYS F 267 9.16 10.19 57.26
C LYS F 267 8.72 10.39 55.82
N MET F 268 7.86 9.50 55.34
CA MET F 268 7.44 9.56 53.95
C MET F 268 5.94 9.35 53.81
N PRO F 269 5.22 10.32 53.25
CA PRO F 269 3.76 10.16 53.12
C PRO F 269 3.39 9.23 51.98
N ALA F 270 2.09 9.02 51.82
CA ALA F 270 1.54 8.08 50.86
C ALA F 270 0.40 8.71 50.07
N VAL F 271 0.17 8.19 48.86
CA VAL F 271 -0.88 8.66 47.98
C VAL F 271 -1.62 7.44 47.43
N PHE F 272 -2.92 7.59 47.20
CA PHE F 272 -3.78 6.50 46.82
C PHE F 272 -4.62 6.88 45.61
N SER F 273 -4.53 6.07 44.55
CA SER F 273 -5.18 6.39 43.30
C SER F 273 -6.69 6.55 43.49
N GLY F 274 -7.30 7.27 42.57
CA GLY F 274 -8.72 7.57 42.62
C GLY F 274 -9.58 6.32 42.60
N MET F 275 -10.48 6.20 43.58
CA MET F 275 -11.41 5.08 43.58
C MET F 275 -12.20 5.05 42.28
N LEU F 276 -12.70 6.20 41.84
CA LEU F 276 -13.44 6.26 40.60
C LEU F 276 -12.57 6.06 39.39
N THR F 277 -11.28 5.87 39.60
CA THR F 277 -10.38 5.32 38.60
C THR F 277 -10.27 3.80 38.72
N GLY F 278 -10.89 3.20 39.73
CA GLY F 278 -10.88 1.77 39.88
C GLY F 278 -9.79 1.22 40.77
N ASN F 279 -9.16 2.05 41.60
CA ASN F 279 -8.02 1.59 42.36
C ASN F 279 -7.67 2.64 43.40
N CYS F 280 -6.89 2.23 44.39
CA CYS F 280 -6.38 3.14 45.41
C CYS F 280 -4.87 3.07 45.48
N LYS F 281 -4.23 2.90 44.31
CA LYS F 281 -2.81 2.57 44.27
C LYS F 281 -1.98 3.62 44.99
N MET F 282 -1.07 3.16 45.83
CA MET F 282 -0.34 4.01 46.74
C MET F 282 1.08 4.22 46.25
N TYR F 283 1.60 5.41 46.54
CA TYR F 283 2.94 5.82 46.15
C TYR F 283 3.46 6.85 47.13
N PRO F 284 4.76 6.83 47.43
CA PRO F 284 5.38 7.99 48.08
C PRO F 284 5.67 9.06 47.05
N PHE F 285 5.88 10.28 47.51
CA PHE F 285 6.16 11.39 46.58
C PHE F 285 7.66 11.65 46.52
N ILE F 286 8.21 11.42 45.33
CA ILE F 286 9.57 11.81 44.97
C ILE F 286 9.53 12.17 43.49
N LYS F 287 10.28 13.19 43.08
CA LYS F 287 10.37 13.49 41.66
C LYS F 287 11.46 12.64 40.99
N GLY F 288 11.17 12.21 39.76
CA GLY F 288 12.08 11.34 39.05
C GLY F 288 13.39 11.99 38.68
N THR F 289 13.47 13.32 38.84
CA THR F 289 14.73 13.99 38.55
C THR F 289 15.87 13.43 39.41
N ALA F 290 15.64 13.27 40.70
CA ALA F 290 16.63 12.62 41.55
C ALA F 290 16.80 11.15 41.15
N LYS F 291 15.70 10.51 40.73
CA LYS F 291 15.78 9.14 40.26
C LYS F 291 16.82 9.01 39.15
N LEU F 292 16.90 10.01 38.28
CA LEU F 292 17.81 9.95 37.15
C LEU F 292 19.26 10.00 37.59
N LYS F 293 19.60 10.95 38.46
CA LYS F 293 20.98 11.15 38.85
C LYS F 293 21.60 9.90 39.46
N THR F 294 20.79 8.89 39.71
CA THR F 294 21.31 7.58 40.08
C THR F 294 22.29 7.02 39.07
N VAL F 295 22.17 7.39 37.79
CA VAL F 295 22.82 6.68 36.70
C VAL F 295 24.17 7.28 36.35
N ARG F 296 24.68 8.20 37.16
CA ARG F 296 25.81 9.01 36.71
C ARG F 296 27.07 8.16 36.54
N LYS F 297 27.50 7.48 37.59
CA LYS F 297 28.69 6.65 37.46
C LYS F 297 28.51 5.58 36.39
N LEU F 298 27.29 5.05 36.27
CA LEU F 298 27.07 3.93 35.38
C LEU F 298 27.20 4.35 33.93
N VAL F 299 26.62 5.48 33.56
CA VAL F 299 26.75 5.92 32.17
C VAL F 299 28.20 6.24 31.84
N ASP F 300 28.95 6.72 32.84
CA ASP F 300 30.38 6.87 32.65
C ASP F 300 31.00 5.55 32.25
N SER F 301 30.76 4.52 33.07
CA SER F 301 31.27 3.20 32.76
C SER F 301 30.89 2.79 31.35
N VAL F 302 29.66 3.10 30.93
CA VAL F 302 29.22 2.72 29.59
C VAL F 302 30.05 3.42 28.54
N ASN F 303 30.29 4.72 28.73
CA ASN F 303 31.21 5.42 27.85
C ASN F 303 32.54 4.70 27.78
N HIS F 304 32.96 4.13 28.89
CA HIS F 304 34.22 3.38 28.89
C HIS F 304 34.03 2.00 28.29
N ALA F 305 32.78 1.61 28.04
CA ALA F 305 32.48 0.21 27.76
C ALA F 305 32.32 -0.11 26.28
N TRP F 306 31.37 0.51 25.58
CA TRP F 306 30.96 0.02 24.27
C TRP F 306 31.51 0.90 23.15
N GLY F 307 31.32 0.42 21.93
CA GLY F 307 31.82 1.14 20.76
C GLY F 307 30.94 2.34 20.43
N VAL F 308 31.60 3.45 20.10
CA VAL F 308 30.92 4.73 19.96
C VAL F 308 29.80 4.66 18.93
N GLU F 309 30.04 3.91 17.86
CA GLU F 309 28.99 3.76 16.85
C GLU F 309 27.81 3.01 17.42
N LYS F 310 28.08 1.83 17.98
CA LYS F 310 27.04 1.07 18.67
C LYS F 310 26.29 1.93 19.65
N ILE F 311 26.99 2.85 20.32
CA ILE F 311 26.33 3.74 21.26
C ILE F 311 25.40 4.69 20.53
N ARG F 312 25.92 5.34 19.48
CA ARG F 312 25.11 6.24 18.67
C ARG F 312 23.88 5.53 18.13
N TYR F 313 23.93 4.21 18.06
CA TYR F 313 22.85 3.49 17.41
C TYR F 313 21.87 2.88 18.41
N ALA F 314 22.34 2.45 19.56
CA ALA F 314 21.48 1.81 20.54
C ALA F 314 20.91 2.83 21.52
N LEU F 315 21.59 3.97 21.70
CA LEU F 315 21.05 5.02 22.54
C LEU F 315 21.05 6.39 21.88
N GLY F 316 21.69 6.55 20.72
CA GLY F 316 21.38 7.69 19.88
C GLY F 316 22.45 8.73 19.69
N PRO F 317 22.05 9.88 19.18
CA PRO F 317 22.97 11.00 18.99
C PRO F 317 23.59 11.43 20.30
N GLY F 318 24.88 11.79 20.25
CA GLY F 318 25.63 11.99 21.47
C GLY F 318 25.67 10.78 22.35
N GLY F 319 25.13 9.66 21.86
CA GLY F 319 24.96 8.47 22.62
C GLY F 319 24.25 8.75 23.93
N MET F 320 24.68 8.01 24.93
CA MET F 320 24.19 8.14 26.28
C MET F 320 24.26 9.57 26.80
N THR F 321 25.22 10.36 26.34
CA THR F 321 25.35 11.72 26.85
C THR F 321 24.13 12.57 26.51
N GLY F 322 23.93 12.86 25.24
CA GLY F 322 22.78 13.65 24.83
C GLY F 322 21.49 12.94 25.20
N TRP F 323 21.51 11.62 25.15
CA TRP F 323 20.41 10.84 25.68
C TRP F 323 20.03 11.32 27.08
N TYR F 324 20.99 11.26 28.00
CA TYR F 324 20.77 11.69 29.37
C TYR F 324 20.30 13.13 29.43
N ASN F 325 20.87 13.99 28.61
CA ASN F 325 20.58 15.41 28.75
C ASN F 325 19.15 15.71 28.34
N ARG F 326 18.78 15.32 27.13
CA ARG F 326 17.38 15.39 26.75
C ARG F 326 16.50 14.63 27.73
N THR F 327 17.04 13.61 28.37
CA THR F 327 16.27 12.89 29.36
C THR F 327 15.94 13.78 30.55
N MET F 328 16.94 14.51 31.04
CA MET F 328 16.67 15.53 32.06
C MET F 328 15.61 16.49 31.56
N GLN F 329 15.72 16.88 30.30
CA GLN F 329 14.77 17.81 29.70
C GLN F 329 13.36 17.26 29.73
N GLN F 330 13.19 15.95 29.57
CA GLN F 330 11.89 15.30 29.58
C GLN F 330 11.42 14.93 30.98
N ALA F 331 12.33 14.92 31.96
CA ALA F 331 12.05 14.47 33.33
C ALA F 331 10.71 14.87 33.90
N PRO F 332 10.29 16.14 33.87
CA PRO F 332 9.05 16.51 34.57
C PRO F 332 7.85 15.69 34.16
N ILE F 333 7.86 15.16 32.95
CA ILE F 333 6.69 14.56 32.34
C ILE F 333 6.82 13.06 32.26
N VAL F 334 7.82 12.58 31.50
CA VAL F 334 8.02 11.15 31.33
C VAL F 334 8.22 10.44 32.65
N LEU F 335 8.54 11.18 33.71
CA LEU F 335 8.73 10.60 35.03
C LEU F 335 7.58 10.93 35.95
N THR F 336 6.35 10.82 35.47
CA THR F 336 5.21 11.24 36.27
C THR F 336 4.06 10.26 36.11
N PRO F 337 3.90 9.30 37.03
CA PRO F 337 2.63 8.58 37.10
C PRO F 337 1.49 9.54 37.40
N ALA F 338 0.35 9.28 36.77
CA ALA F 338 -0.78 10.19 36.89
C ALA F 338 -1.24 10.34 38.32
N ALA F 339 -0.80 9.44 39.20
CA ALA F 339 -1.06 9.61 40.62
C ALA F 339 -0.56 10.96 41.11
N LEU F 340 0.66 11.31 40.77
CA LEU F 340 1.21 12.62 41.13
C LEU F 340 0.40 13.75 40.53
N THR F 341 -0.46 13.44 39.55
CA THR F 341 -1.16 14.43 38.75
C THR F 341 -2.64 14.46 39.11
N MET F 342 -2.99 13.95 40.29
CA MET F 342 -4.37 13.95 40.73
C MET F 342 -4.52 14.65 42.07
N PHE F 343 -3.74 15.71 42.26
CA PHE F 343 -3.85 16.49 43.49
C PHE F 343 -5.15 17.30 43.47
N SER F 344 -5.68 17.55 44.66
CA SER F 344 -6.77 18.48 44.85
C SER F 344 -6.13 19.80 45.26
N ASP F 345 -6.08 20.74 44.31
CA ASP F 345 -5.29 21.96 44.46
C ASP F 345 -5.85 22.94 45.48
N THR F 346 -7.16 22.94 45.72
CA THR F 346 -7.75 23.91 46.63
C THR F 346 -7.73 23.41 48.07
N THR F 347 -7.72 24.36 49.00
CA THR F 347 -7.89 24.08 50.42
C THR F 347 -8.86 25.09 50.99
N LYS F 348 -9.82 24.61 51.77
CA LYS F 348 -10.87 25.47 52.31
C LYS F 348 -10.92 25.50 53.82
N PHE F 349 -10.38 24.50 54.51
CA PHE F 349 -10.37 24.46 55.96
C PHE F 349 -8.95 24.59 56.47
N GLY F 350 -7.97 24.28 55.61
CA GLY F 350 -6.58 24.54 55.92
C GLY F 350 -5.94 23.50 56.82
N ASP F 351 -4.70 23.12 56.50
CA ASP F 351 -3.94 22.16 57.28
C ASP F 351 -2.78 22.81 58.02
N LEU F 352 -2.44 24.04 57.66
CA LEU F 352 -1.30 24.73 58.25
C LEU F 352 -1.64 25.33 59.59
N ASP F 353 -2.71 24.85 60.22
CA ASP F 353 -3.13 25.30 61.52
C ASP F 353 -2.63 24.40 62.63
N TYR F 354 -2.04 23.27 62.28
CA TYR F 354 -1.39 22.38 63.22
C TYR F 354 0.08 22.27 62.88
N PRO F 355 0.93 22.08 63.89
CA PRO F 355 2.29 21.64 63.63
C PRO F 355 2.37 20.13 63.55
N VAL F 356 3.55 19.64 63.19
CA VAL F 356 3.79 18.21 63.02
C VAL F 356 4.89 17.79 63.99
N MET F 357 4.74 16.58 64.52
CA MET F 357 5.63 16.06 65.55
C MET F 357 5.43 14.56 65.64
N ILE F 358 6.24 13.92 66.50
CA ILE F 358 6.05 12.50 66.77
C ILE F 358 4.99 12.36 67.85
N GLY F 359 3.87 11.73 67.50
CA GLY F 359 2.79 11.54 68.46
C GLY F 359 2.20 10.15 68.40
N ASP F 360 0.97 9.99 68.89
CA ASP F 360 0.32 8.70 68.93
C ASP F 360 -0.60 8.54 67.74
N PRO F 361 -0.51 7.44 67.00
CA PRO F 361 -1.56 7.12 66.03
C PRO F 361 -2.90 7.10 66.73
N MET F 362 -3.88 7.77 66.13
CA MET F 362 -5.13 7.97 66.84
C MET F 362 -6.26 8.28 65.86
N ILE F 363 -7.47 8.27 66.39
CA ILE F 363 -8.68 8.54 65.62
C ILE F 363 -9.60 9.42 66.45
N LEU F 364 -10.15 10.44 65.81
CA LEU F 364 -11.01 11.41 66.47
C LEU F 364 -12.03 11.90 65.46
N GLY F 365 -12.78 12.92 65.87
CA GLY F 365 -13.75 13.54 64.99
C GLY F 365 -13.11 14.39 63.90
#